data_7RR8
#
_entry.id   7RR8
#
_cell.length_a   1.00
_cell.length_b   1.00
_cell.length_c   1.00
_cell.angle_alpha   90.00
_cell.angle_beta   90.00
_cell.angle_gamma   90.00
#
_symmetry.space_group_name_H-M   'P 1'
#
loop_
_entity.id
_entity.type
_entity.pdbx_description
1 polymer 'Multidrug efflux pump subunit AcrB'
2 non-polymer PHOSPHATIDYLETHANOLAMINE
3 non-polymer DODECANE
#
_entity_poly.entity_id   1
_entity_poly.type   'polypeptide(L)'
_entity_poly.pdbx_seq_one_letter_code
;MPNFFIDRPIFAWVIAIIIMLAGGLAILKLPVAQYPTIAPPAVTISASYPGADAKTVQDTVTQVIEQNMNGIDNLMYMSS
NSDSTGTVQITLTFESGTDADIAQVQVQNKLQLAMPLLPQEVQQQGVSVEKSSSSFLMVVGVINTDGTMTQEDISDYVAA
NMKDAISRTSGVGDVQLFGSQYAMRIWMNPNELNKFQLTPVDVITAIKAQNAQVAAGQLGGTPPVKGQQLNASIIAQTRL
TSTEEFGKILLKVNQDGSRVLLRDVAKIELGGENYDIIAEFNGQPASGLGIKLATGANALDTAAAIRAELAKMEPFFPSG
LKIVYPYDTTPFVKISIHEVVKTLVEAIILVFLVMYLFLQNFRATLIPTIAVPVVLLGTFAVLAAFGFSINTLTMFGMVL
AIGLLVDDAIVVVENVERVMAEEGLPPKEATRKSMGQIQGALVGIAMVLSAVFVPMAFFGGSTGAIYRQFSITIVSAMAL
SVLVALILTPALCATMLKPIAKGDHGEGKKGFFGWFNRMFEKSTHHYTDSVGGILRSTGRYLVLYLIIVVGMAYLFVRLP
SSFLPDEDQGVFMTMVQLPAGATQERTQKVLNEVTHYYLTKEKNNVESVFAVNGFGFAGRGQNTGIAFVSLKDWADRPGE
ENKVEAITMRATRAFSQIKDAMVFAFNLPAIVELGTATGFDFELIDQAGLGHEKLTQARNQLLAEAAKHPDMLTSVRPNG
LEDTPQFKIDIDQEKAQALGVSINDINTTLGAAWGGSYVNDFIDRGRVKKVYVMSEAKYRMLPDDIGDWYVRAADGQMVP
FSAFSSSRWEYGSPRLERYNGLPSMEILGQAAPGKSTGEAMELMEQLASKLPTGVGYDWTGMSYQERLSGNQAPSLYAIS
LIVVFLCLAALYESWSIPFSVMLVVPLGVIGALLAATFRGLTNDVYFQVGLLTTIGLSAKNAILIVEFAKDLMDKEGKGL
IEATLDAVRMRLRPILMTSLAFILGVMPLVISTGAGSGAQNAVGTGVMGGMVTATVLAIFFVPVFFVVVRRRFSRKNEDI
EHSHTVDHHLEHHHHHH
;
_entity_poly.pdbx_strand_id   A,C,B
#
loop_
_chem_comp.id
_chem_comp.type
_chem_comp.name
_chem_comp.formula
D12 non-polymer DODECANE 'C12 H26'
PTY non-polymer PHOSPHATIDYLETHANOLAMINE 'C40 H80 N O8 P'
#
# COMPACT_ATOMS: atom_id res chain seq x y z
N MET A 1 -0.95 29.88 -34.55
CA MET A 1 -1.26 31.30 -34.38
C MET A 1 -0.36 32.15 -35.27
N PRO A 2 -0.90 33.05 -36.14
CA PRO A 2 -0.07 33.98 -36.92
C PRO A 2 0.94 34.64 -35.97
N ASN A 3 0.45 35.21 -34.87
CA ASN A 3 1.36 35.77 -33.82
C ASN A 3 0.63 35.44 -32.52
N PHE A 4 1.33 35.54 -31.40
CA PHE A 4 0.59 35.19 -30.19
C PHE A 4 -0.53 36.21 -29.97
N PHE A 5 -1.80 35.78 -30.08
CA PHE A 5 -2.93 36.72 -29.95
C PHE A 5 -2.72 37.90 -30.91
N ILE A 6 -2.16 37.65 -32.10
CA ILE A 6 -1.95 38.69 -33.17
C ILE A 6 -0.90 39.74 -32.80
N ASP A 7 -1.00 40.42 -31.66
CA ASP A 7 -0.06 41.53 -31.35
C ASP A 7 0.38 41.47 -29.88
N ARG A 8 0.47 40.27 -29.29
CA ARG A 8 0.82 40.15 -27.85
C ARG A 8 2.09 39.30 -27.67
N PRO A 9 3.30 39.87 -27.77
CA PRO A 9 4.54 39.10 -27.70
C PRO A 9 5.00 38.79 -26.26
N ILE A 10 4.91 39.76 -25.35
CA ILE A 10 5.39 39.58 -23.95
C ILE A 10 4.70 38.36 -23.34
N PHE A 11 3.49 38.03 -23.82
CA PHE A 11 2.76 36.89 -23.29
C PHE A 11 3.44 35.57 -23.70
N ALA A 12 3.93 35.51 -24.94
CA ALA A 12 4.67 34.34 -25.38
C ALA A 12 5.97 34.17 -24.60
N TRP A 13 6.67 35.28 -24.33
CA TRP A 13 7.86 35.22 -23.51
C TRP A 13 7.55 34.71 -22.11
N VAL A 14 6.42 35.16 -21.54
CA VAL A 14 6.02 34.71 -20.22
C VAL A 14 5.75 33.21 -20.23
N ILE A 15 5.05 32.72 -21.27
CA ILE A 15 4.79 31.29 -21.36
C ILE A 15 6.09 30.51 -21.46
N ALA A 16 7.04 30.99 -22.28
CA ALA A 16 8.30 30.29 -22.43
C ALA A 16 9.08 30.26 -21.12
N ILE A 17 9.10 31.38 -20.38
CA ILE A 17 9.83 31.42 -19.12
C ILE A 17 9.15 30.53 -18.08
N ILE A 18 7.82 30.48 -18.09
CA ILE A 18 7.11 29.55 -17.21
C ILE A 18 7.51 28.11 -17.50
N ILE A 19 7.57 27.75 -18.79
CA ILE A 19 7.96 26.39 -19.15
C ILE A 19 9.39 26.12 -18.68
N MET A 20 10.29 27.08 -18.87
CA MET A 20 11.68 26.89 -18.46
C MET A 20 11.80 26.72 -16.94
N LEU A 21 11.06 27.53 -16.17
CA LEU A 21 11.11 27.40 -14.72
C LEU A 21 10.53 26.06 -14.26
N ALA A 22 9.43 25.63 -14.88
CA ALA A 22 8.87 24.33 -14.54
C ALA A 22 9.86 23.21 -14.81
N GLY A 23 10.54 23.28 -15.95
CA GLY A 23 11.55 22.28 -16.27
C GLY A 23 12.73 22.31 -15.31
N GLY A 24 13.16 23.51 -14.91
CA GLY A 24 14.24 23.60 -13.94
C GLY A 24 13.86 23.02 -12.59
N LEU A 25 12.65 23.31 -12.12
CA LEU A 25 12.18 22.72 -10.88
C LEU A 25 12.13 21.20 -11.00
N ALA A 26 11.64 20.70 -12.12
CA ALA A 26 11.60 19.26 -12.33
C ALA A 26 13.00 18.66 -12.27
N ILE A 27 13.96 19.27 -12.97
CA ILE A 27 15.33 18.73 -13.02
C ILE A 27 15.93 18.71 -11.63
N LEU A 28 15.82 19.81 -10.88
CA LEU A 28 16.38 19.84 -9.54
C LEU A 28 15.63 18.94 -8.57
N LYS A 29 14.39 18.56 -8.86
CA LYS A 29 13.60 17.74 -7.95
C LYS A 29 13.09 16.49 -8.65
N LEU A 30 13.97 15.79 -9.38
CA LEU A 30 13.66 14.51 -9.97
C LEU A 30 14.69 13.47 -9.57
N PRO A 31 14.29 12.22 -9.36
CA PRO A 31 15.27 11.16 -9.09
C PRO A 31 16.08 10.85 -10.34
N VAL A 32 17.37 10.63 -10.17
CA VAL A 32 18.26 10.26 -11.25
C VAL A 32 18.58 8.78 -11.11
N ALA A 33 18.18 7.99 -12.11
CA ALA A 33 18.48 6.56 -12.14
C ALA A 33 19.37 6.28 -13.34
N GLN A 34 19.61 5.00 -13.62
CA GLN A 34 20.47 4.62 -14.75
C GLN A 34 19.78 3.63 -15.67
N TYR A 35 18.96 2.75 -15.12
CA TYR A 35 17.83 2.13 -15.81
C TYR A 35 16.67 2.04 -14.84
N PRO A 36 15.44 2.02 -15.33
CA PRO A 36 14.29 1.94 -14.42
C PRO A 36 14.21 0.57 -13.74
N THR A 37 13.26 0.47 -12.81
CA THR A 37 13.09 -0.76 -12.04
C THR A 37 12.50 -1.85 -12.90
N ILE A 38 13.35 -2.69 -13.47
CA ILE A 38 12.90 -3.78 -14.32
C ILE A 38 13.14 -5.16 -13.70
N ALA A 39 14.00 -5.25 -12.70
CA ALA A 39 14.22 -6.53 -12.04
C ALA A 39 13.02 -6.90 -11.17
N PRO A 40 12.53 -8.13 -11.25
CA PRO A 40 11.39 -8.53 -10.42
C PRO A 40 11.73 -8.47 -8.95
N PRO A 41 10.79 -8.05 -8.10
CA PRO A 41 11.08 -7.99 -6.66
C PRO A 41 11.40 -9.37 -6.10
N ALA A 42 12.36 -9.41 -5.19
CA ALA A 42 12.77 -10.65 -4.55
C ALA A 42 12.81 -10.44 -3.04
N VAL A 43 12.33 -11.43 -2.31
CA VAL A 43 12.31 -11.41 -0.85
C VAL A 43 13.11 -12.61 -0.37
N THR A 44 14.14 -12.34 0.44
CA THR A 44 15.08 -13.37 0.86
C THR A 44 14.96 -13.61 2.35
N ILE A 45 14.79 -14.87 2.73
CA ILE A 45 14.77 -15.30 4.12
C ILE A 45 16.11 -15.95 4.41
N SER A 46 16.82 -15.43 5.41
CA SER A 46 18.12 -15.93 5.80
C SER A 46 18.04 -16.48 7.22
N ALA A 47 18.52 -17.70 7.41
CA ALA A 47 18.57 -18.33 8.72
C ALA A 47 19.92 -18.99 8.89
N SER A 48 20.34 -19.15 10.15
CA SER A 48 21.62 -19.75 10.46
C SER A 48 21.45 -20.77 11.56
N TYR A 49 21.99 -21.96 11.36
CA TYR A 49 21.96 -23.05 12.34
C TYR A 49 23.40 -23.52 12.51
N PRO A 50 24.18 -22.85 13.35
CA PRO A 50 25.64 -23.05 13.36
C PRO A 50 26.02 -24.47 13.75
N GLY A 51 27.08 -24.98 13.10
CA GLY A 51 27.58 -26.30 13.37
C GLY A 51 26.83 -27.42 12.69
N ALA A 52 25.97 -27.12 11.72
CA ALA A 52 25.13 -28.12 11.06
C ALA A 52 25.47 -28.21 9.59
N ASP A 53 25.47 -29.43 9.06
CA ASP A 53 25.76 -29.65 7.66
C ASP A 53 24.57 -29.27 6.79
N ALA A 54 24.71 -29.44 5.48
CA ALA A 54 23.67 -29.02 4.55
C ALA A 54 22.38 -29.80 4.76
N LYS A 55 22.48 -31.11 4.95
CA LYS A 55 21.27 -31.91 5.10
C LYS A 55 20.56 -31.60 6.41
N THR A 56 21.31 -31.37 7.49
CA THR A 56 20.69 -31.04 8.77
C THR A 56 19.91 -29.74 8.68
N VAL A 57 20.54 -28.67 8.17
CA VAL A 57 19.84 -27.40 8.05
C VAL A 57 18.68 -27.52 7.08
N GLN A 58 18.86 -28.28 5.99
CA GLN A 58 17.76 -28.50 5.06
C GLN A 58 16.55 -29.07 5.79
N ASP A 59 16.72 -30.28 6.36
CA ASP A 59 15.59 -30.96 6.98
C ASP A 59 14.98 -30.17 8.13
N THR A 60 15.81 -29.47 8.90
CA THR A 60 15.30 -28.80 10.10
C THR A 60 14.77 -27.40 9.85
N VAL A 61 15.18 -26.72 8.77
CA VAL A 61 14.80 -25.33 8.57
C VAL A 61 14.16 -25.15 7.20
N THR A 62 14.85 -25.60 6.15
CA THR A 62 14.48 -25.22 4.79
C THR A 62 13.13 -25.81 4.41
N GLN A 63 12.95 -27.11 4.63
CA GLN A 63 11.67 -27.73 4.28
C GLN A 63 10.55 -27.23 5.18
N VAL A 64 10.85 -27.01 6.47
CA VAL A 64 9.84 -26.50 7.39
C VAL A 64 9.34 -25.14 6.94
N ILE A 65 10.25 -24.26 6.52
CA ILE A 65 9.85 -22.93 6.07
C ILE A 65 9.14 -23.02 4.72
N GLU A 66 9.66 -23.85 3.81
CA GLU A 66 9.09 -23.92 2.46
C GLU A 66 7.67 -24.47 2.48
N GLN A 67 7.39 -25.44 3.35
CA GLN A 67 6.05 -26.01 3.42
C GLN A 67 5.02 -25.02 3.91
N ASN A 68 5.42 -23.89 4.47
CA ASN A 68 4.51 -22.85 4.91
C ASN A 68 4.44 -21.67 3.95
N MET A 69 5.16 -21.73 2.82
CA MET A 69 5.13 -20.66 1.82
C MET A 69 3.95 -20.90 0.89
N ASN A 70 2.76 -20.62 1.41
CA ASN A 70 1.52 -20.77 0.65
C ASN A 70 0.72 -19.47 0.74
N GLY A 71 -0.14 -19.27 -0.24
CA GLY A 71 -1.01 -18.10 -0.23
C GLY A 71 -0.27 -16.78 -0.28
N ILE A 72 0.77 -16.70 -1.11
CA ILE A 72 1.50 -15.47 -1.35
C ILE A 72 1.22 -15.02 -2.77
N ASP A 73 0.77 -13.80 -2.93
CA ASP A 73 0.29 -13.32 -4.22
C ASP A 73 1.44 -12.95 -5.15
N ASN A 74 1.25 -13.26 -6.43
CA ASN A 74 2.18 -12.84 -7.49
C ASN A 74 3.59 -13.38 -7.25
N LEU A 75 3.69 -14.65 -6.89
CA LEU A 75 4.97 -15.30 -6.62
C LEU A 75 5.40 -16.05 -7.87
N MET A 76 6.42 -15.53 -8.56
CA MET A 76 6.90 -16.21 -9.77
C MET A 76 7.51 -17.57 -9.43
N TYR A 77 8.45 -17.61 -8.50
CA TYR A 77 9.01 -18.88 -8.07
C TYR A 77 9.74 -18.71 -6.75
N MET A 78 10.35 -19.79 -6.28
CA MET A 78 11.02 -19.82 -4.99
C MET A 78 12.18 -20.81 -5.08
N SER A 79 13.34 -20.40 -4.57
CA SER A 79 14.55 -21.22 -4.65
C SER A 79 15.32 -21.10 -3.34
N SER A 80 15.74 -22.23 -2.78
CA SER A 80 16.42 -22.24 -1.49
C SER A 80 17.77 -22.93 -1.61
N ASN A 81 18.72 -22.47 -0.80
CA ASN A 81 20.04 -23.07 -0.67
C ASN A 81 20.31 -23.35 0.79
N SER A 82 20.91 -24.51 1.07
CA SER A 82 21.32 -24.91 2.41
C SER A 82 22.78 -25.28 2.35
N ASP A 83 23.62 -24.49 3.02
CA ASP A 83 25.07 -24.66 2.95
C ASP A 83 25.55 -25.52 4.11
N SER A 84 26.79 -25.99 3.98
CA SER A 84 27.41 -26.80 5.03
C SER A 84 27.92 -25.96 6.19
N THR A 85 27.89 -24.64 6.07
CA THR A 85 28.23 -23.74 7.17
C THR A 85 27.04 -23.51 8.11
N GLY A 86 25.89 -24.09 7.81
CA GLY A 86 24.70 -23.89 8.62
C GLY A 86 23.79 -22.78 8.17
N THR A 87 23.94 -22.27 6.96
CA THR A 87 23.19 -21.12 6.48
C THR A 87 22.14 -21.55 5.46
N VAL A 88 20.94 -21.03 5.63
CA VAL A 88 19.81 -21.29 4.75
C VAL A 88 19.38 -19.97 4.14
N GLN A 89 19.22 -19.97 2.79
CA GLN A 89 18.94 -18.75 1.99
C GLN A 89 17.77 -18.99 1.03
N ILE A 90 16.55 -18.57 1.36
CA ILE A 90 15.35 -18.88 0.59
C ILE A 90 14.91 -17.60 -0.11
N THR A 91 15.03 -17.57 -1.44
CA THR A 91 14.67 -16.40 -2.22
C THR A 91 13.35 -16.66 -2.93
N LEU A 92 12.36 -15.81 -2.66
CA LEU A 92 11.09 -15.84 -3.36
C LEU A 92 11.08 -14.70 -4.38
N THR A 93 10.96 -15.06 -5.65
CA THR A 93 10.94 -14.07 -6.74
C THR A 93 9.49 -13.85 -7.16
N PHE A 94 9.07 -12.59 -7.14
CA PHE A 94 7.71 -12.18 -7.41
C PHE A 94 7.58 -11.64 -8.83
N GLU A 95 6.34 -11.49 -9.27
CA GLU A 95 6.07 -10.89 -10.57
C GLU A 95 6.42 -9.41 -10.56
N SER A 96 6.87 -8.92 -11.71
CA SER A 96 7.24 -7.52 -11.83
C SER A 96 6.02 -6.63 -11.67
N GLY A 97 6.22 -5.48 -11.05
CA GLY A 97 5.15 -4.53 -10.81
C GLY A 97 4.55 -4.59 -9.42
N THR A 98 4.75 -5.69 -8.70
CA THR A 98 4.28 -5.79 -7.33
C THR A 98 5.18 -4.98 -6.41
N ASP A 99 4.57 -4.39 -5.38
CA ASP A 99 5.33 -3.65 -4.39
C ASP A 99 5.90 -4.60 -3.35
N ALA A 100 7.16 -4.37 -2.97
CA ALA A 100 7.85 -5.28 -2.08
C ALA A 100 7.36 -5.19 -0.64
N ASP A 101 6.64 -4.14 -0.26
CA ASP A 101 6.15 -4.03 1.10
C ASP A 101 5.12 -5.12 1.40
N ILE A 102 4.11 -5.25 0.54
CA ILE A 102 3.08 -6.26 0.76
C ILE A 102 3.67 -7.66 0.61
N ALA A 103 4.58 -7.84 -0.33
CA ALA A 103 5.24 -9.13 -0.48
C ALA A 103 6.00 -9.51 0.78
N GLN A 104 6.74 -8.56 1.36
CA GLN A 104 7.49 -8.85 2.57
C GLN A 104 6.58 -9.13 3.75
N VAL A 105 5.49 -8.37 3.89
CA VAL A 105 4.61 -8.61 5.04
C VAL A 105 3.90 -9.95 4.89
N GLN A 106 3.54 -10.34 3.67
CA GLN A 106 2.95 -11.67 3.47
C GLN A 106 3.94 -12.78 3.76
N VAL A 107 5.20 -12.61 3.31
CA VAL A 107 6.21 -13.63 3.56
C VAL A 107 6.46 -13.77 5.06
N GLN A 108 6.54 -12.65 5.78
CA GLN A 108 6.72 -12.72 7.23
C GLN A 108 5.50 -13.30 7.92
N ASN A 109 4.30 -13.01 7.43
CA ASN A 109 3.09 -13.59 8.01
C ASN A 109 3.10 -15.11 7.88
N LYS A 110 3.55 -15.61 6.73
CA LYS A 110 3.64 -17.07 6.56
C LYS A 110 4.81 -17.66 7.32
N LEU A 111 5.90 -16.90 7.50
CA LEU A 111 7.08 -17.41 8.20
C LEU A 111 6.87 -17.47 9.70
N GLN A 112 6.01 -16.60 10.25
CA GLN A 112 5.72 -16.67 11.67
C GLN A 112 5.01 -17.97 12.06
N LEU A 113 4.36 -18.63 11.10
CA LEU A 113 3.79 -19.94 11.39
C LEU A 113 4.87 -21.00 11.55
N ALA A 114 5.91 -20.95 10.72
CA ALA A 114 7.00 -21.92 10.80
C ALA A 114 7.99 -21.59 11.90
N MET A 115 7.99 -20.35 12.38
CA MET A 115 8.96 -19.96 13.40
C MET A 115 8.95 -20.84 14.65
N PRO A 116 7.79 -21.18 15.24
CA PRO A 116 7.83 -22.08 16.41
C PRO A 116 8.37 -23.47 16.10
N LEU A 117 8.35 -23.89 14.84
CA LEU A 117 8.80 -25.23 14.48
C LEU A 117 10.30 -25.32 14.26
N LEU A 118 11.00 -24.20 14.19
CA LEU A 118 12.43 -24.20 13.97
C LEU A 118 13.17 -24.55 15.27
N PRO A 119 14.40 -25.04 15.16
CA PRO A 119 15.20 -25.28 16.37
C PRO A 119 15.47 -23.99 17.12
N GLN A 120 15.69 -24.12 18.43
CA GLN A 120 15.93 -22.95 19.25
C GLN A 120 17.21 -22.22 18.84
N GLU A 121 18.20 -22.96 18.34
CA GLU A 121 19.44 -22.33 17.90
C GLU A 121 19.20 -21.39 16.72
N VAL A 122 18.37 -21.82 15.76
CA VAL A 122 18.06 -20.98 14.61
C VAL A 122 17.37 -19.69 15.05
N GLN A 123 16.43 -19.80 15.98
CA GLN A 123 15.74 -18.61 16.48
C GLN A 123 16.68 -17.70 17.25
N GLN A 124 17.59 -18.27 18.04
CA GLN A 124 18.55 -17.45 18.76
C GLN A 124 19.47 -16.70 17.80
N GLN A 125 19.90 -17.36 16.73
CA GLN A 125 20.74 -16.67 15.74
C GLN A 125 19.97 -15.55 15.06
N GLY A 126 18.70 -15.78 14.75
CA GLY A 126 17.88 -14.74 14.17
C GLY A 126 17.53 -14.98 12.71
N VAL A 127 16.26 -15.18 12.42
CA VAL A 127 15.78 -15.35 11.06
C VAL A 127 15.42 -13.97 10.51
N SER A 128 15.94 -13.64 9.34
CA SER A 128 15.76 -12.32 8.77
C SER A 128 15.04 -12.42 7.43
N VAL A 129 14.13 -11.47 7.19
CA VAL A 129 13.43 -11.34 5.92
C VAL A 129 13.80 -9.99 5.34
N GLU A 130 14.42 -10.00 4.15
CA GLU A 130 14.93 -8.77 3.55
C GLU A 130 14.48 -8.68 2.11
N LYS A 131 14.06 -7.48 1.70
CA LYS A 131 13.72 -7.19 0.31
C LYS A 131 14.83 -6.31 -0.26
N SER A 132 15.67 -6.90 -1.12
CA SER A 132 16.83 -6.20 -1.63
C SER A 132 17.24 -6.83 -2.96
N SER A 133 18.33 -6.32 -3.52
CA SER A 133 18.88 -6.84 -4.76
C SER A 133 19.92 -7.92 -4.47
N SER A 134 20.24 -8.70 -5.50
CA SER A 134 21.23 -9.75 -5.38
C SER A 134 22.66 -9.22 -5.38
N SER A 135 22.94 -8.20 -6.17
CA SER A 135 24.28 -7.63 -6.27
C SER A 135 24.45 -6.49 -5.27
N PHE A 136 25.68 -6.29 -4.84
CA PHE A 136 25.99 -5.25 -3.88
C PHE A 136 25.88 -3.88 -4.54
N LEU A 137 25.14 -2.97 -3.92
CA LEU A 137 25.11 -1.59 -4.39
C LEU A 137 26.49 -0.96 -4.27
N MET A 138 27.18 -1.21 -3.16
CA MET A 138 28.52 -0.68 -3.00
C MET A 138 29.24 -1.49 -1.92
N VAL A 139 30.55 -1.24 -1.82
CA VAL A 139 31.36 -1.84 -0.77
C VAL A 139 32.19 -0.73 -0.14
N VAL A 140 32.03 -0.55 1.17
CA VAL A 140 32.76 0.46 1.92
C VAL A 140 33.77 -0.26 2.80
N GLY A 141 35.05 -0.16 2.46
CA GLY A 141 36.08 -0.81 3.23
C GLY A 141 36.66 0.12 4.29
N VAL A 142 37.18 -0.48 5.35
CA VAL A 142 37.81 0.25 6.44
C VAL A 142 39.16 -0.39 6.71
N ILE A 143 40.21 0.45 6.73
CA ILE A 143 41.58 -0.01 6.98
C ILE A 143 42.17 0.84 8.10
N ASN A 144 43.34 0.43 8.57
CA ASN A 144 44.08 1.17 9.57
C ASN A 144 45.46 1.49 9.02
N THR A 145 45.77 2.78 8.91
CA THR A 145 47.06 3.20 8.36
C THR A 145 48.19 3.02 9.36
N ASP A 146 47.92 3.19 10.66
CA ASP A 146 48.96 3.03 11.66
C ASP A 146 49.45 1.59 11.79
N GLY A 147 48.67 0.62 11.30
CA GLY A 147 49.07 -0.77 11.39
C GLY A 147 48.97 -1.36 12.77
N THR A 148 48.17 -0.77 13.65
CA THR A 148 47.99 -1.30 15.00
C THR A 148 46.81 -2.26 15.08
N MET A 149 45.65 -1.85 14.58
CA MET A 149 44.47 -2.71 14.59
C MET A 149 44.66 -3.87 13.62
N THR A 150 44.23 -5.05 14.06
CA THR A 150 44.23 -6.23 13.22
C THR A 150 42.90 -6.34 12.48
N GLN A 151 42.74 -7.41 11.71
CA GLN A 151 41.50 -7.62 10.97
C GLN A 151 40.32 -7.74 11.93
N GLU A 152 40.50 -8.46 13.04
CA GLU A 152 39.48 -8.62 14.05
C GLU A 152 39.08 -7.30 14.69
N ASP A 153 40.05 -6.46 15.05
CA ASP A 153 39.72 -5.18 15.68
C ASP A 153 38.97 -4.27 14.72
N ILE A 154 39.40 -4.20 13.46
CA ILE A 154 38.72 -3.35 12.50
C ILE A 154 37.31 -3.85 12.26
N SER A 155 37.14 -5.17 12.08
CA SER A 155 35.80 -5.70 11.84
C SER A 155 34.89 -5.48 13.04
N ASP A 156 35.41 -5.66 14.25
CA ASP A 156 34.60 -5.41 15.44
C ASP A 156 34.20 -3.94 15.54
N TYR A 157 35.14 -3.03 15.26
CA TYR A 157 34.79 -1.61 15.30
C TYR A 157 33.71 -1.29 14.27
N VAL A 158 33.87 -1.81 13.05
CA VAL A 158 32.89 -1.54 12.00
C VAL A 158 31.51 -2.03 12.43
N ALA A 159 31.43 -3.28 12.89
CA ALA A 159 30.15 -3.85 13.26
C ALA A 159 29.52 -3.12 14.43
N ALA A 160 30.32 -2.76 15.43
CA ALA A 160 29.77 -2.15 16.64
C ALA A 160 29.37 -0.69 16.42
N ASN A 161 30.13 0.06 15.63
CA ASN A 161 29.97 1.50 15.61
C ASN A 161 29.45 2.08 14.30
N MET A 162 29.54 1.35 13.20
CA MET A 162 29.11 1.93 11.93
C MET A 162 28.32 0.97 11.04
N LYS A 163 27.86 -0.16 11.56
CA LYS A 163 27.02 -1.05 10.78
C LYS A 163 25.54 -0.89 11.07
N ASP A 164 25.17 -0.70 12.34
CA ASP A 164 23.77 -0.52 12.68
C ASP A 164 23.22 0.78 12.07
N ALA A 165 23.99 1.87 12.15
CA ALA A 165 23.51 3.14 11.62
C ALA A 165 23.36 3.07 10.10
N ILE A 166 24.29 2.39 9.42
CA ILE A 166 24.17 2.22 7.98
C ILE A 166 22.96 1.37 7.64
N SER A 167 22.69 0.33 8.45
CA SER A 167 21.56 -0.55 8.19
C SER A 167 20.23 0.19 8.27
N ARG A 168 20.16 1.24 9.07
CA ARG A 168 18.95 2.04 9.22
C ARG A 168 18.83 3.15 8.19
N THR A 169 19.81 3.29 7.30
CA THR A 169 19.75 4.30 6.26
C THR A 169 18.64 3.97 5.27
N SER A 170 17.87 4.98 4.88
CA SER A 170 16.77 4.77 3.95
C SER A 170 17.30 4.28 2.62
N GLY A 171 16.65 3.24 2.09
CA GLY A 171 17.04 2.63 0.85
C GLY A 171 18.01 1.47 0.97
N VAL A 172 18.66 1.32 2.11
CA VAL A 172 19.61 0.22 2.33
C VAL A 172 18.81 -1.02 2.70
N GLY A 173 18.74 -1.98 1.79
CA GLY A 173 17.95 -3.17 2.03
C GLY A 173 18.70 -4.31 2.67
N ASP A 174 20.03 -4.28 2.62
CA ASP A 174 20.81 -5.34 3.24
C ASP A 174 22.25 -4.87 3.41
N VAL A 175 22.84 -5.25 4.54
CA VAL A 175 24.25 -4.98 4.83
C VAL A 175 24.93 -6.29 5.18
N GLN A 176 26.04 -6.57 4.52
CA GLN A 176 26.86 -7.74 4.80
C GLN A 176 28.19 -7.26 5.39
N LEU A 177 28.51 -7.74 6.57
CA LEU A 177 29.76 -7.38 7.23
C LEU A 177 30.85 -8.34 6.79
N PHE A 178 31.95 -7.78 6.29
CA PHE A 178 33.09 -8.59 5.86
C PHE A 178 34.00 -8.83 7.07
N GLY A 179 33.48 -9.63 7.98
CA GLY A 179 34.13 -9.92 9.25
C GLY A 179 33.10 -10.38 10.26
N SER A 180 33.37 -10.09 11.53
CA SER A 180 32.45 -10.41 12.61
C SER A 180 32.86 -9.62 13.84
N GLN A 181 31.87 -9.14 14.58
CA GLN A 181 32.16 -8.33 15.76
C GLN A 181 32.69 -9.22 16.88
N TYR A 182 33.12 -8.58 17.96
CA TYR A 182 33.68 -9.31 19.07
C TYR A 182 32.61 -10.13 19.79
N ALA A 183 33.09 -11.16 20.47
CA ALA A 183 32.29 -12.01 21.33
C ALA A 183 33.27 -12.65 22.31
N MET A 184 32.76 -13.03 23.47
CA MET A 184 33.59 -13.71 24.45
C MET A 184 33.80 -15.13 23.96
N ARG A 185 34.95 -15.37 23.33
CA ARG A 185 35.32 -16.70 22.88
C ARG A 185 35.95 -17.45 24.04
N ILE A 186 35.41 -18.63 24.35
CA ILE A 186 35.91 -19.46 25.42
C ILE A 186 36.41 -20.75 24.78
N TRP A 187 37.73 -20.85 24.65
CA TRP A 187 38.37 -22.01 24.05
C TRP A 187 38.68 -23.01 25.15
N MET A 188 37.81 -24.00 25.28
CA MET A 188 37.90 -24.98 26.36
C MET A 188 38.79 -26.15 25.97
N ASN A 189 39.59 -26.60 26.93
CA ASN A 189 40.63 -27.61 26.69
C ASN A 189 40.12 -28.98 27.10
N PRO A 190 40.10 -29.97 26.22
CA PRO A 190 39.63 -31.31 26.61
C PRO A 190 40.45 -31.93 27.73
N ASN A 191 41.77 -31.72 27.73
CA ASN A 191 42.62 -32.34 28.74
C ASN A 191 42.34 -31.78 30.12
N GLU A 192 42.24 -30.46 30.24
CA GLU A 192 41.98 -29.88 31.56
C GLU A 192 40.54 -30.09 32.00
N LEU A 193 39.62 -30.18 31.04
CA LEU A 193 38.25 -30.55 31.39
C LEU A 193 38.20 -31.97 31.95
N ASN A 194 38.94 -32.90 31.34
CA ASN A 194 38.98 -34.26 31.83
C ASN A 194 39.73 -34.37 33.15
N LYS A 195 40.72 -33.50 33.37
CA LYS A 195 41.48 -33.56 34.61
C LYS A 195 40.61 -33.25 35.82
N PHE A 196 39.70 -32.28 35.69
CA PHE A 196 38.82 -31.89 36.78
C PHE A 196 37.45 -32.55 36.70
N GLN A 197 37.31 -33.57 35.85
CA GLN A 197 36.05 -34.31 35.70
C GLN A 197 34.90 -33.36 35.33
N LEU A 198 35.18 -32.42 34.45
CA LEU A 198 34.18 -31.48 33.97
C LEU A 198 33.85 -31.76 32.51
N THR A 199 32.73 -31.23 32.06
CA THR A 199 32.22 -31.40 30.71
C THR A 199 31.82 -30.05 30.15
N PRO A 200 31.73 -29.92 28.82
CA PRO A 200 31.28 -28.66 28.24
C PRO A 200 29.91 -28.22 28.73
N VAL A 201 29.02 -29.17 29.03
CA VAL A 201 27.71 -28.81 29.55
C VAL A 201 27.84 -28.14 30.92
N ASP A 202 28.80 -28.57 31.73
CA ASP A 202 29.04 -27.91 33.01
C ASP A 202 29.52 -26.48 32.80
N VAL A 203 30.40 -26.27 31.83
CA VAL A 203 30.88 -24.92 31.53
C VAL A 203 29.72 -24.04 31.08
N ILE A 204 28.86 -24.57 30.20
CA ILE A 204 27.71 -23.80 29.71
C ILE A 204 26.77 -23.46 30.86
N THR A 205 26.51 -24.42 31.74
CA THR A 205 25.62 -24.18 32.88
C THR A 205 26.19 -23.12 33.81
N ALA A 206 27.49 -23.20 34.11
CA ALA A 206 28.10 -22.21 34.99
C ALA A 206 28.08 -20.82 34.36
N ILE A 207 28.33 -20.74 33.05
CA ILE A 207 28.29 -19.44 32.38
C ILE A 207 26.88 -18.87 32.41
N LYS A 208 25.87 -19.70 32.14
CA LYS A 208 24.49 -19.22 32.20
C LYS A 208 24.13 -18.74 33.59
N ALA A 209 24.62 -19.43 34.62
CA ALA A 209 24.28 -19.06 35.99
C ALA A 209 24.98 -17.77 36.42
N GLN A 210 26.27 -17.64 36.12
CA GLN A 210 27.08 -16.56 36.65
C GLN A 210 27.27 -15.40 35.68
N ASN A 211 26.56 -15.40 34.55
CA ASN A 211 26.56 -14.29 33.61
C ASN A 211 25.13 -13.85 33.32
N ALA A 212 24.35 -13.65 34.38
CA ALA A 212 22.96 -13.28 34.26
C ALA A 212 22.77 -11.81 34.58
N GLN A 213 21.66 -11.26 34.09
CA GLN A 213 21.23 -9.89 34.34
C GLN A 213 19.85 -10.02 34.96
N VAL A 214 19.81 -10.19 36.28
CA VAL A 214 18.60 -10.60 36.98
C VAL A 214 17.88 -9.38 37.54
N ALA A 215 16.55 -9.44 37.53
CA ALA A 215 15.70 -8.38 38.08
C ALA A 215 15.39 -8.71 39.53
N ALA A 216 15.87 -7.88 40.45
CA ALA A 216 15.75 -8.13 41.88
C ALA A 216 14.64 -7.35 42.55
N GLY A 217 13.88 -6.55 41.82
CA GLY A 217 12.76 -5.83 42.40
C GLY A 217 13.09 -4.43 42.89
N GLN A 218 12.40 -3.99 43.94
CA GLN A 218 12.58 -2.65 44.48
C GLN A 218 12.46 -2.69 45.99
N LEU A 219 12.99 -1.65 46.64
CA LEU A 219 12.78 -1.42 48.05
C LEU A 219 11.58 -0.51 48.23
N GLY A 220 10.60 -0.97 49.01
CA GLY A 220 9.40 -0.18 49.20
C GLY A 220 8.58 -0.03 47.93
N GLY A 221 8.52 -1.07 47.12
CA GLY A 221 7.73 -1.00 45.90
C GLY A 221 6.25 -1.11 46.17
N THR A 222 5.48 -0.64 45.19
CA THR A 222 4.03 -0.64 45.33
C THR A 222 3.49 -2.07 45.27
N PRO A 223 2.46 -2.40 46.07
CA PRO A 223 1.81 -1.53 47.05
C PRO A 223 2.63 -1.39 48.33
N PRO A 224 2.92 -0.15 48.72
CA PRO A 224 3.76 0.07 49.90
C PRO A 224 2.97 0.01 51.19
N VAL A 225 3.66 -0.36 52.27
CA VAL A 225 3.03 -0.32 53.58
C VAL A 225 2.90 1.14 54.01
N LYS A 226 1.92 1.39 54.87
CA LYS A 226 1.64 2.76 55.32
C LYS A 226 2.84 3.31 56.08
N GLY A 227 3.26 4.51 55.72
CA GLY A 227 4.40 5.13 56.36
C GLY A 227 5.74 4.85 55.73
N GLN A 228 5.77 4.37 54.48
CA GLN A 228 7.03 4.12 53.81
C GLN A 228 7.71 5.45 53.45
N GLN A 229 9.03 5.48 53.57
CA GLN A 229 9.78 6.72 53.39
C GLN A 229 10.78 6.68 52.25
N LEU A 230 11.42 5.55 51.99
CA LEU A 230 12.40 5.45 50.92
C LEU A 230 11.92 4.48 49.85
N ASN A 231 12.28 4.77 48.60
CA ASN A 231 12.01 3.88 47.47
C ASN A 231 13.30 3.76 46.68
N ALA A 232 13.84 2.55 46.59
CA ALA A 232 15.08 2.32 45.86
C ALA A 232 15.00 1.00 45.12
N SER A 233 15.66 0.94 43.97
CA SER A 233 15.76 -0.29 43.22
C SER A 233 16.79 -1.21 43.87
N ILE A 234 16.59 -2.51 43.69
CA ILE A 234 17.53 -3.52 44.15
C ILE A 234 18.21 -4.12 42.93
N ILE A 235 19.54 -4.11 42.93
CA ILE A 235 20.33 -4.65 41.82
C ILE A 235 21.13 -5.82 42.37
N ALA A 236 20.94 -7.00 41.76
CA ALA A 236 21.54 -8.23 42.27
C ALA A 236 22.75 -8.67 41.46
N GLN A 237 22.56 -8.89 40.16
CA GLN A 237 23.63 -9.44 39.32
C GLN A 237 23.59 -8.76 37.96
N THR A 238 24.76 -8.58 37.36
CA THR A 238 24.89 -7.89 36.08
C THR A 238 25.71 -8.75 35.13
N ARG A 239 25.54 -8.48 33.84
CA ARG A 239 26.31 -9.17 32.83
C ARG A 239 27.80 -8.93 33.03
N LEU A 240 28.58 -9.99 32.86
CA LEU A 240 30.03 -9.85 32.91
C LEU A 240 30.50 -8.99 31.74
N THR A 241 31.57 -8.24 31.96
CA THR A 241 31.98 -7.22 31.00
C THR A 241 33.46 -7.26 30.63
N SER A 242 34.19 -8.32 31.01
CA SER A 242 35.59 -8.38 30.66
C SER A 242 36.04 -9.84 30.65
N THR A 243 37.17 -10.08 29.98
CA THR A 243 37.73 -11.43 29.95
C THR A 243 38.27 -11.84 31.31
N GLU A 244 38.84 -10.90 32.06
CA GLU A 244 39.29 -11.22 33.42
C GLU A 244 38.12 -11.65 34.28
N GLU A 245 36.99 -10.96 34.16
CA GLU A 245 35.82 -11.27 34.98
C GLU A 245 35.15 -12.56 34.53
N PHE A 246 35.27 -12.91 33.25
CA PHE A 246 34.82 -14.22 32.79
C PHE A 246 35.72 -15.34 33.28
N GLY A 247 37.02 -15.09 33.38
CA GLY A 247 37.95 -16.12 33.82
C GLY A 247 37.78 -16.51 35.28
N LYS A 248 37.14 -15.65 36.07
CA LYS A 248 36.91 -15.93 37.48
C LYS A 248 35.63 -16.72 37.72
N ILE A 249 34.91 -17.11 36.67
CA ILE A 249 33.72 -17.91 36.84
C ILE A 249 34.09 -19.22 37.52
N LEU A 250 33.37 -19.54 38.59
CA LEU A 250 33.66 -20.73 39.38
C LEU A 250 32.91 -21.92 38.81
N LEU A 251 33.64 -22.95 38.40
CA LEU A 251 33.01 -24.15 37.87
C LEU A 251 32.66 -25.14 38.98
N LYS A 252 33.61 -25.46 39.84
CA LYS A 252 33.35 -26.35 40.95
C LYS A 252 34.41 -26.13 42.02
N VAL A 253 34.10 -26.56 43.24
CA VAL A 253 35.02 -26.52 44.37
C VAL A 253 35.29 -27.96 44.80
N ASN A 254 36.56 -28.33 44.84
CA ASN A 254 36.92 -29.69 45.21
C ASN A 254 36.70 -29.91 46.71
N GLN A 255 36.77 -31.17 47.12
CA GLN A 255 36.56 -31.52 48.52
C GLN A 255 37.63 -30.90 49.41
N ASP A 256 38.86 -30.81 48.90
CA ASP A 256 39.96 -30.24 49.67
C ASP A 256 39.96 -28.72 49.70
N GLY A 257 39.06 -28.07 48.96
CA GLY A 257 38.98 -26.62 48.91
C GLY A 257 39.63 -25.97 47.73
N SER A 258 40.26 -26.74 46.84
CA SER A 258 40.89 -26.19 45.64
C SER A 258 39.80 -25.88 44.63
N ARG A 259 39.34 -24.63 44.63
CA ARG A 259 38.29 -24.22 43.71
C ARG A 259 38.82 -24.16 42.28
N VAL A 260 37.94 -24.46 41.33
CA VAL A 260 38.27 -24.48 39.91
C VAL A 260 37.61 -23.30 39.24
N LEU A 261 38.40 -22.49 38.55
CA LEU A 261 37.91 -21.34 37.82
C LEU A 261 37.79 -21.67 36.34
N LEU A 262 37.06 -20.82 35.62
CA LEU A 262 36.89 -21.04 34.18
C LEU A 262 38.21 -20.90 33.43
N ARG A 263 39.07 -19.97 33.86
CA ARG A 263 40.37 -19.81 33.20
C ARG A 263 41.28 -20.99 33.41
N ASP A 264 40.98 -21.86 34.38
CA ASP A 264 41.83 -23.02 34.63
C ASP A 264 41.64 -24.08 33.56
N VAL A 265 40.43 -24.19 33.00
CA VAL A 265 40.12 -25.20 32.01
C VAL A 265 39.90 -24.63 30.63
N ALA A 266 40.00 -23.30 30.47
CA ALA A 266 39.70 -22.68 29.20
C ALA A 266 40.51 -21.40 29.04
N LYS A 267 40.66 -20.98 27.80
CA LYS A 267 41.25 -19.71 27.44
C LYS A 267 40.12 -18.75 27.07
N ILE A 268 39.95 -17.69 27.86
CA ILE A 268 38.91 -16.70 27.64
C ILE A 268 39.52 -15.52 26.91
N GLU A 269 38.95 -15.17 25.76
CA GLU A 269 39.47 -14.05 24.98
C GLU A 269 38.31 -13.38 24.27
N LEU A 270 38.62 -12.27 23.60
CA LEU A 270 37.64 -11.51 22.84
C LEU A 270 37.94 -11.74 21.36
N GLY A 271 37.08 -12.48 20.67
CA GLY A 271 37.34 -12.85 19.30
C GLY A 271 36.07 -12.79 18.48
N GLY A 272 36.23 -12.91 17.17
CA GLY A 272 35.09 -12.78 16.28
C GLY A 272 34.04 -13.84 16.53
N GLU A 273 32.78 -13.47 16.25
CA GLU A 273 31.68 -14.42 16.40
C GLU A 273 31.87 -15.60 15.46
N ASN A 274 32.27 -15.33 14.21
CA ASN A 274 32.65 -16.37 13.28
C ASN A 274 33.90 -15.91 12.53
N TYR A 275 34.72 -16.88 12.12
CA TYR A 275 35.98 -16.61 11.46
C TYR A 275 35.95 -16.97 9.98
N ASP A 276 34.75 -17.07 9.40
CA ASP A 276 34.65 -17.53 8.01
C ASP A 276 35.16 -16.47 7.04
N ILE A 277 34.86 -15.20 7.28
CA ILE A 277 35.13 -14.12 6.33
C ILE A 277 36.33 -13.31 6.81
N ILE A 278 37.31 -13.14 5.92
CA ILE A 278 38.49 -12.33 6.20
C ILE A 278 38.69 -11.39 5.01
N ALA A 279 38.69 -10.09 5.28
CA ALA A 279 38.82 -9.09 4.23
C ALA A 279 40.23 -8.53 4.22
N GLU A 280 40.76 -8.29 3.02
CA GLU A 280 42.05 -7.64 2.84
C GLU A 280 41.93 -6.59 1.76
N PHE A 281 42.66 -5.50 1.92
CA PHE A 281 42.64 -4.39 0.97
C PHE A 281 44.08 -4.08 0.58
N ASN A 282 44.46 -4.45 -0.64
CA ASN A 282 45.81 -4.27 -1.14
C ASN A 282 46.83 -4.96 -0.21
N GLY A 283 46.45 -6.12 0.32
CA GLY A 283 47.30 -6.90 1.20
C GLY A 283 47.13 -6.65 2.68
N GLN A 284 47.08 -5.39 3.09
CA GLN A 284 46.94 -5.06 4.50
C GLN A 284 45.56 -5.46 5.00
N PRO A 285 45.45 -5.84 6.28
CA PRO A 285 44.15 -6.28 6.80
C PRO A 285 43.12 -5.17 6.77
N ALA A 286 41.86 -5.57 6.58
CA ALA A 286 40.78 -4.61 6.42
C ALA A 286 39.47 -5.25 6.83
N SER A 287 38.43 -4.42 6.87
CA SER A 287 37.06 -4.89 7.02
C SER A 287 36.20 -4.09 6.07
N GLY A 288 34.88 -4.26 6.13
CA GLY A 288 34.03 -3.45 5.30
C GLY A 288 32.60 -3.90 5.35
N LEU A 289 31.75 -3.10 4.72
CA LEU A 289 30.32 -3.36 4.60
C LEU A 289 29.95 -3.41 3.13
N GLY A 290 29.28 -4.49 2.72
CA GLY A 290 28.70 -4.59 1.41
C GLY A 290 27.23 -4.25 1.49
N ILE A 291 26.84 -3.18 0.81
CA ILE A 291 25.50 -2.63 0.91
C ILE A 291 24.74 -2.98 -0.36
N LYS A 292 23.58 -3.63 -0.18
CA LYS A 292 22.61 -3.88 -1.24
C LYS A 292 21.39 -3.02 -0.99
N LEU A 293 20.96 -2.28 -2.02
CA LEU A 293 19.82 -1.40 -1.87
C LEU A 293 18.52 -2.20 -1.90
N ALA A 294 17.53 -1.70 -1.16
CA ALA A 294 16.22 -2.32 -1.13
C ALA A 294 15.54 -2.20 -2.50
N THR A 295 14.68 -3.16 -2.81
CA THR A 295 13.96 -3.15 -4.07
C THR A 295 13.05 -1.92 -4.14
N GLY A 296 13.09 -1.23 -5.27
CA GLY A 296 12.29 -0.04 -5.47
C GLY A 296 12.95 1.26 -5.03
N ALA A 297 14.11 1.19 -4.40
CA ALA A 297 14.80 2.40 -3.95
C ALA A 297 15.60 3.00 -5.09
N ASN A 298 16.13 4.20 -4.85
CA ASN A 298 16.98 4.89 -5.80
C ASN A 298 18.43 4.67 -5.41
N ALA A 299 19.27 4.34 -6.39
CA ALA A 299 20.64 3.96 -6.10
C ALA A 299 21.58 5.14 -5.88
N LEU A 300 21.17 6.36 -6.24
CA LEU A 300 22.06 7.51 -6.08
C LEU A 300 21.81 8.25 -4.77
N ASP A 301 20.55 8.49 -4.42
CA ASP A 301 20.28 9.14 -3.14
C ASP A 301 20.62 8.22 -1.97
N THR A 302 20.47 6.90 -2.15
CA THR A 302 20.91 5.97 -1.12
C THR A 302 22.42 6.06 -0.92
N ALA A 303 23.18 6.13 -2.01
CA ALA A 303 24.63 6.28 -1.89
C ALA A 303 24.99 7.60 -1.23
N ALA A 304 24.25 8.67 -1.57
CA ALA A 304 24.49 9.96 -0.92
C ALA A 304 24.23 9.88 0.58
N ALA A 305 23.14 9.20 0.98
CA ALA A 305 22.84 9.04 2.39
C ALA A 305 23.90 8.23 3.11
N ILE A 306 24.39 7.16 2.46
CA ILE A 306 25.44 6.35 3.07
C ILE A 306 26.72 7.17 3.25
N ARG A 307 27.08 7.96 2.24
CA ARG A 307 28.26 8.81 2.37
C ARG A 307 28.08 9.87 3.44
N ALA A 308 26.86 10.39 3.60
CA ALA A 308 26.59 11.34 4.68
C ALA A 308 26.76 10.68 6.05
N GLU A 309 26.25 9.45 6.18
CA GLU A 309 26.41 8.72 7.43
C GLU A 309 27.88 8.49 7.75
N LEU A 310 28.66 8.11 6.73
CA LEU A 310 30.09 7.88 6.94
C LEU A 310 30.80 9.19 7.30
N ALA A 311 30.37 10.30 6.69
CA ALA A 311 30.96 11.60 7.03
C ALA A 311 30.68 11.96 8.48
N LYS A 312 29.46 11.69 8.95
CA LYS A 312 29.15 11.91 10.37
C LYS A 312 29.99 11.01 11.26
N MET A 313 30.24 9.77 10.80
CA MET A 313 30.99 8.80 11.60
C MET A 313 32.47 9.17 11.71
N GLU A 314 33.03 9.75 10.66
CA GLU A 314 34.48 9.91 10.57
C GLU A 314 35.14 10.65 11.73
N PRO A 315 34.61 11.76 12.26
CA PRO A 315 35.35 12.48 13.31
C PRO A 315 35.62 11.67 14.57
N PHE A 316 34.86 10.60 14.83
CA PHE A 316 35.01 9.82 16.05
C PHE A 316 35.78 8.53 15.83
N PHE A 317 36.44 8.38 14.68
CA PHE A 317 37.23 7.19 14.43
C PHE A 317 38.47 7.17 15.33
N PRO A 318 38.99 5.99 15.64
CA PRO A 318 40.28 5.92 16.34
C PRO A 318 41.40 6.41 15.45
N SER A 319 42.60 6.49 16.04
CA SER A 319 43.75 7.00 15.32
C SER A 319 44.14 6.04 14.20
N GLY A 320 44.34 6.58 13.00
CA GLY A 320 44.81 5.81 11.88
C GLY A 320 43.75 5.08 11.08
N LEU A 321 42.52 4.99 11.60
CA LEU A 321 41.46 4.28 10.91
C LEU A 321 40.89 5.16 9.80
N LYS A 322 40.82 4.63 8.58
CA LYS A 322 40.34 5.39 7.45
C LYS A 322 39.42 4.52 6.59
N ILE A 323 38.60 5.21 5.80
CA ILE A 323 37.57 4.58 4.98
C ILE A 323 37.99 4.65 3.52
N VAL A 324 37.91 3.52 2.83
CA VAL A 324 38.18 3.43 1.40
C VAL A 324 36.93 2.91 0.71
N TYR A 325 36.88 3.09 -0.61
CA TYR A 325 35.74 2.70 -1.43
C TYR A 325 36.24 1.80 -2.55
N PRO A 326 36.40 0.50 -2.28
CA PRO A 326 36.93 -0.41 -3.31
C PRO A 326 35.91 -0.85 -4.34
N TYR A 327 34.65 -0.42 -4.23
CA TYR A 327 33.63 -0.85 -5.17
C TYR A 327 32.45 0.11 -5.08
N ASP A 328 32.04 0.67 -6.21
CA ASP A 328 30.94 1.63 -6.23
C ASP A 328 30.42 1.73 -7.66
N THR A 329 29.13 1.47 -7.84
CA THR A 329 28.51 1.50 -9.16
C THR A 329 27.86 2.84 -9.49
N THR A 330 27.84 3.79 -8.55
CA THR A 330 27.17 5.07 -8.74
C THR A 330 27.99 6.09 -9.54
N PRO A 331 29.31 6.22 -9.32
CA PRO A 331 30.06 7.23 -10.10
C PRO A 331 29.97 7.00 -11.59
N PHE A 332 29.91 5.74 -12.04
CA PHE A 332 29.71 5.48 -13.46
C PHE A 332 28.39 6.07 -13.94
N VAL A 333 27.33 5.91 -13.14
CA VAL A 333 26.03 6.47 -13.49
C VAL A 333 26.13 7.99 -13.61
N LYS A 334 26.77 8.63 -12.62
CA LYS A 334 26.84 10.08 -12.64
C LYS A 334 27.63 10.58 -13.85
N ILE A 335 28.76 9.95 -14.15
CA ILE A 335 29.55 10.40 -15.29
C ILE A 335 28.81 10.14 -16.60
N SER A 336 28.09 9.03 -16.70
CA SER A 336 27.33 8.77 -17.93
C SER A 336 26.26 9.82 -18.15
N ILE A 337 25.49 10.13 -17.10
CA ILE A 337 24.45 11.14 -17.23
C ILE A 337 25.06 12.50 -17.58
N HIS A 338 26.17 12.85 -16.93
CA HIS A 338 26.84 14.11 -17.23
C HIS A 338 27.32 14.16 -18.67
N GLU A 339 27.87 13.06 -19.18
CA GLU A 339 28.33 13.01 -20.56
C GLU A 339 27.18 13.23 -21.53
N VAL A 340 26.03 12.58 -21.28
CA VAL A 340 24.92 12.76 -22.20
C VAL A 340 24.38 14.18 -22.14
N VAL A 341 24.34 14.77 -20.95
CA VAL A 341 23.89 16.16 -20.83
C VAL A 341 24.83 17.10 -21.58
N LYS A 342 26.14 16.86 -21.44
CA LYS A 342 27.11 17.68 -22.17
C LYS A 342 26.95 17.52 -23.67
N THR A 343 26.67 16.29 -24.13
CA THR A 343 26.41 16.06 -25.54
C THR A 343 25.19 16.85 -26.01
N LEU A 344 24.13 16.86 -25.21
CA LEU A 344 22.94 17.62 -25.59
C LEU A 344 23.24 19.12 -25.68
N VAL A 345 23.99 19.64 -24.71
CA VAL A 345 24.30 21.07 -24.71
C VAL A 345 25.16 21.44 -25.91
N GLU A 346 26.20 20.64 -26.17
CA GLU A 346 27.06 20.93 -27.32
C GLU A 346 26.31 20.76 -28.62
N ALA A 347 25.32 19.86 -28.66
CA ALA A 347 24.49 19.73 -29.86
C ALA A 347 23.67 21.00 -30.09
N ILE A 348 23.12 21.57 -29.02
CA ILE A 348 22.38 22.83 -29.17
C ILE A 348 23.30 23.92 -29.69
N ILE A 349 24.51 24.02 -29.11
CA ILE A 349 25.45 25.06 -29.53
C ILE A 349 25.83 24.86 -30.99
N LEU A 350 26.07 23.62 -31.39
CA LEU A 350 26.43 23.32 -32.77
C LEU A 350 25.28 23.61 -33.73
N VAL A 351 24.04 23.38 -33.31
CA VAL A 351 22.91 23.78 -34.14
C VAL A 351 22.90 25.29 -34.34
N PHE A 352 23.16 26.05 -33.28
CA PHE A 352 23.24 27.50 -33.43
C PHE A 352 24.32 27.87 -34.44
N LEU A 353 25.49 27.23 -34.34
CA LEU A 353 26.58 27.52 -35.28
C LEU A 353 26.19 27.17 -36.71
N VAL A 354 25.54 26.03 -36.90
CA VAL A 354 25.17 25.59 -38.25
C VAL A 354 24.16 26.55 -38.86
N MET A 355 23.16 26.97 -38.08
CA MET A 355 22.19 27.92 -38.60
C MET A 355 22.85 29.24 -38.93
N TYR A 356 23.78 29.71 -38.08
CA TYR A 356 24.46 30.96 -38.42
C TYR A 356 25.30 30.82 -39.67
N LEU A 357 25.90 29.65 -39.89
CA LEU A 357 26.62 29.41 -41.13
C LEU A 357 25.69 29.46 -42.33
N PHE A 358 24.50 28.87 -42.21
CA PHE A 358 23.56 28.87 -43.32
C PHE A 358 22.86 30.22 -43.45
N LEU A 359 22.13 30.63 -42.42
CA LEU A 359 21.45 31.91 -42.41
C LEU A 359 22.39 32.98 -41.89
N GLN A 360 22.67 33.99 -42.72
CA GLN A 360 23.59 35.05 -42.33
C GLN A 360 23.05 35.94 -41.22
N ASN A 361 21.73 36.02 -41.08
CA ASN A 361 21.13 36.93 -40.10
C ASN A 361 21.23 36.31 -38.71
N PHE A 362 21.79 37.06 -37.77
CA PHE A 362 21.88 36.59 -36.39
C PHE A 362 20.49 36.44 -35.78
N ARG A 363 19.59 37.39 -36.07
CA ARG A 363 18.25 37.34 -35.52
C ARG A 363 17.51 36.09 -35.98
N ALA A 364 17.68 35.72 -37.26
CA ALA A 364 17.00 34.54 -37.78
C ALA A 364 17.49 33.26 -37.09
N THR A 365 18.80 33.16 -36.87
CA THR A 365 19.35 31.96 -36.25
C THR A 365 19.14 31.91 -34.75
N LEU A 366 18.86 33.04 -34.12
CA LEU A 366 18.66 33.05 -32.67
C LEU A 366 17.37 32.37 -32.25
N ILE A 367 16.40 32.22 -33.17
CA ILE A 367 15.08 31.71 -32.82
C ILE A 367 15.15 30.25 -32.35
N PRO A 368 15.71 29.31 -33.13
CA PRO A 368 15.79 27.94 -32.61
C PRO A 368 16.67 27.80 -31.38
N THR A 369 17.71 28.64 -31.26
CA THR A 369 18.62 28.55 -30.14
C THR A 369 17.94 28.79 -28.81
N ILE A 370 16.89 29.60 -28.79
CA ILE A 370 16.09 29.78 -27.58
C ILE A 370 14.87 28.86 -27.57
N ALA A 371 14.38 28.47 -28.74
CA ALA A 371 13.23 27.58 -28.79
C ALA A 371 13.55 26.21 -28.20
N VAL A 372 14.74 25.67 -28.51
CA VAL A 372 15.08 24.33 -28.07
C VAL A 372 15.13 24.19 -26.54
N PRO A 373 15.79 25.07 -25.80
CA PRO A 373 15.79 24.91 -24.33
C PRO A 373 14.39 24.94 -23.73
N VAL A 374 13.49 25.75 -24.26
CA VAL A 374 12.13 25.82 -23.71
C VAL A 374 11.46 24.46 -23.79
N VAL A 375 11.50 23.84 -24.98
CA VAL A 375 10.82 22.57 -25.16
C VAL A 375 11.55 21.43 -24.43
N LEU A 376 12.88 21.49 -24.34
CA LEU A 376 13.59 20.46 -23.58
C LEU A 376 13.25 20.55 -22.08
N LEU A 377 13.24 21.75 -21.52
CA LEU A 377 12.86 21.91 -20.12
C LEU A 377 11.42 21.49 -19.90
N GLY A 378 10.52 21.81 -20.83
CA GLY A 378 9.15 21.34 -20.71
C GLY A 378 9.05 19.84 -20.79
N THR A 379 9.91 19.20 -21.58
CA THR A 379 9.96 17.74 -21.60
C THR A 379 10.36 17.20 -20.23
N PHE A 380 11.36 17.83 -19.60
CA PHE A 380 11.72 17.43 -18.24
C PHE A 380 10.55 17.60 -17.28
N ALA A 381 9.82 18.71 -17.40
CA ALA A 381 8.69 18.97 -16.50
C ALA A 381 7.59 17.93 -16.69
N VAL A 382 7.26 17.60 -17.95
CA VAL A 382 6.20 16.63 -18.20
C VAL A 382 6.64 15.24 -17.79
N LEU A 383 7.93 14.92 -17.90
CA LEU A 383 8.43 13.64 -17.38
C LEU A 383 8.31 13.58 -15.87
N ALA A 384 8.59 14.69 -15.18
CA ALA A 384 8.38 14.73 -13.74
C ALA A 384 6.90 14.60 -13.40
N ALA A 385 6.02 15.10 -14.27
CA ALA A 385 4.59 14.98 -14.00
C ALA A 385 4.11 13.54 -14.05
N PHE A 386 4.76 12.70 -14.86
CA PHE A 386 4.41 11.28 -14.94
C PHE A 386 5.19 10.41 -13.98
N GLY A 387 6.03 11.00 -13.13
CA GLY A 387 6.83 10.21 -12.21
C GLY A 387 7.88 9.34 -12.87
N PHE A 388 8.60 9.88 -13.84
CA PHE A 388 9.67 9.17 -14.52
C PHE A 388 11.01 9.80 -14.15
N SER A 389 12.07 8.98 -14.11
CA SER A 389 13.41 9.41 -13.64
C SER A 389 14.27 9.94 -14.78
N ILE A 390 15.39 10.58 -14.46
CA ILE A 390 16.40 11.03 -15.46
C ILE A 390 17.28 9.78 -15.63
N ASN A 391 16.75 8.73 -16.27
CA ASN A 391 17.48 7.45 -16.47
C ASN A 391 18.21 7.61 -17.79
N THR A 392 19.14 6.71 -18.14
CA THR A 392 19.89 6.82 -19.39
C THR A 392 18.96 6.82 -20.60
N LEU A 393 17.89 6.02 -20.55
CA LEU A 393 16.97 5.94 -21.68
C LEU A 393 16.32 7.29 -21.95
N THR A 394 15.97 8.03 -20.91
CA THR A 394 15.40 9.36 -21.09
C THR A 394 16.38 10.31 -21.79
N MET A 395 17.63 10.31 -21.35
CA MET A 395 18.61 11.20 -21.97
C MET A 395 18.86 10.83 -23.42
N PHE A 396 18.94 9.54 -23.74
CA PHE A 396 19.11 9.16 -25.13
C PHE A 396 17.86 9.44 -25.94
N GLY A 397 16.67 9.36 -25.34
CA GLY A 397 15.47 9.77 -26.05
C GLY A 397 15.50 11.24 -26.41
N MET A 398 15.93 12.08 -25.47
CA MET A 398 16.06 13.51 -25.76
C MET A 398 17.12 13.77 -26.82
N VAL A 399 18.23 13.02 -26.77
CA VAL A 399 19.29 13.18 -27.77
C VAL A 399 18.79 12.79 -29.15
N LEU A 400 18.00 11.72 -29.24
CA LEU A 400 17.41 11.35 -30.51
C LEU A 400 16.37 12.37 -30.97
N ALA A 401 15.61 12.95 -30.04
CA ALA A 401 14.57 13.90 -30.38
C ALA A 401 15.10 15.26 -30.82
N ILE A 402 16.30 15.64 -30.38
CA ILE A 402 16.82 16.98 -30.66
C ILE A 402 16.73 17.30 -32.15
N GLY A 403 16.92 16.28 -33.00
CA GLY A 403 16.81 16.51 -34.43
C GLY A 403 15.41 16.90 -34.86
N LEU A 404 14.40 16.21 -34.34
CA LEU A 404 13.03 16.55 -34.72
C LEU A 404 12.61 17.90 -34.15
N LEU A 405 13.05 18.20 -32.92
CA LEU A 405 12.78 19.52 -32.33
C LEU A 405 13.40 20.64 -33.16
N VAL A 406 14.67 20.49 -33.55
CA VAL A 406 15.31 21.53 -34.34
C VAL A 406 14.67 21.61 -35.72
N ASP A 407 14.23 20.48 -36.28
CA ASP A 407 13.54 20.51 -37.55
C ASP A 407 12.25 21.32 -37.44
N ASP A 408 11.51 21.10 -36.34
CA ASP A 408 10.29 21.87 -36.10
C ASP A 408 10.58 23.37 -36.04
N ALA A 409 11.63 23.76 -35.33
CA ALA A 409 11.95 25.19 -35.24
C ALA A 409 12.39 25.75 -36.58
N ILE A 410 13.35 25.08 -37.26
CA ILE A 410 14.02 25.63 -38.48
C ILE A 410 13.14 25.49 -39.72
N VAL A 411 12.07 24.69 -39.73
CA VAL A 411 11.14 24.75 -40.86
C VAL A 411 10.33 26.05 -40.81
N VAL A 412 9.86 26.43 -39.63
CA VAL A 412 9.12 27.68 -39.48
C VAL A 412 10.04 28.86 -39.74
N VAL A 413 11.24 28.84 -39.17
CA VAL A 413 12.16 29.96 -39.37
C VAL A 413 12.51 30.14 -40.84
N GLU A 414 12.80 29.03 -41.53
CA GLU A 414 13.16 29.10 -42.94
C GLU A 414 11.99 29.54 -43.80
N ASN A 415 10.78 29.07 -43.49
CA ASN A 415 9.61 29.51 -44.25
C ASN A 415 9.39 31.01 -44.09
N VAL A 416 9.52 31.52 -42.87
CA VAL A 416 9.37 32.95 -42.64
C VAL A 416 10.44 33.73 -43.40
N GLU A 417 11.68 33.25 -43.35
CA GLU A 417 12.76 33.95 -44.05
C GLU A 417 12.57 33.93 -45.56
N ARG A 418 12.09 32.80 -46.10
CA ARG A 418 11.84 32.71 -47.53
C ARG A 418 10.72 33.64 -47.96
N VAL A 419 9.66 33.74 -47.15
CA VAL A 419 8.60 34.71 -47.46
C VAL A 419 9.16 36.13 -47.43
N MET A 420 9.97 36.43 -46.41
CA MET A 420 10.57 37.75 -46.32
C MET A 420 11.42 38.07 -47.54
N ALA A 421 12.18 37.07 -48.03
CA ALA A 421 13.05 37.29 -49.18
C ALA A 421 12.24 37.47 -50.47
N GLU A 422 11.22 36.63 -50.67
CA GLU A 422 10.53 36.59 -51.95
C GLU A 422 9.38 37.59 -52.08
N GLU A 423 8.92 38.18 -50.98
CA GLU A 423 7.92 39.25 -51.08
C GLU A 423 8.32 40.54 -50.41
N GLY A 424 9.27 40.53 -49.47
CA GLY A 424 9.83 41.77 -48.97
C GLY A 424 8.86 42.63 -48.19
N LEU A 425 8.46 42.17 -47.01
CA LEU A 425 7.48 42.86 -46.19
C LEU A 425 8.06 43.14 -44.81
N PRO A 426 7.50 44.10 -44.08
CA PRO A 426 7.87 44.28 -42.69
C PRO A 426 7.57 43.02 -41.90
N PRO A 427 8.35 42.75 -40.85
CA PRO A 427 8.29 41.42 -40.22
C PRO A 427 6.93 41.01 -39.70
N LYS A 428 6.14 41.94 -39.15
CA LYS A 428 4.89 41.56 -38.49
C LYS A 428 3.89 40.97 -39.49
N GLU A 429 3.61 41.69 -40.58
CA GLU A 429 2.65 41.20 -41.56
C GLU A 429 3.18 39.96 -42.27
N ALA A 430 4.48 39.95 -42.57
CA ALA A 430 5.08 38.79 -43.24
C ALA A 430 4.92 37.53 -42.39
N THR A 431 5.23 37.61 -41.10
CA THR A 431 5.10 36.43 -40.25
C THR A 431 3.63 36.10 -39.98
N ARG A 432 2.76 37.10 -39.99
CA ARG A 432 1.33 36.84 -39.82
C ARG A 432 0.79 36.05 -40.99
N LYS A 433 1.26 36.34 -42.20
CA LYS A 433 0.80 35.62 -43.38
C LYS A 433 1.63 34.38 -43.72
N SER A 434 2.78 34.20 -43.05
CA SER A 434 3.67 33.09 -43.39
C SER A 434 3.08 31.72 -43.12
N MET A 435 2.47 31.49 -41.95
CA MET A 435 1.97 30.16 -41.66
C MET A 435 0.68 29.84 -42.41
N GLY A 436 0.27 30.69 -43.35
CA GLY A 436 -0.68 30.24 -44.36
C GLY A 436 -0.14 29.09 -45.17
N GLN A 437 1.19 28.97 -45.24
CA GLN A 437 1.80 27.81 -45.89
C GLN A 437 1.66 26.56 -45.01
N ILE A 438 2.21 26.61 -43.79
CA ILE A 438 2.15 25.47 -42.88
C ILE A 438 1.74 25.92 -41.48
N GLN A 439 0.45 25.80 -41.18
CA GLN A 439 -0.05 25.97 -39.82
C GLN A 439 -0.68 24.70 -39.28
N GLY A 440 -1.62 24.12 -40.01
CA GLY A 440 -2.17 22.83 -39.63
C GLY A 440 -1.37 21.68 -40.21
N ALA A 441 -0.59 21.97 -41.25
CA ALA A 441 0.27 20.95 -41.84
C ALA A 441 1.34 20.50 -40.84
N LEU A 442 1.95 21.46 -40.14
CA LEU A 442 2.92 21.12 -39.11
C LEU A 442 2.27 20.32 -37.99
N VAL A 443 1.04 20.68 -37.62
CA VAL A 443 0.31 19.93 -36.60
C VAL A 443 0.11 18.49 -37.05
N GLY A 444 -0.29 18.29 -38.30
CA GLY A 444 -0.48 16.94 -38.81
C GLY A 444 0.82 16.16 -38.87
N ILE A 445 1.92 16.83 -39.22
CA ILE A 445 3.23 16.20 -39.16
C ILE A 445 3.52 15.73 -37.74
N ALA A 446 3.18 16.56 -36.75
CA ALA A 446 3.37 16.18 -35.36
C ALA A 446 2.52 14.97 -34.99
N MET A 447 1.28 14.92 -35.46
CA MET A 447 0.44 13.76 -35.17
C MET A 447 1.02 12.49 -35.79
N VAL A 448 1.56 12.59 -37.00
CA VAL A 448 2.20 11.43 -37.63
C VAL A 448 3.39 10.98 -36.81
N LEU A 449 4.24 11.92 -36.42
CA LEU A 449 5.45 11.58 -35.67
C LEU A 449 5.12 11.03 -34.29
N SER A 450 4.00 11.46 -33.71
CA SER A 450 3.52 10.82 -32.49
C SER A 450 3.04 9.42 -32.77
N ALA A 451 2.29 9.24 -33.87
CA ALA A 451 1.71 7.95 -34.20
C ALA A 451 2.79 6.90 -34.46
N VAL A 452 3.96 7.31 -34.94
CA VAL A 452 5.03 6.33 -35.17
C VAL A 452 5.68 5.87 -33.87
N PHE A 453 5.36 6.51 -32.75
CA PHE A 453 6.01 6.20 -31.47
C PHE A 453 5.07 5.62 -30.42
N VAL A 454 3.79 6.03 -30.39
CA VAL A 454 2.90 5.58 -29.32
C VAL A 454 2.73 4.06 -29.30
N PRO A 455 2.47 3.37 -30.42
CA PRO A 455 2.37 1.90 -30.36
C PRO A 455 3.62 1.23 -29.83
N MET A 456 4.80 1.82 -30.04
CA MET A 456 6.03 1.28 -29.47
C MET A 456 6.02 1.28 -27.95
N ALA A 457 5.21 2.15 -27.33
CA ALA A 457 5.13 2.19 -25.87
C ALA A 457 4.52 0.92 -25.31
N PHE A 458 3.38 0.50 -25.83
CA PHE A 458 2.61 -0.62 -25.28
C PHE A 458 3.27 -1.92 -25.72
N PHE A 459 4.29 -2.33 -24.96
CA PHE A 459 5.02 -3.55 -25.24
C PHE A 459 4.76 -4.62 -24.19
N GLY A 460 4.91 -4.28 -22.91
CA GLY A 460 4.70 -5.22 -21.83
C GLY A 460 5.98 -5.90 -21.41
N GLY A 461 5.96 -6.44 -20.19
CA GLY A 461 7.13 -7.10 -19.64
C GLY A 461 8.12 -6.13 -19.03
N SER A 462 9.29 -6.67 -18.69
CA SER A 462 10.34 -5.84 -18.10
C SER A 462 10.84 -4.79 -19.09
N THR A 463 11.00 -5.18 -20.36
CA THR A 463 11.41 -4.24 -21.39
C THR A 463 10.28 -3.36 -21.88
N GLY A 464 9.03 -3.70 -21.56
CA GLY A 464 7.92 -2.82 -21.89
C GLY A 464 8.04 -1.47 -21.22
N ALA A 465 8.51 -1.46 -19.97
CA ALA A 465 8.75 -0.19 -19.28
C ALA A 465 9.85 0.61 -19.97
N ILE A 466 10.90 -0.07 -20.43
CA ILE A 466 11.97 0.61 -21.15
C ILE A 466 11.44 1.28 -22.41
N TYR A 467 10.63 0.53 -23.18
CA TYR A 467 10.02 1.10 -24.37
C TYR A 467 9.08 2.24 -24.03
N ARG A 468 8.34 2.13 -22.92
CA ARG A 468 7.45 3.22 -22.51
C ARG A 468 8.24 4.48 -22.19
N GLN A 469 9.35 4.34 -21.48
CA GLN A 469 10.19 5.51 -21.18
C GLN A 469 10.73 6.14 -22.46
N PHE A 470 11.23 5.30 -23.38
CA PHE A 470 11.74 5.83 -24.63
C PHE A 470 10.65 6.58 -25.40
N SER A 471 9.44 6.01 -25.44
CA SER A 471 8.34 6.63 -26.18
C SER A 471 7.88 7.92 -25.54
N ILE A 472 7.76 7.94 -24.20
CA ILE A 472 7.26 9.13 -23.52
C ILE A 472 8.27 10.25 -23.58
N THR A 473 9.56 9.93 -23.59
CA THR A 473 10.58 10.97 -23.72
C THR A 473 10.51 11.70 -25.05
N ILE A 474 10.17 11.00 -26.13
CA ILE A 474 10.16 11.56 -27.48
C ILE A 474 8.82 12.18 -27.83
N VAL A 475 7.72 11.47 -27.54
CA VAL A 475 6.40 11.97 -27.89
C VAL A 475 6.10 13.28 -27.17
N SER A 476 6.43 13.36 -25.89
CA SER A 476 6.21 14.60 -25.15
C SER A 476 7.03 15.74 -25.72
N ALA A 477 8.24 15.45 -26.18
CA ALA A 477 9.06 16.48 -26.83
C ALA A 477 8.39 16.99 -28.11
N MET A 478 7.85 16.08 -28.91
CA MET A 478 7.16 16.49 -30.14
C MET A 478 5.90 17.28 -29.81
N ALA A 479 5.14 16.84 -28.81
CA ALA A 479 3.91 17.53 -28.46
C ALA A 479 4.19 18.95 -28.01
N LEU A 480 5.21 19.15 -27.18
CA LEU A 480 5.53 20.49 -26.72
C LEU A 480 6.21 21.32 -27.80
N SER A 481 6.89 20.67 -28.75
CA SER A 481 7.50 21.41 -29.85
C SER A 481 6.45 22.11 -30.70
N VAL A 482 5.24 21.56 -30.77
CA VAL A 482 4.16 22.20 -31.51
C VAL A 482 3.80 23.53 -30.86
N LEU A 483 3.71 23.55 -29.52
CA LEU A 483 3.37 24.78 -28.83
C LEU A 483 4.40 25.87 -29.08
N VAL A 484 5.69 25.56 -28.90
CA VAL A 484 6.72 26.56 -29.13
C VAL A 484 6.82 26.94 -30.60
N ALA A 485 6.42 26.04 -31.51
CA ALA A 485 6.40 26.41 -32.92
C ALA A 485 5.22 27.32 -33.24
N LEU A 486 4.13 27.22 -32.48
CA LEU A 486 2.93 28.00 -32.73
C LEU A 486 2.74 29.14 -31.74
N ILE A 487 3.60 29.27 -30.74
CA ILE A 487 3.47 30.33 -29.75
C ILE A 487 4.73 31.19 -29.75
N LEU A 488 5.87 30.56 -29.47
CA LEU A 488 7.11 31.32 -29.30
C LEU A 488 7.66 31.80 -30.65
N THR A 489 7.86 30.87 -31.59
CA THR A 489 8.51 31.24 -32.85
C THR A 489 7.78 32.31 -33.65
N PRO A 490 6.45 32.30 -33.80
CA PRO A 490 5.82 33.42 -34.51
C PRO A 490 6.06 34.77 -33.85
N ALA A 491 6.01 34.81 -32.52
CA ALA A 491 6.29 36.06 -31.82
C ALA A 491 7.73 36.50 -32.01
N LEU A 492 8.67 35.56 -31.97
CA LEU A 492 10.08 35.91 -32.17
C LEU A 492 10.30 36.43 -33.59
N CYS A 493 9.67 35.80 -34.58
CA CYS A 493 9.79 36.28 -35.95
C CYS A 493 9.12 37.65 -36.12
N ALA A 494 8.09 37.93 -35.33
CA ALA A 494 7.36 39.19 -35.44
C ALA A 494 8.05 40.35 -34.73
N THR A 495 9.00 40.07 -33.85
CA THR A 495 9.61 41.14 -33.05
C THR A 495 11.11 41.27 -33.24
N MET A 496 11.85 40.15 -33.28
CA MET A 496 13.30 40.18 -33.43
C MET A 496 13.63 39.56 -34.79
N LEU A 497 13.57 40.39 -35.83
CA LEU A 497 13.86 39.93 -37.19
C LEU A 497 14.09 41.16 -38.05
N LYS A 498 15.25 41.25 -38.68
CA LYS A 498 15.57 42.41 -39.50
C LYS A 498 14.86 42.31 -40.85
N PRO A 499 14.04 43.30 -41.23
CA PRO A 499 13.32 43.29 -42.51
C PRO A 499 14.22 43.65 -43.69
N LYS A 510 31.32 39.03 -43.95
CA LYS A 510 32.46 38.13 -43.97
C LYS A 510 32.84 37.78 -45.41
N GLY A 511 34.14 37.59 -45.64
CA GLY A 511 34.61 37.31 -46.99
C GLY A 511 34.09 36.00 -47.54
N PHE A 512 34.17 34.94 -46.72
CA PHE A 512 33.78 33.61 -47.20
C PHE A 512 32.29 33.32 -47.04
N PHE A 513 31.54 34.18 -46.33
CA PHE A 513 30.09 33.98 -46.26
C PHE A 513 29.45 34.15 -47.63
N GLY A 514 29.88 35.16 -48.39
CA GLY A 514 29.39 35.31 -49.74
C GLY A 514 29.80 34.17 -50.64
N TRP A 515 31.02 33.67 -50.46
CA TRP A 515 31.47 32.49 -51.22
C TRP A 515 30.58 31.30 -50.93
N PHE A 516 30.26 31.06 -49.66
CA PHE A 516 29.40 29.94 -49.31
C PHE A 516 27.99 30.14 -49.85
N ASN A 517 27.49 31.39 -49.85
CA ASN A 517 26.18 31.65 -50.42
C ASN A 517 26.15 31.35 -51.91
N ARG A 518 27.19 31.77 -52.63
CA ARG A 518 27.26 31.49 -54.06
C ARG A 518 27.37 30.00 -54.34
N MET A 519 28.19 29.29 -53.56
CA MET A 519 28.27 27.84 -53.73
C MET A 519 26.93 27.17 -53.43
N PHE A 520 26.23 27.63 -52.41
CA PHE A 520 24.93 27.05 -52.08
C PHE A 520 23.91 27.28 -53.18
N GLU A 521 23.86 28.50 -53.73
CA GLU A 521 22.89 28.76 -54.80
C GLU A 521 23.21 27.98 -56.06
N LYS A 522 24.50 27.89 -56.42
CA LYS A 522 24.86 27.12 -57.61
C LYS A 522 24.61 25.63 -57.40
N SER A 523 24.83 25.13 -56.17
CA SER A 523 24.55 23.73 -55.89
C SER A 523 23.05 23.45 -55.93
N THR A 524 22.23 24.38 -55.45
CA THR A 524 20.79 24.22 -55.54
C THR A 524 20.34 24.21 -57.01
N HIS A 525 20.91 25.10 -57.82
CA HIS A 525 20.59 25.10 -59.25
C HIS A 525 20.99 23.79 -59.90
N HIS A 526 22.19 23.28 -59.58
CA HIS A 526 22.63 22.01 -60.12
C HIS A 526 21.73 20.87 -59.68
N TYR A 527 21.29 20.89 -58.42
CA TYR A 527 20.38 19.87 -57.92
C TYR A 527 19.07 19.89 -58.69
N THR A 528 18.50 21.09 -58.89
CA THR A 528 17.25 21.18 -59.63
C THR A 528 17.41 20.71 -61.06
N ASP A 529 18.51 21.10 -61.71
CA ASP A 529 18.75 20.66 -63.08
C ASP A 529 18.90 19.15 -63.17
N SER A 530 19.64 18.56 -62.24
CA SER A 530 19.84 17.12 -62.24
C SER A 530 18.53 16.38 -61.99
N VAL A 531 17.72 16.87 -61.05
CA VAL A 531 16.43 16.23 -60.77
C VAL A 531 15.53 16.31 -62.00
N GLY A 532 15.49 17.48 -62.64
CA GLY A 532 14.69 17.61 -63.84
C GLY A 532 15.15 16.70 -64.96
N GLY A 533 16.47 16.58 -65.14
CA GLY A 533 17.00 15.72 -66.17
C GLY A 533 16.72 14.25 -65.91
N ILE A 534 16.86 13.81 -64.65
CA ILE A 534 16.66 12.40 -64.33
C ILE A 534 15.18 12.04 -64.25
N LEU A 535 14.30 13.01 -64.03
CA LEU A 535 12.87 12.71 -63.99
C LEU A 535 12.37 12.21 -65.34
N ARG A 536 12.87 12.79 -66.43
CA ARG A 536 12.51 12.30 -67.75
C ARG A 536 13.00 10.88 -67.97
N SER A 537 14.24 10.60 -67.57
CA SER A 537 14.82 9.26 -67.71
C SER A 537 14.63 8.47 -66.43
N THR A 538 13.40 8.43 -65.87
CA THR A 538 13.14 7.76 -64.55
C THR A 538 12.80 6.28 -64.80
N GLY A 539 12.87 5.44 -63.77
CA GLY A 539 12.61 3.99 -63.86
C GLY A 539 13.90 3.22 -63.66
N ARG A 540 15.02 3.75 -64.15
CA ARG A 540 16.36 3.16 -63.92
C ARG A 540 16.76 3.40 -62.47
N TYR A 541 16.30 4.49 -61.85
CA TYR A 541 16.60 4.83 -60.44
C TYR A 541 15.61 4.10 -59.53
N LEU A 542 14.44 3.70 -60.04
CA LEU A 542 13.40 3.10 -59.21
C LEU A 542 13.76 1.67 -58.85
N VAL A 543 14.34 0.92 -59.80
CA VAL A 543 14.82 -0.42 -59.50
C VAL A 543 15.95 -0.42 -58.48
N LEU A 544 16.73 0.66 -58.40
CA LEU A 544 17.72 0.78 -57.35
C LEU A 544 17.07 0.82 -55.97
N TYR A 545 15.84 1.33 -55.88
CA TYR A 545 15.12 1.29 -54.61
C TYR A 545 14.82 -0.15 -54.20
N LEU A 546 14.39 -0.98 -55.15
CA LEU A 546 14.21 -2.40 -54.85
C LEU A 546 15.53 -3.07 -54.48
N ILE A 547 16.62 -2.70 -55.17
CA ILE A 547 17.92 -3.28 -54.86
C ILE A 547 18.33 -2.92 -53.43
N ILE A 548 18.15 -1.67 -53.03
CA ILE A 548 18.56 -1.28 -51.68
C ILE A 548 17.61 -1.85 -50.64
N VAL A 549 16.35 -2.11 -51.01
CA VAL A 549 15.46 -2.82 -50.10
C VAL A 549 15.97 -4.24 -49.86
N VAL A 550 16.38 -4.91 -50.93
CA VAL A 550 16.95 -6.26 -50.78
C VAL A 550 18.21 -6.21 -49.92
N GLY A 551 19.06 -5.22 -50.17
CA GLY A 551 20.27 -5.08 -49.36
C GLY A 551 19.95 -4.79 -47.91
N MET A 552 18.93 -3.99 -47.65
CA MET A 552 18.50 -3.72 -46.29
C MET A 552 18.04 -4.99 -45.60
N ALA A 553 17.24 -5.80 -46.29
CA ALA A 553 16.80 -7.07 -45.70
C ALA A 553 17.99 -7.98 -45.40
N TYR A 554 18.94 -8.05 -46.33
CA TYR A 554 20.09 -8.94 -46.15
C TYR A 554 20.96 -8.47 -44.98
N LEU A 555 21.20 -7.16 -44.89
CA LEU A 555 21.97 -6.62 -43.78
C LEU A 555 21.25 -6.83 -42.45
N PHE A 556 19.93 -6.63 -42.43
CA PHE A 556 19.16 -6.83 -41.21
C PHE A 556 19.22 -8.28 -40.77
N VAL A 557 19.20 -9.22 -41.72
CA VAL A 557 19.35 -10.63 -41.37
C VAL A 557 20.73 -10.90 -40.80
N ARG A 558 21.77 -10.32 -41.40
CA ARG A 558 23.17 -10.56 -40.98
C ARG A 558 23.43 -10.07 -39.56
N LEU A 559 22.68 -9.08 -39.04
CA LEU A 559 23.03 -8.46 -37.78
C LEU A 559 22.72 -9.40 -36.61
N PRO A 560 23.71 -9.69 -35.76
CA PRO A 560 23.43 -10.49 -34.56
C PRO A 560 22.58 -9.72 -33.57
N SER A 561 22.12 -10.38 -32.52
CA SER A 561 21.16 -9.79 -31.58
C SER A 561 21.76 -9.78 -30.18
N SER A 562 21.81 -8.59 -29.59
CA SER A 562 22.12 -8.41 -28.18
C SER A 562 21.02 -7.54 -27.55
N PHE A 563 21.23 -7.14 -26.30
CA PHE A 563 20.24 -6.35 -25.59
C PHE A 563 20.77 -4.95 -25.25
N LEU A 564 21.89 -4.84 -24.54
CA LEU A 564 22.45 -3.55 -24.19
C LEU A 564 23.97 -3.67 -24.17
N PRO A 565 24.69 -2.58 -24.43
CA PRO A 565 26.14 -2.63 -24.37
C PRO A 565 26.65 -2.87 -22.96
N ASP A 566 27.84 -3.45 -22.87
CA ASP A 566 28.52 -3.71 -21.61
C ASP A 566 29.78 -2.84 -21.56
N GLU A 567 29.61 -1.61 -21.08
CA GLU A 567 30.72 -0.65 -21.07
C GLU A 567 31.51 -0.77 -19.77
N ASP A 568 32.73 -0.22 -19.81
CA ASP A 568 33.62 -0.21 -18.66
C ASP A 568 33.03 0.64 -17.54
N GLN A 569 32.55 -0.01 -16.48
CA GLN A 569 32.02 0.70 -15.33
C GLN A 569 33.07 1.03 -14.29
N GLY A 570 34.32 0.60 -14.50
CA GLY A 570 35.41 0.89 -13.59
C GLY A 570 35.59 -0.11 -12.47
N VAL A 571 34.71 -1.11 -12.35
CA VAL A 571 34.79 -2.10 -11.29
C VAL A 571 34.38 -3.45 -11.85
N PHE A 572 34.99 -4.51 -11.32
CA PHE A 572 34.59 -5.87 -11.68
C PHE A 572 34.95 -6.82 -10.55
N MET A 573 34.24 -7.94 -10.51
CA MET A 573 34.39 -8.95 -9.46
C MET A 573 35.11 -10.16 -10.02
N THR A 574 36.11 -10.64 -9.28
CA THR A 574 36.80 -11.88 -9.58
C THR A 574 36.34 -12.96 -8.60
N MET A 575 35.87 -14.07 -9.12
CA MET A 575 35.37 -15.18 -8.32
C MET A 575 36.41 -16.29 -8.26
N VAL A 576 36.59 -16.86 -7.08
CA VAL A 576 37.61 -17.89 -6.84
C VAL A 576 36.97 -19.08 -6.15
N GLN A 577 37.20 -20.27 -6.67
CA GLN A 577 36.75 -21.52 -6.09
C GLN A 577 37.95 -22.46 -5.94
N LEU A 578 37.86 -23.35 -4.96
CA LEU A 578 38.90 -24.32 -4.68
C LEU A 578 38.29 -25.71 -4.62
N PRO A 579 39.09 -26.75 -4.89
CA PRO A 579 38.52 -28.11 -5.03
C PRO A 579 38.03 -28.65 -3.70
N ALA A 580 36.75 -29.03 -3.67
CA ALA A 580 36.15 -29.76 -2.55
C ALA A 580 36.42 -29.09 -1.21
N GLY A 581 36.69 -29.90 -0.19
CA GLY A 581 36.91 -29.40 1.15
C GLY A 581 38.27 -28.78 1.36
N ALA A 582 38.59 -27.77 0.55
CA ALA A 582 39.81 -27.01 0.78
C ALA A 582 39.65 -26.11 1.99
N THR A 583 40.78 -25.77 2.61
CA THR A 583 40.76 -25.00 3.83
C THR A 583 40.86 -23.51 3.53
N GLN A 584 40.91 -22.71 4.60
CA GLN A 584 40.91 -21.26 4.47
C GLN A 584 42.26 -20.72 4.01
N GLU A 585 43.35 -21.28 4.56
CA GLU A 585 44.73 -20.82 4.26
C GLU A 585 45.11 -21.15 2.83
N ARG A 586 44.41 -22.10 2.22
CA ARG A 586 44.65 -22.50 0.81
C ARG A 586 43.98 -21.46 -0.07
N THR A 587 42.77 -21.01 0.27
CA THR A 587 42.01 -20.01 -0.51
C THR A 587 42.60 -18.61 -0.32
N GLN A 588 43.17 -18.30 0.84
CA GLN A 588 43.84 -17.02 1.06
C GLN A 588 45.15 -16.93 0.29
N LYS A 589 45.86 -18.05 0.11
CA LYS A 589 47.05 -18.03 -0.73
C LYS A 589 46.70 -17.75 -2.19
N VAL A 590 45.62 -18.36 -2.69
CA VAL A 590 45.19 -18.08 -4.06
C VAL A 590 44.80 -16.62 -4.21
N LEU A 591 44.06 -16.07 -3.24
CA LEU A 591 43.68 -14.66 -3.30
C LEU A 591 44.90 -13.74 -3.18
N ASN A 592 45.90 -14.14 -2.40
CA ASN A 592 47.14 -13.37 -2.34
C ASN A 592 47.83 -13.35 -3.69
N GLU A 593 47.86 -14.49 -4.38
CA GLU A 593 48.42 -14.51 -5.72
C GLU A 593 47.65 -13.59 -6.66
N VAL A 594 46.32 -13.63 -6.58
CA VAL A 594 45.49 -12.80 -7.45
C VAL A 594 45.75 -11.32 -7.19
N THR A 595 45.78 -10.92 -5.92
CA THR A 595 45.97 -9.51 -5.61
C THR A 595 47.40 -9.06 -5.91
N HIS A 596 48.39 -9.94 -5.76
CA HIS A 596 49.75 -9.60 -6.18
C HIS A 596 49.83 -9.40 -7.68
N TYR A 597 49.15 -10.26 -8.45
CA TYR A 597 49.08 -10.07 -9.89
C TYR A 597 48.47 -8.71 -10.22
N TYR A 598 47.34 -8.38 -9.59
CA TYR A 598 46.66 -7.14 -9.91
C TYR A 598 47.48 -5.91 -9.51
N LEU A 599 48.15 -5.97 -8.37
CA LEU A 599 48.90 -4.82 -7.86
C LEU A 599 50.33 -4.76 -8.39
N THR A 600 50.76 -5.72 -9.21
CA THR A 600 52.12 -5.73 -9.84
C THR A 600 52.01 -5.78 -11.35
N LYS A 601 51.38 -6.81 -11.94
CA LYS A 601 51.32 -6.98 -13.41
C LYS A 601 50.39 -5.95 -14.04
N GLU A 602 49.12 -5.87 -13.63
CA GLU A 602 48.09 -4.96 -14.22
C GLU A 602 48.02 -3.67 -13.40
N LYS A 603 49.15 -3.00 -13.09
CA LYS A 603 49.13 -1.86 -12.17
C LYS A 603 48.84 -0.54 -12.86
N ASN A 604 48.74 -0.52 -14.18
CA ASN A 604 48.41 0.70 -14.91
C ASN A 604 46.91 0.93 -15.02
N ASN A 605 46.09 -0.01 -14.57
CA ASN A 605 44.63 0.13 -14.61
C ASN A 605 43.96 -0.19 -13.29
N VAL A 606 44.67 -0.74 -12.32
CA VAL A 606 44.08 -1.15 -11.04
C VAL A 606 44.85 -0.48 -9.92
N GLU A 607 44.11 0.16 -9.00
CA GLU A 607 44.72 0.81 -7.85
C GLU A 607 44.23 0.27 -6.51
N SER A 608 43.22 -0.60 -6.50
CA SER A 608 42.71 -1.14 -5.24
C SER A 608 42.02 -2.46 -5.52
N VAL A 609 42.40 -3.48 -4.75
CA VAL A 609 41.76 -4.80 -4.82
C VAL A 609 41.29 -5.16 -3.41
N PHE A 610 40.01 -5.47 -3.28
CA PHE A 610 39.41 -5.85 -2.00
C PHE A 610 39.13 -7.34 -2.05
N ALA A 611 40.04 -8.13 -1.49
CA ALA A 611 39.94 -9.59 -1.52
C ALA A 611 39.23 -10.08 -0.28
N VAL A 612 38.07 -10.71 -0.47
CA VAL A 612 37.28 -11.26 0.62
C VAL A 612 37.41 -12.77 0.56
N ASN A 613 38.05 -13.35 1.58
CA ASN A 613 38.24 -14.79 1.68
C ASN A 613 37.14 -15.37 2.54
N GLY A 614 36.54 -16.46 2.08
CA GLY A 614 35.46 -17.11 2.79
C GLY A 614 34.07 -16.68 2.38
N PHE A 615 33.94 -15.63 1.57
CA PHE A 615 32.66 -15.17 1.06
C PHE A 615 32.70 -15.22 -0.45
N GLY A 616 31.88 -16.08 -1.05
CA GLY A 616 31.92 -16.27 -2.48
C GLY A 616 30.69 -15.76 -3.21
N PHE A 617 30.85 -15.50 -4.51
CA PHE A 617 29.71 -15.07 -5.32
C PHE A 617 28.65 -16.16 -5.39
N ALA A 618 29.07 -17.40 -5.62
CA ALA A 618 28.11 -18.50 -5.71
C ALA A 618 27.53 -18.86 -4.36
N GLY A 619 28.38 -18.94 -3.34
CA GLY A 619 27.92 -19.31 -2.00
C GLY A 619 28.99 -19.02 -0.98
N ARG A 620 28.61 -19.22 0.28
CA ARG A 620 29.51 -18.96 1.40
C ARG A 620 30.16 -20.26 1.85
N GLY A 621 31.48 -20.25 2.00
CA GLY A 621 32.20 -21.42 2.44
C GLY A 621 33.64 -21.08 2.72
N GLN A 622 34.37 -22.06 3.20
CA GLN A 622 35.79 -21.88 3.51
C GLN A 622 36.67 -21.94 2.29
N ASN A 623 36.17 -22.43 1.15
CA ASN A 623 36.96 -22.55 -0.06
C ASN A 623 36.64 -21.50 -1.11
N THR A 624 35.55 -20.74 -0.93
CA THR A 624 35.18 -19.72 -1.89
C THR A 624 35.97 -18.44 -1.64
N GLY A 625 35.87 -17.52 -2.59
CA GLY A 625 36.51 -16.22 -2.43
C GLY A 625 36.09 -15.29 -3.54
N ILE A 626 36.26 -14.00 -3.28
CA ILE A 626 35.89 -12.97 -4.24
C ILE A 626 36.80 -11.77 -4.05
N ALA A 627 36.99 -11.02 -5.14
CA ALA A 627 37.75 -9.79 -5.13
C ALA A 627 36.98 -8.72 -5.86
N PHE A 628 36.93 -7.52 -5.30
CA PHE A 628 36.22 -6.38 -5.89
C PHE A 628 37.28 -5.43 -6.44
N VAL A 629 37.67 -5.64 -7.69
CA VAL A 629 38.73 -4.86 -8.29
C VAL A 629 38.14 -3.56 -8.85
N SER A 630 38.74 -2.43 -8.45
CA SER A 630 38.30 -1.11 -8.86
C SER A 630 39.30 -0.56 -9.87
N LEU A 631 38.87 -0.43 -11.12
CA LEU A 631 39.72 0.12 -12.15
C LEU A 631 39.84 1.63 -11.99
N LYS A 632 40.90 2.18 -12.58
CA LYS A 632 41.13 3.62 -12.55
C LYS A 632 40.10 4.32 -13.43
N ASP A 633 40.05 5.64 -13.31
CA ASP A 633 39.11 6.44 -14.10
C ASP A 633 39.43 6.31 -15.58
N TRP A 634 38.39 6.43 -16.41
CA TRP A 634 38.53 6.21 -17.85
C TRP A 634 39.54 7.17 -18.46
N ALA A 635 39.67 8.36 -17.89
CA ALA A 635 40.59 9.35 -18.44
C ALA A 635 42.04 8.90 -18.35
N ASP A 636 42.43 8.28 -17.24
CA ASP A 636 43.82 7.92 -17.01
C ASP A 636 44.22 6.62 -17.69
N ARG A 637 43.27 5.82 -18.17
CA ARG A 637 43.55 4.56 -18.87
C ARG A 637 42.77 4.55 -20.17
N PRO A 638 43.21 5.30 -21.23
CA PRO A 638 42.53 5.28 -22.52
C PRO A 638 42.96 4.09 -23.38
N GLY A 639 42.24 3.81 -24.47
CA GLY A 639 42.57 2.70 -25.40
C GLY A 639 41.69 1.50 -25.13
N GLU A 640 41.55 0.61 -26.12
CA GLU A 640 40.74 -0.63 -25.97
C GLU A 640 41.49 -1.58 -25.03
N GLU A 641 42.82 -1.48 -24.93
CA GLU A 641 43.65 -2.31 -24.02
C GLU A 641 43.13 -2.16 -22.58
N ASN A 642 42.50 -1.03 -22.25
CA ASN A 642 41.98 -0.77 -20.88
C ASN A 642 40.45 -0.77 -20.89
N LYS A 643 39.79 -1.87 -21.31
CA LYS A 643 38.36 -2.04 -21.18
C LYS A 643 38.07 -3.15 -20.17
N VAL A 644 36.81 -3.57 -20.09
CA VAL A 644 36.44 -4.73 -19.30
C VAL A 644 36.50 -6.01 -20.15
N GLU A 645 37.06 -5.93 -21.35
CA GLU A 645 37.31 -7.10 -22.18
C GLU A 645 38.79 -7.29 -22.48
N ALA A 646 39.53 -6.21 -22.74
CA ALA A 646 40.98 -6.32 -22.77
C ALA A 646 41.54 -6.64 -21.39
N ILE A 647 40.90 -6.14 -20.35
CA ILE A 647 41.07 -6.66 -19.00
C ILE A 647 39.94 -7.65 -18.77
N THR A 648 40.07 -8.47 -17.73
CA THR A 648 39.19 -9.58 -17.39
C THR A 648 39.31 -10.73 -18.37
N MET A 649 40.15 -10.62 -19.40
CA MET A 649 40.45 -11.73 -20.29
C MET A 649 41.91 -12.12 -20.24
N ARG A 650 42.82 -11.14 -20.32
CA ARG A 650 44.23 -11.43 -20.07
C ARG A 650 44.44 -11.89 -18.63
N ALA A 651 43.70 -11.29 -17.69
CA ALA A 651 43.74 -11.75 -16.30
C ALA A 651 43.19 -13.16 -16.18
N THR A 652 42.10 -13.46 -16.88
CA THR A 652 41.57 -14.82 -16.89
C THR A 652 42.57 -15.80 -17.50
N ARG A 653 43.31 -15.37 -18.53
CA ARG A 653 44.36 -16.20 -19.18
C ARG A 653 45.46 -16.46 -18.16
N ALA A 654 45.86 -15.45 -17.38
CA ALA A 654 46.91 -15.64 -16.39
C ALA A 654 46.44 -16.50 -15.21
N PHE A 655 45.15 -16.45 -14.89
CA PHE A 655 44.60 -17.25 -13.81
C PHE A 655 44.24 -18.66 -14.25
N SER A 656 44.20 -18.93 -15.55
CA SER A 656 44.02 -20.30 -16.01
C SER A 656 45.27 -21.13 -15.78
N GLN A 657 46.44 -20.49 -15.82
CA GLN A 657 47.71 -21.17 -15.58
C GLN A 657 48.05 -21.16 -14.07
N ILE A 658 47.05 -21.58 -13.29
CA ILE A 658 47.17 -21.69 -11.85
C ILE A 658 47.22 -23.17 -11.48
N LYS A 659 47.75 -23.44 -10.28
CA LYS A 659 47.93 -24.82 -9.83
C LYS A 659 46.60 -25.56 -9.73
N ASP A 660 45.72 -25.12 -8.83
CA ASP A 660 44.38 -25.70 -8.74
C ASP A 660 43.46 -24.64 -8.13
N ALA A 661 42.75 -23.91 -9.00
CA ALA A 661 41.79 -22.92 -8.55
C ALA A 661 40.87 -22.54 -9.69
N MET A 662 39.56 -22.70 -9.50
CA MET A 662 38.59 -22.29 -10.51
C MET A 662 38.40 -20.78 -10.38
N VAL A 663 39.10 -20.02 -11.21
CA VAL A 663 39.12 -18.56 -11.11
C VAL A 663 38.44 -17.99 -12.34
N PHE A 664 37.51 -17.06 -12.11
CA PHE A 664 36.79 -16.37 -13.19
C PHE A 664 36.84 -14.88 -12.91
N ALA A 665 37.64 -14.15 -13.67
CA ALA A 665 37.68 -12.69 -13.58
C ALA A 665 36.69 -12.13 -14.57
N PHE A 666 35.43 -12.03 -14.14
CA PHE A 666 34.35 -11.63 -15.02
C PHE A 666 33.97 -10.17 -14.78
N ASN A 667 32.95 -9.72 -15.51
CA ASN A 667 32.45 -8.35 -15.44
C ASN A 667 30.95 -8.37 -15.27
N LEU A 668 30.44 -7.46 -14.45
CA LEU A 668 29.01 -7.40 -14.17
C LEU A 668 28.25 -7.01 -15.43
N PRO A 669 27.05 -7.57 -15.62
CA PRO A 669 26.26 -7.22 -16.82
C PRO A 669 25.77 -5.78 -16.82
N ALA A 670 25.03 -5.40 -17.86
CA ALA A 670 24.55 -4.03 -17.97
C ALA A 670 23.61 -3.67 -16.82
N ILE A 671 22.81 -4.63 -16.36
CA ILE A 671 21.87 -4.41 -15.28
C ILE A 671 22.20 -5.38 -14.14
N VAL A 672 21.37 -5.36 -13.09
CA VAL A 672 21.65 -6.18 -11.90
C VAL A 672 21.71 -7.65 -12.27
N GLU A 673 20.74 -8.14 -13.04
CA GLU A 673 20.67 -9.57 -13.37
C GLU A 673 20.02 -9.74 -14.74
N LEU A 674 20.84 -9.89 -15.77
CA LEU A 674 20.35 -10.24 -17.10
C LEU A 674 21.09 -11.41 -17.72
N GLY A 675 22.39 -11.52 -17.50
CA GLY A 675 23.17 -12.53 -18.16
C GLY A 675 23.42 -12.18 -19.62
N THR A 676 23.93 -13.16 -20.34
CA THR A 676 24.20 -13.00 -21.76
C THR A 676 22.96 -13.33 -22.59
N ALA A 677 22.97 -12.86 -23.85
CA ALA A 677 21.87 -13.17 -24.75
C ALA A 677 21.82 -14.66 -25.08
N THR A 678 22.97 -15.33 -25.07
CA THR A 678 23.05 -16.75 -25.37
C THR A 678 23.00 -17.62 -24.12
N GLY A 679 22.82 -17.04 -22.94
CA GLY A 679 22.81 -17.79 -21.71
C GLY A 679 21.43 -18.34 -21.36
N PHE A 680 21.44 -19.48 -20.66
CA PHE A 680 20.22 -20.09 -20.15
C PHE A 680 20.51 -20.74 -18.81
N ASP A 681 19.48 -20.79 -17.97
CA ASP A 681 19.58 -21.28 -16.59
C ASP A 681 18.63 -22.46 -16.43
N PHE A 682 19.11 -23.65 -16.80
CA PHE A 682 18.34 -24.86 -16.64
C PHE A 682 18.27 -25.23 -15.16
N GLU A 683 17.21 -25.93 -14.78
CA GLU A 683 16.96 -26.25 -13.38
C GLU A 683 16.34 -27.64 -13.32
N LEU A 684 17.16 -28.65 -13.09
CA LEU A 684 16.71 -30.04 -13.08
C LEU A 684 16.05 -30.34 -11.74
N ILE A 685 14.80 -30.82 -11.77
CA ILE A 685 13.98 -31.00 -10.58
C ILE A 685 13.81 -32.48 -10.31
N ASP A 686 13.85 -32.84 -9.03
CA ASP A 686 13.58 -34.22 -8.59
C ASP A 686 12.10 -34.33 -8.27
N GLN A 687 11.31 -34.59 -9.32
CA GLN A 687 9.85 -34.61 -9.17
C GLN A 687 9.38 -35.73 -8.26
N ALA A 688 9.97 -36.92 -8.38
CA ALA A 688 9.61 -38.05 -7.53
C ALA A 688 10.45 -38.00 -6.26
N GLY A 689 10.44 -39.08 -5.48
CA GLY A 689 11.24 -39.15 -4.28
C GLY A 689 12.54 -39.89 -4.50
N LEU A 690 13.19 -39.61 -5.64
CA LEU A 690 14.37 -40.37 -6.02
C LEU A 690 15.50 -40.24 -4.99
N GLY A 691 15.82 -39.01 -4.63
CA GLY A 691 16.91 -38.73 -3.71
C GLY A 691 18.02 -37.93 -4.36
N HIS A 692 19.07 -37.70 -3.58
CA HIS A 692 20.18 -36.91 -4.07
C HIS A 692 21.05 -37.68 -5.05
N GLU A 693 21.29 -38.96 -4.79
CA GLU A 693 22.18 -39.74 -5.65
C GLU A 693 21.58 -39.94 -7.04
N LYS A 694 20.30 -40.30 -7.10
CA LYS A 694 19.65 -40.45 -8.40
C LYS A 694 19.60 -39.12 -9.15
N LEU A 695 19.34 -38.03 -8.43
CA LEU A 695 19.29 -36.72 -9.07
C LEU A 695 20.64 -36.32 -9.64
N THR A 696 21.73 -36.57 -8.90
CA THR A 696 23.04 -36.21 -9.43
C THR A 696 23.47 -37.15 -10.53
N GLN A 697 23.04 -38.41 -10.51
CA GLN A 697 23.26 -39.29 -11.64
C GLN A 697 22.56 -38.78 -12.89
N ALA A 698 21.31 -38.34 -12.74
CA ALA A 698 20.59 -37.77 -13.86
C ALA A 698 21.27 -36.50 -14.38
N ARG A 699 21.75 -35.67 -13.46
CA ARG A 699 22.46 -34.46 -13.87
C ARG A 699 23.73 -34.80 -14.64
N ASN A 700 24.48 -35.80 -14.18
CA ASN A 700 25.69 -36.20 -14.88
C ASN A 700 25.37 -36.75 -16.25
N GLN A 701 24.30 -37.55 -16.36
CA GLN A 701 23.89 -38.07 -17.66
C GLN A 701 23.50 -36.95 -18.61
N LEU A 702 22.75 -35.96 -18.12
CA LEU A 702 22.37 -34.84 -18.97
C LEU A 702 23.59 -34.01 -19.38
N LEU A 703 24.53 -33.83 -18.47
CA LEU A 703 25.75 -33.09 -18.81
C LEU A 703 26.57 -33.82 -19.86
N ALA A 704 26.68 -35.15 -19.74
CA ALA A 704 27.38 -35.93 -20.74
C ALA A 704 26.69 -35.84 -22.09
N GLU A 705 25.35 -35.89 -22.11
CA GLU A 705 24.63 -35.78 -23.36
C GLU A 705 24.77 -34.40 -23.97
N ALA A 706 24.79 -33.35 -23.13
CA ALA A 706 24.92 -31.99 -23.64
C ALA A 706 26.33 -31.70 -24.15
N ALA A 707 27.33 -32.38 -23.59
CA ALA A 707 28.69 -32.23 -24.08
C ALA A 707 28.87 -32.81 -25.48
N LYS A 708 27.90 -33.57 -25.98
CA LYS A 708 27.97 -34.19 -27.29
C LYS A 708 27.47 -33.28 -28.41
N HIS A 709 27.04 -32.06 -28.09
CA HIS A 709 26.58 -31.10 -29.10
C HIS A 709 27.28 -29.77 -28.88
N PRO A 710 28.60 -29.71 -29.12
CA PRO A 710 29.32 -28.45 -28.93
C PRO A 710 28.91 -27.36 -29.91
N ASP A 711 28.31 -27.72 -31.04
CA ASP A 711 27.94 -26.75 -32.05
C ASP A 711 26.77 -25.87 -31.62
N MET A 712 26.03 -26.29 -30.60
CA MET A 712 24.84 -25.58 -30.16
C MET A 712 24.92 -25.11 -28.72
N LEU A 713 25.45 -25.94 -27.82
CA LEU A 713 25.54 -25.65 -26.39
C LEU A 713 26.98 -25.36 -26.04
N THR A 714 27.22 -24.24 -25.36
CA THR A 714 28.56 -23.82 -24.97
C THR A 714 28.68 -23.79 -23.46
N SER A 715 29.68 -24.52 -22.94
CA SER A 715 30.06 -24.47 -21.53
C SER A 715 28.88 -24.76 -20.61
N VAL A 716 28.29 -25.93 -20.80
CA VAL A 716 27.20 -26.38 -19.95
C VAL A 716 27.80 -26.86 -18.62
N ARG A 717 27.56 -26.12 -17.55
CA ARG A 717 28.18 -26.38 -16.27
C ARG A 717 27.15 -26.44 -15.17
N PRO A 718 27.38 -27.24 -14.14
CA PRO A 718 26.51 -27.22 -12.96
C PRO A 718 26.91 -26.10 -12.00
N ASN A 719 25.90 -25.39 -11.50
CA ASN A 719 26.17 -24.24 -10.64
C ASN A 719 26.60 -24.69 -9.24
N GLY A 720 25.99 -25.75 -8.72
CA GLY A 720 26.22 -26.17 -7.36
C GLY A 720 27.54 -26.90 -7.17
N LEU A 721 27.79 -27.26 -5.92
CA LEU A 721 29.02 -27.94 -5.53
C LEU A 721 28.87 -29.45 -5.68
N GLU A 722 30.02 -30.13 -5.73
CA GLU A 722 30.06 -31.58 -5.81
C GLU A 722 30.17 -32.19 -4.43
N ASP A 723 29.83 -33.48 -4.34
CA ASP A 723 29.86 -34.18 -3.06
C ASP A 723 31.28 -34.22 -2.50
N THR A 724 31.39 -34.08 -1.19
CA THR A 724 32.65 -34.07 -0.47
C THR A 724 32.63 -35.10 0.64
N PRO A 725 33.79 -35.60 1.05
CA PRO A 725 33.82 -36.51 2.19
C PRO A 725 33.34 -35.84 3.47
N GLN A 726 32.66 -36.62 4.30
CA GLN A 726 32.13 -36.18 5.57
C GLN A 726 32.39 -37.25 6.62
N PHE A 727 32.50 -36.81 7.86
CA PHE A 727 32.85 -37.69 8.97
C PHE A 727 31.58 -38.08 9.71
N LYS A 728 31.19 -39.33 9.58
CA LYS A 728 30.00 -39.84 10.25
C LYS A 728 30.40 -40.47 11.57
N ILE A 729 29.89 -39.91 12.66
CA ILE A 729 30.10 -40.45 14.01
C ILE A 729 28.82 -41.14 14.42
N ASP A 730 28.84 -42.47 14.43
CA ASP A 730 27.66 -43.26 14.75
C ASP A 730 27.66 -43.57 16.24
N ILE A 731 26.69 -43.01 16.95
CA ILE A 731 26.54 -43.22 18.39
C ILE A 731 25.33 -44.11 18.61
N ASP A 732 25.53 -45.20 19.35
CA ASP A 732 24.45 -46.12 19.69
C ASP A 732 24.04 -45.90 21.14
N GLN A 733 22.74 -45.69 21.35
CA GLN A 733 22.25 -45.32 22.67
C GLN A 733 22.34 -46.46 23.68
N GLU A 734 22.38 -47.71 23.22
CA GLU A 734 22.40 -48.83 24.16
C GLU A 734 23.70 -48.86 24.96
N LYS A 735 24.83 -48.72 24.28
CA LYS A 735 26.11 -48.72 24.99
C LYS A 735 26.24 -47.49 25.88
N ALA A 736 25.73 -46.34 25.43
CA ALA A 736 25.79 -45.14 26.23
C ALA A 736 24.94 -45.28 27.50
N GLN A 737 23.76 -45.88 27.39
CA GLN A 737 22.95 -46.12 28.58
C GLN A 737 23.61 -47.14 29.49
N ALA A 738 24.26 -48.15 28.93
CA ALA A 738 24.98 -49.12 29.74
C ALA A 738 26.11 -48.45 30.51
N LEU A 739 26.82 -47.52 29.88
CA LEU A 739 27.92 -46.81 30.52
C LEU A 739 27.45 -45.69 31.43
N GLY A 740 26.16 -45.36 31.42
CA GLY A 740 25.64 -44.34 32.30
C GLY A 740 25.75 -42.92 31.82
N VAL A 741 26.16 -42.70 30.57
CA VAL A 741 26.25 -41.35 30.01
C VAL A 741 24.93 -41.00 29.35
N SER A 742 24.58 -39.71 29.42
CA SER A 742 23.32 -39.23 28.88
C SER A 742 23.47 -38.84 27.41
N ILE A 743 22.46 -39.20 26.61
CA ILE A 743 22.51 -38.93 25.18
C ILE A 743 22.51 -37.42 24.92
N ASN A 744 21.71 -36.68 25.67
CA ASN A 744 21.69 -35.23 25.49
C ASN A 744 23.04 -34.62 25.89
N ASP A 745 23.68 -35.15 26.93
CA ASP A 745 25.02 -34.68 27.29
C ASP A 745 26.02 -34.99 26.19
N ILE A 746 25.94 -36.19 25.60
CA ILE A 746 26.83 -36.54 24.50
C ILE A 746 26.64 -35.58 23.33
N ASN A 747 25.39 -35.32 22.97
CA ASN A 747 25.12 -34.43 21.85
C ASN A 747 25.60 -33.02 22.14
N THR A 748 25.38 -32.54 23.37
CA THR A 748 25.76 -31.16 23.67
C THR A 748 27.28 -31.00 23.75
N THR A 749 28.01 -32.01 24.22
CA THR A 749 29.46 -31.88 24.22
C THR A 749 30.02 -31.99 22.81
N LEU A 750 29.48 -32.93 22.00
CA LEU A 750 29.95 -33.06 20.63
C LEU A 750 29.62 -31.83 19.80
N GLY A 751 28.54 -31.13 20.14
CA GLY A 751 28.19 -29.92 19.44
C GLY A 751 28.98 -28.71 19.90
N ALA A 752 29.09 -28.52 21.21
CA ALA A 752 29.82 -27.36 21.73
C ALA A 752 31.30 -27.44 21.37
N ALA A 753 31.89 -28.63 21.46
CA ALA A 753 33.33 -28.76 21.23
C ALA A 753 33.70 -28.46 19.78
N TRP A 754 32.94 -29.03 18.85
CA TRP A 754 33.32 -29.01 17.42
C TRP A 754 32.62 -27.91 16.63
N GLY A 755 31.47 -27.34 17.07
CA GLY A 755 30.72 -26.40 16.27
C GLY A 755 30.47 -25.09 16.97
N GLY A 756 30.71 -25.05 18.26
CA GLY A 756 30.45 -23.83 19.03
C GLY A 756 29.04 -23.78 19.56
N SER A 757 28.88 -23.06 20.66
CA SER A 757 27.59 -23.00 21.35
C SER A 757 27.39 -21.58 21.88
N TYR A 758 26.44 -20.86 21.30
CA TYR A 758 26.04 -19.55 21.78
C TYR A 758 25.36 -19.72 23.14
N VAL A 759 26.04 -19.28 24.21
CA VAL A 759 25.53 -19.48 25.56
C VAL A 759 24.53 -18.39 25.91
N ASN A 760 25.01 -17.15 25.98
CA ASN A 760 24.18 -16.00 26.32
C ASN A 760 24.97 -14.74 25.97
N ASP A 761 24.46 -13.59 26.36
CA ASP A 761 25.04 -12.31 26.01
C ASP A 761 25.90 -11.75 27.14
N PHE A 762 26.68 -10.74 26.80
CA PHE A 762 27.44 -9.97 27.78
C PHE A 762 27.59 -8.55 27.25
N ILE A 763 28.16 -7.68 28.06
CA ILE A 763 28.24 -6.25 27.76
C ILE A 763 29.71 -5.91 27.54
N ASP A 764 30.05 -5.54 26.30
CA ASP A 764 31.39 -5.12 25.93
C ASP A 764 31.34 -3.66 25.53
N ARG A 765 31.99 -2.81 26.32
CA ARG A 765 32.05 -1.37 26.05
C ARG A 765 30.66 -0.77 25.86
N GLY A 766 29.71 -1.28 26.65
CA GLY A 766 28.35 -0.78 26.60
C GLY A 766 27.49 -1.34 25.48
N ARG A 767 27.96 -2.35 24.75
CA ARG A 767 27.21 -2.96 23.68
C ARG A 767 26.98 -4.43 23.97
N VAL A 768 25.80 -4.94 23.61
CA VAL A 768 25.45 -6.33 23.88
C VAL A 768 26.12 -7.20 22.82
N LYS A 769 27.10 -8.00 23.25
CA LYS A 769 27.76 -8.97 22.40
C LYS A 769 27.40 -10.37 22.87
N LYS A 770 27.81 -11.36 22.08
CA LYS A 770 27.51 -12.76 22.36
C LYS A 770 28.66 -13.42 23.12
N VAL A 771 28.36 -14.58 23.69
CA VAL A 771 29.36 -15.41 24.36
C VAL A 771 29.31 -16.78 23.71
N TYR A 772 30.46 -17.25 23.23
CA TYR A 772 30.55 -18.53 22.54
C TYR A 772 31.51 -19.45 23.25
N VAL A 773 31.13 -20.72 23.35
CA VAL A 773 31.95 -21.77 23.93
C VAL A 773 32.33 -22.73 22.82
N MET A 774 33.63 -22.98 22.67
CA MET A 774 34.10 -23.89 21.64
C MET A 774 35.41 -24.48 22.10
N SER A 775 35.80 -25.60 21.47
CA SER A 775 37.10 -26.17 21.77
C SER A 775 38.20 -25.30 21.18
N GLU A 776 39.39 -25.43 21.75
CA GLU A 776 40.55 -24.78 21.17
C GLU A 776 40.84 -25.41 19.81
N ALA A 777 41.47 -24.62 18.93
CA ALA A 777 41.61 -25.03 17.54
C ALA A 777 42.36 -26.34 17.41
N LYS A 778 43.42 -26.57 18.17
CA LYS A 778 44.25 -27.80 17.97
C LYS A 778 43.45 -29.07 18.27
N TYR A 779 42.43 -29.04 19.13
CA TYR A 779 41.67 -30.25 19.58
C TYR A 779 40.38 -30.46 18.79
N ARG A 780 40.15 -29.80 17.65
CA ARG A 780 38.97 -30.05 16.78
C ARG A 780 39.43 -29.92 15.32
N MET A 781 40.45 -30.70 14.91
CA MET A 781 41.05 -30.64 13.54
C MET A 781 40.91 -31.97 12.79
N LEU A 782 41.39 -33.08 13.36
CA LEU A 782 41.44 -34.41 12.68
C LEU A 782 40.49 -35.40 13.36
N PRO A 783 40.11 -36.52 12.72
CA PRO A 783 39.32 -37.56 13.40
C PRO A 783 39.89 -38.10 14.72
N ASP A 784 41.22 -38.11 14.92
CA ASP A 784 41.79 -38.69 16.13
C ASP A 784 41.53 -37.83 17.35
N ASP A 785 41.35 -36.52 17.16
CA ASP A 785 41.05 -35.63 18.26
C ASP A 785 39.73 -36.00 18.95
N ILE A 786 38.86 -36.75 18.28
CA ILE A 786 37.63 -37.20 18.92
C ILE A 786 37.92 -38.09 20.12
N GLY A 787 39.15 -38.60 20.22
CA GLY A 787 39.52 -39.38 21.38
C GLY A 787 39.91 -38.57 22.60
N ASP A 788 40.11 -37.27 22.45
CA ASP A 788 40.50 -36.42 23.57
C ASP A 788 39.32 -35.97 24.42
N TRP A 789 38.09 -36.25 23.99
CA TRP A 789 36.90 -35.72 24.62
C TRP A 789 36.23 -36.80 25.45
N TYR A 790 36.02 -36.52 26.72
CA TYR A 790 35.35 -37.43 27.64
C TYR A 790 34.05 -36.81 28.12
N VAL A 791 33.02 -37.62 28.24
CA VAL A 791 31.72 -37.19 28.76
C VAL A 791 31.51 -37.86 30.11
N ARG A 792 31.09 -37.07 31.09
CA ARG A 792 30.94 -37.58 32.44
C ARG A 792 29.65 -38.40 32.56
N ALA A 793 29.76 -39.58 33.16
CA ALA A 793 28.62 -40.46 33.32
C ALA A 793 27.83 -40.09 34.58
N ALA A 794 26.75 -40.82 34.83
CA ALA A 794 25.93 -40.57 36.00
C ALA A 794 26.59 -41.00 37.29
N ASP A 795 27.64 -41.80 37.24
CA ASP A 795 28.37 -42.24 38.41
C ASP A 795 29.64 -41.42 38.65
N GLY A 796 29.84 -40.34 37.91
CA GLY A 796 31.01 -39.51 38.09
C GLY A 796 32.26 -40.01 37.40
N GLN A 797 32.14 -40.92 36.44
CA GLN A 797 33.28 -41.47 35.72
C GLN A 797 33.27 -40.95 34.29
N MET A 798 34.41 -40.42 33.84
CA MET A 798 34.52 -39.94 32.47
C MET A 798 34.60 -41.12 31.51
N VAL A 799 33.88 -41.01 30.40
CA VAL A 799 33.81 -42.06 29.39
C VAL A 799 34.24 -41.46 28.06
N PRO A 800 35.19 -42.06 27.36
CA PRO A 800 35.61 -41.53 26.05
C PRO A 800 34.54 -41.75 24.99
N PHE A 801 34.63 -40.94 23.93
CA PHE A 801 33.71 -41.11 22.81
C PHE A 801 33.92 -42.45 22.11
N SER A 802 35.16 -42.95 22.09
CA SER A 802 35.45 -44.21 21.43
C SER A 802 34.79 -45.39 22.13
N ALA A 803 34.32 -45.23 23.37
CA ALA A 803 33.71 -46.34 24.08
C ALA A 803 32.33 -46.67 23.53
N PHE A 804 31.55 -45.64 23.18
CA PHE A 804 30.17 -45.82 22.79
C PHE A 804 29.86 -45.28 21.40
N SER A 805 30.88 -45.13 20.54
CA SER A 805 30.64 -44.55 19.23
C SER A 805 31.68 -45.06 18.24
N SER A 806 31.22 -45.35 17.02
CA SER A 806 32.09 -45.67 15.92
C SER A 806 32.19 -44.48 14.98
N SER A 807 33.14 -44.54 14.05
CA SER A 807 33.34 -43.44 13.12
C SER A 807 33.69 -43.99 11.76
N ARG A 808 33.30 -43.25 10.73
CA ARG A 808 33.62 -43.63 9.35
C ARG A 808 33.57 -42.40 8.47
N TRP A 809 33.97 -42.58 7.22
CA TRP A 809 33.95 -41.52 6.22
C TRP A 809 32.93 -41.87 5.15
N GLU A 810 32.01 -40.95 4.89
CA GLU A 810 31.02 -41.10 3.83
C GLU A 810 31.11 -39.89 2.90
N TYR A 811 30.15 -39.77 1.99
CA TYR A 811 30.09 -38.67 1.05
C TYR A 811 28.78 -37.93 1.20
N GLY A 812 28.84 -36.61 1.15
CA GLY A 812 27.65 -35.80 1.29
C GLY A 812 27.78 -34.49 0.55
N SER A 813 26.64 -33.89 0.28
CA SER A 813 26.67 -32.64 -0.47
C SER A 813 26.89 -31.47 0.47
N PRO A 814 27.90 -30.62 0.21
CA PRO A 814 28.11 -29.44 1.04
C PRO A 814 27.13 -28.31 0.77
N ARG A 815 26.27 -28.44 -0.24
CA ARG A 815 25.33 -27.38 -0.58
C ARG A 815 24.14 -28.04 -1.27
N LEU A 816 22.98 -28.00 -0.62
CA LEU A 816 21.76 -28.60 -1.16
C LEU A 816 20.82 -27.49 -1.60
N GLU A 817 20.43 -27.52 -2.86
CA GLU A 817 19.55 -26.51 -3.42
C GLU A 817 18.22 -27.12 -3.82
N ARG A 818 17.16 -26.36 -3.61
CA ARG A 818 15.80 -26.75 -3.96
C ARG A 818 15.16 -25.65 -4.79
N TYR A 819 14.30 -26.06 -5.71
CA TYR A 819 13.58 -25.13 -6.58
C TYR A 819 12.10 -25.41 -6.49
N ASN A 820 11.33 -24.42 -6.06
CA ASN A 820 9.89 -24.54 -5.88
C ASN A 820 9.54 -25.72 -4.96
N GLY A 821 10.32 -25.86 -3.89
CA GLY A 821 10.03 -26.86 -2.88
C GLY A 821 10.48 -28.26 -3.19
N LEU A 822 11.22 -28.47 -4.27
CA LEU A 822 11.69 -29.80 -4.63
C LEU A 822 13.20 -29.79 -4.83
N PRO A 823 13.89 -30.87 -4.48
CA PRO A 823 15.34 -30.91 -4.68
C PRO A 823 15.68 -30.73 -6.15
N SER A 824 16.75 -29.96 -6.40
CA SER A 824 17.05 -29.56 -7.76
C SER A 824 18.54 -29.35 -7.95
N MET A 825 18.94 -29.24 -9.21
CA MET A 825 20.30 -28.98 -9.62
C MET A 825 20.27 -27.85 -10.65
N GLU A 826 21.00 -26.78 -10.38
CA GLU A 826 21.04 -25.63 -11.27
C GLU A 826 22.16 -25.81 -12.29
N ILE A 827 21.83 -25.67 -13.58
CA ILE A 827 22.77 -25.91 -14.66
C ILE A 827 22.82 -24.65 -15.52
N LEU A 828 23.98 -24.01 -15.57
CA LEU A 828 24.16 -22.84 -16.40
C LEU A 828 24.69 -23.25 -17.76
N GLY A 829 24.23 -22.57 -18.81
CA GLY A 829 24.69 -22.89 -20.14
C GLY A 829 24.72 -21.67 -21.04
N GLN A 830 25.51 -21.76 -22.10
CA GLN A 830 25.61 -20.72 -23.12
C GLN A 830 25.24 -21.32 -24.47
N ALA A 831 24.47 -20.58 -25.26
CA ALA A 831 24.08 -21.07 -26.57
C ALA A 831 25.26 -21.01 -27.54
N ALA A 832 24.99 -21.38 -28.79
CA ALA A 832 26.03 -21.38 -29.80
C ALA A 832 26.51 -19.96 -30.06
N PRO A 833 27.79 -19.79 -30.44
CA PRO A 833 28.29 -18.43 -30.72
C PRO A 833 27.54 -17.74 -31.84
N GLY A 834 27.11 -18.49 -32.86
CA GLY A 834 26.39 -17.93 -33.99
C GLY A 834 24.90 -18.12 -33.95
N LYS A 835 24.36 -18.80 -32.94
CA LYS A 835 22.95 -19.10 -32.84
C LYS A 835 22.38 -18.51 -31.55
N SER A 836 21.07 -18.26 -31.57
CA SER A 836 20.42 -17.63 -30.43
C SER A 836 20.17 -18.65 -29.33
N THR A 837 19.51 -18.21 -28.26
CA THR A 837 19.33 -19.07 -27.09
C THR A 837 18.04 -19.88 -27.13
N GLY A 838 17.07 -19.50 -27.97
CA GLY A 838 15.81 -20.24 -28.00
C GLY A 838 15.98 -21.65 -28.53
N GLU A 839 16.75 -21.81 -29.60
CA GLU A 839 16.99 -23.14 -30.14
C GLU A 839 17.85 -23.97 -29.19
N ALA A 840 18.79 -23.34 -28.47
CA ALA A 840 19.53 -24.07 -27.45
C ALA A 840 18.60 -24.55 -26.34
N MET A 841 17.66 -23.71 -25.93
CA MET A 841 16.70 -24.09 -24.89
C MET A 841 15.84 -25.25 -25.36
N GLU A 842 15.34 -25.19 -26.60
CA GLU A 842 14.49 -26.27 -27.08
C GLU A 842 15.28 -27.54 -27.37
N LEU A 843 16.59 -27.43 -27.60
CA LEU A 843 17.43 -28.62 -27.62
C LEU A 843 17.58 -29.22 -26.23
N MET A 844 17.78 -28.36 -25.23
CA MET A 844 17.86 -28.83 -23.85
C MET A 844 16.55 -29.50 -23.42
N GLU A 845 15.43 -29.04 -23.96
CA GLU A 845 14.15 -29.67 -23.67
C GLU A 845 14.16 -31.16 -24.04
N GLN A 846 14.55 -31.47 -25.28
CA GLN A 846 14.56 -32.86 -25.71
C GLN A 846 15.72 -33.63 -25.10
N LEU A 847 16.81 -32.93 -24.72
CA LEU A 847 17.87 -33.59 -23.97
C LEU A 847 17.36 -34.06 -22.61
N ALA A 848 16.56 -33.24 -21.94
CA ALA A 848 16.02 -33.59 -20.64
C ALA A 848 14.81 -34.51 -20.74
N SER A 849 14.19 -34.62 -21.92
CA SER A 849 13.08 -35.54 -22.09
C SER A 849 13.53 -36.99 -21.87
N LYS A 850 14.69 -37.35 -22.42
CA LYS A 850 15.24 -38.69 -22.29
C LYS A 850 16.11 -38.77 -21.03
N LEU A 851 15.43 -38.76 -19.89
CA LEU A 851 16.04 -38.78 -18.58
C LEU A 851 15.36 -39.82 -17.72
N PRO A 852 15.99 -40.25 -16.62
CA PRO A 852 15.35 -41.23 -15.75
C PRO A 852 14.01 -40.74 -15.22
N THR A 853 13.10 -41.68 -15.01
CA THR A 853 11.76 -41.33 -14.58
C THR A 853 11.79 -40.64 -13.21
N GLY A 854 10.89 -39.69 -13.01
CA GLY A 854 10.86 -38.90 -11.80
C GLY A 854 11.72 -37.65 -11.84
N VAL A 855 12.47 -37.44 -12.91
CA VAL A 855 13.32 -36.27 -13.05
C VAL A 855 12.66 -35.34 -14.06
N GLY A 856 12.22 -34.17 -13.59
CA GLY A 856 11.68 -33.14 -14.45
C GLY A 856 12.64 -31.98 -14.60
N TYR A 857 12.12 -30.89 -15.16
CA TYR A 857 12.95 -29.72 -15.38
C TYR A 857 12.08 -28.47 -15.36
N ASP A 858 12.74 -27.32 -15.23
CA ASP A 858 12.09 -26.04 -15.30
C ASP A 858 13.14 -24.98 -15.62
N TRP A 859 12.68 -23.83 -16.09
CA TRP A 859 13.55 -22.73 -16.47
C TRP A 859 13.41 -21.60 -15.46
N THR A 860 14.52 -21.13 -14.93
CA THR A 860 14.54 -20.07 -13.93
C THR A 860 15.40 -18.91 -14.43
N GLY A 861 15.40 -17.84 -13.64
CA GLY A 861 16.16 -16.66 -14.01
C GLY A 861 15.67 -16.08 -15.33
N MET A 862 16.61 -15.65 -16.16
CA MET A 862 16.26 -15.06 -17.45
C MET A 862 15.52 -16.06 -18.33
N SER A 863 15.86 -17.35 -18.24
CA SER A 863 15.15 -18.36 -19.02
C SER A 863 13.67 -18.39 -18.68
N TYR A 864 13.30 -17.89 -17.50
CA TYR A 864 11.89 -17.79 -17.16
C TYR A 864 11.20 -16.71 -17.99
N GLN A 865 11.82 -15.53 -18.10
CA GLN A 865 11.16 -14.43 -18.81
C GLN A 865 11.19 -14.63 -20.32
N GLU A 866 12.26 -15.24 -20.83
CA GLU A 866 12.37 -15.54 -22.26
C GLU A 866 11.80 -16.94 -22.53
N ARG A 867 10.51 -17.06 -22.25
CA ARG A 867 9.77 -18.31 -22.45
C ARG A 867 8.44 -18.02 -23.14
N LEU A 868 8.50 -17.19 -24.18
CA LEU A 868 7.32 -16.77 -24.94
C LEU A 868 6.26 -16.17 -24.01
N SER A 869 6.66 -15.09 -23.33
CA SER A 869 5.83 -14.40 -22.35
C SER A 869 5.70 -12.93 -22.72
N GLY A 870 5.45 -12.65 -23.99
CA GLY A 870 5.36 -11.29 -24.47
C GLY A 870 6.68 -10.61 -24.71
N ASN A 871 7.78 -11.35 -24.76
CA ASN A 871 9.11 -10.79 -24.97
C ASN A 871 9.54 -10.80 -26.44
N GLN A 872 8.66 -11.22 -27.35
CA GLN A 872 8.99 -11.22 -28.77
C GLN A 872 7.70 -10.99 -29.55
N ALA A 873 7.55 -9.80 -30.11
CA ALA A 873 6.34 -9.43 -30.86
C ALA A 873 6.68 -8.34 -31.85
N PRO A 874 7.02 -8.71 -33.09
CA PRO A 874 7.28 -7.70 -34.12
C PRO A 874 6.02 -7.00 -34.64
N SER A 875 4.84 -7.34 -34.10
CA SER A 875 3.60 -6.73 -34.59
C SER A 875 3.56 -5.23 -34.31
N LEU A 876 4.35 -4.75 -33.36
CA LEU A 876 4.32 -3.32 -33.05
C LEU A 876 4.79 -2.48 -34.24
N TYR A 877 5.80 -2.96 -34.97
CA TYR A 877 6.25 -2.26 -36.16
C TYR A 877 5.14 -2.19 -37.21
N ALA A 878 4.43 -3.30 -37.42
CA ALA A 878 3.33 -3.30 -38.38
C ALA A 878 2.23 -2.35 -37.96
N ILE A 879 1.88 -2.33 -36.68
CA ILE A 879 0.86 -1.42 -36.19
C ILE A 879 1.29 0.02 -36.40
N SER A 880 2.56 0.33 -36.12
CA SER A 880 3.07 1.68 -36.31
C SER A 880 3.00 2.09 -37.77
N LEU A 881 3.37 1.17 -38.68
CA LEU A 881 3.27 1.48 -40.11
C LEU A 881 1.83 1.74 -40.52
N ILE A 882 0.90 0.93 -40.04
CA ILE A 882 -0.51 1.13 -40.39
C ILE A 882 -1.00 2.47 -39.91
N VAL A 883 -0.68 2.84 -38.66
CA VAL A 883 -1.16 4.10 -38.12
C VAL A 883 -0.52 5.28 -38.84
N VAL A 884 0.76 5.15 -39.20
CA VAL A 884 1.43 6.21 -39.96
C VAL A 884 0.78 6.38 -41.32
N PHE A 885 0.47 5.27 -41.99
CA PHE A 885 -0.21 5.35 -43.29
C PHE A 885 -1.57 6.03 -43.15
N LEU A 886 -2.32 5.67 -42.10
CA LEU A 886 -3.63 6.29 -41.89
C LEU A 886 -3.50 7.79 -41.61
N CYS A 887 -2.53 8.19 -40.80
CA CYS A 887 -2.33 9.60 -40.51
C CYS A 887 -1.92 10.37 -41.76
N LEU A 888 -1.07 9.78 -42.59
CA LEU A 888 -0.68 10.44 -43.84
C LEU A 888 -1.86 10.57 -44.79
N ALA A 889 -2.71 9.54 -44.86
CA ALA A 889 -3.93 9.63 -45.67
C ALA A 889 -4.84 10.71 -45.15
N ALA A 890 -4.92 10.86 -43.83
CA ALA A 890 -5.66 11.97 -43.23
C ALA A 890 -5.10 13.31 -43.66
N LEU A 891 -3.77 13.45 -43.60
CA LEU A 891 -3.14 14.72 -43.92
C LEU A 891 -3.31 15.09 -45.38
N TYR A 892 -3.24 14.10 -46.27
CA TYR A 892 -3.20 14.36 -47.70
C TYR A 892 -4.52 14.08 -48.42
N GLU A 893 -5.53 13.58 -47.70
CA GLU A 893 -6.86 13.34 -48.28
C GLU A 893 -6.78 12.41 -49.49
N SER A 894 -5.91 11.41 -49.41
CA SER A 894 -5.73 10.48 -50.52
C SER A 894 -5.21 9.16 -49.99
N TRP A 895 -5.68 8.06 -50.58
CA TRP A 895 -5.21 6.73 -50.20
C TRP A 895 -3.94 6.33 -50.92
N SER A 896 -3.49 7.12 -51.90
CA SER A 896 -2.31 6.79 -52.71
C SER A 896 -1.09 7.62 -52.36
N ILE A 897 -1.28 8.91 -52.04
CA ILE A 897 -0.14 9.76 -51.72
C ILE A 897 0.73 9.20 -50.60
N PRO A 898 0.19 8.65 -49.52
CA PRO A 898 1.08 8.14 -48.45
C PRO A 898 2.03 7.04 -48.90
N PHE A 899 1.75 6.36 -50.03
CA PHE A 899 2.69 5.36 -50.52
C PHE A 899 4.02 5.99 -50.92
N SER A 900 3.97 7.17 -51.54
CA SER A 900 5.19 7.87 -51.93
C SER A 900 6.06 8.21 -50.74
N VAL A 901 5.50 8.28 -49.54
CA VAL A 901 6.28 8.52 -48.34
C VAL A 901 6.70 7.21 -47.68
N MET A 902 5.80 6.22 -47.64
CA MET A 902 6.14 4.92 -47.06
C MET A 902 7.25 4.23 -47.82
N LEU A 903 7.41 4.51 -49.12
CA LEU A 903 8.56 3.97 -49.84
C LEU A 903 9.88 4.62 -49.44
N VAL A 904 9.85 5.71 -48.67
CA VAL A 904 11.07 6.38 -48.25
C VAL A 904 11.69 5.73 -47.02
N VAL A 905 10.91 4.95 -46.27
CA VAL A 905 11.40 4.40 -45.00
C VAL A 905 12.68 3.59 -45.15
N PRO A 906 12.79 2.64 -46.09
CA PRO A 906 14.03 1.85 -46.18
C PRO A 906 15.27 2.67 -46.52
N LEU A 907 15.11 3.87 -47.08
CA LEU A 907 16.25 4.68 -47.46
C LEU A 907 17.10 5.11 -46.27
N GLY A 908 16.54 5.10 -45.06
CA GLY A 908 17.31 5.39 -43.87
C GLY A 908 17.73 4.12 -43.16
N VAL A 909 16.89 3.08 -43.27
CA VAL A 909 17.19 1.79 -42.67
C VAL A 909 18.44 1.19 -43.29
N ILE A 910 18.64 1.40 -44.60
CA ILE A 910 19.84 0.87 -45.25
C ILE A 910 21.10 1.46 -44.62
N GLY A 911 21.11 2.77 -44.41
CA GLY A 911 22.27 3.41 -43.81
C GLY A 911 22.44 3.02 -42.35
N ALA A 912 21.34 2.91 -41.61
CA ALA A 912 21.44 2.50 -40.22
C ALA A 912 22.05 1.11 -40.11
N LEU A 913 21.57 0.17 -40.92
CA LEU A 913 22.11 -1.18 -40.89
C LEU A 913 23.54 -1.23 -41.40
N LEU A 914 23.87 -0.42 -42.41
CA LEU A 914 25.23 -0.39 -42.91
C LEU A 914 26.20 0.10 -41.84
N ALA A 915 25.82 1.16 -41.12
CA ALA A 915 26.67 1.64 -40.04
C ALA A 915 26.75 0.63 -38.90
N ALA A 916 25.64 -0.03 -38.58
CA ALA A 916 25.63 -1.01 -37.50
C ALA A 916 26.53 -2.20 -37.83
N THR A 917 26.45 -2.72 -39.06
CA THR A 917 27.24 -3.87 -39.45
C THR A 917 28.67 -3.52 -39.84
N PHE A 918 28.95 -2.23 -40.09
CA PHE A 918 30.34 -1.82 -40.32
C PHE A 918 31.16 -1.93 -39.04
N ARG A 919 30.53 -1.75 -37.89
CA ARG A 919 31.16 -1.88 -36.59
C ARG A 919 30.65 -3.13 -35.89
N GLY A 920 31.24 -3.44 -34.73
CA GLY A 920 30.92 -4.67 -34.04
C GLY A 920 29.58 -4.70 -33.35
N LEU A 921 29.00 -3.52 -33.09
CA LEU A 921 27.76 -3.45 -32.32
C LEU A 921 26.61 -4.11 -33.06
N THR A 922 25.73 -4.75 -32.30
CA THR A 922 24.65 -5.56 -32.84
C THR A 922 23.36 -4.76 -32.91
N ASN A 923 22.25 -5.44 -33.20
CA ASN A 923 20.93 -4.84 -33.18
C ASN A 923 20.39 -4.91 -31.75
N ASP A 924 20.40 -3.79 -31.06
CA ASP A 924 19.90 -3.68 -29.69
C ASP A 924 18.79 -2.63 -29.63
N VAL A 925 18.28 -2.42 -28.41
CA VAL A 925 17.19 -1.46 -28.22
C VAL A 925 17.64 -0.06 -28.63
N TYR A 926 18.90 0.27 -28.37
CA TYR A 926 19.44 1.56 -28.80
C TYR A 926 19.38 1.69 -30.32
N PHE A 927 19.76 0.63 -31.03
CA PHE A 927 19.69 0.67 -32.48
C PHE A 927 18.24 0.77 -32.95
N GLN A 928 17.31 0.09 -32.27
CA GLN A 928 15.91 0.17 -32.67
C GLN A 928 15.36 1.58 -32.51
N VAL A 929 15.66 2.23 -31.38
CA VAL A 929 15.13 3.58 -31.17
C VAL A 929 15.80 4.57 -32.12
N GLY A 930 17.09 4.40 -32.39
CA GLY A 930 17.74 5.22 -33.39
C GLY A 930 17.14 5.05 -34.77
N LEU A 931 16.83 3.80 -35.13
CA LEU A 931 16.17 3.52 -36.40
C LEU A 931 14.81 4.19 -36.47
N LEU A 932 14.04 4.11 -35.38
CA LEU A 932 12.73 4.77 -35.35
C LEU A 932 12.87 6.26 -35.53
N THR A 933 13.84 6.88 -34.85
CA THR A 933 14.05 8.31 -35.00
C THR A 933 14.45 8.67 -36.44
N THR A 934 15.35 7.88 -37.04
CA THR A 934 15.81 8.17 -38.38
C THR A 934 14.67 8.05 -39.40
N ILE A 935 13.89 6.97 -39.31
CA ILE A 935 12.77 6.80 -40.23
C ILE A 935 11.71 7.87 -39.99
N GLY A 936 11.51 8.29 -38.73
CA GLY A 936 10.58 9.36 -38.47
C GLY A 936 11.00 10.66 -39.12
N LEU A 937 12.28 11.02 -39.02
CA LEU A 937 12.73 12.27 -39.61
C LEU A 937 12.73 12.20 -41.14
N SER A 938 13.05 11.03 -41.70
CA SER A 938 12.97 10.86 -43.14
C SER A 938 11.53 11.00 -43.63
N ALA A 939 10.59 10.34 -42.95
CA ALA A 939 9.19 10.53 -43.29
C ALA A 939 8.78 11.98 -43.11
N LYS A 940 9.35 12.67 -42.12
CA LYS A 940 9.00 14.06 -41.86
C LYS A 940 9.38 14.96 -43.03
N ASN A 941 10.64 14.90 -43.48
CA ASN A 941 11.00 15.80 -44.57
C ASN A 941 10.36 15.36 -45.88
N ALA A 942 10.12 14.05 -46.04
CA ALA A 942 9.40 13.57 -47.21
C ALA A 942 7.99 14.15 -47.27
N ILE A 943 7.27 14.11 -46.14
CA ILE A 943 5.90 14.61 -46.15
C ILE A 943 5.89 16.13 -46.25
N LEU A 944 6.93 16.81 -45.76
CA LEU A 944 7.03 18.25 -45.98
C LEU A 944 7.13 18.56 -47.47
N ILE A 945 8.00 17.82 -48.18
CA ILE A 945 8.12 18.02 -49.63
C ILE A 945 6.81 17.72 -50.33
N VAL A 946 6.15 16.62 -49.95
CA VAL A 946 4.92 16.24 -50.61
C VAL A 946 3.81 17.25 -50.34
N GLU A 947 3.74 17.79 -49.12
CA GLU A 947 2.74 18.80 -48.80
C GLU A 947 2.97 20.06 -49.61
N PHE A 948 4.22 20.49 -49.75
CA PHE A 948 4.50 21.65 -50.60
C PHE A 948 4.12 21.37 -52.05
N ALA A 949 4.40 20.16 -52.53
CA ALA A 949 4.03 19.81 -53.90
C ALA A 949 2.52 19.86 -54.10
N LYS A 950 1.75 19.33 -53.15
CA LYS A 950 0.29 19.41 -53.24
C LYS A 950 -0.21 20.84 -53.17
N ASP A 951 0.37 21.66 -52.29
CA ASP A 951 -0.03 23.06 -52.20
C ASP A 951 0.21 23.77 -53.52
N LEU A 952 1.30 23.43 -54.20
CA LEU A 952 1.57 24.06 -55.50
C LEU A 952 0.65 23.53 -56.59
N MET A 953 0.41 22.22 -56.61
CA MET A 953 -0.37 21.63 -57.69
C MET A 953 -1.84 22.01 -57.61
N ASP A 954 -2.43 21.90 -56.43
CA ASP A 954 -3.88 22.07 -56.29
C ASP A 954 -4.26 23.53 -56.02
N LYS A 955 -3.71 24.11 -54.98
CA LYS A 955 -4.09 25.46 -54.56
C LYS A 955 -3.38 26.55 -55.34
N GLU A 956 -2.46 26.21 -56.24
CA GLU A 956 -1.80 27.19 -57.09
C GLU A 956 -1.95 26.91 -58.58
N GLY A 957 -2.47 25.75 -58.96
CA GLY A 957 -2.72 25.44 -60.36
C GLY A 957 -1.48 25.37 -61.23
N LYS A 958 -0.44 24.68 -60.75
CA LYS A 958 0.82 24.54 -61.47
C LYS A 958 0.97 23.12 -61.98
N GLY A 959 1.85 22.96 -62.96
CA GLY A 959 2.11 21.65 -63.52
C GLY A 959 2.79 20.74 -62.51
N LEU A 960 2.57 19.43 -62.68
CA LEU A 960 3.04 18.46 -61.69
C LEU A 960 4.56 18.48 -61.59
N ILE A 961 5.26 18.36 -62.71
CA ILE A 961 6.71 18.32 -62.68
C ILE A 961 7.28 19.65 -62.21
N GLU A 962 6.73 20.76 -62.71
CA GLU A 962 7.21 22.08 -62.30
C GLU A 962 6.95 22.31 -60.81
N ALA A 963 5.78 21.92 -60.32
CA ALA A 963 5.48 22.08 -58.91
C ALA A 963 6.41 21.23 -58.05
N THR A 964 6.70 20.00 -58.49
CA THR A 964 7.62 19.15 -57.73
C THR A 964 9.01 19.76 -57.69
N LEU A 965 9.49 20.28 -58.83
CA LEU A 965 10.81 20.90 -58.86
C LEU A 965 10.86 22.13 -57.96
N ASP A 966 9.83 22.96 -58.01
CA ASP A 966 9.81 24.15 -57.15
C ASP A 966 9.75 23.75 -55.68
N ALA A 967 8.98 22.72 -55.35
CA ALA A 967 8.87 22.26 -53.97
C ALA A 967 10.22 21.75 -53.46
N VAL A 968 10.92 20.96 -54.26
CA VAL A 968 12.20 20.44 -53.79
C VAL A 968 13.23 21.56 -53.73
N ARG A 969 13.16 22.54 -54.62
CA ARG A 969 14.05 23.69 -54.51
C ARG A 969 13.78 24.46 -53.21
N MET A 970 12.51 24.63 -52.86
CA MET A 970 12.16 25.27 -51.60
C MET A 970 12.67 24.47 -50.40
N ARG A 971 12.53 23.15 -50.45
CA ARG A 971 12.80 22.29 -49.30
C ARG A 971 14.27 21.89 -49.18
N LEU A 972 15.10 22.16 -50.18
CA LEU A 972 16.51 21.78 -50.09
C LEU A 972 17.19 22.42 -48.88
N ARG A 973 17.00 23.73 -48.68
CA ARG A 973 17.75 24.41 -47.63
C ARG A 973 17.45 23.87 -46.23
N PRO A 974 16.20 23.79 -45.77
CA PRO A 974 15.98 23.28 -44.40
C PRO A 974 16.40 21.83 -44.22
N ILE A 975 16.29 21.01 -45.26
CA ILE A 975 16.69 19.61 -45.16
C ILE A 975 18.18 19.51 -44.87
N LEU A 976 18.99 20.25 -45.64
CA LEU A 976 20.43 20.27 -45.38
C LEU A 976 20.73 20.91 -44.04
N MET A 977 19.97 21.93 -43.64
CA MET A 977 20.13 22.52 -42.32
C MET A 977 20.05 21.46 -41.24
N THR A 978 18.90 20.78 -41.16
CA THR A 978 18.69 19.82 -40.08
C THR A 978 19.62 18.62 -40.21
N SER A 979 19.91 18.19 -41.45
CA SER A 979 20.83 17.08 -41.63
C SER A 979 22.21 17.40 -41.09
N LEU A 980 22.77 18.53 -41.51
CA LEU A 980 24.11 18.92 -41.05
C LEU A 980 24.12 19.09 -39.54
N ALA A 981 23.11 19.77 -38.99
CA ALA A 981 23.06 20.00 -37.55
C ALA A 981 23.04 18.67 -36.80
N PHE A 982 22.17 17.75 -37.21
CA PHE A 982 22.03 16.48 -36.49
C PHE A 982 23.31 15.65 -36.61
N ILE A 983 23.86 15.53 -37.82
CA ILE A 983 25.06 14.71 -37.99
C ILE A 983 26.22 15.27 -37.18
N LEU A 984 26.46 16.57 -37.27
CA LEU A 984 27.59 17.13 -36.54
C LEU A 984 27.36 17.14 -35.03
N GLY A 985 26.11 17.21 -34.57
CA GLY A 985 25.85 17.15 -33.15
C GLY A 985 25.96 15.76 -32.57
N VAL A 986 25.66 14.73 -33.37
CA VAL A 986 25.80 13.34 -32.91
C VAL A 986 27.20 12.79 -33.19
N MET A 987 28.01 13.50 -33.96
CA MET A 987 29.39 13.06 -34.22
C MET A 987 30.19 12.76 -32.95
N PRO A 988 30.19 13.59 -31.90
CA PRO A 988 30.97 13.23 -30.71
C PRO A 988 30.50 11.94 -30.04
N LEU A 989 29.23 11.55 -30.23
CA LEU A 989 28.78 10.26 -29.71
C LEU A 989 29.50 9.12 -30.40
N VAL A 990 29.78 9.26 -31.70
CA VAL A 990 30.42 8.18 -32.46
C VAL A 990 31.81 7.92 -31.90
N ILE A 991 32.58 8.97 -31.65
CA ILE A 991 33.96 8.85 -31.17
C ILE A 991 33.94 9.02 -29.65
N SER A 992 34.09 7.92 -28.93
CA SER A 992 34.14 7.94 -27.47
C SER A 992 35.14 6.91 -26.99
N THR A 993 35.78 7.20 -25.86
CA THR A 993 36.79 6.32 -25.29
C THR A 993 36.39 5.71 -23.96
N GLY A 994 35.43 6.30 -23.25
CA GLY A 994 35.03 5.75 -21.96
C GLY A 994 33.89 6.53 -21.38
N ALA A 995 33.57 6.21 -20.12
CA ALA A 995 32.48 6.85 -19.37
C ALA A 995 31.15 6.70 -20.11
N GLY A 996 30.73 5.44 -20.22
CA GLY A 996 29.54 5.13 -20.97
C GLY A 996 29.74 5.13 -22.47
N SER A 997 30.96 4.84 -22.93
CA SER A 997 31.26 4.92 -24.36
C SER A 997 30.44 3.93 -25.18
N GLY A 998 30.12 2.77 -24.60
CA GLY A 998 29.40 1.75 -25.36
C GLY A 998 28.04 2.23 -25.83
N ALA A 999 27.25 2.79 -24.92
CA ALA A 999 25.91 3.27 -25.28
C ALA A 999 25.97 4.47 -26.21
N GLN A 1000 26.91 5.38 -25.95
CA GLN A 1000 27.07 6.54 -26.81
C GLN A 1000 27.42 6.13 -28.23
N ASN A 1001 28.36 5.19 -28.39
CA ASN A 1001 28.68 4.70 -29.72
C ASN A 1001 27.49 3.98 -30.35
N ALA A 1002 26.80 3.15 -29.56
CA ALA A 1002 25.69 2.37 -30.09
C ALA A 1002 24.59 3.26 -30.64
N VAL A 1003 24.31 4.38 -29.99
CA VAL A 1003 23.30 5.29 -30.52
C VAL A 1003 23.87 6.16 -31.64
N GLY A 1004 25.07 6.71 -31.47
CA GLY A 1004 25.59 7.66 -32.45
C GLY A 1004 25.87 7.04 -33.79
N THR A 1005 26.58 5.91 -33.80
CA THR A 1005 26.87 5.25 -35.07
C THR A 1005 25.60 4.75 -35.74
N GLY A 1006 24.64 4.25 -34.94
CA GLY A 1006 23.41 3.76 -35.48
C GLY A 1006 22.51 4.83 -36.05
N VAL A 1007 22.62 6.07 -35.58
CA VAL A 1007 21.73 7.11 -36.08
C VAL A 1007 22.41 7.95 -37.16
N MET A 1008 23.73 8.16 -37.06
CA MET A 1008 24.41 9.08 -37.96
C MET A 1008 24.41 8.57 -39.39
N GLY A 1009 24.83 7.32 -39.59
CA GLY A 1009 24.83 6.76 -40.93
C GLY A 1009 23.43 6.68 -41.52
N GLY A 1010 22.46 6.24 -40.71
CA GLY A 1010 21.09 6.19 -41.18
C GLY A 1010 20.59 7.54 -41.62
N MET A 1011 20.85 8.58 -40.83
CA MET A 1011 20.39 9.92 -41.17
C MET A 1011 21.06 10.44 -42.44
N VAL A 1012 22.37 10.27 -42.56
CA VAL A 1012 23.06 10.82 -43.72
C VAL A 1012 22.61 10.11 -44.99
N THR A 1013 22.53 8.78 -44.96
CA THR A 1013 22.07 8.05 -46.13
C THR A 1013 20.62 8.39 -46.46
N ALA A 1014 19.77 8.51 -45.43
CA ALA A 1014 18.37 8.86 -45.66
C ALA A 1014 18.26 10.20 -46.35
N THR A 1015 19.00 11.21 -45.87
CA THR A 1015 18.95 12.52 -46.50
C THR A 1015 19.44 12.46 -47.93
N VAL A 1016 20.60 11.83 -48.16
CA VAL A 1016 21.20 11.84 -49.49
C VAL A 1016 20.30 11.13 -50.49
N LEU A 1017 19.76 9.97 -50.12
CA LEU A 1017 18.93 9.23 -51.07
C LEU A 1017 17.54 9.85 -51.21
N ALA A 1018 16.98 10.37 -50.12
CA ALA A 1018 15.64 10.95 -50.18
C ALA A 1018 15.61 12.21 -51.03
N ILE A 1019 16.65 13.06 -50.93
CA ILE A 1019 16.66 14.30 -51.67
C ILE A 1019 16.57 14.06 -53.18
N PHE A 1020 16.87 12.85 -53.64
CA PHE A 1020 16.72 12.47 -55.04
C PHE A 1020 15.55 11.55 -55.31
N PHE A 1021 15.11 10.76 -54.33
CA PHE A 1021 14.10 9.74 -54.56
C PHE A 1021 12.69 10.18 -54.20
N VAL A 1022 12.53 11.11 -53.25
CA VAL A 1022 11.18 11.59 -52.90
C VAL A 1022 10.43 12.13 -54.11
N PRO A 1023 11.02 12.98 -54.96
CA PRO A 1023 10.31 13.36 -56.20
C PRO A 1023 9.99 12.18 -57.08
N VAL A 1024 10.89 11.18 -57.14
CA VAL A 1024 10.66 10.04 -58.02
C VAL A 1024 9.44 9.25 -57.58
N PHE A 1025 9.38 8.88 -56.30
CA PHE A 1025 8.22 8.15 -55.80
C PHE A 1025 6.97 9.01 -55.87
N PHE A 1026 7.09 10.30 -55.59
CA PHE A 1026 5.94 11.18 -55.66
C PHE A 1026 5.32 11.18 -57.05
N VAL A 1027 6.14 11.41 -58.09
CA VAL A 1027 5.61 11.48 -59.44
C VAL A 1027 5.14 10.11 -59.91
N VAL A 1028 5.83 9.03 -59.49
CA VAL A 1028 5.39 7.70 -59.89
C VAL A 1028 4.03 7.38 -59.31
N VAL A 1029 3.80 7.72 -58.04
CA VAL A 1029 2.49 7.52 -57.43
C VAL A 1029 1.45 8.38 -58.12
N ARG A 1030 1.80 9.63 -58.44
CA ARG A 1030 0.85 10.50 -59.14
C ARG A 1030 0.51 9.96 -60.52
N ARG A 1031 1.44 9.23 -61.16
CA ARG A 1031 1.15 8.64 -62.45
C ARG A 1031 0.03 7.61 -62.35
N ARG A 1032 0.16 6.66 -61.42
CA ARG A 1032 -0.87 5.67 -61.18
C ARG A 1032 -1.97 6.27 -60.32
N PHE A 1033 -2.99 5.45 -60.03
CA PHE A 1033 -4.12 5.86 -59.19
C PHE A 1033 -4.78 7.12 -59.73
N SER A 1034 -4.86 7.23 -61.07
CA SER A 1034 -5.40 8.39 -61.76
C SER A 1034 -4.72 9.68 -61.31
N MET B 1 -18.14 21.59 -37.90
CA MET B 1 -17.40 20.30 -37.77
C MET B 1 -18.09 19.22 -38.61
N PRO B 2 -19.39 18.87 -38.49
CA PRO B 2 -20.03 18.02 -39.50
C PRO B 2 -19.62 18.43 -40.92
N ASN B 3 -19.35 19.71 -41.21
CA ASN B 3 -19.01 20.22 -42.57
C ASN B 3 -17.51 20.02 -42.88
N PHE B 4 -16.61 20.02 -41.91
CA PHE B 4 -15.19 19.71 -42.07
C PHE B 4 -15.00 18.29 -42.58
N PHE B 5 -15.75 17.33 -42.02
CA PHE B 5 -15.65 15.94 -42.45
C PHE B 5 -16.45 15.66 -43.70
N ILE B 6 -17.46 16.50 -44.01
CA ILE B 6 -18.11 16.42 -45.31
C ILE B 6 -17.11 16.72 -46.41
N ASP B 7 -16.28 17.75 -46.22
CA ASP B 7 -15.26 18.09 -47.20
C ASP B 7 -14.10 17.11 -47.21
N ARG B 8 -13.89 16.36 -46.13
CA ARG B 8 -12.75 15.46 -46.00
C ARG B 8 -13.22 14.07 -45.57
N PRO B 9 -13.76 13.28 -46.50
CA PRO B 9 -14.16 11.92 -46.14
C PRO B 9 -13.03 11.05 -45.64
N ILE B 10 -11.84 11.19 -46.23
CA ILE B 10 -10.71 10.33 -45.86
C ILE B 10 -10.33 10.52 -44.40
N PHE B 11 -10.42 11.77 -43.92
CA PHE B 11 -10.12 12.04 -42.52
C PHE B 11 -11.08 11.29 -41.60
N ALA B 12 -12.36 11.28 -41.94
CA ALA B 12 -13.34 10.54 -41.15
C ALA B 12 -13.07 9.04 -41.20
N TRP B 13 -12.77 8.50 -42.38
CA TRP B 13 -12.47 7.07 -42.48
C TRP B 13 -11.25 6.71 -41.64
N VAL B 14 -10.19 7.51 -41.69
CA VAL B 14 -9.00 7.13 -40.94
C VAL B 14 -9.23 7.27 -39.44
N ILE B 15 -10.02 8.27 -39.02
CA ILE B 15 -10.36 8.37 -37.59
C ILE B 15 -11.11 7.13 -37.14
N ALA B 16 -12.12 6.71 -37.92
CA ALA B 16 -12.89 5.53 -37.56
C ALA B 16 -12.02 4.28 -37.55
N ILE B 17 -11.14 4.13 -38.53
CA ILE B 17 -10.32 2.93 -38.64
C ILE B 17 -9.30 2.88 -37.51
N ILE B 18 -8.75 4.04 -37.12
CA ILE B 18 -7.83 4.06 -35.98
C ILE B 18 -8.56 3.68 -34.70
N ILE B 19 -9.78 4.17 -34.51
CA ILE B 19 -10.56 3.78 -33.33
C ILE B 19 -10.81 2.28 -33.34
N MET B 20 -11.18 1.72 -34.49
CA MET B 20 -11.43 0.29 -34.58
C MET B 20 -10.16 -0.52 -34.31
N LEU B 21 -9.02 -0.05 -34.81
CA LEU B 21 -7.76 -0.76 -34.58
C LEU B 21 -7.39 -0.75 -33.10
N ALA B 22 -7.56 0.40 -32.45
CA ALA B 22 -7.31 0.47 -31.02
C ALA B 22 -8.23 -0.49 -30.27
N GLY B 23 -9.49 -0.56 -30.67
CA GLY B 23 -10.41 -1.49 -30.02
C GLY B 23 -10.04 -2.94 -30.23
N GLY B 24 -9.60 -3.29 -31.44
CA GLY B 24 -9.19 -4.66 -31.69
C GLY B 24 -7.97 -5.06 -30.89
N LEU B 25 -6.97 -4.16 -30.81
CA LEU B 25 -5.81 -4.45 -29.98
C LEU B 25 -6.20 -4.55 -28.51
N ALA B 26 -7.14 -3.71 -28.07
CA ALA B 26 -7.63 -3.80 -26.70
C ALA B 26 -8.26 -5.16 -26.43
N ILE B 27 -9.10 -5.64 -27.36
CA ILE B 27 -9.70 -6.96 -27.22
C ILE B 27 -8.62 -8.02 -27.14
N LEU B 28 -7.59 -7.90 -27.98
CA LEU B 28 -6.49 -8.85 -27.93
C LEU B 28 -5.76 -8.81 -26.60
N LYS B 29 -5.79 -7.67 -25.91
CA LYS B 29 -5.09 -7.55 -24.63
C LYS B 29 -6.04 -7.21 -23.48
N LEU B 30 -7.19 -7.89 -23.40
CA LEU B 30 -8.13 -7.64 -22.32
C LEU B 30 -8.45 -8.94 -21.59
N PRO B 31 -8.46 -8.92 -20.26
CA PRO B 31 -8.86 -10.11 -19.50
C PRO B 31 -10.34 -10.37 -19.63
N VAL B 32 -10.72 -11.64 -19.46
CA VAL B 32 -12.09 -12.10 -19.59
C VAL B 32 -12.49 -12.77 -18.27
N ALA B 33 -13.66 -12.40 -17.75
CA ALA B 33 -14.19 -12.99 -16.54
C ALA B 33 -15.71 -12.99 -16.62
N GLN B 34 -16.34 -13.82 -15.81
CA GLN B 34 -17.80 -13.82 -15.77
C GLN B 34 -18.33 -12.59 -15.05
N TYR B 35 -17.74 -12.26 -13.90
CA TYR B 35 -18.11 -11.11 -13.10
C TYR B 35 -16.86 -10.35 -12.72
N PRO B 36 -16.97 -9.05 -12.46
CA PRO B 36 -15.81 -8.31 -11.94
C PRO B 36 -15.60 -8.58 -10.47
N THR B 37 -14.64 -7.88 -9.85
CA THR B 37 -14.46 -7.98 -8.40
C THR B 37 -15.66 -7.32 -7.73
N ILE B 38 -16.56 -8.15 -7.19
CA ILE B 38 -17.87 -7.69 -6.72
C ILE B 38 -18.04 -7.94 -5.23
N ALA B 39 -17.69 -9.14 -4.77
CA ALA B 39 -17.85 -9.46 -3.36
C ALA B 39 -16.89 -8.64 -2.51
N PRO B 40 -17.32 -8.17 -1.34
CA PRO B 40 -16.42 -7.39 -0.49
C PRO B 40 -15.29 -8.24 0.02
N PRO B 41 -14.09 -7.68 0.18
CA PRO B 41 -12.97 -8.44 0.70
C PRO B 41 -13.19 -8.87 2.15
N ALA B 42 -12.63 -10.02 2.50
CA ALA B 42 -12.73 -10.56 3.85
C ALA B 42 -11.36 -11.03 4.31
N VAL B 43 -11.13 -10.89 5.62
CA VAL B 43 -9.88 -11.30 6.25
C VAL B 43 -10.21 -12.23 7.40
N THR B 44 -9.53 -13.38 7.47
CA THR B 44 -9.82 -14.41 8.44
C THR B 44 -8.65 -14.56 9.40
N ILE B 45 -8.91 -14.41 10.69
CA ILE B 45 -7.96 -14.71 11.75
C ILE B 45 -8.27 -16.10 12.25
N SER B 46 -7.34 -17.03 12.08
CA SER B 46 -7.52 -18.42 12.48
C SER B 46 -6.50 -18.76 13.56
N ALA B 47 -6.98 -19.34 14.65
CA ALA B 47 -6.14 -19.71 15.78
C ALA B 47 -6.54 -21.11 16.24
N SER B 48 -5.70 -21.70 17.10
CA SER B 48 -5.98 -23.01 17.65
C SER B 48 -5.56 -23.04 19.11
N TYR B 49 -6.45 -23.57 19.96
CA TYR B 49 -6.19 -23.77 21.38
C TYR B 49 -6.62 -25.19 21.74
N PRO B 50 -5.87 -26.19 21.29
CA PRO B 50 -6.35 -27.57 21.35
C PRO B 50 -6.57 -28.03 22.78
N GLY B 51 -7.58 -28.90 22.95
CA GLY B 51 -7.94 -29.42 24.24
C GLY B 51 -8.99 -28.62 24.99
N ALA B 52 -9.43 -27.49 24.45
CA ALA B 52 -10.45 -26.68 25.08
C ALA B 52 -11.72 -26.70 24.24
N ASP B 53 -12.86 -26.85 24.91
CA ASP B 53 -14.15 -26.85 24.22
C ASP B 53 -14.48 -25.44 23.75
N ALA B 54 -15.66 -25.31 23.14
CA ALA B 54 -16.06 -24.02 22.58
C ALA B 54 -16.21 -22.95 23.67
N LYS B 55 -16.82 -23.32 24.80
CA LYS B 55 -17.06 -22.35 25.85
C LYS B 55 -15.75 -21.83 26.44
N THR B 56 -14.80 -22.71 26.69
CA THR B 56 -13.55 -22.31 27.33
C THR B 56 -12.53 -21.76 26.33
N VAL B 57 -12.84 -21.75 25.04
CA VAL B 57 -11.94 -21.15 24.06
C VAL B 57 -12.52 -19.82 23.62
N GLN B 58 -13.84 -19.67 23.70
CA GLN B 58 -14.48 -18.42 23.30
C GLN B 58 -13.98 -17.28 24.15
N ASP B 59 -14.29 -17.30 25.45
CA ASP B 59 -13.87 -16.24 26.35
C ASP B 59 -12.36 -16.18 26.52
N THR B 60 -11.63 -17.22 26.09
CA THR B 60 -10.18 -17.20 26.22
C THR B 60 -9.52 -16.44 25.08
N VAL B 61 -9.91 -16.73 23.83
CA VAL B 61 -9.25 -16.16 22.67
C VAL B 61 -10.20 -15.34 21.79
N THR B 62 -11.43 -15.83 21.56
CA THR B 62 -12.32 -15.15 20.64
C THR B 62 -12.75 -13.79 21.20
N GLN B 63 -13.13 -13.76 22.47
CA GLN B 63 -13.59 -12.52 23.07
C GLN B 63 -12.47 -11.50 23.18
N VAL B 64 -11.23 -11.95 23.40
CA VAL B 64 -10.13 -11.02 23.58
C VAL B 64 -9.54 -10.58 22.25
N ILE B 65 -9.74 -11.35 21.18
CA ILE B 65 -9.31 -10.90 19.86
C ILE B 65 -10.36 -9.99 19.21
N GLU B 66 -11.63 -10.33 19.36
CA GLU B 66 -12.70 -9.54 18.77
C GLU B 66 -12.76 -8.14 19.37
N GLN B 67 -12.50 -8.01 20.66
CA GLN B 67 -12.56 -6.69 21.29
C GLN B 67 -11.48 -5.75 20.73
N ASN B 68 -10.35 -6.30 20.31
CA ASN B 68 -9.30 -5.50 19.69
C ASN B 68 -9.49 -5.33 18.18
N MET B 69 -10.47 -6.01 17.59
CA MET B 69 -10.76 -5.86 16.17
C MET B 69 -11.72 -4.70 15.93
N ASN B 70 -11.39 -3.54 16.50
CA ASN B 70 -12.19 -2.34 16.35
C ASN B 70 -11.28 -1.17 16.05
N GLY B 71 -11.84 -0.16 15.39
CA GLY B 71 -11.05 0.94 14.89
C GLY B 71 -10.44 0.72 13.52
N ILE B 72 -10.76 -0.39 12.87
CA ILE B 72 -10.30 -0.66 11.50
C ILE B 72 -11.31 -0.03 10.55
N ASP B 73 -10.81 0.80 9.63
CA ASP B 73 -11.67 1.55 8.75
C ASP B 73 -12.29 0.65 7.68
N ASN B 74 -13.44 1.08 7.17
CA ASN B 74 -14.13 0.41 6.06
C ASN B 74 -14.48 -1.03 6.37
N LEU B 75 -14.90 -1.28 7.62
CA LEU B 75 -15.29 -2.62 8.05
C LEU B 75 -16.81 -2.71 8.08
N MET B 76 -17.37 -3.63 7.30
CA MET B 76 -18.82 -3.79 7.30
C MET B 76 -19.29 -4.59 8.51
N TYR B 77 -18.79 -5.81 8.67
CA TYR B 77 -19.20 -6.60 9.83
C TYR B 77 -18.11 -7.62 10.19
N MET B 78 -18.36 -8.35 11.25
CA MET B 78 -17.41 -9.31 11.79
C MET B 78 -18.18 -10.47 12.40
N SER B 79 -17.82 -11.69 11.99
CA SER B 79 -18.41 -12.91 12.54
C SER B 79 -17.30 -13.78 13.10
N SER B 80 -17.69 -14.77 13.90
CA SER B 80 -16.71 -15.64 14.54
C SER B 80 -17.35 -16.99 14.84
N ASN B 81 -16.49 -17.99 15.04
CA ASN B 81 -16.95 -19.31 15.47
C ASN B 81 -15.83 -20.00 16.22
N SER B 82 -16.21 -20.73 17.26
CA SER B 82 -15.28 -21.42 18.15
C SER B 82 -15.69 -22.88 18.22
N ASP B 83 -14.89 -23.76 17.62
CA ASP B 83 -15.21 -25.18 17.61
C ASP B 83 -14.81 -25.84 18.92
N SER B 84 -15.37 -27.03 19.15
CA SER B 84 -14.99 -27.83 20.31
C SER B 84 -13.60 -28.43 20.16
N THR B 85 -13.10 -28.56 18.94
CA THR B 85 -11.73 -29.00 18.70
C THR B 85 -10.71 -28.00 19.23
N GLY B 86 -11.12 -26.77 19.50
CA GLY B 86 -10.24 -25.72 19.94
C GLY B 86 -9.90 -24.71 18.87
N THR B 87 -10.16 -25.03 17.60
CA THR B 87 -9.90 -24.07 16.53
C THR B 87 -10.90 -22.94 16.57
N VAL B 88 -10.42 -21.74 16.24
CA VAL B 88 -11.21 -20.52 16.28
C VAL B 88 -11.03 -19.79 14.96
N GLN B 89 -12.14 -19.36 14.35
CA GLN B 89 -12.12 -18.67 13.08
C GLN B 89 -12.92 -17.38 13.20
N ILE B 90 -12.28 -16.25 12.93
CA ILE B 90 -12.92 -14.94 12.96
C ILE B 90 -12.81 -14.33 11.57
N THR B 91 -13.94 -13.92 11.00
CA THR B 91 -13.96 -13.35 9.66
C THR B 91 -14.44 -11.91 9.74
N LEU B 92 -13.59 -10.99 9.28
CA LEU B 92 -13.92 -9.58 9.20
C LEU B 92 -14.19 -9.24 7.73
N THR B 93 -15.40 -8.79 7.44
CA THR B 93 -15.79 -8.45 6.08
C THR B 93 -15.85 -6.94 5.96
N PHE B 94 -15.06 -6.40 5.03
CA PHE B 94 -14.85 -4.99 4.84
C PHE B 94 -15.76 -4.43 3.75
N GLU B 95 -15.79 -3.10 3.64
CA GLU B 95 -16.60 -2.46 2.62
C GLU B 95 -16.08 -2.79 1.24
N SER B 96 -17.01 -2.97 0.30
CA SER B 96 -16.63 -3.29 -1.06
C SER B 96 -15.87 -2.14 -1.70
N GLY B 97 -14.84 -2.48 -2.47
CA GLY B 97 -14.01 -1.50 -3.13
C GLY B 97 -12.73 -1.14 -2.41
N THR B 98 -12.60 -1.54 -1.15
CA THR B 98 -11.38 -1.28 -0.40
C THR B 98 -10.36 -2.38 -0.67
N ASP B 99 -9.12 -1.99 -0.94
CA ASP B 99 -8.07 -2.98 -1.20
C ASP B 99 -7.77 -3.76 0.07
N ALA B 100 -7.74 -5.08 -0.04
CA ALA B 100 -7.54 -5.92 1.12
C ALA B 100 -6.06 -6.08 1.50
N ASP B 101 -5.15 -5.58 0.67
CA ASP B 101 -3.74 -5.59 1.06
C ASP B 101 -3.49 -4.73 2.29
N ILE B 102 -4.14 -3.57 2.35
CA ILE B 102 -4.00 -2.72 3.54
C ILE B 102 -4.95 -3.17 4.64
N ALA B 103 -6.09 -3.77 4.29
CA ALA B 103 -6.99 -4.28 5.32
C ALA B 103 -6.34 -5.40 6.10
N GLN B 104 -5.60 -6.28 5.42
CA GLN B 104 -4.92 -7.37 6.10
C GLN B 104 -3.86 -6.84 7.05
N VAL B 105 -3.09 -5.83 6.64
CA VAL B 105 -2.05 -5.33 7.52
C VAL B 105 -2.66 -4.56 8.69
N GLN B 106 -3.80 -3.88 8.48
CA GLN B 106 -4.48 -3.26 9.60
C GLN B 106 -4.98 -4.30 10.60
N VAL B 107 -5.55 -5.40 10.10
CA VAL B 107 -5.99 -6.48 10.97
C VAL B 107 -4.80 -7.08 11.72
N GLN B 108 -3.67 -7.22 11.04
CA GLN B 108 -2.46 -7.75 11.67
C GLN B 108 -1.96 -6.82 12.78
N ASN B 109 -1.96 -5.51 12.50
CA ASN B 109 -1.54 -4.54 13.51
C ASN B 109 -2.45 -4.60 14.74
N LYS B 110 -3.75 -4.68 14.52
CA LYS B 110 -4.67 -4.79 15.66
C LYS B 110 -4.49 -6.12 16.39
N LEU B 111 -4.17 -7.19 15.67
CA LEU B 111 -4.04 -8.50 16.30
C LEU B 111 -2.80 -8.57 17.18
N GLN B 112 -1.69 -8.01 16.72
CA GLN B 112 -0.46 -8.10 17.48
C GLN B 112 -0.54 -7.40 18.83
N LEU B 113 -1.52 -6.52 19.02
CA LEU B 113 -1.76 -5.95 20.34
C LEU B 113 -2.40 -6.98 21.27
N ALA B 114 -3.27 -7.83 20.74
CA ALA B 114 -4.00 -8.82 21.53
C ALA B 114 -3.21 -10.10 21.75
N MET B 115 -2.11 -10.30 21.04
CA MET B 115 -1.35 -11.54 21.18
C MET B 115 -0.84 -11.79 22.60
N PRO B 116 -0.29 -10.82 23.34
CA PRO B 116 0.14 -11.11 24.71
C PRO B 116 -0.97 -11.61 25.61
N LEU B 117 -2.22 -11.23 25.34
CA LEU B 117 -3.34 -11.69 26.15
C LEU B 117 -3.77 -13.11 25.81
N LEU B 118 -3.32 -13.66 24.68
CA LEU B 118 -3.63 -15.04 24.33
C LEU B 118 -2.72 -16.00 25.10
N PRO B 119 -3.21 -17.20 25.40
CA PRO B 119 -2.38 -18.18 26.11
C PRO B 119 -1.22 -18.68 25.24
N GLN B 120 -0.19 -19.16 25.93
CA GLN B 120 1.00 -19.64 25.22
C GLN B 120 0.70 -20.82 24.31
N GLU B 121 -0.30 -21.63 24.67
CA GLU B 121 -0.69 -22.75 23.82
C GLU B 121 -1.18 -22.25 22.46
N VAL B 122 -1.92 -21.14 22.45
CA VAL B 122 -2.36 -20.55 21.19
C VAL B 122 -1.15 -20.07 20.38
N GLN B 123 -0.20 -19.42 21.06
CA GLN B 123 0.91 -18.80 20.35
C GLN B 123 1.89 -19.83 19.80
N GLN B 124 1.99 -21.00 20.43
CA GLN B 124 2.98 -21.98 19.95
C GLN B 124 2.60 -22.61 18.63
N GLN B 125 1.34 -22.46 18.19
CA GLN B 125 0.96 -22.94 16.86
C GLN B 125 0.86 -21.82 15.84
N GLY B 126 0.65 -20.58 16.27
CA GLY B 126 0.57 -19.46 15.35
C GLY B 126 -0.84 -19.04 15.00
N VAL B 127 -1.10 -17.74 15.04
CA VAL B 127 -2.40 -17.18 14.68
C VAL B 127 -2.24 -16.57 13.29
N SER B 128 -2.97 -17.05 12.27
CA SER B 128 -2.76 -16.63 10.85
C SER B 128 -3.78 -15.59 10.33
N VAL B 129 -3.42 -14.31 10.23
CA VAL B 129 -4.29 -13.30 9.54
C VAL B 129 -4.06 -13.60 8.06
N GLU B 130 -5.11 -13.78 7.25
CA GLU B 130 -4.94 -14.17 5.82
C GLU B 130 -6.18 -13.79 5.01
N LYS B 131 -6.04 -12.98 3.97
CA LYS B 131 -7.16 -12.61 3.08
C LYS B 131 -7.90 -13.90 2.75
N SER B 132 -9.23 -13.92 2.79
CA SER B 132 -10.03 -15.16 2.67
C SER B 132 -11.10 -15.12 1.59
N SER B 133 -11.54 -16.30 1.14
CA SER B 133 -12.63 -16.47 0.16
C SER B 133 -13.58 -17.43 0.86
N SER B 134 -14.91 -17.32 0.66
CA SER B 134 -15.91 -18.12 1.39
C SER B 134 -16.38 -19.30 0.54
N SER B 135 -15.67 -19.66 -0.55
CA SER B 135 -16.21 -20.65 -1.46
C SER B 135 -15.08 -21.20 -2.32
N PHE B 136 -15.29 -22.41 -2.83
CA PHE B 136 -14.28 -23.09 -3.62
C PHE B 136 -14.35 -22.65 -5.07
N LEU B 137 -13.22 -22.21 -5.63
CA LEU B 137 -13.15 -21.98 -7.07
C LEU B 137 -13.35 -23.27 -7.82
N MET B 138 -12.70 -24.34 -7.39
CA MET B 138 -12.95 -25.65 -7.99
C MET B 138 -12.54 -26.73 -7.01
N VAL B 139 -12.84 -27.97 -7.37
CA VAL B 139 -12.43 -29.14 -6.62
C VAL B 139 -11.75 -30.10 -7.59
N VAL B 140 -10.52 -30.49 -7.30
CA VAL B 140 -9.77 -31.39 -8.15
C VAL B 140 -9.63 -32.70 -7.39
N GLY B 141 -10.26 -33.76 -7.88
CA GLY B 141 -10.19 -35.05 -7.26
C GLY B 141 -9.14 -35.93 -7.93
N VAL B 142 -8.62 -36.88 -7.18
CA VAL B 142 -7.64 -37.83 -7.67
C VAL B 142 -8.12 -39.23 -7.32
N ILE B 143 -8.19 -40.10 -8.33
CA ILE B 143 -8.68 -41.45 -8.14
C ILE B 143 -7.63 -42.43 -8.66
N ASN B 144 -7.74 -43.67 -8.20
CA ASN B 144 -6.86 -44.75 -8.62
C ASN B 144 -7.68 -45.77 -9.39
N THR B 145 -7.50 -45.80 -10.71
CA THR B 145 -8.26 -46.73 -11.54
C THR B 145 -7.83 -48.17 -11.33
N ASP B 146 -6.56 -48.40 -11.02
CA ASP B 146 -6.08 -49.76 -10.82
C ASP B 146 -6.73 -50.40 -9.59
N GLY B 147 -6.94 -49.64 -8.53
CA GLY B 147 -7.46 -50.16 -7.29
C GLY B 147 -6.43 -50.54 -6.27
N THR B 148 -5.16 -50.58 -6.64
CA THR B 148 -4.07 -50.89 -5.71
C THR B 148 -3.58 -49.63 -4.99
N MET B 149 -4.52 -48.89 -4.41
CA MET B 149 -4.19 -47.66 -3.71
C MET B 149 -5.33 -47.26 -2.78
N THR B 150 -5.04 -47.14 -1.50
CA THR B 150 -6.04 -46.80 -0.49
C THR B 150 -6.24 -45.28 -0.47
N GLN B 151 -7.38 -44.86 0.10
CA GLN B 151 -7.66 -43.43 0.25
C GLN B 151 -6.50 -42.71 0.94
N GLU B 152 -5.88 -43.37 1.92
CA GLU B 152 -4.74 -42.77 2.60
C GLU B 152 -3.56 -42.58 1.65
N ASP B 153 -3.34 -43.55 0.77
CA ASP B 153 -2.19 -43.49 -0.17
C ASP B 153 -2.42 -42.32 -1.15
N ILE B 154 -3.64 -42.19 -1.66
CA ILE B 154 -3.95 -41.10 -2.60
C ILE B 154 -3.85 -39.75 -1.91
N SER B 155 -4.37 -39.66 -0.68
CA SER B 155 -4.28 -38.41 0.06
C SER B 155 -2.83 -38.02 0.31
N ASP B 156 -2.00 -38.99 0.68
CA ASP B 156 -0.59 -38.69 0.92
C ASP B 156 0.09 -38.24 -0.36
N TYR B 157 -0.19 -38.90 -1.48
CA TYR B 157 0.43 -38.47 -2.73
C TYR B 157 0.01 -37.05 -3.10
N VAL B 158 -1.28 -36.74 -2.96
CA VAL B 158 -1.75 -35.40 -3.29
C VAL B 158 -1.10 -34.36 -2.38
N ALA B 159 -1.00 -34.66 -1.09
CA ALA B 159 -0.45 -33.68 -0.16
C ALA B 159 1.05 -33.50 -0.36
N ALA B 160 1.77 -34.58 -0.66
CA ALA B 160 3.22 -34.53 -0.74
C ALA B 160 3.74 -34.19 -2.12
N ASN B 161 2.90 -34.18 -3.15
CA ASN B 161 3.39 -33.89 -4.49
C ASN B 161 2.59 -32.80 -5.18
N MET B 162 1.28 -32.74 -4.94
CA MET B 162 0.41 -31.85 -5.69
C MET B 162 -0.07 -30.64 -4.91
N LYS B 163 -0.17 -30.71 -3.59
CA LYS B 163 -0.80 -29.63 -2.84
C LYS B 163 0.05 -28.37 -2.83
N ASP B 164 1.35 -28.51 -2.59
CA ASP B 164 2.20 -27.32 -2.46
C ASP B 164 2.31 -26.57 -3.78
N ALA B 165 2.47 -27.29 -4.89
CA ALA B 165 2.57 -26.64 -6.19
C ALA B 165 1.30 -25.88 -6.54
N ILE B 166 0.13 -26.48 -6.23
CA ILE B 166 -1.12 -25.78 -6.45
C ILE B 166 -1.23 -24.56 -5.55
N SER B 167 -0.80 -24.69 -4.29
CA SER B 167 -0.89 -23.59 -3.35
C SER B 167 -0.04 -22.40 -3.80
N ARG B 168 1.12 -22.68 -4.39
CA ARG B 168 1.99 -21.61 -4.88
C ARG B 168 1.65 -21.19 -6.31
N THR B 169 0.67 -21.81 -6.93
CA THR B 169 0.24 -21.40 -8.26
C THR B 169 -0.39 -20.02 -8.21
N SER B 170 -0.12 -19.22 -9.26
CA SER B 170 -0.65 -17.87 -9.32
C SER B 170 -2.17 -17.88 -9.34
N GLY B 171 -2.77 -17.02 -8.52
CA GLY B 171 -4.21 -16.91 -8.42
C GLY B 171 -4.83 -17.74 -7.31
N VAL B 172 -4.23 -18.88 -6.96
CA VAL B 172 -4.77 -19.72 -5.91
C VAL B 172 -4.60 -19.03 -4.57
N GLY B 173 -5.69 -18.93 -3.82
CA GLY B 173 -5.65 -18.25 -2.54
C GLY B 173 -5.70 -19.19 -1.36
N ASP B 174 -6.35 -20.33 -1.55
CA ASP B 174 -6.40 -21.33 -0.47
C ASP B 174 -6.55 -22.72 -1.08
N VAL B 175 -5.97 -23.70 -0.41
CA VAL B 175 -6.11 -25.10 -0.81
C VAL B 175 -6.54 -25.90 0.40
N GLN B 176 -7.65 -26.62 0.27
CA GLN B 176 -8.18 -27.45 1.35
C GLN B 176 -8.04 -28.90 0.90
N LEU B 177 -7.19 -29.66 1.58
CA LEU B 177 -6.96 -31.04 1.20
C LEU B 177 -8.01 -31.95 1.83
N PHE B 178 -8.65 -32.77 1.00
CA PHE B 178 -9.64 -33.74 1.48
C PHE B 178 -8.93 -35.04 1.85
N GLY B 179 -8.13 -34.94 2.91
CA GLY B 179 -7.32 -36.05 3.35
C GLY B 179 -6.20 -35.54 4.23
N SER B 180 -5.14 -36.34 4.32
CA SER B 180 -3.97 -35.96 5.09
C SER B 180 -2.79 -36.80 4.65
N GLN B 181 -1.61 -36.19 4.61
CA GLN B 181 -0.42 -36.91 4.19
C GLN B 181 0.03 -37.88 5.28
N TYR B 182 0.92 -38.79 4.91
CA TYR B 182 1.45 -39.75 5.86
C TYR B 182 2.11 -39.09 7.05
N ALA B 183 1.83 -39.65 8.22
CA ALA B 183 2.59 -39.43 9.43
C ALA B 183 2.93 -40.78 10.01
N MET B 184 4.08 -40.86 10.67
CA MET B 184 4.48 -42.10 11.31
C MET B 184 3.57 -42.31 12.51
N ARG B 185 2.55 -43.14 12.35
CA ARG B 185 1.60 -43.42 13.42
C ARG B 185 2.15 -44.53 14.30
N ILE B 186 2.13 -44.30 15.61
CA ILE B 186 2.56 -45.28 16.59
C ILE B 186 1.39 -45.53 17.51
N TRP B 187 0.74 -46.69 17.36
CA TRP B 187 -0.43 -47.06 18.13
C TRP B 187 0.03 -47.89 19.31
N MET B 188 0.08 -47.27 20.49
CA MET B 188 0.48 -47.98 21.69
C MET B 188 -0.63 -48.89 22.19
N ASN B 189 -0.24 -50.00 22.80
CA ASN B 189 -1.18 -50.93 23.41
C ASN B 189 -0.99 -50.90 24.92
N PRO B 190 -1.99 -50.46 25.68
CA PRO B 190 -1.79 -50.33 27.14
C PRO B 190 -1.44 -51.65 27.83
N ASN B 191 -1.89 -52.78 27.28
CA ASN B 191 -1.58 -54.06 27.92
C ASN B 191 -0.08 -54.34 27.89
N GLU B 192 0.58 -54.13 26.75
CA GLU B 192 2.01 -54.33 26.67
C GLU B 192 2.77 -53.20 27.37
N LEU B 193 2.20 -52.00 27.41
CA LEU B 193 2.83 -50.92 28.18
C LEU B 193 2.88 -51.27 29.65
N ASN B 194 1.79 -51.82 30.20
CA ASN B 194 1.79 -52.20 31.61
C ASN B 194 2.57 -53.48 31.86
N LYS B 195 2.56 -54.42 30.90
CA LYS B 195 3.30 -55.65 31.08
C LYS B 195 4.80 -55.40 31.18
N PHE B 196 5.32 -54.53 30.33
CA PHE B 196 6.74 -54.17 30.35
C PHE B 196 7.03 -53.00 31.27
N GLN B 197 6.02 -52.49 31.99
CA GLN B 197 6.17 -51.38 32.92
C GLN B 197 6.69 -50.12 32.20
N LEU B 198 5.87 -49.61 31.29
CA LEU B 198 6.16 -48.40 30.55
C LEU B 198 4.93 -47.51 30.51
N THR B 199 5.14 -46.26 30.13
CA THR B 199 4.10 -45.26 30.00
C THR B 199 4.29 -44.52 28.68
N PRO B 200 3.25 -43.86 28.17
CA PRO B 200 3.43 -43.07 26.95
C PRO B 200 4.48 -41.98 27.07
N VAL B 201 4.74 -41.49 28.29
CA VAL B 201 5.80 -40.52 28.50
C VAL B 201 7.15 -41.11 28.12
N ASP B 202 7.38 -42.37 28.52
CA ASP B 202 8.63 -43.04 28.15
C ASP B 202 8.74 -43.21 26.64
N VAL B 203 7.63 -43.54 25.98
CA VAL B 203 7.65 -43.69 24.52
C VAL B 203 7.99 -42.37 23.86
N ILE B 204 7.38 -41.28 24.33
CA ILE B 204 7.65 -39.96 23.75
C ILE B 204 9.11 -39.57 23.96
N THR B 205 9.63 -39.81 25.17
CA THR B 205 11.03 -39.48 25.44
C THR B 205 11.97 -40.29 24.57
N ALA B 206 11.70 -41.59 24.41
CA ALA B 206 12.55 -42.43 23.59
C ALA B 206 12.52 -41.99 22.13
N ILE B 207 11.35 -41.62 21.63
CA ILE B 207 11.26 -41.16 20.25
C ILE B 207 12.01 -39.84 20.07
N LYS B 208 11.84 -38.92 21.02
CA LYS B 208 12.53 -37.64 20.92
C LYS B 208 14.04 -37.80 21.02
N ALA B 209 14.51 -38.81 21.75
CA ALA B 209 15.95 -38.99 21.90
C ALA B 209 16.56 -39.73 20.71
N GLN B 210 15.92 -40.80 20.25
CA GLN B 210 16.49 -41.67 19.23
C GLN B 210 16.07 -41.32 17.82
N ASN B 211 15.25 -40.28 17.63
CA ASN B 211 14.90 -39.76 16.32
C ASN B 211 15.10 -38.26 16.38
N ALA B 212 16.32 -37.81 16.09
CA ALA B 212 16.65 -36.40 16.16
C ALA B 212 17.72 -36.09 15.13
N GLN B 213 17.80 -34.80 14.76
CA GLN B 213 18.80 -34.31 13.83
C GLN B 213 19.76 -33.42 14.61
N VAL B 214 21.03 -33.84 14.69
CA VAL B 214 22.00 -33.24 15.59
C VAL B 214 23.06 -32.52 14.77
N ALA B 215 23.33 -31.27 15.13
CA ALA B 215 24.44 -30.50 14.56
C ALA B 215 25.70 -30.79 15.37
N ALA B 216 26.78 -31.18 14.69
CA ALA B 216 27.97 -31.63 15.37
C ALA B 216 29.24 -30.94 14.86
N GLY B 217 29.12 -29.74 14.30
CA GLY B 217 30.31 -29.01 13.91
C GLY B 217 30.98 -29.59 12.68
N GLN B 218 32.28 -29.36 12.57
CA GLN B 218 33.04 -29.85 11.44
C GLN B 218 34.52 -29.99 11.80
N LEU B 219 35.21 -30.82 11.03
CA LEU B 219 36.64 -31.02 11.22
C LEU B 219 37.41 -29.89 10.55
N GLY B 220 38.35 -29.30 11.29
CA GLY B 220 39.15 -28.22 10.72
C GLY B 220 38.38 -26.94 10.48
N GLY B 221 37.33 -26.70 11.24
CA GLY B 221 36.55 -25.49 11.07
C GLY B 221 37.28 -24.26 11.56
N THR B 222 36.83 -23.11 11.08
CA THR B 222 37.46 -21.86 11.45
C THR B 222 37.12 -21.52 12.91
N PRO B 223 38.08 -20.97 13.67
CA PRO B 223 39.46 -20.71 13.25
C PRO B 223 40.31 -21.97 13.22
N PRO B 224 41.06 -22.17 12.14
CA PRO B 224 41.88 -23.37 12.02
C PRO B 224 43.30 -23.14 12.55
N VAL B 225 43.94 -24.24 12.92
CA VAL B 225 45.34 -24.19 13.30
C VAL B 225 46.18 -24.04 12.04
N LYS B 226 47.35 -23.41 12.19
CA LYS B 226 48.22 -23.21 11.05
C LYS B 226 48.67 -24.54 10.47
N GLY B 227 48.55 -24.67 9.14
CA GLY B 227 48.92 -25.89 8.46
C GLY B 227 47.79 -26.88 8.22
N GLN B 228 46.57 -26.55 8.64
CA GLN B 228 45.45 -27.44 8.41
C GLN B 228 45.13 -27.55 6.92
N GLN B 229 44.87 -28.77 6.47
CA GLN B 229 44.59 -29.03 5.06
C GLN B 229 43.25 -29.70 4.80
N LEU B 230 42.59 -30.23 5.81
CA LEU B 230 41.34 -30.96 5.64
C LEU B 230 40.20 -30.20 6.29
N ASN B 231 39.08 -30.09 5.58
CA ASN B 231 37.86 -29.48 6.11
C ASN B 231 36.69 -30.38 5.77
N ALA B 232 36.16 -31.07 6.77
CA ALA B 232 35.01 -31.95 6.59
C ALA B 232 34.00 -31.70 7.70
N SER B 233 32.73 -31.91 7.39
CA SER B 233 31.67 -31.70 8.36
C SER B 233 31.35 -32.99 9.08
N ILE B 234 31.21 -32.90 10.40
CA ILE B 234 30.88 -34.06 11.22
C ILE B 234 29.39 -34.29 11.18
N ILE B 235 28.99 -35.55 11.04
CA ILE B 235 27.59 -35.94 10.98
C ILE B 235 27.27 -36.79 12.19
N ALA B 236 26.37 -36.32 13.03
CA ALA B 236 25.88 -37.07 14.18
C ALA B 236 24.63 -37.86 13.74
N GLN B 237 23.86 -38.35 14.71
CA GLN B 237 22.63 -39.07 14.38
C GLN B 237 21.68 -38.20 13.58
N THR B 238 20.87 -38.85 12.74
CA THR B 238 19.94 -38.18 11.85
C THR B 238 18.53 -38.71 12.10
N ARG B 239 17.57 -38.10 11.42
CA ARG B 239 16.18 -38.51 11.55
C ARG B 239 15.95 -39.89 10.95
N LEU B 240 15.14 -40.70 11.61
CA LEU B 240 14.79 -42.00 11.08
C LEU B 240 13.88 -41.84 9.86
N THR B 241 13.97 -42.80 8.94
CA THR B 241 13.29 -42.69 7.66
C THR B 241 12.32 -43.81 7.35
N SER B 242 12.32 -44.90 8.11
CA SER B 242 11.52 -46.07 7.78
C SER B 242 10.75 -46.56 9.00
N THR B 243 9.73 -47.37 8.73
CA THR B 243 8.95 -47.98 9.80
C THR B 243 9.80 -48.92 10.64
N GLU B 244 10.71 -49.66 9.99
CA GLU B 244 11.55 -50.60 10.72
C GLU B 244 12.48 -49.89 11.69
N GLU B 245 13.02 -48.74 11.27
CA GLU B 245 13.87 -47.96 12.17
C GLU B 245 13.12 -47.52 13.41
N PHE B 246 11.87 -47.08 13.24
CA PHE B 246 11.07 -46.70 14.40
C PHE B 246 10.73 -47.91 15.26
N GLY B 247 10.50 -49.06 14.63
CA GLY B 247 10.24 -50.27 15.40
C GLY B 247 11.42 -50.69 16.24
N LYS B 248 12.64 -50.47 15.74
CA LYS B 248 13.85 -50.86 16.45
C LYS B 248 14.29 -49.82 17.48
N ILE B 249 13.40 -48.92 17.90
CA ILE B 249 13.74 -47.94 18.92
C ILE B 249 13.68 -48.61 20.29
N LEU B 250 14.75 -48.49 21.06
CA LEU B 250 14.85 -49.15 22.36
C LEU B 250 14.18 -48.29 23.43
N LEU B 251 13.27 -48.90 24.18
CA LEU B 251 12.59 -48.21 25.26
C LEU B 251 13.25 -48.49 26.61
N LYS B 252 13.54 -49.75 26.90
CA LYS B 252 14.20 -50.13 28.15
C LYS B 252 14.87 -51.47 27.95
N VAL B 253 15.79 -51.79 28.85
CA VAL B 253 16.47 -53.08 28.89
C VAL B 253 16.12 -53.75 30.20
N ASN B 254 15.56 -54.97 30.11
CA ASN B 254 15.16 -55.68 31.30
C ASN B 254 16.37 -56.23 32.04
N GLN B 255 16.14 -56.64 33.30
CA GLN B 255 17.23 -57.14 34.12
C GLN B 255 17.80 -58.44 33.58
N ASP B 256 16.97 -59.27 32.96
CA ASP B 256 17.41 -60.55 32.40
C ASP B 256 17.99 -60.43 31.00
N GLY B 257 18.43 -59.23 30.61
CA GLY B 257 19.02 -59.02 29.30
C GLY B 257 18.04 -58.79 28.18
N SER B 258 16.73 -58.87 28.45
CA SER B 258 15.73 -58.62 27.41
C SER B 258 15.63 -57.13 27.14
N ARG B 259 15.65 -56.77 25.86
CA ARG B 259 15.51 -55.38 25.43
C ARG B 259 14.12 -55.16 24.89
N VAL B 260 13.41 -54.18 25.43
CA VAL B 260 12.07 -53.82 24.97
C VAL B 260 12.24 -52.82 23.82
N LEU B 261 11.66 -53.16 22.68
CA LEU B 261 11.70 -52.28 21.51
C LEU B 261 10.34 -51.62 21.32
N LEU B 262 10.33 -50.60 20.47
CA LEU B 262 9.09 -49.85 20.24
C LEU B 262 8.02 -50.70 19.59
N ARG B 263 8.40 -51.74 18.85
CA ARG B 263 7.41 -52.62 18.23
C ARG B 263 6.89 -53.68 19.19
N ASP B 264 7.51 -53.86 20.35
CA ASP B 264 7.03 -54.81 21.33
C ASP B 264 5.84 -54.28 22.11
N VAL B 265 5.63 -52.97 22.14
CA VAL B 265 4.53 -52.36 22.89
C VAL B 265 3.61 -51.55 22.00
N ALA B 266 3.91 -51.42 20.71
CA ALA B 266 3.12 -50.57 19.84
C ALA B 266 3.17 -51.09 18.41
N LYS B 267 2.19 -50.67 17.63
CA LYS B 267 2.14 -50.96 16.20
C LYS B 267 2.57 -49.70 15.44
N ILE B 268 3.62 -49.82 14.65
CA ILE B 268 4.21 -48.70 13.93
C ILE B 268 3.82 -48.81 12.47
N GLU B 269 3.24 -47.75 11.91
CA GLU B 269 2.83 -47.76 10.52
C GLU B 269 2.87 -46.35 9.98
N LEU B 270 2.60 -46.21 8.69
CA LEU B 270 2.49 -44.92 8.03
C LEU B 270 1.00 -44.65 7.83
N GLY B 271 0.42 -43.83 8.72
CA GLY B 271 -0.97 -43.50 8.64
C GLY B 271 -1.21 -42.08 8.22
N GLY B 272 -2.38 -41.57 8.53
CA GLY B 272 -2.67 -40.18 8.28
C GLY B 272 -2.41 -39.31 9.50
N GLU B 273 -2.16 -38.03 9.24
CA GLU B 273 -2.05 -37.08 10.35
C GLU B 273 -3.37 -36.99 11.11
N ASN B 274 -4.49 -36.98 10.38
CA ASN B 274 -5.81 -37.09 10.98
C ASN B 274 -6.70 -37.86 10.01
N TYR B 275 -7.72 -38.50 10.58
CA TYR B 275 -8.65 -39.32 9.81
C TYR B 275 -10.04 -38.69 9.75
N ASP B 276 -10.11 -37.37 9.85
CA ASP B 276 -11.40 -36.70 9.91
C ASP B 276 -12.12 -36.74 8.55
N ILE B 277 -11.40 -36.42 7.48
CA ILE B 277 -12.00 -36.22 6.17
C ILE B 277 -11.74 -37.44 5.30
N ILE B 278 -12.80 -38.00 4.73
CA ILE B 278 -12.72 -39.11 3.79
C ILE B 278 -13.46 -38.72 2.53
N ALA B 279 -12.78 -38.78 1.39
CA ALA B 279 -13.38 -38.42 0.12
C ALA B 279 -13.68 -39.65 -0.71
N GLU B 280 -14.75 -39.56 -1.50
CA GLU B 280 -15.11 -40.63 -2.42
C GLU B 280 -15.63 -40.01 -3.70
N PHE B 281 -15.28 -40.61 -4.83
CA PHE B 281 -15.71 -40.16 -6.15
C PHE B 281 -16.55 -41.27 -6.78
N ASN B 282 -17.86 -41.06 -6.84
CA ASN B 282 -18.81 -42.03 -7.37
C ASN B 282 -18.77 -43.35 -6.61
N GLY B 283 -18.30 -43.34 -5.38
CA GLY B 283 -18.27 -44.55 -4.58
C GLY B 283 -16.88 -45.08 -4.32
N GLN B 284 -16.02 -45.05 -5.34
CA GLN B 284 -14.67 -45.57 -5.19
C GLN B 284 -13.84 -44.61 -4.33
N PRO B 285 -12.83 -45.14 -3.63
CA PRO B 285 -11.97 -44.26 -2.81
C PRO B 285 -11.27 -43.23 -3.67
N ALA B 286 -11.13 -42.03 -3.13
CA ALA B 286 -10.51 -40.93 -3.86
C ALA B 286 -10.00 -39.91 -2.86
N SER B 287 -9.08 -39.08 -3.31
CA SER B 287 -8.66 -37.91 -2.56
C SER B 287 -8.97 -36.68 -3.40
N GLY B 288 -8.55 -35.53 -2.91
CA GLY B 288 -8.74 -34.32 -3.70
C GLY B 288 -8.27 -33.11 -2.95
N LEU B 289 -8.32 -31.94 -3.61
CA LEU B 289 -7.89 -30.65 -3.03
C LEU B 289 -8.81 -29.54 -3.57
N GLY B 290 -9.60 -28.85 -2.74
CA GLY B 290 -10.47 -27.77 -3.13
C GLY B 290 -9.71 -26.46 -3.18
N ILE B 291 -9.70 -25.82 -4.34
CA ILE B 291 -8.99 -24.57 -4.56
C ILE B 291 -9.97 -23.43 -4.43
N LYS B 292 -9.64 -22.50 -3.53
CA LYS B 292 -10.36 -21.24 -3.33
C LYS B 292 -9.57 -20.11 -3.96
N LEU B 293 -10.24 -19.34 -4.82
CA LEU B 293 -9.59 -18.27 -5.55
C LEU B 293 -9.18 -17.13 -4.61
N ALA B 294 -7.99 -16.58 -4.86
CA ALA B 294 -7.54 -15.43 -4.10
C ALA B 294 -8.35 -14.19 -4.45
N THR B 295 -8.54 -13.32 -3.46
CA THR B 295 -9.31 -12.10 -3.69
C THR B 295 -8.59 -11.20 -4.68
N GLY B 296 -9.33 -10.71 -5.67
CA GLY B 296 -8.76 -9.85 -6.70
C GLY B 296 -8.10 -10.57 -7.85
N ALA B 297 -8.22 -11.88 -7.94
CA ALA B 297 -7.62 -12.65 -9.02
C ALA B 297 -8.67 -13.01 -10.06
N ASN B 298 -8.19 -13.35 -11.25
CA ASN B 298 -9.06 -13.72 -12.37
C ASN B 298 -9.36 -15.21 -12.29
N ALA B 299 -10.66 -15.55 -12.28
CA ALA B 299 -11.05 -16.95 -12.13
C ALA B 299 -10.61 -17.78 -13.32
N LEU B 300 -10.79 -17.27 -14.54
CA LEU B 300 -10.42 -18.04 -15.73
C LEU B 300 -8.91 -18.21 -15.82
N ASP B 301 -8.15 -17.15 -15.56
CA ASP B 301 -6.70 -17.26 -15.57
C ASP B 301 -6.21 -18.23 -14.51
N THR B 302 -6.80 -18.18 -13.32
CA THR B 302 -6.42 -19.10 -12.26
C THR B 302 -6.75 -20.55 -12.62
N ALA B 303 -7.92 -20.78 -13.22
CA ALA B 303 -8.26 -22.14 -13.64
C ALA B 303 -7.30 -22.64 -14.71
N ALA B 304 -6.94 -21.78 -15.65
CA ALA B 304 -5.97 -22.17 -16.68
C ALA B 304 -4.62 -22.49 -16.07
N ALA B 305 -4.18 -21.68 -15.11
CA ALA B 305 -2.91 -21.94 -14.44
C ALA B 305 -2.93 -23.24 -13.67
N ILE B 306 -4.05 -23.52 -12.98
CA ILE B 306 -4.18 -24.76 -12.24
C ILE B 306 -4.13 -25.95 -13.18
N ARG B 307 -4.84 -25.87 -14.31
CA ARG B 307 -4.82 -26.98 -15.25
C ARG B 307 -3.44 -27.18 -15.87
N ALA B 308 -2.74 -26.08 -16.16
CA ALA B 308 -1.38 -26.19 -16.68
C ALA B 308 -0.45 -26.83 -15.67
N GLU B 309 -0.56 -26.43 -14.40
CA GLU B 309 0.28 -27.01 -13.36
C GLU B 309 -0.03 -28.50 -13.17
N LEU B 310 -1.32 -28.87 -13.22
CA LEU B 310 -1.69 -30.27 -13.11
C LEU B 310 -1.14 -31.08 -14.28
N ALA B 311 -1.19 -30.52 -15.49
CA ALA B 311 -0.64 -31.22 -16.65
C ALA B 311 0.88 -31.33 -16.56
N LYS B 312 1.54 -30.35 -15.92
CA LYS B 312 2.98 -30.38 -15.81
C LYS B 312 3.47 -31.59 -15.01
N MET B 313 2.79 -31.91 -13.92
CA MET B 313 3.16 -33.01 -13.04
C MET B 313 2.37 -34.28 -13.30
N GLU B 314 1.57 -34.31 -14.36
CA GLU B 314 0.92 -35.55 -14.77
C GLU B 314 1.88 -36.68 -15.12
N PRO B 315 2.96 -36.46 -15.89
CA PRO B 315 3.80 -37.59 -16.30
C PRO B 315 4.45 -38.35 -15.15
N PHE B 316 4.56 -37.75 -13.96
CA PHE B 316 5.23 -38.36 -12.84
C PHE B 316 4.28 -39.09 -11.89
N PHE B 317 3.01 -39.22 -12.28
CA PHE B 317 2.06 -39.95 -11.46
C PHE B 317 2.41 -41.43 -11.41
N PRO B 318 2.07 -42.12 -10.33
CA PRO B 318 2.21 -43.58 -10.31
C PRO B 318 1.23 -44.23 -11.27
N SER B 319 1.38 -45.54 -11.42
CA SER B 319 0.52 -46.29 -12.33
C SER B 319 -0.92 -46.29 -11.82
N GLY B 320 -1.86 -46.05 -12.73
CA GLY B 320 -3.27 -46.06 -12.40
C GLY B 320 -3.68 -44.99 -11.41
N LEU B 321 -3.41 -43.73 -11.76
CA LEU B 321 -3.79 -42.59 -10.91
C LEU B 321 -4.15 -41.45 -11.83
N LYS B 322 -5.42 -41.02 -11.81
CA LYS B 322 -5.89 -40.01 -12.73
C LYS B 322 -6.63 -38.91 -12.00
N ILE B 323 -6.68 -37.74 -12.65
CA ILE B 323 -7.27 -36.54 -12.08
C ILE B 323 -8.67 -36.36 -12.66
N VAL B 324 -9.65 -36.16 -11.78
CA VAL B 324 -11.02 -35.88 -12.16
C VAL B 324 -11.38 -34.50 -11.65
N TYR B 325 -12.43 -33.93 -12.23
CA TYR B 325 -12.89 -32.58 -11.91
C TYR B 325 -14.36 -32.66 -11.51
N PRO B 326 -14.65 -33.08 -10.27
CA PRO B 326 -16.04 -33.28 -9.85
C PRO B 326 -16.79 -32.01 -9.55
N TYR B 327 -16.15 -30.84 -9.63
CA TYR B 327 -16.81 -29.58 -9.31
C TYR B 327 -16.00 -28.46 -9.92
N ASP B 328 -16.58 -27.75 -10.89
CA ASP B 328 -15.89 -26.64 -11.53
C ASP B 328 -16.93 -25.64 -12.01
N THR B 329 -16.56 -24.35 -12.00
CA THR B 329 -17.48 -23.29 -12.36
C THR B 329 -17.12 -22.56 -13.64
N THR B 330 -15.89 -22.70 -14.12
CA THR B 330 -15.42 -21.96 -15.30
C THR B 330 -16.05 -22.42 -16.62
N PRO B 331 -16.44 -23.69 -16.78
CA PRO B 331 -17.21 -24.02 -17.99
C PRO B 331 -18.47 -23.19 -18.14
N PHE B 332 -19.16 -22.92 -17.02
CA PHE B 332 -20.31 -22.03 -17.07
C PHE B 332 -19.91 -20.63 -17.50
N VAL B 333 -18.75 -20.16 -17.02
CA VAL B 333 -18.26 -18.84 -17.42
C VAL B 333 -18.08 -18.77 -18.93
N LYS B 334 -17.42 -19.79 -19.49
CA LYS B 334 -17.18 -19.78 -20.93
C LYS B 334 -18.48 -19.87 -21.72
N ILE B 335 -19.40 -20.74 -21.29
CA ILE B 335 -20.67 -20.87 -22.01
C ILE B 335 -21.47 -19.57 -21.94
N SER B 336 -21.52 -18.93 -20.77
CA SER B 336 -22.27 -17.69 -20.63
C SER B 336 -21.66 -16.58 -21.48
N ILE B 337 -20.34 -16.47 -21.50
CA ILE B 337 -19.70 -15.46 -22.34
C ILE B 337 -20.00 -15.72 -23.81
N HIS B 338 -19.91 -17.00 -24.23
CA HIS B 338 -20.20 -17.33 -25.63
C HIS B 338 -21.63 -16.98 -26.00
N GLU B 339 -22.59 -17.28 -25.12
CA GLU B 339 -23.98 -17.05 -25.48
C GLU B 339 -24.33 -15.57 -25.42
N VAL B 340 -23.67 -14.79 -24.55
CA VAL B 340 -23.93 -13.36 -24.57
C VAL B 340 -23.32 -12.72 -25.82
N VAL B 341 -22.18 -13.22 -26.29
CA VAL B 341 -21.64 -12.75 -27.56
C VAL B 341 -22.58 -13.11 -28.71
N LYS B 342 -23.17 -14.30 -28.65
CA LYS B 342 -24.15 -14.69 -29.66
C LYS B 342 -25.36 -13.76 -29.66
N THR B 343 -25.85 -13.39 -28.46
CA THR B 343 -26.95 -12.45 -28.39
C THR B 343 -26.56 -11.07 -28.92
N LEU B 344 -25.32 -10.67 -28.68
CA LEU B 344 -24.84 -9.40 -29.24
C LEU B 344 -24.89 -9.43 -30.77
N VAL B 345 -24.42 -10.53 -31.37
CA VAL B 345 -24.46 -10.66 -32.83
C VAL B 345 -25.90 -10.64 -33.33
N GLU B 346 -26.79 -11.38 -32.65
CA GLU B 346 -28.20 -11.39 -33.06
C GLU B 346 -28.80 -10.00 -32.97
N ALA B 347 -28.45 -9.24 -31.93
CA ALA B 347 -28.96 -7.88 -31.80
C ALA B 347 -28.48 -7.00 -32.95
N ILE B 348 -27.21 -7.13 -33.33
CA ILE B 348 -26.70 -6.35 -34.46
C ILE B 348 -27.47 -6.70 -35.73
N ILE B 349 -27.70 -7.99 -35.96
CA ILE B 349 -28.40 -8.42 -37.17
C ILE B 349 -29.83 -7.89 -37.18
N LEU B 350 -30.53 -7.96 -36.03
CA LEU B 350 -31.91 -7.49 -35.98
C LEU B 350 -32.00 -5.98 -36.17
N VAL B 351 -31.05 -5.23 -35.58
CA VAL B 351 -31.05 -3.78 -35.77
C VAL B 351 -30.83 -3.44 -37.24
N PHE B 352 -29.91 -4.15 -37.89
CA PHE B 352 -29.70 -3.93 -39.31
C PHE B 352 -30.96 -4.22 -40.12
N LEU B 353 -31.66 -5.31 -39.78
CA LEU B 353 -32.88 -5.66 -40.50
C LEU B 353 -33.94 -4.60 -40.33
N VAL B 354 -34.11 -4.07 -39.11
CA VAL B 354 -35.10 -3.01 -38.89
C VAL B 354 -34.73 -1.77 -39.68
N MET B 355 -33.45 -1.38 -39.65
CA MET B 355 -33.02 -0.20 -40.37
C MET B 355 -33.23 -0.35 -41.87
N TYR B 356 -33.01 -1.55 -42.41
CA TYR B 356 -33.30 -1.77 -43.83
C TYR B 356 -34.80 -1.75 -44.09
N LEU B 357 -35.60 -2.22 -43.12
CA LEU B 357 -37.05 -2.18 -43.28
C LEU B 357 -37.53 -0.75 -43.45
N PHE B 358 -37.02 0.17 -42.62
CA PHE B 358 -37.45 1.56 -42.75
C PHE B 358 -36.72 2.27 -43.88
N LEU B 359 -35.45 1.95 -44.10
CA LEU B 359 -34.64 2.56 -45.16
C LEU B 359 -34.46 1.52 -46.25
N GLN B 360 -35.31 1.56 -47.27
CA GLN B 360 -35.34 0.50 -48.28
C GLN B 360 -34.10 0.49 -49.17
N ASN B 361 -33.10 1.32 -48.95
CA ASN B 361 -31.88 1.32 -49.77
C ASN B 361 -30.76 0.68 -48.97
N PHE B 362 -30.04 -0.26 -49.60
CA PHE B 362 -28.95 -0.93 -48.92
C PHE B 362 -27.82 0.03 -48.59
N ARG B 363 -27.49 0.94 -49.51
CA ARG B 363 -26.46 1.93 -49.23
C ARG B 363 -26.86 2.87 -48.11
N ALA B 364 -28.17 3.12 -47.96
CA ALA B 364 -28.64 3.93 -46.85
C ALA B 364 -28.60 3.16 -45.54
N THR B 365 -28.91 1.87 -45.58
CA THR B 365 -28.89 1.05 -44.36
C THR B 365 -27.46 0.82 -43.88
N LEU B 366 -26.50 0.73 -44.80
CA LEU B 366 -25.13 0.43 -44.40
C LEU B 366 -24.50 1.57 -43.62
N ILE B 367 -24.94 2.81 -43.85
CA ILE B 367 -24.30 3.96 -43.22
C ILE B 367 -24.41 3.91 -41.69
N PRO B 368 -25.59 3.74 -41.08
CA PRO B 368 -25.62 3.63 -39.62
C PRO B 368 -25.06 2.32 -39.11
N THR B 369 -25.01 1.28 -39.93
CA THR B 369 -24.48 -0.01 -39.48
C THR B 369 -22.96 0.03 -39.32
N ILE B 370 -22.28 0.87 -40.11
CA ILE B 370 -20.84 1.02 -39.96
C ILE B 370 -20.51 1.61 -38.60
N ALA B 371 -21.43 2.38 -38.02
CA ALA B 371 -21.20 2.95 -36.70
C ALA B 371 -21.12 1.90 -35.61
N VAL B 372 -21.68 0.72 -35.82
CA VAL B 372 -21.73 -0.32 -34.79
C VAL B 372 -20.33 -0.82 -34.47
N PRO B 373 -19.57 -1.37 -35.43
CA PRO B 373 -18.22 -1.83 -35.06
C PRO B 373 -17.32 -0.73 -34.54
N VAL B 374 -17.44 0.48 -35.09
CA VAL B 374 -16.61 1.60 -34.66
C VAL B 374 -16.86 1.90 -33.18
N VAL B 375 -18.13 2.03 -32.80
CA VAL B 375 -18.47 2.38 -31.42
C VAL B 375 -18.13 1.23 -30.48
N LEU B 376 -18.38 -0.02 -30.90
CA LEU B 376 -18.08 -1.15 -30.03
C LEU B 376 -16.58 -1.26 -29.76
N LEU B 377 -15.76 -1.12 -30.80
CA LEU B 377 -14.32 -1.20 -30.61
C LEU B 377 -13.79 0.00 -29.83
N GLY B 378 -14.37 1.18 -30.05
CA GLY B 378 -14.01 2.31 -29.22
C GLY B 378 -14.32 2.06 -27.75
N THR B 379 -15.46 1.44 -27.47
CA THR B 379 -15.80 1.08 -26.10
C THR B 379 -14.79 0.10 -25.52
N PHE B 380 -14.39 -0.89 -26.31
CA PHE B 380 -13.38 -1.85 -25.83
C PHE B 380 -12.08 -1.14 -25.51
N ALA B 381 -11.68 -0.18 -26.35
CA ALA B 381 -10.50 0.61 -26.05
C ALA B 381 -10.67 1.40 -24.77
N VAL B 382 -11.85 1.99 -24.54
CA VAL B 382 -12.13 2.86 -23.35
C VAL B 382 -12.13 1.97 -22.12
N LEU B 383 -12.56 0.71 -22.26
CA LEU B 383 -12.53 -0.27 -21.13
C LEU B 383 -11.06 -0.55 -20.85
N ALA B 384 -10.25 -0.88 -21.86
CA ALA B 384 -8.81 -1.22 -21.70
C ALA B 384 -8.04 -0.04 -21.11
N ALA B 385 -8.26 1.22 -21.52
CA ALA B 385 -7.61 2.38 -20.93
C ALA B 385 -7.94 2.50 -19.45
N PHE B 386 -9.18 2.22 -19.07
CA PHE B 386 -9.64 2.38 -17.69
C PHE B 386 -9.37 1.16 -16.83
N GLY B 387 -8.70 0.15 -17.35
CA GLY B 387 -8.37 -1.04 -16.57
C GLY B 387 -9.54 -1.89 -16.15
N PHE B 388 -10.48 -2.14 -17.05
CA PHE B 388 -11.58 -3.05 -16.81
C PHE B 388 -11.37 -4.34 -17.60
N SER B 389 -12.36 -5.22 -17.55
CA SER B 389 -12.27 -6.53 -18.18
C SER B 389 -13.55 -6.82 -18.94
N ILE B 390 -13.44 -7.74 -19.91
CA ILE B 390 -14.59 -8.18 -20.70
C ILE B 390 -15.37 -9.17 -19.83
N ASN B 391 -16.46 -8.71 -19.24
CA ASN B 391 -17.30 -9.54 -18.38
C ASN B 391 -18.75 -9.46 -18.84
N THR B 392 -19.59 -10.26 -18.20
CA THR B 392 -20.99 -10.37 -18.63
C THR B 392 -21.72 -9.04 -18.49
N LEU B 393 -21.40 -8.27 -17.45
CA LEU B 393 -22.05 -6.98 -17.27
C LEU B 393 -21.69 -6.01 -18.39
N THR B 394 -20.42 -5.99 -18.80
CA THR B 394 -20.02 -5.17 -19.94
C THR B 394 -20.71 -5.62 -21.21
N MET B 395 -20.83 -6.95 -21.41
CA MET B 395 -21.51 -7.45 -22.59
C MET B 395 -22.98 -7.05 -22.58
N PHE B 396 -23.63 -7.08 -21.42
CA PHE B 396 -25.01 -6.62 -21.31
C PHE B 396 -25.09 -5.13 -21.66
N GLY B 397 -24.16 -4.34 -21.14
CA GLY B 397 -24.15 -2.92 -21.48
C GLY B 397 -23.98 -2.69 -22.98
N MET B 398 -23.14 -3.49 -23.62
CA MET B 398 -22.93 -3.34 -25.06
C MET B 398 -24.15 -3.77 -25.85
N VAL B 399 -24.84 -4.83 -25.41
CA VAL B 399 -26.08 -5.23 -26.06
C VAL B 399 -27.12 -4.13 -25.94
N LEU B 400 -27.21 -3.50 -24.76
CA LEU B 400 -28.10 -2.37 -24.58
C LEU B 400 -27.71 -1.21 -25.49
N ALA B 401 -26.41 -0.95 -25.62
CA ALA B 401 -25.91 0.16 -26.42
C ALA B 401 -26.00 -0.09 -27.92
N ILE B 402 -26.21 -1.34 -28.34
CA ILE B 402 -26.38 -1.61 -29.77
C ILE B 402 -27.56 -0.84 -30.34
N GLY B 403 -28.68 -0.85 -29.61
CA GLY B 403 -29.85 -0.12 -30.05
C GLY B 403 -29.82 1.37 -29.76
N LEU B 404 -28.77 1.85 -29.09
CA LEU B 404 -28.63 3.26 -28.75
C LEU B 404 -27.62 3.99 -29.61
N LEU B 405 -26.49 3.35 -29.94
CA LEU B 405 -25.45 4.02 -30.71
C LEU B 405 -25.92 4.32 -32.13
N VAL B 406 -26.85 3.53 -32.66
CA VAL B 406 -27.36 3.78 -34.00
C VAL B 406 -28.42 4.86 -34.04
N ASP B 407 -28.89 5.33 -32.88
CA ASP B 407 -29.97 6.30 -32.86
C ASP B 407 -29.58 7.59 -33.58
N ASP B 408 -28.41 8.14 -33.25
CA ASP B 408 -27.96 9.38 -33.87
C ASP B 408 -27.75 9.19 -35.37
N ALA B 409 -27.13 8.08 -35.76
CA ALA B 409 -26.91 7.80 -37.18
C ALA B 409 -28.24 7.61 -37.91
N ILE B 410 -29.19 6.93 -37.25
CA ILE B 410 -30.52 6.74 -37.85
C ILE B 410 -31.18 8.09 -38.08
N VAL B 411 -31.12 8.98 -37.09
CA VAL B 411 -31.73 10.29 -37.21
C VAL B 411 -31.09 11.07 -38.34
N VAL B 412 -29.75 11.04 -38.42
CA VAL B 412 -29.05 11.78 -39.46
C VAL B 412 -29.43 11.26 -40.84
N VAL B 413 -29.45 9.94 -41.01
CA VAL B 413 -29.74 9.36 -42.32
C VAL B 413 -31.18 9.68 -42.73
N GLU B 414 -32.12 9.59 -41.78
CA GLU B 414 -33.49 9.92 -42.12
C GLU B 414 -33.64 11.37 -42.51
N ASN B 415 -32.98 12.28 -41.79
CA ASN B 415 -33.09 13.69 -42.14
C ASN B 415 -32.51 13.96 -43.51
N VAL B 416 -31.37 13.33 -43.83
CA VAL B 416 -30.77 13.54 -45.14
C VAL B 416 -31.67 13.02 -46.25
N GLU B 417 -32.23 11.81 -46.06
CA GLU B 417 -33.11 11.26 -47.09
C GLU B 417 -34.40 12.06 -47.22
N ARG B 418 -34.95 12.55 -46.12
CA ARG B 418 -36.14 13.39 -46.17
C ARG B 418 -35.85 14.69 -46.92
N VAL B 419 -34.66 15.26 -46.72
CA VAL B 419 -34.27 16.45 -47.48
C VAL B 419 -34.17 16.12 -48.96
N MET B 420 -33.54 14.98 -49.29
CA MET B 420 -33.43 14.60 -50.69
C MET B 420 -34.77 14.21 -51.31
N ALA B 421 -35.78 13.91 -50.49
CA ALA B 421 -37.11 13.58 -50.98
C ALA B 421 -38.02 14.80 -51.06
N GLU B 422 -38.00 15.66 -50.04
CA GLU B 422 -38.79 16.89 -50.11
C GLU B 422 -38.20 17.87 -51.11
N GLU B 423 -36.87 17.93 -51.20
CA GLU B 423 -36.18 18.82 -52.12
C GLU B 423 -35.23 18.01 -52.98
N GLY B 424 -35.01 18.48 -54.21
CA GLY B 424 -34.13 17.78 -55.12
C GLY B 424 -32.67 18.16 -54.93
N LEU B 425 -32.23 18.22 -53.68
CA LEU B 425 -30.86 18.59 -53.38
C LEU B 425 -29.91 17.42 -53.66
N PRO B 426 -28.67 17.71 -54.06
CA PRO B 426 -27.69 16.65 -54.22
C PRO B 426 -27.35 16.03 -52.88
N PRO B 427 -26.92 14.76 -52.86
CA PRO B 427 -26.69 14.06 -51.58
C PRO B 427 -25.55 14.65 -50.76
N LYS B 428 -24.90 15.71 -51.21
CA LYS B 428 -23.88 16.41 -50.41
C LYS B 428 -24.39 17.72 -49.84
N GLU B 429 -25.06 18.54 -50.65
CA GLU B 429 -25.68 19.74 -50.12
C GLU B 429 -26.85 19.41 -49.20
N ALA B 430 -27.51 18.27 -49.46
CA ALA B 430 -28.60 17.84 -48.57
C ALA B 430 -28.10 17.58 -47.16
N THR B 431 -26.95 16.91 -47.03
CA THR B 431 -26.37 16.67 -45.72
C THR B 431 -25.95 17.98 -45.06
N ARG B 432 -25.38 18.89 -45.83
CA ARG B 432 -24.98 20.19 -45.28
C ARG B 432 -26.17 20.95 -44.75
N LYS B 433 -27.29 20.91 -45.48
CA LYS B 433 -28.51 21.55 -44.99
C LYS B 433 -29.07 20.85 -43.77
N SER B 434 -29.07 19.51 -43.79
CA SER B 434 -29.71 18.75 -42.71
C SER B 434 -28.96 18.89 -41.40
N MET B 435 -27.64 18.77 -41.43
CA MET B 435 -26.86 18.87 -40.21
C MET B 435 -26.83 20.27 -39.64
N GLY B 436 -27.26 21.28 -40.40
CA GLY B 436 -27.39 22.61 -39.85
C GLY B 436 -28.52 22.75 -38.86
N GLN B 437 -29.50 21.86 -38.92
CA GLN B 437 -30.67 21.88 -38.04
C GLN B 437 -30.79 20.67 -37.14
N ILE B 438 -30.48 19.48 -37.64
CA ILE B 438 -30.65 18.27 -36.84
C ILE B 438 -29.65 18.23 -35.70
N GLN B 439 -28.49 18.85 -35.88
CA GLN B 439 -27.50 18.92 -34.81
C GLN B 439 -28.06 19.72 -33.65
N GLY B 440 -27.74 19.27 -32.43
CA GLY B 440 -28.38 19.81 -31.26
C GLY B 440 -29.34 18.79 -30.67
N ALA B 441 -30.04 18.09 -31.55
CA ALA B 441 -30.79 16.91 -31.13
C ALA B 441 -29.88 15.72 -30.92
N LEU B 442 -28.79 15.62 -31.68
CA LEU B 442 -27.86 14.52 -31.51
C LEU B 442 -27.16 14.59 -30.15
N VAL B 443 -26.67 15.79 -29.79
CA VAL B 443 -26.03 15.96 -28.49
C VAL B 443 -27.05 15.79 -27.38
N GLY B 444 -28.27 16.26 -27.59
CA GLY B 444 -29.32 16.03 -26.61
C GLY B 444 -29.55 14.55 -26.36
N ILE B 445 -29.67 13.77 -27.44
CA ILE B 445 -29.93 12.34 -27.32
C ILE B 445 -28.77 11.64 -26.63
N ALA B 446 -27.57 11.78 -27.18
CA ALA B 446 -26.40 11.15 -26.55
C ALA B 446 -25.72 12.09 -25.58
N MET B 447 -26.52 12.80 -24.78
CA MET B 447 -26.09 13.37 -23.52
C MET B 447 -27.11 12.98 -22.46
N VAL B 448 -28.38 12.85 -22.86
CA VAL B 448 -29.38 12.38 -21.91
C VAL B 448 -29.27 10.87 -21.72
N LEU B 449 -28.82 10.14 -22.75
CA LEU B 449 -28.62 8.71 -22.60
C LEU B 449 -27.30 8.35 -21.94
N SER B 450 -26.43 9.34 -21.70
CA SER B 450 -25.15 9.11 -21.05
C SER B 450 -25.01 9.88 -19.74
N ALA B 451 -25.94 10.76 -19.41
CA ALA B 451 -25.92 11.47 -18.13
C ALA B 451 -26.73 10.77 -17.06
N VAL B 452 -27.63 9.86 -17.43
CA VAL B 452 -28.37 9.08 -16.45
C VAL B 452 -27.58 7.90 -15.93
N PHE B 453 -26.52 7.49 -16.63
CA PHE B 453 -25.69 6.38 -16.21
C PHE B 453 -24.44 6.81 -15.46
N VAL B 454 -24.21 8.12 -15.31
CA VAL B 454 -23.02 8.61 -14.61
C VAL B 454 -23.17 8.49 -13.10
N PRO B 455 -24.27 8.96 -12.49
CA PRO B 455 -24.36 8.87 -11.02
C PRO B 455 -24.25 7.45 -10.48
N MET B 456 -24.80 6.47 -11.21
CA MET B 456 -24.78 5.10 -10.73
C MET B 456 -23.37 4.56 -10.53
N ALA B 457 -22.37 5.18 -11.16
CA ALA B 457 -20.99 4.74 -11.02
C ALA B 457 -20.36 5.20 -9.72
N PHE B 458 -21.04 6.05 -8.93
CA PHE B 458 -20.45 6.57 -7.71
C PHE B 458 -21.27 6.22 -6.47
N PHE B 459 -21.73 4.99 -6.38
CA PHE B 459 -22.54 4.57 -5.24
C PHE B 459 -21.87 3.54 -4.33
N GLY B 460 -20.92 2.77 -4.83
CA GLY B 460 -20.19 1.84 -4.00
C GLY B 460 -21.00 0.63 -3.60
N GLY B 461 -20.32 -0.30 -2.92
CA GLY B 461 -20.93 -1.56 -2.57
C GLY B 461 -20.87 -2.55 -3.71
N SER B 462 -21.40 -3.74 -3.45
CA SER B 462 -21.51 -4.75 -4.51
C SER B 462 -22.41 -4.25 -5.63
N THR B 463 -23.52 -3.61 -5.27
CA THR B 463 -24.42 -3.06 -6.27
C THR B 463 -23.75 -1.94 -7.06
N GLY B 464 -22.94 -1.12 -6.39
CA GLY B 464 -22.20 -0.09 -7.10
C GLY B 464 -21.17 -0.66 -8.05
N ALA B 465 -20.49 -1.74 -7.65
CA ALA B 465 -19.55 -2.40 -8.55
C ALA B 465 -20.27 -2.97 -9.76
N ILE B 466 -21.47 -3.53 -9.56
CA ILE B 466 -22.27 -3.98 -10.69
C ILE B 466 -22.65 -2.82 -11.58
N TYR B 467 -23.03 -1.68 -10.98
CA TYR B 467 -23.44 -0.51 -11.73
C TYR B 467 -22.32 0.06 -12.57
N ARG B 468 -21.08 0.00 -12.08
CA ARG B 468 -19.97 0.68 -12.74
C ARG B 468 -19.72 0.14 -14.15
N GLN B 469 -19.87 -1.17 -14.34
CA GLN B 469 -19.62 -1.76 -15.66
C GLN B 469 -20.62 -1.23 -16.68
N PHE B 470 -21.91 -1.29 -16.35
CA PHE B 470 -22.93 -0.74 -17.24
C PHE B 470 -22.69 0.74 -17.47
N SER B 471 -22.34 1.48 -16.41
CA SER B 471 -22.13 2.91 -16.52
C SER B 471 -21.04 3.23 -17.53
N ILE B 472 -19.86 2.63 -17.35
CA ILE B 472 -18.75 2.95 -18.24
C ILE B 472 -19.06 2.52 -19.66
N THR B 473 -19.62 1.33 -19.85
CA THR B 473 -19.82 0.73 -21.19
C THR B 473 -20.84 1.51 -22.00
N ILE B 474 -21.87 2.06 -21.34
CA ILE B 474 -22.97 2.78 -22.03
C ILE B 474 -22.65 4.28 -22.04
N VAL B 475 -21.81 4.82 -21.15
CA VAL B 475 -21.40 6.26 -21.18
C VAL B 475 -20.35 6.43 -22.27
N SER B 476 -19.42 5.47 -22.47
CA SER B 476 -18.44 5.53 -23.55
C SER B 476 -19.08 5.24 -24.90
N ALA B 477 -20.04 4.30 -24.95
CA ALA B 477 -20.73 4.01 -26.19
C ALA B 477 -21.49 5.22 -26.70
N MET B 478 -22.16 5.95 -25.81
CA MET B 478 -22.94 7.11 -26.24
C MET B 478 -22.03 8.25 -26.69
N ALA B 479 -20.92 8.47 -25.97
CA ALA B 479 -19.97 9.49 -26.40
C ALA B 479 -19.40 9.17 -27.78
N LEU B 480 -18.98 7.92 -27.98
CA LEU B 480 -18.48 7.53 -29.30
C LEU B 480 -19.58 7.57 -30.34
N SER B 481 -20.83 7.32 -29.95
CA SER B 481 -21.93 7.37 -30.90
C SER B 481 -22.15 8.78 -31.41
N VAL B 482 -22.15 9.77 -30.50
CA VAL B 482 -22.32 11.14 -30.95
C VAL B 482 -21.11 11.61 -31.76
N LEU B 483 -19.91 11.16 -31.38
CA LEU B 483 -18.73 11.49 -32.17
C LEU B 483 -18.82 10.93 -33.57
N VAL B 484 -19.23 9.66 -33.69
CA VAL B 484 -19.39 9.04 -35.01
C VAL B 484 -20.45 9.76 -35.81
N ALA B 485 -21.57 10.09 -35.17
CA ALA B 485 -22.65 10.79 -35.87
C ALA B 485 -22.18 12.12 -36.42
N LEU B 486 -21.38 12.85 -35.65
CA LEU B 486 -20.91 14.16 -36.09
C LEU B 486 -19.70 14.09 -37.02
N ILE B 487 -19.01 12.96 -37.11
CA ILE B 487 -17.79 12.84 -37.91
C ILE B 487 -18.00 11.97 -39.15
N LEU B 488 -18.32 10.70 -38.96
CA LEU B 488 -18.31 9.73 -40.05
C LEU B 488 -19.60 9.71 -40.85
N THR B 489 -20.74 9.76 -40.18
CA THR B 489 -22.02 9.73 -40.89
C THR B 489 -22.19 10.85 -41.91
N PRO B 490 -21.77 12.10 -41.65
CA PRO B 490 -21.86 13.11 -42.73
C PRO B 490 -21.07 12.71 -43.97
N ALA B 491 -19.84 12.22 -43.80
CA ALA B 491 -19.05 11.78 -44.94
C ALA B 491 -19.69 10.58 -45.62
N LEU B 492 -20.22 9.64 -44.83
CA LEU B 492 -20.90 8.48 -45.41
C LEU B 492 -22.09 8.91 -46.25
N CYS B 493 -22.88 9.85 -45.74
CA CYS B 493 -24.05 10.32 -46.48
C CYS B 493 -23.66 11.11 -47.71
N ALA B 494 -22.58 11.88 -47.63
CA ALA B 494 -22.15 12.68 -48.77
C ALA B 494 -21.52 11.84 -49.86
N THR B 495 -20.87 10.73 -49.52
CA THR B 495 -20.13 9.94 -50.50
C THR B 495 -20.76 8.58 -50.80
N MET B 496 -21.90 8.26 -50.21
CA MET B 496 -22.50 6.95 -50.48
C MET B 496 -23.95 7.04 -50.92
N LEU B 497 -24.73 7.96 -50.38
CA LEU B 497 -26.14 8.04 -50.70
C LEU B 497 -26.33 8.46 -52.16
N LYS B 498 -27.00 7.62 -52.93
CA LYS B 498 -27.31 7.98 -54.31
C LYS B 498 -28.45 8.99 -54.34
N PRO B 499 -28.39 9.97 -55.23
CA PRO B 499 -29.47 10.97 -55.29
C PRO B 499 -30.79 10.34 -55.66
N ILE B 500 -31.87 10.85 -55.05
CA ILE B 500 -33.22 10.37 -55.30
C ILE B 500 -34.08 11.54 -55.75
N ALA B 501 -34.91 11.29 -56.76
CA ALA B 501 -35.78 12.34 -57.29
C ALA B 501 -36.76 12.82 -56.21
N LYS B 502 -36.96 14.13 -56.17
CA LYS B 502 -37.86 14.73 -55.19
C LYS B 502 -39.31 14.45 -55.54
N LYS B 510 -43.76 -0.97 -56.20
CA LYS B 510 -42.42 -1.50 -56.43
C LYS B 510 -42.20 -2.78 -55.65
N GLY B 511 -43.30 -3.39 -55.21
CA GLY B 511 -43.22 -4.61 -54.42
C GLY B 511 -44.25 -4.63 -53.31
N PHE B 512 -44.51 -5.81 -52.75
CA PHE B 512 -45.49 -5.91 -51.67
C PHE B 512 -45.01 -5.14 -50.44
N PHE B 513 -43.72 -5.26 -50.10
CA PHE B 513 -43.19 -4.50 -48.98
C PHE B 513 -43.25 -3.00 -49.24
N GLY B 514 -43.23 -2.59 -50.51
CA GLY B 514 -43.47 -1.20 -50.84
C GLY B 514 -44.81 -0.71 -50.34
N TRP B 515 -45.83 -1.58 -50.40
CA TRP B 515 -47.11 -1.31 -49.74
C TRP B 515 -46.91 -0.73 -48.35
N PHE B 516 -46.01 -1.33 -47.56
CA PHE B 516 -45.76 -0.87 -46.20
C PHE B 516 -45.51 0.63 -46.18
N ASN B 517 -44.63 1.13 -47.06
CA ASN B 517 -44.26 2.57 -47.12
C ASN B 517 -45.48 3.43 -47.43
N ARG B 518 -46.44 2.92 -48.19
CA ARG B 518 -47.70 3.63 -48.54
C ARG B 518 -48.68 3.48 -47.38
N MET B 519 -48.61 2.39 -46.63
CA MET B 519 -49.46 2.12 -45.44
C MET B 519 -48.90 2.95 -44.29
N PHE B 520 -47.57 3.16 -44.20
CA PHE B 520 -46.98 4.06 -43.22
C PHE B 520 -47.45 5.48 -43.43
N GLU B 521 -47.40 5.95 -44.68
CA GLU B 521 -47.84 7.30 -44.99
C GLU B 521 -49.24 7.54 -44.45
N LYS B 522 -50.18 6.65 -44.79
CA LYS B 522 -51.55 6.79 -44.31
C LYS B 522 -51.57 6.93 -42.80
N SER B 523 -50.89 6.00 -42.12
CA SER B 523 -50.89 6.02 -40.66
C SER B 523 -50.41 7.37 -40.15
N THR B 524 -49.33 7.90 -40.74
CA THR B 524 -48.81 9.17 -40.30
C THR B 524 -49.89 10.23 -40.29
N HIS B 525 -50.63 10.34 -41.40
CA HIS B 525 -51.71 11.32 -41.47
C HIS B 525 -52.68 11.12 -40.31
N HIS B 526 -53.17 9.89 -40.14
CA HIS B 526 -54.07 9.61 -39.04
C HIS B 526 -53.46 10.05 -37.73
N TYR B 527 -52.20 9.66 -37.50
CA TYR B 527 -51.53 10.04 -36.26
C TYR B 527 -51.59 11.54 -36.07
N THR B 528 -51.18 12.29 -37.10
CA THR B 528 -51.21 13.74 -37.00
C THR B 528 -52.61 14.22 -36.64
N ASP B 529 -53.62 13.72 -37.36
CA ASP B 529 -54.98 14.12 -37.07
C ASP B 529 -55.33 13.81 -35.62
N SER B 530 -54.99 12.59 -35.17
CA SER B 530 -55.27 12.23 -33.80
C SER B 530 -54.62 13.23 -32.84
N VAL B 531 -53.36 13.57 -33.10
CA VAL B 531 -52.66 14.52 -32.25
C VAL B 531 -53.45 15.83 -32.17
N GLY B 532 -53.93 16.30 -33.32
CA GLY B 532 -54.73 17.51 -33.31
C GLY B 532 -55.93 17.39 -32.41
N GLY B 533 -56.65 16.26 -32.53
CA GLY B 533 -57.76 16.02 -31.62
C GLY B 533 -57.32 16.03 -30.18
N ILE B 534 -56.20 15.36 -29.88
CA ILE B 534 -55.70 15.35 -28.51
C ILE B 534 -55.30 16.75 -28.08
N LEU B 535 -54.83 17.57 -29.03
CA LEU B 535 -54.51 18.95 -28.68
C LEU B 535 -55.77 19.80 -28.54
N ARG B 536 -56.86 19.47 -29.23
CA ARG B 536 -58.15 20.21 -29.10
C ARG B 536 -58.77 19.89 -27.76
N SER B 537 -58.72 18.61 -27.32
CA SER B 537 -59.42 18.16 -26.12
C SER B 537 -58.44 17.86 -24.98
N THR B 538 -57.41 18.68 -24.83
CA THR B 538 -56.47 18.51 -23.74
C THR B 538 -57.14 18.80 -22.40
N GLY B 539 -56.77 18.02 -21.39
CA GLY B 539 -57.34 18.17 -20.07
C GLY B 539 -57.87 16.87 -19.51
N ARG B 540 -58.50 16.07 -20.36
CA ARG B 540 -58.85 14.71 -19.97
C ARG B 540 -57.63 13.79 -20.06
N TYR B 541 -56.75 14.02 -21.03
CA TYR B 541 -55.52 13.25 -21.12
C TYR B 541 -54.59 13.52 -19.94
N LEU B 542 -54.70 14.69 -19.29
CA LEU B 542 -53.98 14.89 -18.03
C LEU B 542 -54.52 13.94 -16.96
N VAL B 543 -55.83 13.74 -16.92
CA VAL B 543 -56.41 12.78 -15.98
C VAL B 543 -55.94 11.38 -16.31
N LEU B 544 -55.89 11.04 -17.60
CA LEU B 544 -55.37 9.73 -18.00
C LEU B 544 -53.92 9.57 -17.58
N TYR B 545 -53.11 10.62 -17.72
CA TYR B 545 -51.72 10.56 -17.30
C TYR B 545 -51.61 10.38 -15.79
N LEU B 546 -52.47 11.04 -15.03
CA LEU B 546 -52.46 10.86 -13.57
C LEU B 546 -52.84 9.43 -13.20
N ILE B 547 -53.81 8.85 -13.92
CA ILE B 547 -54.15 7.45 -13.72
C ILE B 547 -52.95 6.57 -14.01
N ILE B 548 -52.23 6.87 -15.10
CA ILE B 548 -51.07 6.08 -15.47
C ILE B 548 -49.99 6.16 -14.40
N VAL B 549 -49.73 7.36 -13.87
CA VAL B 549 -48.66 7.50 -12.90
C VAL B 549 -49.03 6.84 -11.57
N VAL B 550 -50.29 6.95 -11.14
CA VAL B 550 -50.67 6.27 -9.91
C VAL B 550 -50.63 4.76 -10.09
N GLY B 551 -51.02 4.27 -11.28
CA GLY B 551 -50.87 2.85 -11.55
C GLY B 551 -49.43 2.40 -11.56
N MET B 552 -48.53 3.26 -12.06
CA MET B 552 -47.10 2.97 -12.03
C MET B 552 -46.61 2.84 -10.60
N ALA B 553 -47.03 3.76 -9.73
CA ALA B 553 -46.64 3.68 -8.32
C ALA B 553 -47.18 2.41 -7.68
N TYR B 554 -48.43 2.06 -7.98
CA TYR B 554 -49.02 0.84 -7.42
C TYR B 554 -48.26 -0.40 -7.89
N LEU B 555 -47.92 -0.45 -9.17
CA LEU B 555 -47.15 -1.59 -9.69
C LEU B 555 -45.78 -1.66 -9.06
N PHE B 556 -45.13 -0.52 -8.86
CA PHE B 556 -43.82 -0.51 -8.21
C PHE B 556 -43.91 -1.01 -6.77
N VAL B 557 -44.98 -0.64 -6.07
CA VAL B 557 -45.20 -1.18 -4.74
C VAL B 557 -45.40 -2.69 -4.79
N ARG B 558 -46.16 -3.16 -5.78
CA ARG B 558 -46.47 -4.59 -5.86
C ARG B 558 -45.26 -5.44 -6.20
N LEU B 559 -44.35 -4.94 -7.01
CA LEU B 559 -43.28 -5.77 -7.58
C LEU B 559 -42.37 -6.30 -6.48
N PRO B 560 -42.18 -7.61 -6.36
CA PRO B 560 -41.25 -8.15 -5.36
C PRO B 560 -39.81 -7.82 -5.72
N SER B 561 -38.97 -7.76 -4.69
CA SER B 561 -37.56 -7.42 -4.86
C SER B 561 -36.69 -8.67 -4.76
N SER B 562 -35.45 -8.52 -5.20
CA SER B 562 -34.44 -9.56 -5.15
C SER B 562 -33.08 -8.91 -5.36
N PHE B 563 -32.03 -9.72 -5.44
CA PHE B 563 -30.69 -9.21 -5.73
C PHE B 563 -30.16 -9.70 -7.06
N LEU B 564 -30.06 -11.02 -7.27
CA LEU B 564 -29.50 -11.56 -8.50
C LEU B 564 -30.18 -12.88 -8.81
N PRO B 565 -30.58 -13.11 -10.06
CA PRO B 565 -31.23 -14.38 -10.41
C PRO B 565 -30.27 -15.55 -10.30
N ASP B 566 -30.83 -16.70 -9.91
CA ASP B 566 -30.04 -17.92 -9.83
C ASP B 566 -29.77 -18.46 -11.23
N GLU B 567 -28.59 -19.05 -11.41
CA GLU B 567 -28.18 -19.58 -12.70
C GLU B 567 -27.89 -21.06 -12.58
N ASP B 568 -28.19 -21.79 -13.65
CA ASP B 568 -27.80 -23.19 -13.77
C ASP B 568 -26.33 -23.22 -14.17
N GLN B 569 -25.45 -23.39 -13.19
CA GLN B 569 -24.02 -23.38 -13.43
C GLN B 569 -23.44 -24.77 -13.69
N GLY B 570 -24.30 -25.79 -13.76
CA GLY B 570 -23.86 -27.13 -14.04
C GLY B 570 -23.40 -27.93 -12.83
N VAL B 571 -23.33 -27.30 -11.66
CA VAL B 571 -22.93 -27.97 -10.43
C VAL B 571 -23.82 -27.48 -9.30
N PHE B 572 -23.93 -28.30 -8.26
CA PHE B 572 -24.62 -27.88 -7.05
C PHE B 572 -24.08 -28.71 -5.89
N MET B 573 -24.61 -28.48 -4.70
CA MET B 573 -24.07 -29.12 -3.51
C MET B 573 -25.18 -29.80 -2.72
N THR B 574 -24.77 -30.78 -1.92
CA THR B 574 -25.66 -31.45 -0.99
C THR B 574 -25.00 -31.45 0.38
N MET B 575 -25.73 -31.01 1.39
CA MET B 575 -25.23 -30.92 2.76
C MET B 575 -25.95 -31.96 3.61
N VAL B 576 -25.17 -32.81 4.27
CA VAL B 576 -25.68 -33.87 5.14
C VAL B 576 -25.25 -33.55 6.56
N GLN B 577 -26.22 -33.51 7.48
CA GLN B 577 -25.92 -33.24 8.87
C GLN B 577 -26.67 -34.23 9.75
N LEU B 578 -25.94 -34.95 10.57
CA LEU B 578 -26.46 -35.97 11.45
C LEU B 578 -26.64 -35.42 12.86
N PRO B 579 -27.44 -36.08 13.69
CA PRO B 579 -27.69 -35.55 15.04
C PRO B 579 -26.41 -35.52 15.86
N ALA B 580 -26.49 -34.78 16.97
CA ALA B 580 -25.34 -34.61 17.84
C ALA B 580 -24.83 -35.94 18.36
N GLY B 581 -23.51 -36.10 18.38
CA GLY B 581 -22.89 -37.31 18.85
C GLY B 581 -22.78 -38.42 17.84
N ALA B 582 -23.16 -38.17 16.58
CA ALA B 582 -23.06 -39.19 15.56
C ALA B 582 -21.59 -39.43 15.18
N THR B 583 -21.33 -40.65 14.72
CA THR B 583 -20.00 -41.06 14.30
C THR B 583 -19.92 -41.01 12.77
N GLN B 584 -18.70 -41.16 12.24
CA GLN B 584 -18.49 -41.01 10.81
C GLN B 584 -18.93 -42.22 10.00
N GLU B 585 -19.15 -43.37 10.63
CA GLU B 585 -19.70 -44.49 9.88
C GLU B 585 -21.15 -44.26 9.50
N ARG B 586 -21.94 -43.70 10.42
CA ARG B 586 -23.31 -43.33 10.10
C ARG B 586 -23.36 -42.25 9.03
N THR B 587 -22.48 -41.25 9.13
CA THR B 587 -22.43 -40.20 8.12
C THR B 587 -22.04 -40.78 6.77
N GLN B 588 -21.11 -41.74 6.76
CA GLN B 588 -20.74 -42.40 5.52
C GLN B 588 -21.90 -43.19 4.93
N LYS B 589 -22.70 -43.85 5.78
CA LYS B 589 -23.88 -44.54 5.27
C LYS B 589 -24.86 -43.57 4.64
N VAL B 590 -25.09 -42.43 5.28
CA VAL B 590 -26.02 -41.45 4.72
C VAL B 590 -25.48 -40.90 3.41
N LEU B 591 -24.18 -40.63 3.34
CA LEU B 591 -23.59 -40.14 2.10
C LEU B 591 -23.63 -41.20 1.00
N ASN B 592 -23.50 -42.47 1.37
CA ASN B 592 -23.67 -43.55 0.40
C ASN B 592 -25.09 -43.57 -0.16
N GLU B 593 -26.08 -43.39 0.71
CA GLU B 593 -27.46 -43.30 0.22
C GLU B 593 -27.63 -42.11 -0.72
N VAL B 594 -27.05 -40.97 -0.37
CA VAL B 594 -27.17 -39.76 -1.19
C VAL B 594 -26.56 -40.01 -2.57
N THR B 595 -25.34 -40.54 -2.61
CA THR B 595 -24.66 -40.73 -3.88
C THR B 595 -25.31 -41.84 -4.70
N HIS B 596 -25.87 -42.86 -4.05
CA HIS B 596 -26.62 -43.88 -4.78
C HIS B 596 -27.86 -43.29 -5.43
N TYR B 597 -28.58 -42.43 -4.70
CA TYR B 597 -29.73 -41.76 -5.30
C TYR B 597 -29.30 -40.92 -6.49
N TYR B 598 -28.20 -40.16 -6.34
CA TYR B 598 -27.78 -39.28 -7.42
C TYR B 598 -27.32 -40.05 -8.64
N LEU B 599 -26.66 -41.19 -8.44
CA LEU B 599 -26.11 -41.96 -9.55
C LEU B 599 -27.10 -42.97 -10.11
N THR B 600 -28.26 -43.17 -9.49
CA THR B 600 -29.28 -44.06 -10.03
C THR B 600 -30.52 -43.31 -10.50
N LYS B 601 -31.15 -42.52 -9.63
CA LYS B 601 -32.38 -41.84 -9.99
C LYS B 601 -32.15 -40.53 -10.74
N GLU B 602 -30.90 -40.08 -10.86
CA GLU B 602 -30.57 -38.88 -11.61
C GLU B 602 -29.43 -39.15 -12.59
N LYS B 603 -29.32 -40.40 -13.06
CA LYS B 603 -28.23 -40.76 -13.96
C LYS B 603 -28.28 -40.00 -15.28
N ASN B 604 -29.46 -39.49 -15.66
CA ASN B 604 -29.56 -38.73 -16.90
C ASN B 604 -28.80 -37.41 -16.80
N ASN B 605 -28.87 -36.75 -15.65
CA ASN B 605 -28.28 -35.43 -15.47
C ASN B 605 -27.01 -35.42 -14.65
N VAL B 606 -26.92 -36.23 -13.61
CA VAL B 606 -25.77 -36.22 -12.72
C VAL B 606 -24.66 -37.04 -13.35
N GLU B 607 -23.49 -36.42 -13.54
CA GLU B 607 -22.35 -37.09 -14.14
C GLU B 607 -21.40 -37.66 -13.09
N SER B 608 -21.18 -36.94 -12.00
CA SER B 608 -20.27 -37.40 -10.96
C SER B 608 -20.65 -36.80 -9.62
N VAL B 609 -20.47 -37.56 -8.55
CA VAL B 609 -20.73 -37.12 -7.20
C VAL B 609 -19.45 -37.28 -6.39
N PHE B 610 -19.01 -36.21 -5.76
CA PHE B 610 -17.81 -36.21 -4.93
C PHE B 610 -18.24 -36.01 -3.48
N ALA B 611 -18.37 -37.13 -2.75
CA ALA B 611 -18.85 -37.09 -1.38
C ALA B 611 -17.69 -36.95 -0.41
N VAL B 612 -17.77 -35.96 0.46
CA VAL B 612 -16.74 -35.71 1.46
C VAL B 612 -17.36 -35.89 2.84
N ASN B 613 -16.79 -36.81 3.62
CA ASN B 613 -17.28 -37.11 4.95
C ASN B 613 -16.32 -36.47 5.97
N GLY B 614 -16.90 -35.74 6.92
CA GLY B 614 -16.13 -35.05 7.93
C GLY B 614 -15.88 -33.59 7.65
N PHE B 615 -16.21 -33.11 6.46
CA PHE B 615 -16.03 -31.72 6.09
C PHE B 615 -17.36 -31.17 5.59
N GLY B 616 -17.82 -30.07 6.19
CA GLY B 616 -19.03 -29.42 5.75
C GLY B 616 -18.93 -27.92 5.85
N PHE B 617 -20.06 -27.22 5.72
CA PHE B 617 -20.07 -25.77 5.90
C PHE B 617 -20.56 -25.35 7.28
N ALA B 618 -21.37 -26.18 7.94
CA ALA B 618 -21.75 -25.91 9.32
C ALA B 618 -20.58 -26.05 10.28
N GLY B 619 -19.46 -26.60 9.82
CA GLY B 619 -18.29 -26.75 10.66
C GLY B 619 -17.72 -28.16 10.53
N ARG B 620 -16.41 -28.26 10.67
CA ARG B 620 -15.77 -29.57 10.65
C ARG B 620 -16.27 -30.42 11.81
N GLY B 621 -16.63 -31.66 11.51
CA GLY B 621 -17.13 -32.55 12.53
C GLY B 621 -17.33 -33.93 11.95
N GLN B 622 -17.45 -34.91 12.87
CA GLN B 622 -17.63 -36.29 12.46
C GLN B 622 -19.04 -36.58 11.96
N ASN B 623 -20.00 -35.72 12.27
CA ASN B 623 -21.39 -35.91 11.89
C ASN B 623 -21.80 -35.10 10.68
N THR B 624 -20.87 -34.39 10.05
CA THR B 624 -21.16 -33.54 8.91
C THR B 624 -20.60 -34.16 7.63
N GLY B 625 -21.21 -33.80 6.52
CA GLY B 625 -20.73 -34.27 5.23
C GLY B 625 -21.25 -33.39 4.11
N ILE B 626 -20.53 -33.40 3.00
CA ILE B 626 -20.89 -32.62 1.83
C ILE B 626 -20.71 -33.48 0.59
N ALA B 627 -21.41 -33.09 -0.47
CA ALA B 627 -21.32 -33.79 -1.74
C ALA B 627 -21.41 -32.77 -2.86
N PHE B 628 -20.33 -32.62 -3.62
CA PHE B 628 -20.30 -31.74 -4.78
C PHE B 628 -20.83 -32.53 -5.98
N VAL B 629 -22.02 -32.20 -6.44
CA VAL B 629 -22.66 -32.90 -7.54
C VAL B 629 -22.45 -32.11 -8.82
N SER B 630 -21.90 -32.77 -9.83
CA SER B 630 -21.65 -32.17 -11.13
C SER B 630 -22.65 -32.75 -12.14
N LEU B 631 -23.16 -31.88 -13.00
CA LEU B 631 -24.19 -32.26 -13.95
C LEU B 631 -23.62 -32.40 -15.36
N LYS B 632 -24.40 -33.03 -16.23
CA LYS B 632 -24.01 -33.18 -17.61
C LYS B 632 -23.96 -31.82 -18.30
N ASP B 633 -23.54 -31.82 -19.55
CA ASP B 633 -23.52 -30.59 -20.33
C ASP B 633 -24.94 -30.09 -20.53
N TRP B 634 -25.06 -28.77 -20.68
CA TRP B 634 -26.38 -28.15 -20.81
C TRP B 634 -27.13 -28.71 -22.01
N ALA B 635 -26.42 -29.01 -23.10
CA ALA B 635 -27.06 -29.61 -24.27
C ALA B 635 -27.59 -31.01 -23.95
N ASP B 636 -26.84 -31.79 -23.17
CA ASP B 636 -27.21 -33.17 -22.90
C ASP B 636 -28.46 -33.29 -22.04
N ARG B 637 -28.86 -32.24 -21.34
CA ARG B 637 -30.05 -32.26 -20.49
C ARG B 637 -30.96 -31.09 -20.86
N PRO B 638 -31.80 -31.26 -21.87
CA PRO B 638 -32.77 -30.22 -22.23
C PRO B 638 -34.03 -30.31 -21.39
N GLY B 639 -34.77 -29.22 -21.39
CA GLY B 639 -36.02 -29.11 -20.65
C GLY B 639 -35.87 -28.25 -19.42
N GLU B 640 -37.00 -28.11 -18.71
CA GLU B 640 -37.02 -27.31 -17.48
C GLU B 640 -36.95 -28.16 -16.22
N GLU B 641 -37.36 -29.43 -16.28
CA GLU B 641 -37.21 -30.33 -15.15
C GLU B 641 -35.80 -30.89 -15.04
N ASN B 642 -34.95 -30.65 -16.03
CA ASN B 642 -33.58 -31.15 -16.04
C ASN B 642 -32.57 -30.09 -15.64
N LYS B 643 -33.03 -28.95 -15.11
CA LYS B 643 -32.17 -27.88 -14.66
C LYS B 643 -31.91 -28.01 -13.16
N VAL B 644 -30.99 -27.18 -12.66
CA VAL B 644 -30.51 -27.33 -11.29
C VAL B 644 -31.65 -27.12 -10.30
N GLU B 645 -32.52 -26.14 -10.54
CA GLU B 645 -33.55 -25.82 -9.57
C GLU B 645 -34.50 -27.00 -9.35
N ALA B 646 -35.05 -27.55 -10.44
CA ALA B 646 -35.97 -28.68 -10.32
C ALA B 646 -35.26 -29.91 -9.77
N ILE B 647 -34.04 -30.16 -10.23
CA ILE B 647 -33.30 -31.34 -9.77
C ILE B 647 -33.07 -31.27 -8.27
N THR B 648 -32.64 -30.10 -7.78
CA THR B 648 -32.39 -29.95 -6.35
C THR B 648 -33.69 -29.99 -5.55
N MET B 649 -34.77 -29.44 -6.11
CA MET B 649 -36.06 -29.52 -5.42
C MET B 649 -36.48 -30.96 -5.22
N ARG B 650 -36.46 -31.76 -6.30
CA ARG B 650 -36.89 -33.14 -6.16
C ARG B 650 -35.89 -33.97 -5.36
N ALA B 651 -34.60 -33.61 -5.39
CA ALA B 651 -33.62 -34.31 -4.58
C ALA B 651 -33.82 -34.04 -3.09
N THR B 652 -34.10 -32.79 -2.74
CA THR B 652 -34.41 -32.48 -1.34
C THR B 652 -35.72 -33.12 -0.91
N ARG B 653 -36.68 -33.23 -1.81
CA ARG B 653 -37.90 -33.99 -1.51
C ARG B 653 -37.59 -35.44 -1.22
N ALA B 654 -36.71 -36.05 -2.03
CA ALA B 654 -36.35 -37.45 -1.81
C ALA B 654 -35.58 -37.64 -0.51
N PHE B 655 -34.64 -36.74 -0.22
CA PHE B 655 -33.78 -36.84 0.96
C PHE B 655 -34.52 -36.55 2.25
N SER B 656 -35.74 -36.02 2.18
CA SER B 656 -36.51 -35.76 3.39
C SER B 656 -36.86 -37.04 4.13
N GLN B 657 -36.88 -38.18 3.44
CA GLN B 657 -37.23 -39.46 4.05
C GLN B 657 -35.98 -40.21 4.52
N ILE B 658 -35.14 -39.54 5.30
CA ILE B 658 -33.97 -40.15 5.91
C ILE B 658 -34.04 -39.92 7.42
N LYS B 659 -33.79 -40.97 8.18
CA LYS B 659 -34.03 -40.93 9.62
C LYS B 659 -32.96 -40.12 10.32
N ASP B 660 -33.39 -39.08 11.04
CA ASP B 660 -32.57 -38.34 12.00
C ASP B 660 -31.51 -37.46 11.35
N ALA B 661 -31.35 -37.58 10.03
CA ALA B 661 -30.32 -36.85 9.30
C ALA B 661 -30.97 -35.84 8.37
N MET B 662 -30.53 -34.59 8.45
CA MET B 662 -31.04 -33.54 7.58
C MET B 662 -30.14 -33.43 6.35
N VAL B 663 -30.72 -33.64 5.18
CA VAL B 663 -30.00 -33.62 3.92
C VAL B 663 -30.66 -32.58 3.03
N PHE B 664 -29.89 -31.58 2.60
CA PHE B 664 -30.39 -30.49 1.80
C PHE B 664 -29.58 -30.36 0.52
N ALA B 665 -30.24 -30.40 -0.63
CA ALA B 665 -29.59 -30.16 -1.91
C ALA B 665 -29.86 -28.72 -2.32
N PHE B 666 -28.79 -27.97 -2.55
CA PHE B 666 -28.95 -26.55 -2.87
C PHE B 666 -28.04 -26.16 -4.03
N ASN B 667 -28.34 -25.00 -4.59
CA ASN B 667 -27.68 -24.44 -5.76
C ASN B 667 -26.75 -23.30 -5.34
N LEU B 668 -25.73 -23.06 -6.15
CA LEU B 668 -24.81 -21.97 -5.88
C LEU B 668 -25.49 -20.63 -6.15
N PRO B 669 -25.12 -19.59 -5.42
CA PRO B 669 -25.66 -18.25 -5.71
C PRO B 669 -25.17 -17.75 -7.06
N ALA B 670 -25.74 -16.63 -7.48
CA ALA B 670 -25.37 -16.05 -8.77
C ALA B 670 -23.89 -15.67 -8.79
N ILE B 671 -23.40 -15.07 -7.72
CA ILE B 671 -21.98 -14.80 -7.53
C ILE B 671 -21.52 -15.67 -6.36
N VAL B 672 -20.75 -16.71 -6.65
CA VAL B 672 -20.29 -17.63 -5.61
C VAL B 672 -18.96 -17.08 -5.09
N GLU B 673 -19.06 -16.04 -4.27
CA GLU B 673 -17.94 -15.53 -3.49
C GLU B 673 -18.30 -15.14 -2.08
N LEU B 674 -19.58 -14.88 -1.79
CA LEU B 674 -20.05 -14.47 -0.47
C LEU B 674 -21.24 -15.36 -0.15
N GLY B 675 -21.03 -16.34 0.72
CA GLY B 675 -22.01 -17.37 0.97
C GLY B 675 -21.94 -18.51 -0.03
N THR B 676 -22.69 -19.56 0.25
CA THR B 676 -22.65 -20.78 -0.57
C THR B 676 -24.04 -21.32 -0.83
N ALA B 677 -25.08 -20.49 -0.91
CA ALA B 677 -26.46 -20.98 -1.09
C ALA B 677 -27.33 -19.93 -1.75
N THR B 678 -28.36 -20.35 -2.49
CA THR B 678 -29.34 -19.45 -3.15
C THR B 678 -30.41 -19.16 -2.11
N GLY B 679 -30.09 -18.43 -1.04
CA GLY B 679 -31.02 -18.24 0.08
C GLY B 679 -30.84 -16.96 0.77
N PHE B 680 -30.95 -17.02 2.08
CA PHE B 680 -30.81 -15.83 2.91
C PHE B 680 -29.99 -16.26 4.10
N ASP B 681 -28.99 -15.49 4.50
CA ASP B 681 -28.26 -15.73 5.77
C ASP B 681 -28.99 -14.92 6.81
N PHE B 682 -29.59 -15.54 7.82
CA PHE B 682 -30.45 -14.86 8.82
C PHE B 682 -29.86 -14.97 10.22
N GLU B 683 -29.09 -13.99 10.63
CA GLU B 683 -28.38 -13.96 11.91
C GLU B 683 -29.35 -13.59 13.03
N LEU B 684 -29.19 -14.23 14.17
CA LEU B 684 -30.08 -14.06 15.32
C LEU B 684 -29.22 -13.70 16.53
N ILE B 685 -29.06 -12.42 16.78
CA ILE B 685 -28.17 -11.92 17.83
C ILE B 685 -28.96 -11.76 19.13
N ASP B 686 -28.35 -12.12 20.26
CA ASP B 686 -28.93 -11.86 21.56
C ASP B 686 -28.36 -10.54 22.08
N GLN B 687 -29.04 -9.44 21.77
CA GLN B 687 -28.53 -8.12 22.12
C GLN B 687 -28.47 -7.89 23.62
N ALA B 688 -29.41 -8.47 24.37
CA ALA B 688 -29.45 -8.30 25.81
C ALA B 688 -28.43 -9.25 26.46
N GLY B 689 -28.49 -9.36 27.78
CA GLY B 689 -27.56 -10.21 28.50
C GLY B 689 -28.01 -11.65 28.59
N LEU B 690 -28.66 -12.15 27.54
CA LEU B 690 -29.14 -13.52 27.53
C LEU B 690 -27.97 -14.49 27.41
N GLY B 691 -28.25 -15.75 27.76
CA GLY B 691 -27.24 -16.78 27.67
C GLY B 691 -27.38 -17.63 26.42
N HIS B 692 -26.61 -18.73 26.35
CA HIS B 692 -26.67 -19.61 25.20
C HIS B 692 -27.92 -20.47 25.19
N GLU B 693 -28.38 -20.92 26.35
CA GLU B 693 -29.58 -21.75 26.40
C GLU B 693 -30.83 -20.96 26.04
N LYS B 694 -30.88 -19.68 26.41
CA LYS B 694 -32.00 -18.82 26.05
C LYS B 694 -31.97 -18.40 24.59
N LEU B 695 -30.80 -18.50 23.93
CA LEU B 695 -30.68 -18.22 22.51
C LEU B 695 -30.88 -19.46 21.66
N THR B 696 -30.59 -20.65 22.18
CA THR B 696 -30.98 -21.88 21.52
C THR B 696 -32.49 -22.04 21.48
N GLN B 697 -33.23 -21.25 22.25
CA GLN B 697 -34.69 -21.20 22.14
C GLN B 697 -35.08 -20.29 20.98
N ALA B 698 -34.44 -20.56 19.84
CA ALA B 698 -34.81 -19.98 18.56
C ALA B 698 -35.54 -21.01 17.71
N ARG B 699 -35.76 -22.22 18.24
CA ARG B 699 -36.49 -23.24 17.52
C ARG B 699 -37.96 -22.89 17.36
N ASN B 700 -38.47 -21.95 18.14
CA ASN B 700 -39.83 -21.44 17.94
C ASN B 700 -39.95 -20.62 16.68
N GLN B 701 -38.83 -20.18 16.10
CA GLN B 701 -38.84 -19.53 14.80
C GLN B 701 -38.25 -20.42 13.71
N LEU B 702 -37.42 -21.39 14.06
CA LEU B 702 -36.76 -22.28 13.11
C LEU B 702 -37.68 -23.34 12.53
N LEU B 703 -38.18 -24.24 13.37
CA LEU B 703 -39.07 -25.30 12.92
C LEU B 703 -40.50 -25.14 13.41
N ALA B 704 -40.85 -23.97 13.93
CA ALA B 704 -42.22 -23.74 14.39
C ALA B 704 -42.88 -22.67 13.56
N GLU B 705 -42.28 -21.48 13.48
CA GLU B 705 -42.90 -20.39 12.73
C GLU B 705 -42.54 -20.48 11.25
N ALA B 706 -41.27 -20.72 10.94
CA ALA B 706 -40.87 -20.88 9.54
C ALA B 706 -41.50 -22.11 8.92
N ALA B 707 -41.80 -23.12 9.75
CA ALA B 707 -42.47 -24.32 9.26
C ALA B 707 -43.96 -24.11 9.04
N LYS B 708 -44.54 -23.05 9.59
CA LYS B 708 -45.94 -22.73 9.35
C LYS B 708 -46.15 -21.91 8.09
N HIS B 709 -45.10 -21.65 7.32
CA HIS B 709 -45.20 -20.91 6.07
C HIS B 709 -44.51 -21.70 4.96
N PRO B 710 -45.07 -22.86 4.59
CA PRO B 710 -44.42 -23.70 3.57
C PRO B 710 -44.47 -23.12 2.17
N ASP B 711 -45.34 -22.15 1.92
CA ASP B 711 -45.45 -21.49 0.62
C ASP B 711 -44.55 -20.27 0.51
N MET B 712 -43.76 -19.99 1.54
CA MET B 712 -42.88 -18.84 1.60
C MET B 712 -41.43 -19.22 1.86
N LEU B 713 -41.19 -20.22 2.70
CA LEU B 713 -39.84 -20.65 3.05
C LEU B 713 -39.70 -22.14 2.75
N THR B 714 -38.62 -22.50 2.06
CA THR B 714 -38.46 -23.87 1.57
C THR B 714 -37.67 -24.75 2.52
N SER B 715 -36.42 -24.38 2.81
CA SER B 715 -35.48 -25.25 3.51
C SER B 715 -34.81 -24.51 4.66
N VAL B 716 -35.61 -23.88 5.51
CA VAL B 716 -35.09 -23.15 6.66
C VAL B 716 -34.38 -24.11 7.60
N ARG B 717 -33.06 -23.95 7.72
CA ARG B 717 -32.21 -24.81 8.52
C ARG B 717 -31.21 -23.95 9.28
N PRO B 718 -30.74 -24.42 10.43
CA PRO B 718 -29.70 -23.68 11.15
C PRO B 718 -28.32 -24.02 10.60
N ASN B 719 -27.46 -23.01 10.53
CA ASN B 719 -26.09 -23.18 10.06
C ASN B 719 -25.17 -23.28 11.27
N GLY B 720 -25.19 -24.44 11.90
CA GLY B 720 -24.41 -24.65 13.10
C GLY B 720 -24.61 -26.06 13.62
N LEU B 721 -24.11 -26.28 14.83
CA LEU B 721 -24.15 -27.59 15.47
C LEU B 721 -24.94 -27.51 16.76
N GLU B 722 -25.76 -28.53 17.00
CA GLU B 722 -26.54 -28.61 18.22
C GLU B 722 -25.68 -29.07 19.39
N ASP B 723 -26.21 -28.86 20.60
CA ASP B 723 -25.47 -29.20 21.80
C ASP B 723 -25.21 -30.70 21.88
N THR B 724 -24.02 -31.08 22.34
CA THR B 724 -23.63 -32.47 22.39
C THR B 724 -23.25 -32.86 23.82
N PRO B 725 -23.50 -34.11 24.21
CA PRO B 725 -22.96 -34.59 25.47
C PRO B 725 -21.45 -34.70 25.42
N GLN B 726 -20.82 -34.48 26.57
CA GLN B 726 -19.37 -34.50 26.68
C GLN B 726 -18.96 -35.34 27.88
N PHE B 727 -17.76 -35.90 27.80
CA PHE B 727 -17.21 -36.73 28.86
C PHE B 727 -16.22 -35.91 29.66
N LYS B 728 -16.43 -35.84 30.97
CA LYS B 728 -15.59 -35.05 31.87
C LYS B 728 -14.82 -35.98 32.79
N ILE B 729 -13.52 -35.73 32.93
CA ILE B 729 -12.66 -36.50 33.82
C ILE B 729 -12.23 -35.57 34.95
N ASP B 730 -12.53 -35.96 36.19
CA ASP B 730 -12.13 -35.22 37.36
C ASP B 730 -10.93 -35.92 37.98
N ILE B 731 -9.80 -35.22 38.07
CA ILE B 731 -8.57 -35.78 38.61
C ILE B 731 -8.31 -35.12 39.96
N ASP B 732 -8.24 -35.94 41.01
CA ASP B 732 -7.97 -35.45 42.36
C ASP B 732 -6.47 -35.31 42.53
N GLN B 733 -6.00 -34.07 42.67
CA GLN B 733 -4.57 -33.82 42.79
C GLN B 733 -3.99 -34.47 44.03
N GLU B 734 -4.65 -34.29 45.18
CA GLU B 734 -4.14 -34.85 46.42
C GLU B 734 -4.11 -36.37 46.37
N LYS B 735 -5.16 -36.98 45.80
CA LYS B 735 -5.18 -38.43 45.68
C LYS B 735 -4.11 -38.92 44.71
N ALA B 736 -3.75 -38.12 43.70
CA ALA B 736 -2.67 -38.49 42.80
C ALA B 736 -1.32 -38.44 43.50
N GLN B 737 -1.03 -37.33 44.21
CA GLN B 737 0.25 -37.22 44.89
C GLN B 737 0.35 -38.14 46.10
N ALA B 738 -0.78 -38.64 46.61
CA ALA B 738 -0.72 -39.65 47.67
C ALA B 738 -0.05 -40.92 47.18
N LEU B 739 -0.36 -41.33 45.94
CA LEU B 739 0.17 -42.57 45.38
C LEU B 739 1.54 -42.39 44.72
N GLY B 740 2.02 -41.16 44.59
CA GLY B 740 3.34 -40.92 44.03
C GLY B 740 3.38 -40.62 42.54
N VAL B 741 2.25 -40.34 41.92
CA VAL B 741 2.19 -40.04 40.49
C VAL B 741 2.08 -38.53 40.32
N SER B 742 2.93 -37.97 39.47
CA SER B 742 2.89 -36.55 39.19
C SER B 742 1.70 -36.21 38.31
N ILE B 743 1.25 -34.96 38.39
CA ILE B 743 0.14 -34.55 37.52
C ILE B 743 0.64 -34.34 36.10
N ASN B 744 1.93 -34.05 35.93
CA ASN B 744 2.47 -33.77 34.59
C ASN B 744 2.39 -35.01 33.71
N ASP B 745 2.89 -36.15 34.19
CA ASP B 745 2.85 -37.35 33.37
C ASP B 745 1.44 -37.90 33.28
N ILE B 746 0.58 -37.62 34.26
CA ILE B 746 -0.83 -37.98 34.14
C ILE B 746 -1.46 -37.26 32.96
N ASN B 747 -1.21 -35.95 32.86
CA ASN B 747 -1.73 -35.18 31.72
C ASN B 747 -1.11 -35.66 30.42
N THR B 748 0.18 -35.99 30.44
CA THR B 748 0.84 -36.45 29.22
C THR B 748 0.25 -37.78 28.74
N THR B 749 0.02 -38.72 29.65
CA THR B 749 -0.50 -40.02 29.25
C THR B 749 -1.98 -39.94 28.91
N LEU B 750 -2.72 -39.00 29.48
CA LEU B 750 -4.11 -38.83 29.07
C LEU B 750 -4.20 -38.20 27.69
N GLY B 751 -3.41 -37.15 27.44
CA GLY B 751 -3.45 -36.50 26.14
C GLY B 751 -2.90 -37.36 25.03
N ALA B 752 -1.80 -38.07 25.29
CA ALA B 752 -1.17 -38.86 24.24
C ALA B 752 -1.95 -40.13 23.91
N ALA B 753 -2.69 -40.68 24.87
CA ALA B 753 -3.42 -41.92 24.63
C ALA B 753 -4.70 -41.66 23.84
N TRP B 754 -5.62 -40.88 24.41
CA TRP B 754 -6.92 -40.67 23.80
C TRP B 754 -6.90 -39.62 22.70
N GLY B 755 -5.93 -38.70 22.73
CA GLY B 755 -5.76 -37.77 21.65
C GLY B 755 -4.41 -37.96 20.99
N GLY B 756 -4.21 -37.33 19.83
CA GLY B 756 -2.91 -37.42 19.19
C GLY B 756 -1.84 -36.69 19.98
N SER B 757 -0.61 -37.12 19.79
CA SER B 757 0.55 -36.50 20.43
C SER B 757 1.65 -36.35 19.39
N TYR B 758 1.74 -35.17 18.79
CA TYR B 758 2.79 -34.91 17.81
C TYR B 758 4.13 -34.81 18.53
N VAL B 759 5.02 -35.77 18.26
CA VAL B 759 6.28 -35.85 18.99
C VAL B 759 7.35 -35.02 18.29
N ASN B 760 7.70 -35.39 17.07
CA ASN B 760 8.68 -34.66 16.28
C ASN B 760 8.52 -35.07 14.82
N ASP B 761 9.49 -34.69 14.00
CA ASP B 761 9.41 -34.92 12.57
C ASP B 761 10.26 -36.13 12.16
N PHE B 762 10.10 -36.51 10.90
CA PHE B 762 10.93 -37.55 10.28
C PHE B 762 10.91 -37.32 8.77
N ILE B 763 11.77 -38.05 8.07
CA ILE B 763 11.90 -37.92 6.62
C ILE B 763 11.36 -39.18 5.98
N ASP B 764 10.34 -39.04 5.14
CA ASP B 764 9.71 -40.20 4.52
C ASP B 764 10.35 -40.55 3.19
N ARG B 765 10.27 -39.64 2.22
CA ARG B 765 10.86 -39.80 0.90
C ARG B 765 11.54 -38.51 0.48
N GLY B 766 12.32 -37.94 1.39
CA GLY B 766 12.88 -36.62 1.19
C GLY B 766 11.99 -35.49 1.66
N ARG B 767 10.82 -35.79 2.20
CA ARG B 767 9.89 -34.77 2.69
C ARG B 767 9.77 -34.90 4.20
N VAL B 768 9.65 -33.76 4.88
CA VAL B 768 9.53 -33.74 6.33
C VAL B 768 8.07 -33.97 6.69
N LYS B 769 7.82 -35.05 7.44
CA LYS B 769 6.47 -35.40 7.89
C LYS B 769 6.49 -35.53 9.40
N LYS B 770 5.31 -35.69 9.98
CA LYS B 770 5.17 -35.71 11.43
C LYS B 770 5.21 -37.14 11.96
N VAL B 771 5.47 -37.25 13.26
CA VAL B 771 5.41 -38.51 13.99
C VAL B 771 4.36 -38.35 15.07
N TYR B 772 3.36 -39.23 15.06
CA TYR B 772 2.23 -39.15 15.98
C TYR B 772 2.19 -40.38 16.86
N VAL B 773 1.90 -40.17 18.14
CA VAL B 773 1.77 -41.23 19.12
C VAL B 773 0.33 -41.21 19.63
N MET B 774 -0.35 -42.35 19.51
CA MET B 774 -1.73 -42.43 19.92
C MET B 774 -2.02 -43.86 20.36
N SER B 775 -3.07 -44.04 21.15
CA SER B 775 -3.49 -45.38 21.53
C SER B 775 -4.18 -46.06 20.37
N GLU B 776 -4.11 -47.39 20.36
CA GLU B 776 -4.83 -48.15 19.35
C GLU B 776 -6.33 -47.93 19.53
N ALA B 777 -7.05 -47.94 18.40
CA ALA B 777 -8.46 -47.58 18.41
C ALA B 777 -9.28 -48.47 19.35
N LYS B 778 -8.83 -49.70 19.60
CA LYS B 778 -9.59 -50.61 20.45
C LYS B 778 -9.67 -50.11 21.88
N TYR B 779 -8.65 -49.39 22.35
CA TYR B 779 -8.51 -49.05 23.75
C TYR B 779 -8.85 -47.59 24.05
N ARG B 780 -9.53 -46.90 23.13
CA ARG B 780 -9.96 -45.53 23.40
C ARG B 780 -11.33 -45.24 22.83
N MET B 781 -12.21 -46.26 22.77
CA MET B 781 -13.54 -46.06 22.22
C MET B 781 -14.57 -45.74 23.31
N LEU B 782 -14.76 -46.64 24.25
CA LEU B 782 -15.77 -46.50 25.28
C LEU B 782 -15.18 -45.81 26.50
N PRO B 783 -16.02 -45.19 27.32
CA PRO B 783 -15.51 -44.60 28.58
C PRO B 783 -14.85 -45.62 29.48
N ASP B 784 -15.37 -46.85 29.51
CA ASP B 784 -14.78 -47.88 30.36
C ASP B 784 -13.34 -48.17 30.00
N ASP B 785 -12.95 -47.90 28.75
CA ASP B 785 -11.56 -48.11 28.34
C ASP B 785 -10.60 -47.25 29.13
N ILE B 786 -11.10 -46.20 29.80
CA ILE B 786 -10.25 -45.38 30.64
C ILE B 786 -9.60 -46.20 31.74
N GLY B 787 -10.17 -47.36 32.07
CA GLY B 787 -9.58 -48.22 33.07
C GLY B 787 -8.39 -49.02 32.61
N ASP B 788 -8.14 -49.09 31.31
CA ASP B 788 -7.06 -49.91 30.79
C ASP B 788 -5.70 -49.24 30.92
N TRP B 789 -5.64 -47.97 31.32
CA TRP B 789 -4.41 -47.20 31.29
C TRP B 789 -3.82 -47.06 32.68
N TYR B 790 -2.48 -47.07 32.75
CA TYR B 790 -1.75 -47.03 34.01
C TYR B 790 -0.76 -45.88 33.97
N VAL B 791 -0.61 -45.20 35.10
CA VAL B 791 0.37 -44.13 35.27
C VAL B 791 1.43 -44.63 36.25
N ARG B 792 2.70 -44.61 35.87
CA ARG B 792 3.79 -45.15 36.71
C ARG B 792 4.09 -44.11 37.78
N ALA B 793 4.30 -44.52 39.04
CA ALA B 793 4.65 -43.62 40.17
C ALA B 793 6.16 -43.60 40.34
N ALA B 794 6.68 -42.90 41.37
CA ALA B 794 8.12 -42.94 41.71
C ALA B 794 8.44 -44.39 42.09
N ASP B 795 7.52 -45.07 42.77
CA ASP B 795 7.74 -46.46 43.24
C ASP B 795 8.01 -47.36 42.02
N GLY B 796 7.43 -47.04 40.87
CA GLY B 796 7.58 -47.92 39.69
C GLY B 796 6.38 -48.83 39.62
N GLN B 797 5.66 -48.99 40.74
CA GLN B 797 4.40 -49.78 40.69
C GLN B 797 3.42 -49.00 39.82
N MET B 798 2.63 -49.69 39.02
CA MET B 798 1.72 -49.01 38.06
C MET B 798 0.44 -48.56 38.78
N VAL B 799 0.11 -47.26 38.71
CA VAL B 799 -1.06 -46.72 39.45
C VAL B 799 -2.28 -46.59 38.50
N PRO B 800 -3.43 -47.31 38.67
CA PRO B 800 -4.51 -47.25 37.66
C PRO B 800 -5.36 -45.97 37.78
N PHE B 801 -5.64 -45.31 36.65
CA PHE B 801 -6.39 -44.01 36.61
C PHE B 801 -7.57 -44.01 37.58
N SER B 802 -8.37 -45.08 37.63
CA SER B 802 -9.53 -45.22 38.54
C SER B 802 -9.23 -44.65 39.93
N ALA B 803 -8.04 -44.90 40.49
CA ALA B 803 -7.62 -44.42 41.84
C ALA B 803 -7.80 -42.90 41.97
N PHE B 804 -7.48 -42.11 40.94
CA PHE B 804 -7.51 -40.61 40.96
C PHE B 804 -8.35 -40.08 39.78
N SER B 805 -9.47 -40.72 39.39
CA SER B 805 -10.29 -40.31 38.22
C SER B 805 -11.80 -40.55 38.43
N SER B 806 -12.69 -39.77 37.80
CA SER B 806 -14.13 -40.02 37.81
C SER B 806 -14.71 -39.57 36.48
N SER B 807 -16.04 -39.53 36.39
CA SER B 807 -16.73 -39.18 35.17
C SER B 807 -18.00 -38.41 35.50
N ARG B 808 -18.44 -37.57 34.59
CA ARG B 808 -19.63 -36.75 34.83
C ARG B 808 -20.67 -36.82 33.72
N TRP B 809 -20.25 -36.92 32.46
CA TRP B 809 -21.15 -36.88 31.31
C TRP B 809 -21.96 -35.59 31.29
N GLU B 810 -21.24 -34.48 31.12
CA GLU B 810 -21.85 -33.15 31.08
C GLU B 810 -22.40 -32.88 29.68
N TYR B 811 -22.82 -31.65 29.43
CA TYR B 811 -23.27 -31.20 28.12
C TYR B 811 -22.43 -30.02 27.66
N GLY B 812 -22.46 -29.74 26.36
CA GLY B 812 -21.73 -28.61 25.84
C GLY B 812 -21.94 -28.35 24.36
N SER B 813 -21.95 -27.08 23.97
CA SER B 813 -22.10 -26.72 22.58
C SER B 813 -20.77 -26.83 21.85
N PRO B 814 -20.71 -27.56 20.73
CA PRO B 814 -19.46 -27.65 19.97
C PRO B 814 -19.18 -26.46 19.07
N ARG B 815 -20.17 -25.59 18.80
CA ARG B 815 -19.98 -24.39 17.95
C ARG B 815 -20.80 -23.23 18.53
N LEU B 816 -20.20 -22.05 18.75
CA LEU B 816 -20.81 -20.93 19.46
C LEU B 816 -21.25 -19.80 18.55
N GLU B 817 -20.47 -19.46 17.52
CA GLU B 817 -20.89 -18.55 16.45
C GLU B 817 -21.24 -17.16 16.99
N ARG B 818 -20.23 -16.49 17.50
CA ARG B 818 -20.34 -15.08 17.84
C ARG B 818 -20.44 -14.22 16.58
N TYR B 819 -21.21 -13.15 16.65
CA TYR B 819 -21.42 -12.27 15.50
C TYR B 819 -21.41 -10.82 15.96
N ASN B 820 -20.51 -10.02 15.37
CA ASN B 820 -20.37 -8.61 15.71
C ASN B 820 -20.14 -8.41 17.20
N GLY B 821 -19.38 -9.32 17.79
CA GLY B 821 -19.08 -9.26 19.21
C GLY B 821 -20.13 -9.87 20.11
N LEU B 822 -21.25 -10.34 19.57
CA LEU B 822 -22.31 -10.90 20.38
C LEU B 822 -22.68 -12.29 19.87
N PRO B 823 -23.13 -13.18 20.76
CA PRO B 823 -23.54 -14.52 20.31
C PRO B 823 -24.68 -14.46 19.33
N SER B 824 -24.72 -15.44 18.42
CA SER B 824 -25.72 -15.45 17.36
C SER B 824 -25.97 -16.88 16.93
N MET B 825 -27.06 -17.06 16.17
CA MET B 825 -27.43 -18.34 15.59
C MET B 825 -27.77 -18.11 14.13
N GLU B 826 -26.82 -18.38 13.24
CA GLU B 826 -27.06 -18.15 11.82
C GLU B 826 -28.10 -19.14 11.31
N ILE B 827 -29.10 -18.62 10.60
CA ILE B 827 -30.20 -19.41 10.08
C ILE B 827 -30.20 -19.28 8.56
N LEU B 828 -30.16 -20.41 7.87
CA LEU B 828 -30.17 -20.45 6.42
C LEU B 828 -31.57 -20.80 5.93
N GLY B 829 -31.73 -20.84 4.63
CA GLY B 829 -33.01 -21.16 4.01
C GLY B 829 -33.16 -20.42 2.72
N GLN B 830 -34.18 -20.82 1.96
CA GLN B 830 -34.49 -20.19 0.67
C GLN B 830 -35.99 -20.01 0.54
N ALA B 831 -36.38 -19.28 -0.50
CA ALA B 831 -37.78 -18.99 -0.76
C ALA B 831 -38.43 -20.11 -1.56
N ALA B 832 -39.76 -20.09 -1.59
CA ALA B 832 -40.52 -21.08 -2.33
C ALA B 832 -40.27 -20.91 -3.83
N PRO B 833 -40.47 -21.97 -4.62
CA PRO B 833 -40.16 -21.88 -6.05
C PRO B 833 -40.88 -20.76 -6.77
N GLY B 834 -42.14 -20.49 -6.41
CA GLY B 834 -42.87 -19.42 -7.06
C GLY B 834 -42.60 -18.03 -6.51
N LYS B 835 -41.79 -17.94 -5.47
CA LYS B 835 -41.53 -16.69 -4.77
C LYS B 835 -40.10 -16.22 -5.03
N SER B 836 -39.72 -15.13 -4.36
CA SER B 836 -38.42 -14.51 -4.57
C SER B 836 -37.78 -14.19 -3.22
N THR B 837 -36.45 -14.13 -3.23
CA THR B 837 -35.70 -13.71 -2.04
C THR B 837 -35.91 -12.21 -1.84
N GLY B 838 -36.54 -11.85 -0.73
CA GLY B 838 -36.92 -10.48 -0.48
C GLY B 838 -38.33 -10.44 0.06
N GLU B 839 -39.18 -11.34 -0.45
CA GLU B 839 -40.41 -11.69 0.24
C GLU B 839 -40.13 -12.63 1.41
N ALA B 840 -39.23 -13.58 1.22
CA ALA B 840 -38.78 -14.42 2.32
C ALA B 840 -38.05 -13.61 3.38
N MET B 841 -37.24 -12.64 2.95
CA MET B 841 -36.53 -11.80 3.91
C MET B 841 -37.50 -10.97 4.75
N GLU B 842 -38.53 -10.40 4.12
CA GLU B 842 -39.49 -9.62 4.89
C GLU B 842 -40.34 -10.50 5.79
N LEU B 843 -40.67 -11.72 5.34
CA LEU B 843 -41.37 -12.64 6.22
C LEU B 843 -40.52 -13.00 7.42
N MET B 844 -39.22 -13.25 7.21
CA MET B 844 -38.34 -13.58 8.33
C MET B 844 -38.15 -12.40 9.26
N GLU B 845 -38.15 -11.19 8.73
CA GLU B 845 -38.15 -10.00 9.59
C GLU B 845 -39.43 -9.91 10.41
N GLN B 846 -40.57 -10.25 9.80
CA GLN B 846 -41.83 -10.22 10.53
C GLN B 846 -41.86 -11.27 11.63
N LEU B 847 -41.34 -12.47 11.36
CA LEU B 847 -41.32 -13.52 12.37
C LEU B 847 -40.36 -13.18 13.50
N ALA B 848 -39.22 -12.56 13.18
CA ALA B 848 -38.23 -12.23 14.19
C ALA B 848 -38.59 -10.99 15.00
N SER B 849 -39.58 -10.22 14.55
CA SER B 849 -40.00 -9.06 15.33
C SER B 849 -40.64 -9.48 16.64
N LYS B 850 -41.43 -10.56 16.63
CA LYS B 850 -42.17 -11.03 17.80
C LYS B 850 -41.36 -12.00 18.64
N LEU B 851 -40.03 -11.94 18.58
CA LEU B 851 -39.18 -12.79 19.39
C LEU B 851 -39.09 -12.25 20.82
N PRO B 852 -38.81 -13.11 21.80
CA PRO B 852 -38.87 -12.69 23.21
C PRO B 852 -37.76 -11.71 23.55
N THR B 853 -38.15 -10.58 24.15
CA THR B 853 -37.29 -9.55 24.78
C THR B 853 -36.08 -9.29 23.88
N GLY B 854 -34.87 -9.18 24.42
CA GLY B 854 -33.71 -8.77 23.65
C GLY B 854 -33.08 -9.85 22.80
N VAL B 855 -33.75 -10.24 21.72
CA VAL B 855 -33.20 -11.14 20.73
C VAL B 855 -33.25 -10.41 19.39
N GLY B 856 -32.15 -9.74 19.03
CA GLY B 856 -32.08 -8.99 17.80
C GLY B 856 -31.73 -9.88 16.62
N TYR B 857 -31.55 -9.24 15.47
CA TYR B 857 -31.23 -9.96 14.25
C TYR B 857 -30.54 -9.02 13.28
N ASP B 858 -29.93 -9.61 12.26
CA ASP B 858 -29.30 -8.85 11.19
C ASP B 858 -29.17 -9.74 9.97
N TRP B 859 -29.00 -9.11 8.81
CA TRP B 859 -28.80 -9.81 7.56
C TRP B 859 -27.33 -9.72 7.17
N THR B 860 -26.74 -10.86 6.83
CA THR B 860 -25.34 -10.92 6.44
C THR B 860 -25.22 -11.52 5.05
N GLY B 861 -23.98 -11.68 4.59
CA GLY B 861 -23.73 -12.34 3.32
C GLY B 861 -24.42 -11.66 2.16
N MET B 862 -25.09 -12.47 1.33
CA MET B 862 -25.82 -11.93 0.19
C MET B 862 -27.05 -11.14 0.61
N SER B 863 -27.65 -11.50 1.74
CA SER B 863 -28.82 -10.77 2.22
C SER B 863 -28.45 -9.35 2.63
N TYR B 864 -27.26 -9.16 3.20
CA TYR B 864 -26.78 -7.82 3.51
C TYR B 864 -26.69 -6.98 2.24
N GLN B 865 -26.13 -7.57 1.17
CA GLN B 865 -26.01 -6.84 -0.09
C GLN B 865 -27.37 -6.53 -0.69
N GLU B 866 -28.30 -7.48 -0.60
CA GLU B 866 -29.64 -7.24 -1.13
C GLU B 866 -30.35 -6.13 -0.37
N ARG B 867 -30.26 -6.14 0.95
CA ARG B 867 -30.87 -5.07 1.75
C ARG B 867 -30.22 -3.73 1.45
N LEU B 868 -28.90 -3.72 1.25
CA LEU B 868 -28.21 -2.49 0.88
C LEU B 868 -28.69 -1.99 -0.48
N SER B 869 -28.87 -2.89 -1.44
CA SER B 869 -29.30 -2.48 -2.77
C SER B 869 -30.74 -1.98 -2.77
N GLY B 870 -31.58 -2.54 -1.91
CA GLY B 870 -32.96 -2.05 -1.82
C GLY B 870 -33.07 -0.70 -1.16
N ASN B 871 -32.10 -0.35 -0.31
CA ASN B 871 -32.15 0.91 0.43
C ASN B 871 -31.59 2.08 -0.36
N GLN B 872 -30.97 1.84 -1.51
CA GLN B 872 -30.35 2.90 -2.28
C GLN B 872 -30.98 3.12 -3.65
N ALA B 873 -31.93 2.29 -4.06
CA ALA B 873 -32.59 2.49 -5.35
C ALA B 873 -33.36 3.81 -5.43
N PRO B 874 -34.17 4.20 -4.45
CA PRO B 874 -34.84 5.51 -4.56
C PRO B 874 -33.87 6.68 -4.67
N SER B 875 -32.78 6.64 -3.91
CA SER B 875 -31.77 7.70 -4.02
C SER B 875 -31.13 7.70 -5.40
N LEU B 876 -30.85 6.52 -5.94
CA LEU B 876 -30.26 6.43 -7.28
C LEU B 876 -31.20 7.02 -8.32
N TYR B 877 -32.50 6.71 -8.22
CA TYR B 877 -33.46 7.27 -9.16
C TYR B 877 -33.56 8.78 -9.02
N ALA B 878 -33.59 9.29 -7.78
CA ALA B 878 -33.70 10.73 -7.58
C ALA B 878 -32.49 11.46 -8.15
N ILE B 879 -31.29 10.93 -7.89
CA ILE B 879 -30.07 11.57 -8.39
C ILE B 879 -30.03 11.53 -9.91
N SER B 880 -30.41 10.40 -10.51
CA SER B 880 -30.41 10.30 -11.96
C SER B 880 -31.39 11.28 -12.58
N LEU B 881 -32.60 11.38 -12.01
CA LEU B 881 -33.58 12.34 -12.52
C LEU B 881 -33.08 13.77 -12.39
N ILE B 882 -32.47 14.10 -11.26
CA ILE B 882 -31.96 15.46 -11.06
C ILE B 882 -30.87 15.78 -12.08
N VAL B 883 -29.96 14.83 -12.31
CA VAL B 883 -28.86 15.07 -13.23
C VAL B 883 -29.39 15.25 -14.65
N VAL B 884 -30.35 14.41 -15.06
CA VAL B 884 -30.91 14.53 -16.40
C VAL B 884 -31.63 15.86 -16.56
N PHE B 885 -32.41 16.25 -15.55
CA PHE B 885 -33.13 17.52 -15.59
C PHE B 885 -32.16 18.69 -15.72
N LEU B 886 -31.09 18.69 -14.92
CA LEU B 886 -30.12 19.78 -14.99
C LEU B 886 -29.41 19.82 -16.32
N CYS B 887 -29.02 18.66 -16.86
CA CYS B 887 -28.37 18.63 -18.17
C CYS B 887 -29.28 19.16 -19.26
N LEU B 888 -30.56 18.76 -19.24
CA LEU B 888 -31.49 19.24 -20.26
C LEU B 888 -31.71 20.75 -20.13
N ALA B 889 -31.87 21.25 -18.91
CA ALA B 889 -32.04 22.68 -18.72
C ALA B 889 -30.83 23.45 -19.21
N ALA B 890 -29.63 22.95 -18.90
CA ALA B 890 -28.41 23.61 -19.34
C ALA B 890 -28.28 23.60 -20.86
N LEU B 891 -28.59 22.47 -21.50
CA LEU B 891 -28.36 22.35 -22.94
C LEU B 891 -29.40 23.12 -23.74
N TYR B 892 -30.67 23.04 -23.35
CA TYR B 892 -31.75 23.63 -24.12
C TYR B 892 -32.12 25.03 -23.64
N GLU B 893 -31.39 25.58 -22.67
CA GLU B 893 -31.52 26.97 -22.26
C GLU B 893 -32.95 27.32 -21.88
N SER B 894 -33.58 26.44 -21.10
CA SER B 894 -34.93 26.68 -20.63
C SER B 894 -35.20 25.78 -19.43
N TRP B 895 -36.19 26.17 -18.63
CA TRP B 895 -36.72 25.32 -17.58
C TRP B 895 -37.97 24.57 -18.01
N SER B 896 -38.72 25.10 -18.97
CA SER B 896 -39.94 24.46 -19.41
C SER B 896 -39.65 23.18 -20.20
N ILE B 897 -38.60 23.19 -21.01
CA ILE B 897 -38.27 22.01 -21.81
C ILE B 897 -37.92 20.81 -20.93
N PRO B 898 -36.97 20.90 -19.98
CA PRO B 898 -36.72 19.74 -19.11
C PRO B 898 -37.92 19.34 -18.28
N PHE B 899 -38.72 20.30 -17.83
CA PHE B 899 -39.90 19.94 -17.04
C PHE B 899 -40.91 19.16 -17.88
N SER B 900 -41.10 19.55 -19.14
CA SER B 900 -41.98 18.80 -20.02
C SER B 900 -41.40 17.44 -20.38
N VAL B 901 -40.07 17.33 -20.46
CA VAL B 901 -39.46 16.04 -20.75
C VAL B 901 -39.60 15.09 -19.58
N MET B 902 -39.45 15.60 -18.35
CA MET B 902 -39.57 14.72 -17.18
C MET B 902 -40.97 14.16 -16.99
N LEU B 903 -41.96 14.69 -17.70
CA LEU B 903 -43.31 14.18 -17.58
C LEU B 903 -43.52 12.86 -18.34
N VAL B 904 -42.67 12.57 -19.33
CA VAL B 904 -42.82 11.32 -20.09
C VAL B 904 -42.15 10.15 -19.39
N VAL B 905 -41.31 10.42 -18.38
CA VAL B 905 -40.60 9.34 -17.70
C VAL B 905 -41.55 8.32 -17.07
N PRO B 906 -42.63 8.72 -16.38
CA PRO B 906 -43.53 7.71 -15.80
C PRO B 906 -44.13 6.75 -16.82
N LEU B 907 -44.29 7.17 -18.07
CA LEU B 907 -44.80 6.26 -19.09
C LEU B 907 -43.82 5.11 -19.31
N GLY B 908 -42.55 5.42 -19.53
CA GLY B 908 -41.55 4.37 -19.65
C GLY B 908 -41.44 3.53 -18.40
N VAL B 909 -41.53 4.18 -17.23
CA VAL B 909 -41.40 3.43 -15.98
C VAL B 909 -42.54 2.43 -15.83
N ILE B 910 -43.77 2.84 -16.13
CA ILE B 910 -44.89 1.91 -16.03
C ILE B 910 -44.78 0.83 -17.09
N GLY B 911 -44.19 1.13 -18.25
CA GLY B 911 -43.97 0.09 -19.23
C GLY B 911 -43.01 -0.98 -18.73
N ALA B 912 -41.91 -0.55 -18.14
CA ALA B 912 -40.96 -1.50 -17.58
C ALA B 912 -41.59 -2.31 -16.45
N LEU B 913 -42.36 -1.65 -15.59
CA LEU B 913 -43.02 -2.34 -14.49
C LEU B 913 -44.03 -3.38 -15.02
N LEU B 914 -44.78 -3.02 -16.05
CA LEU B 914 -45.73 -3.95 -16.64
C LEU B 914 -45.02 -5.15 -17.26
N ALA B 915 -43.92 -4.91 -17.97
CA ALA B 915 -43.17 -6.01 -18.58
C ALA B 915 -42.65 -6.96 -17.49
N ALA B 916 -42.08 -6.40 -16.42
CA ALA B 916 -41.57 -7.24 -15.35
C ALA B 916 -42.69 -8.01 -14.67
N THR B 917 -43.82 -7.36 -14.41
CA THR B 917 -44.94 -8.03 -13.75
C THR B 917 -45.50 -9.15 -14.61
N PHE B 918 -45.62 -8.92 -15.91
CA PHE B 918 -46.21 -9.92 -16.79
C PHE B 918 -45.27 -11.07 -17.07
N ARG B 919 -43.96 -10.83 -17.06
CA ARG B 919 -43.00 -11.91 -17.27
C ARG B 919 -42.62 -12.61 -15.97
N GLY B 920 -43.19 -12.21 -14.85
CA GLY B 920 -42.96 -12.89 -13.59
C GLY B 920 -41.56 -12.77 -13.04
N LEU B 921 -40.95 -11.59 -13.12
CA LEU B 921 -39.65 -11.34 -12.53
C LEU B 921 -39.74 -10.26 -11.47
N THR B 922 -38.61 -9.97 -10.85
CA THR B 922 -38.54 -9.21 -9.62
C THR B 922 -37.79 -7.89 -9.85
N ASN B 923 -37.69 -7.12 -8.77
CA ASN B 923 -37.01 -5.82 -8.78
C ASN B 923 -35.57 -5.99 -8.29
N ASP B 924 -34.77 -6.65 -9.12
CA ASP B 924 -33.38 -6.93 -8.80
C ASP B 924 -32.49 -5.81 -9.33
N VAL B 925 -31.17 -6.00 -9.24
CA VAL B 925 -30.24 -4.97 -9.69
C VAL B 925 -30.31 -4.78 -11.20
N TYR B 926 -30.50 -5.88 -11.95
CA TYR B 926 -30.66 -5.78 -13.39
C TYR B 926 -31.90 -4.99 -13.74
N PHE B 927 -32.98 -5.18 -12.98
CA PHE B 927 -34.18 -4.39 -13.23
C PHE B 927 -33.96 -2.91 -12.93
N GLN B 928 -33.16 -2.60 -11.90
CA GLN B 928 -32.87 -1.19 -11.62
C GLN B 928 -32.07 -0.55 -12.76
N VAL B 929 -31.07 -1.27 -13.28
CA VAL B 929 -30.32 -0.76 -14.42
C VAL B 929 -31.25 -0.59 -15.62
N GLY B 930 -32.14 -1.56 -15.85
CA GLY B 930 -33.10 -1.44 -16.93
C GLY B 930 -34.04 -0.26 -16.75
N LEU B 931 -34.40 0.03 -15.50
CA LEU B 931 -35.30 1.15 -15.24
C LEU B 931 -34.60 2.48 -15.52
N LEU B 932 -33.33 2.60 -15.14
CA LEU B 932 -32.56 3.80 -15.50
C LEU B 932 -32.46 3.95 -17.01
N THR B 933 -32.16 2.85 -17.71
CA THR B 933 -32.12 2.90 -19.16
C THR B 933 -33.47 3.31 -19.74
N THR B 934 -34.55 2.84 -19.12
CA THR B 934 -35.89 3.17 -19.59
C THR B 934 -36.20 4.65 -19.44
N ILE B 935 -35.82 5.24 -18.30
CA ILE B 935 -36.07 6.68 -18.16
C ILE B 935 -35.21 7.46 -19.15
N GLY B 936 -33.99 6.99 -19.42
CA GLY B 936 -33.20 7.62 -20.48
C GLY B 936 -33.86 7.54 -21.84
N LEU B 937 -34.43 6.38 -22.16
CA LEU B 937 -35.10 6.20 -23.45
C LEU B 937 -36.33 7.10 -23.56
N SER B 938 -37.11 7.20 -22.48
CA SER B 938 -38.28 8.07 -22.50
C SER B 938 -37.88 9.52 -22.69
N ALA B 939 -36.80 9.95 -22.01
CA ALA B 939 -36.31 11.31 -22.21
C ALA B 939 -35.85 11.53 -23.64
N LYS B 940 -35.20 10.53 -24.25
CA LYS B 940 -34.78 10.64 -25.64
C LYS B 940 -35.97 10.82 -26.57
N ASN B 941 -37.01 10.00 -26.36
CA ASN B 941 -38.21 10.09 -27.20
C ASN B 941 -38.90 11.43 -27.04
N ALA B 942 -38.93 11.95 -25.81
CA ALA B 942 -39.48 13.29 -25.60
C ALA B 942 -38.66 14.36 -26.30
N ILE B 943 -37.33 14.24 -26.23
CA ILE B 943 -36.43 15.22 -26.83
C ILE B 943 -36.65 15.28 -28.33
N LEU B 944 -36.77 14.11 -28.98
CA LEU B 944 -36.86 14.06 -30.44
C LEU B 944 -38.03 14.87 -30.98
N ILE B 945 -39.04 15.13 -30.16
CA ILE B 945 -40.15 16.00 -30.54
C ILE B 945 -39.97 17.41 -30.00
N VAL B 946 -39.66 17.53 -28.70
CA VAL B 946 -39.68 18.83 -28.05
C VAL B 946 -38.60 19.74 -28.60
N GLU B 947 -37.38 19.21 -28.82
CA GLU B 947 -36.30 20.05 -29.31
C GLU B 947 -36.62 20.62 -30.68
N PHE B 948 -37.14 19.77 -31.57
CA PHE B 948 -37.47 20.25 -32.92
C PHE B 948 -38.63 21.24 -32.87
N ALA B 949 -39.63 20.99 -32.02
CA ALA B 949 -40.74 21.93 -31.90
C ALA B 949 -40.26 23.28 -31.38
N LYS B 950 -39.39 23.27 -30.37
CA LYS B 950 -38.86 24.51 -29.83
C LYS B 950 -38.05 25.28 -30.88
N ASP B 951 -37.23 24.57 -31.65
CA ASP B 951 -36.49 25.23 -32.72
C ASP B 951 -37.42 25.79 -33.78
N LEU B 952 -38.46 25.06 -34.14
CA LEU B 952 -39.39 25.50 -35.17
C LEU B 952 -40.25 26.66 -34.70
N MET B 953 -40.48 26.79 -33.40
CA MET B 953 -41.30 27.89 -32.88
C MET B 953 -40.47 29.14 -32.61
N ASP B 954 -39.30 28.99 -31.97
CA ASP B 954 -38.51 30.15 -31.59
C ASP B 954 -37.81 30.80 -32.77
N LYS B 955 -37.50 30.04 -33.82
CA LYS B 955 -36.76 30.56 -34.96
C LYS B 955 -37.66 30.88 -36.14
N GLU B 956 -38.48 29.93 -36.59
CA GLU B 956 -39.39 30.16 -37.70
C GLU B 956 -40.59 31.01 -37.31
N GLY B 957 -40.76 31.32 -36.03
CA GLY B 957 -41.88 32.15 -35.61
C GLY B 957 -43.24 31.53 -35.82
N LYS B 958 -43.37 30.24 -35.56
CA LYS B 958 -44.64 29.55 -35.71
C LYS B 958 -45.43 29.58 -34.40
N GLY B 959 -46.75 29.37 -34.54
CA GLY B 959 -47.58 29.24 -33.37
C GLY B 959 -47.34 27.92 -32.66
N LEU B 960 -47.83 27.85 -31.42
CA LEU B 960 -47.55 26.69 -30.57
C LEU B 960 -48.13 25.41 -31.19
N ILE B 961 -49.42 25.43 -31.54
CA ILE B 961 -50.08 24.23 -32.03
C ILE B 961 -49.52 23.80 -33.38
N GLU B 962 -49.33 24.76 -34.29
CA GLU B 962 -48.80 24.41 -35.60
C GLU B 962 -47.36 23.93 -35.51
N ALA B 963 -46.55 24.54 -34.63
CA ALA B 963 -45.19 24.08 -34.44
C ALA B 963 -45.16 22.65 -33.91
N THR B 964 -46.02 22.36 -32.92
CA THR B 964 -46.06 21.00 -32.37
C THR B 964 -46.51 19.99 -33.43
N LEU B 965 -47.52 20.35 -34.22
CA LEU B 965 -48.00 19.43 -35.25
C LEU B 965 -46.94 19.19 -36.32
N ASP B 966 -46.25 20.24 -36.76
CA ASP B 966 -45.21 20.07 -37.77
C ASP B 966 -44.01 19.33 -37.21
N ALA B 967 -43.76 19.45 -35.90
CA ALA B 967 -42.69 18.68 -35.28
C ALA B 967 -43.03 17.19 -35.24
N VAL B 968 -44.23 16.85 -34.78
CA VAL B 968 -44.59 15.44 -34.70
C VAL B 968 -44.72 14.81 -36.07
N ARG B 969 -45.32 15.50 -37.05
CA ARG B 969 -45.45 14.92 -38.39
C ARG B 969 -44.09 14.66 -39.01
N MET B 970 -43.13 15.55 -38.80
CA MET B 970 -41.84 15.46 -39.44
C MET B 970 -40.82 14.67 -38.62
N ARG B 971 -41.14 14.32 -37.38
CA ARG B 971 -40.24 13.54 -36.54
C ARG B 971 -40.82 12.20 -36.09
N LEU B 972 -42.01 11.81 -36.58
CA LEU B 972 -42.56 10.51 -36.23
C LEU B 972 -41.65 9.37 -36.67
N ARG B 973 -41.12 9.45 -37.88
CA ARG B 973 -40.31 8.35 -38.41
C ARG B 973 -39.05 8.07 -37.62
N PRO B 974 -38.22 9.06 -37.27
CA PRO B 974 -37.03 8.75 -36.46
C PRO B 974 -37.35 8.10 -35.13
N ILE B 975 -38.43 8.52 -34.48
CA ILE B 975 -38.80 7.94 -33.19
C ILE B 975 -39.12 6.46 -33.36
N LEU B 976 -39.93 6.13 -34.36
CA LEU B 976 -40.28 4.73 -34.59
C LEU B 976 -39.05 3.92 -34.97
N MET B 977 -38.17 4.48 -35.80
CA MET B 977 -36.96 3.76 -36.19
C MET B 977 -36.09 3.44 -34.99
N THR B 978 -35.78 4.45 -34.18
CA THR B 978 -34.90 4.24 -33.04
C THR B 978 -35.55 3.32 -32.01
N SER B 979 -36.86 3.47 -31.78
CA SER B 979 -37.57 2.61 -30.84
C SER B 979 -37.53 1.16 -31.28
N LEU B 980 -37.84 0.90 -32.56
CA LEU B 980 -37.82 -0.47 -33.05
C LEU B 980 -36.41 -1.04 -33.05
N ALA B 981 -35.41 -0.19 -33.33
CA ALA B 981 -34.03 -0.64 -33.28
C ALA B 981 -33.66 -1.11 -31.88
N PHE B 982 -33.99 -0.31 -30.86
CA PHE B 982 -33.70 -0.71 -29.50
C PHE B 982 -34.48 -1.95 -29.09
N ILE B 983 -35.76 -2.03 -29.49
CA ILE B 983 -36.59 -3.16 -29.11
C ILE B 983 -36.04 -4.44 -29.70
N LEU B 984 -35.70 -4.43 -30.99
CA LEU B 984 -35.14 -5.61 -31.61
C LEU B 984 -33.71 -5.89 -31.18
N GLY B 985 -32.98 -4.90 -30.66
CA GLY B 985 -31.67 -5.16 -30.10
C GLY B 985 -31.72 -5.80 -28.74
N VAL B 986 -32.75 -5.50 -27.94
CA VAL B 986 -32.92 -6.17 -26.65
C VAL B 986 -33.77 -7.43 -26.73
N MET B 987 -34.42 -7.66 -27.87
CA MET B 987 -35.21 -8.89 -28.02
C MET B 987 -34.41 -10.17 -27.81
N PRO B 988 -33.17 -10.32 -28.30
CA PRO B 988 -32.43 -11.55 -28.00
C PRO B 988 -32.22 -11.80 -26.52
N LEU B 989 -32.07 -10.74 -25.72
CA LEU B 989 -31.97 -10.92 -24.27
C LEU B 989 -33.26 -11.50 -23.71
N VAL B 990 -34.41 -11.01 -24.16
CA VAL B 990 -35.68 -11.47 -23.62
C VAL B 990 -35.97 -12.90 -24.06
N ILE B 991 -35.64 -13.25 -25.30
CA ILE B 991 -36.00 -14.56 -25.84
C ILE B 991 -34.97 -15.64 -25.56
N SER B 992 -33.82 -15.29 -25.01
CA SER B 992 -32.78 -16.29 -24.76
C SER B 992 -33.20 -17.24 -23.65
N THR B 993 -32.84 -18.51 -23.80
CA THR B 993 -33.16 -19.54 -22.83
C THR B 993 -31.94 -20.40 -22.57
N GLY B 994 -31.75 -20.78 -21.30
CA GLY B 994 -30.68 -21.68 -20.92
C GLY B 994 -29.29 -21.07 -21.00
N ALA B 995 -28.34 -21.70 -20.29
CA ALA B 995 -26.93 -21.33 -20.31
C ALA B 995 -26.73 -19.87 -19.88
N GLY B 996 -27.06 -19.62 -18.61
CA GLY B 996 -26.94 -18.28 -18.07
C GLY B 996 -27.89 -17.29 -18.69
N SER B 997 -29.16 -17.66 -18.86
CA SER B 997 -30.14 -16.82 -19.52
C SER B 997 -30.98 -15.99 -18.56
N GLY B 998 -31.00 -16.34 -17.27
CA GLY B 998 -31.79 -15.57 -16.32
C GLY B 998 -31.34 -14.13 -16.22
N ALA B 999 -30.02 -13.91 -16.18
CA ALA B 999 -29.50 -12.55 -16.16
C ALA B 999 -29.88 -11.80 -17.43
N GLN B 1000 -29.80 -12.47 -18.59
CA GLN B 1000 -30.17 -11.82 -19.84
C GLN B 1000 -31.64 -11.44 -19.85
N ASN B 1001 -32.51 -12.35 -19.41
CA ASN B 1001 -33.93 -12.04 -19.37
C ASN B 1001 -34.23 -10.87 -18.44
N ALA B 1002 -33.62 -10.88 -17.25
CA ALA B 1002 -33.85 -9.80 -16.30
C ALA B 1002 -33.36 -8.47 -16.84
N VAL B 1003 -32.22 -8.48 -17.55
CA VAL B 1003 -31.70 -7.25 -18.13
C VAL B 1003 -32.61 -6.75 -19.25
N GLY B 1004 -33.08 -7.66 -20.10
CA GLY B 1004 -33.74 -7.25 -21.33
C GLY B 1004 -35.23 -6.97 -21.26
N THR B 1005 -35.98 -7.71 -20.44
CA THR B 1005 -37.43 -7.57 -20.47
C THR B 1005 -37.86 -6.18 -20.01
N GLY B 1006 -37.20 -5.63 -18.98
CA GLY B 1006 -37.58 -4.34 -18.47
C GLY B 1006 -37.37 -3.23 -19.48
N VAL B 1007 -36.20 -3.21 -20.13
CA VAL B 1007 -35.93 -2.18 -21.12
C VAL B 1007 -36.82 -2.35 -22.34
N MET B 1008 -37.11 -3.60 -22.73
CA MET B 1008 -38.00 -3.81 -23.87
C MET B 1008 -39.39 -3.26 -23.59
N GLY B 1009 -39.96 -3.62 -22.44
CA GLY B 1009 -41.29 -3.13 -22.10
C GLY B 1009 -41.31 -1.61 -21.95
N GLY B 1010 -40.29 -1.06 -21.30
CA GLY B 1010 -40.24 0.39 -21.14
C GLY B 1010 -40.14 1.12 -22.45
N MET B 1011 -39.31 0.62 -23.37
CA MET B 1011 -39.21 1.24 -24.69
C MET B 1011 -40.51 1.14 -25.45
N VAL B 1012 -41.18 -0.02 -25.40
CA VAL B 1012 -42.44 -0.18 -26.11
C VAL B 1012 -43.47 0.82 -25.60
N THR B 1013 -43.64 0.89 -24.28
CA THR B 1013 -44.65 1.78 -23.72
C THR B 1013 -44.29 3.24 -23.92
N ALA B 1014 -43.01 3.58 -23.79
CA ALA B 1014 -42.58 4.95 -24.02
C ALA B 1014 -42.86 5.37 -25.45
N THR B 1015 -42.56 4.51 -26.42
CA THR B 1015 -42.82 4.84 -27.82
C THR B 1015 -44.32 4.99 -28.08
N VAL B 1016 -45.13 4.10 -27.52
CA VAL B 1016 -46.56 4.14 -27.81
C VAL B 1016 -47.21 5.36 -27.17
N LEU B 1017 -46.79 5.72 -25.96
CA LEU B 1017 -47.48 6.79 -25.23
C LEU B 1017 -46.84 8.16 -25.40
N ALA B 1018 -45.57 8.24 -25.80
CA ALA B 1018 -44.92 9.53 -25.93
C ALA B 1018 -45.44 10.30 -27.13
N ILE B 1019 -45.59 9.64 -28.27
CA ILE B 1019 -46.08 10.30 -29.47
C ILE B 1019 -47.46 10.91 -29.28
N PHE B 1020 -48.15 10.59 -28.18
CA PHE B 1020 -49.44 11.18 -27.87
C PHE B 1020 -49.46 12.03 -26.62
N PHE B 1021 -48.52 11.86 -25.70
CA PHE B 1021 -48.50 12.65 -24.48
C PHE B 1021 -47.46 13.76 -24.48
N VAL B 1022 -46.31 13.57 -25.13
CA VAL B 1022 -45.30 14.61 -25.19
C VAL B 1022 -45.83 15.88 -25.84
N PRO B 1023 -46.57 15.84 -26.96
CA PRO B 1023 -47.17 17.09 -27.45
C PRO B 1023 -48.07 17.77 -26.44
N VAL B 1024 -48.86 16.98 -25.69
CA VAL B 1024 -49.75 17.56 -24.69
C VAL B 1024 -48.94 18.26 -23.60
N PHE B 1025 -47.89 17.58 -23.11
CA PHE B 1025 -47.06 18.18 -22.08
C PHE B 1025 -46.37 19.44 -22.58
N PHE B 1026 -45.84 19.41 -23.80
CA PHE B 1026 -45.17 20.58 -24.36
C PHE B 1026 -46.14 21.76 -24.47
N VAL B 1027 -47.34 21.51 -25.01
CA VAL B 1027 -48.30 22.59 -25.19
C VAL B 1027 -48.75 23.14 -23.83
N VAL B 1028 -49.04 22.26 -22.88
CA VAL B 1028 -49.53 22.71 -21.58
C VAL B 1028 -48.46 23.51 -20.85
N VAL B 1029 -47.22 23.03 -20.86
CA VAL B 1029 -46.15 23.71 -20.17
C VAL B 1029 -45.85 25.06 -20.83
N ARG B 1030 -45.91 25.12 -22.16
CA ARG B 1030 -45.71 26.40 -22.83
C ARG B 1030 -46.84 27.37 -22.51
N ARG B 1031 -48.08 26.88 -22.43
CA ARG B 1031 -49.20 27.75 -22.08
C ARG B 1031 -49.05 28.30 -20.67
N ARG B 1032 -48.68 27.45 -19.71
CA ARG B 1032 -48.56 27.88 -18.32
C ARG B 1032 -47.19 28.46 -18.00
N PHE B 1033 -46.22 28.35 -18.90
CA PHE B 1033 -44.87 28.87 -18.69
C PHE B 1033 -44.25 28.31 -17.41
N SER B 1034 -44.45 27.01 -17.17
CA SER B 1034 -43.91 26.36 -15.98
C SER B 1034 -42.49 25.90 -16.21
N MET C 1 -15.55 34.22 -22.05
CA MET C 1 -16.39 33.34 -21.22
C MET C 1 -17.62 34.06 -20.62
N PRO C 2 -17.45 35.26 -20.04
CA PRO C 2 -18.64 35.95 -19.52
C PRO C 2 -19.69 36.22 -20.59
N ASN C 3 -19.27 36.50 -21.83
CA ASN C 3 -20.23 36.71 -22.89
C ASN C 3 -21.06 35.46 -23.15
N PHE C 4 -20.42 34.29 -23.04
CA PHE C 4 -21.12 33.03 -23.26
C PHE C 4 -22.23 32.84 -22.24
N PHE C 5 -21.98 33.21 -20.99
CA PHE C 5 -22.95 33.01 -19.91
C PHE C 5 -23.95 34.15 -19.78
N ILE C 6 -23.67 35.32 -20.34
CA ILE C 6 -24.67 36.37 -20.38
C ILE C 6 -25.84 35.96 -21.28
N ASP C 7 -25.53 35.34 -22.41
CA ASP C 7 -26.57 34.85 -23.31
C ASP C 7 -27.27 33.60 -22.79
N ARG C 8 -26.65 32.89 -21.85
CA ARG C 8 -27.18 31.62 -21.35
C ARG C 8 -27.23 31.66 -19.82
N PRO C 9 -28.19 32.40 -19.26
CA PRO C 9 -28.33 32.41 -17.79
C PRO C 9 -28.66 31.05 -17.21
N ILE C 10 -29.39 30.21 -17.94
CA ILE C 10 -29.79 28.91 -17.41
C ILE C 10 -28.58 28.01 -17.22
N PHE C 11 -27.62 28.07 -18.15
CA PHE C 11 -26.40 27.28 -18.00
C PHE C 11 -25.60 27.70 -16.77
N ALA C 12 -25.50 29.01 -16.53
CA ALA C 12 -24.82 29.50 -15.34
C ALA C 12 -25.54 29.06 -14.07
N TRP C 13 -26.88 29.12 -14.08
CA TRP C 13 -27.64 28.66 -12.92
C TRP C 13 -27.45 27.17 -12.68
N VAL C 14 -27.39 26.39 -13.75
CA VAL C 14 -27.17 24.95 -13.62
C VAL C 14 -25.79 24.68 -13.02
N ILE C 15 -24.77 25.40 -13.48
CA ILE C 15 -23.43 25.23 -12.92
C ILE C 15 -23.42 25.60 -11.44
N ALA C 16 -24.08 26.70 -11.08
CA ALA C 16 -24.15 27.11 -9.68
C ALA C 16 -24.86 26.06 -8.83
N ILE C 17 -25.95 25.49 -9.35
CA ILE C 17 -26.69 24.47 -8.62
C ILE C 17 -25.84 23.22 -8.44
N ILE C 18 -25.08 22.84 -9.47
CA ILE C 18 -24.20 21.69 -9.36
C ILE C 18 -23.16 21.92 -8.28
N ILE C 19 -22.55 23.12 -8.28
CA ILE C 19 -21.54 23.45 -7.28
C ILE C 19 -22.15 23.41 -5.88
N MET C 20 -23.35 23.97 -5.72
CA MET C 20 -24.00 23.99 -4.41
C MET C 20 -24.35 22.58 -3.93
N LEU C 21 -24.84 21.73 -4.83
CA LEU C 21 -25.14 20.35 -4.43
C LEU C 21 -23.88 19.61 -4.03
N ALA C 22 -22.80 19.77 -4.80
CA ALA C 22 -21.54 19.13 -4.44
C ALA C 22 -21.05 19.61 -3.08
N GLY C 23 -21.14 20.92 -2.83
CA GLY C 23 -20.72 21.45 -1.55
C GLY C 23 -21.56 20.95 -0.40
N GLY C 24 -22.88 20.87 -0.59
CA GLY C 24 -23.73 20.34 0.46
C GLY C 24 -23.43 18.89 0.77
N LEU C 25 -23.23 18.07 -0.27
CA LEU C 25 -22.88 16.68 -0.05
C LEU C 25 -21.53 16.57 0.66
N ALA C 26 -20.56 17.40 0.28
CA ALA C 26 -19.27 17.40 0.96
C ALA C 26 -19.42 17.76 2.43
N ILE C 27 -20.21 18.80 2.72
CA ILE C 27 -20.43 19.19 4.11
C ILE C 27 -21.06 18.05 4.89
N LEU C 28 -22.02 17.36 4.28
CA LEU C 28 -22.63 16.21 4.94
C LEU C 28 -21.66 15.04 5.08
N LYS C 29 -20.59 14.99 4.29
CA LYS C 29 -19.66 13.86 4.32
C LYS C 29 -18.22 14.34 4.46
N LEU C 30 -17.96 15.25 5.40
CA LEU C 30 -16.60 15.66 5.72
C LEU C 30 -16.28 15.34 7.18
N PRO C 31 -15.16 14.68 7.44
CA PRO C 31 -14.74 14.48 8.83
C PRO C 31 -14.46 15.81 9.52
N VAL C 32 -14.74 15.85 10.82
CA VAL C 32 -14.53 17.04 11.64
C VAL C 32 -13.54 16.70 12.73
N ALA C 33 -12.54 17.56 12.92
CA ALA C 33 -11.55 17.39 13.96
C ALA C 33 -11.05 18.76 14.36
N GLN C 34 -10.42 18.85 15.53
CA GLN C 34 -9.86 20.13 15.95
C GLN C 34 -8.67 20.52 15.10
N TYR C 35 -7.76 19.58 14.84
CA TYR C 35 -6.59 19.79 14.01
C TYR C 35 -6.35 18.56 13.17
N PRO C 36 -5.73 18.71 12.01
CA PRO C 36 -5.38 17.54 11.19
C PRO C 36 -4.10 16.91 11.72
N THR C 37 -3.63 15.89 11.01
CA THR C 37 -2.37 15.24 11.36
C THR C 37 -1.23 16.18 10.99
N ILE C 38 -0.41 16.54 11.98
CA ILE C 38 0.66 17.51 11.80
C ILE C 38 2.02 16.90 12.08
N ALA C 39 2.15 16.19 13.19
CA ALA C 39 3.42 15.57 13.54
C ALA C 39 3.74 14.43 12.56
N PRO C 40 5.02 14.19 12.29
CA PRO C 40 5.37 13.08 11.40
C PRO C 40 4.99 11.75 12.02
N PRO C 41 4.71 10.74 11.21
CA PRO C 41 4.28 9.45 11.77
C PRO C 41 5.32 8.88 12.72
N ALA C 42 4.83 8.38 13.86
CA ALA C 42 5.68 7.80 14.89
C ALA C 42 5.10 6.48 15.32
N VAL C 43 5.97 5.50 15.52
CA VAL C 43 5.58 4.16 15.95
C VAL C 43 6.33 3.86 17.23
N THR C 44 5.61 3.43 18.26
CA THR C 44 6.17 3.25 19.58
C THR C 44 6.10 1.79 20.00
N ILE C 45 7.23 1.28 20.46
CA ILE C 45 7.35 -0.08 20.99
C ILE C 45 7.47 0.04 22.51
N SER C 46 6.51 -0.55 23.21
CA SER C 46 6.49 -0.55 24.66
C SER C 46 6.69 -1.97 25.16
N ALA C 47 7.61 -2.14 26.11
CA ALA C 47 7.87 -3.44 26.71
C ALA C 47 7.92 -3.31 28.21
N SER C 48 7.52 -4.36 28.90
CA SER C 48 7.49 -4.38 30.35
C SER C 48 8.26 -5.58 30.87
N TYR C 49 9.22 -5.32 31.75
CA TYR C 49 10.04 -6.36 32.39
C TYR C 49 9.99 -6.09 33.89
N PRO C 50 8.93 -6.54 34.56
CA PRO C 50 8.67 -6.09 35.94
C PRO C 50 9.75 -6.54 36.91
N GLY C 51 10.16 -5.62 37.78
CA GLY C 51 11.15 -5.89 38.79
C GLY C 51 12.57 -5.52 38.42
N ALA C 52 12.80 -4.95 37.25
CA ALA C 52 14.13 -4.64 36.78
C ALA C 52 14.39 -3.14 36.80
N ASP C 53 15.64 -2.77 37.01
CA ASP C 53 16.04 -1.36 37.02
C ASP C 53 16.24 -0.87 35.60
N ALA C 54 16.74 0.36 35.45
CA ALA C 54 16.97 0.91 34.12
C ALA C 54 18.04 0.13 33.37
N LYS C 55 19.11 -0.27 34.05
CA LYS C 55 20.24 -0.88 33.34
C LYS C 55 19.93 -2.31 32.91
N THR C 56 19.27 -3.09 33.78
CA THR C 56 18.88 -4.44 33.39
C THR C 56 17.92 -4.41 32.21
N VAL C 57 16.91 -3.53 32.29
CA VAL C 57 15.95 -3.38 31.21
C VAL C 57 16.67 -2.99 29.92
N GLN C 58 17.56 -2.00 30.01
CA GLN C 58 18.32 -1.57 28.83
C GLN C 58 19.05 -2.74 28.21
N ASP C 59 19.99 -3.32 28.97
CA ASP C 59 20.88 -4.34 28.45
C ASP C 59 20.12 -5.56 27.93
N THR C 60 18.98 -5.89 28.53
CA THR C 60 18.31 -7.13 28.16
C THR C 60 17.23 -6.95 27.11
N VAL C 61 16.65 -5.76 26.96
CA VAL C 61 15.54 -5.53 26.05
C VAL C 61 15.86 -4.44 25.04
N THR C 62 16.30 -3.28 25.50
CA THR C 62 16.36 -2.10 24.63
C THR C 62 17.42 -2.27 23.57
N GLN C 63 18.63 -2.68 23.96
CA GLN C 63 19.70 -2.88 22.98
C GLN C 63 19.35 -4.01 22.02
N VAL C 64 18.77 -5.09 22.53
CA VAL C 64 18.40 -6.22 21.67
C VAL C 64 17.39 -5.79 20.63
N ILE C 65 16.39 -5.00 21.03
CA ILE C 65 15.39 -4.55 20.08
C ILE C 65 15.97 -3.55 19.09
N GLU C 66 16.80 -2.62 19.58
CA GLU C 66 17.35 -1.59 18.71
C GLU C 66 18.29 -2.18 17.67
N GLN C 67 19.10 -3.16 18.05
CA GLN C 67 20.02 -3.78 17.10
C GLN C 67 19.30 -4.54 16.00
N ASN C 68 18.02 -4.84 16.17
CA ASN C 68 17.22 -5.52 15.16
C ASN C 68 16.27 -4.58 14.44
N MET C 69 16.36 -3.27 14.69
CA MET C 69 15.48 -2.29 14.05
C MET C 69 16.17 -1.72 12.81
N ASN C 70 16.34 -2.58 11.83
CA ASN C 70 16.98 -2.20 10.57
C ASN C 70 16.18 -2.74 9.41
N GLY C 71 16.34 -2.10 8.25
CA GLY C 71 15.58 -2.48 7.09
C GLY C 71 14.18 -1.91 7.03
N ILE C 72 13.91 -0.85 7.80
CA ILE C 72 12.61 -0.20 7.81
C ILE C 72 12.72 1.06 6.95
N ASP C 73 11.74 1.25 6.07
CA ASP C 73 11.79 2.35 5.12
C ASP C 73 11.38 3.66 5.77
N ASN C 74 11.95 4.76 5.26
CA ASN C 74 11.53 6.11 5.61
C ASN C 74 11.70 6.42 7.08
N LEU C 75 12.70 5.83 7.74
CA LEU C 75 12.94 6.10 9.15
C LEU C 75 13.72 7.40 9.30
N MET C 76 13.12 8.39 9.97
CA MET C 76 13.84 9.61 10.26
C MET C 76 14.83 9.41 11.39
N TYR C 77 14.38 8.91 12.53
CA TYR C 77 15.29 8.59 13.62
C TYR C 77 14.56 7.66 14.61
N MET C 78 15.28 7.27 15.65
CA MET C 78 14.71 6.45 16.71
C MET C 78 15.34 6.85 18.03
N SER C 79 14.53 6.82 19.10
CA SER C 79 15.02 7.17 20.42
C SER C 79 14.28 6.33 21.45
N SER C 80 15.02 5.77 22.39
CA SER C 80 14.46 4.86 23.38
C SER C 80 14.78 5.36 24.78
N ASN C 81 13.95 4.97 25.73
CA ASN C 81 14.24 5.22 27.14
C ASN C 81 13.83 4.00 27.95
N SER C 82 14.69 3.61 28.88
CA SER C 82 14.46 2.50 29.79
C SER C 82 14.31 3.06 31.20
N ASP C 83 13.19 2.78 31.83
CA ASP C 83 12.88 3.33 33.14
C ASP C 83 13.14 2.31 34.23
N SER C 84 13.32 2.81 35.46
CA SER C 84 13.58 1.94 36.60
C SER C 84 12.36 1.15 37.02
N THR C 85 11.19 1.45 36.47
CA THR C 85 10.01 0.64 36.73
C THR C 85 9.97 -0.64 35.90
N GLY C 86 10.93 -0.82 34.99
CA GLY C 86 10.96 -2.00 34.14
C GLY C 86 10.22 -1.77 32.84
N THR C 87 10.40 -0.60 32.24
CA THR C 87 9.66 -0.22 31.04
C THR C 87 10.62 0.22 29.95
N VAL C 88 10.41 -0.32 28.75
CA VAL C 88 11.13 0.07 27.55
C VAL C 88 10.16 0.89 26.71
N GLN C 89 10.59 2.06 26.26
CA GLN C 89 9.76 2.97 25.49
C GLN C 89 10.59 3.42 24.30
N ILE C 90 10.38 2.81 23.13
CA ILE C 90 11.18 3.08 21.94
C ILE C 90 10.30 3.75 20.90
N THR C 91 10.60 4.99 20.56
CA THR C 91 9.82 5.72 19.56
C THR C 91 10.64 5.85 18.28
N LEU C 92 10.09 5.38 17.17
CA LEU C 92 10.68 5.53 15.85
C LEU C 92 9.88 6.56 15.07
N THR C 93 10.54 7.63 14.64
CA THR C 93 9.89 8.68 13.89
C THR C 93 10.28 8.57 12.42
N PHE C 94 9.27 8.62 11.55
CA PHE C 94 9.40 8.42 10.12
C PHE C 94 9.24 9.74 9.37
N GLU C 95 9.54 9.69 8.07
CA GLU C 95 9.33 10.84 7.21
C GLU C 95 7.86 11.18 7.12
N SER C 96 7.57 12.47 6.96
CA SER C 96 6.20 12.91 6.79
C SER C 96 5.65 12.44 5.44
N GLY C 97 4.38 12.08 5.43
CA GLY C 97 3.73 11.60 4.24
C GLY C 97 3.76 10.09 4.06
N THR C 98 4.50 9.37 4.91
CA THR C 98 4.53 7.92 4.83
C THR C 98 3.40 7.34 5.67
N ASP C 99 2.57 6.50 5.05
CA ASP C 99 1.45 5.91 5.75
C ASP C 99 1.92 5.09 6.94
N ALA C 100 1.31 5.32 8.10
CA ALA C 100 1.79 4.72 9.33
C ALA C 100 1.40 3.25 9.47
N ASP C 101 0.46 2.77 8.68
CA ASP C 101 0.09 1.36 8.74
C ASP C 101 1.24 0.48 8.26
N ILE C 102 1.83 0.81 7.12
CA ILE C 102 2.92 0.01 6.59
C ILE C 102 4.15 0.13 7.48
N ALA C 103 4.39 1.32 8.04
CA ALA C 103 5.52 1.50 8.95
C ALA C 103 5.32 0.66 10.22
N GLN C 104 4.12 0.68 10.77
CA GLN C 104 3.86 -0.09 11.98
C GLN C 104 3.98 -1.58 11.73
N VAL C 105 3.47 -2.06 10.58
CA VAL C 105 3.57 -3.49 10.32
C VAL C 105 5.01 -3.90 10.04
N GLN C 106 5.79 -3.01 9.41
CA GLN C 106 7.21 -3.30 9.21
C GLN C 106 7.93 -3.39 10.55
N VAL C 107 7.64 -2.46 11.47
CA VAL C 107 8.26 -2.49 12.79
C VAL C 107 7.84 -3.76 13.53
N GLN C 108 6.57 -4.14 13.43
CA GLN C 108 6.08 -5.34 14.10
C GLN C 108 6.78 -6.58 13.58
N ASN C 109 6.81 -6.77 12.25
CA ASN C 109 7.47 -7.94 11.68
C ASN C 109 8.97 -7.94 11.92
N LYS C 110 9.60 -6.78 12.05
CA LYS C 110 11.02 -6.74 12.37
C LYS C 110 11.27 -7.05 13.83
N LEU C 111 10.34 -6.68 14.71
CA LEU C 111 10.46 -6.98 16.13
C LEU C 111 10.13 -8.44 16.42
N GLN C 112 9.15 -9.00 15.71
CA GLN C 112 8.73 -10.37 15.95
C GLN C 112 9.85 -11.37 15.68
N LEU C 113 10.86 -10.97 14.92
CA LEU C 113 12.04 -11.80 14.71
C LEU C 113 13.09 -11.61 15.79
N ALA C 114 12.91 -10.65 16.69
CA ALA C 114 13.79 -10.44 17.82
C ALA C 114 13.19 -10.93 19.13
N MET C 115 11.94 -11.38 19.11
CA MET C 115 11.32 -11.92 20.33
C MET C 115 12.07 -13.11 20.92
N PRO C 116 12.56 -14.08 20.16
CA PRO C 116 13.29 -15.19 20.80
C PRO C 116 14.54 -14.75 21.54
N LEU C 117 15.07 -13.57 21.25
CA LEU C 117 16.23 -13.04 21.94
C LEU C 117 15.89 -12.35 23.25
N LEU C 118 14.63 -12.01 23.47
CA LEU C 118 14.22 -11.31 24.67
C LEU C 118 14.10 -12.27 25.85
N PRO C 119 14.15 -11.76 27.08
CA PRO C 119 13.94 -12.62 28.25
C PRO C 119 12.54 -13.22 28.24
N GLN C 120 12.42 -14.37 28.89
CA GLN C 120 11.12 -15.05 28.93
C GLN C 120 10.06 -14.20 29.60
N GLU C 121 10.44 -13.37 30.59
CA GLU C 121 9.47 -12.52 31.26
C GLU C 121 8.98 -11.41 30.34
N VAL C 122 9.88 -10.83 29.53
CA VAL C 122 9.47 -9.78 28.61
C VAL C 122 8.53 -10.34 27.54
N GLN C 123 8.85 -11.52 27.01
CA GLN C 123 7.94 -12.16 26.05
C GLN C 123 6.61 -12.48 26.69
N GLN C 124 6.63 -12.97 27.93
CA GLN C 124 5.41 -13.36 28.61
C GLN C 124 4.51 -12.15 28.87
N GLN C 125 5.10 -11.03 29.28
CA GLN C 125 4.32 -9.80 29.46
C GLN C 125 3.78 -9.31 28.13
N GLY C 126 4.59 -9.38 27.08
CA GLY C 126 4.18 -8.91 25.78
C GLY C 126 4.85 -7.60 25.41
N VAL C 127 5.15 -7.45 24.13
CA VAL C 127 5.74 -6.23 23.58
C VAL C 127 4.74 -5.65 22.59
N SER C 128 4.36 -4.40 22.78
CA SER C 128 3.28 -3.79 22.03
C SER C 128 3.82 -2.70 21.11
N VAL C 129 3.52 -2.82 19.82
CA VAL C 129 3.89 -1.82 18.83
C VAL C 129 2.62 -1.09 18.41
N GLU C 130 2.62 0.23 18.53
CA GLU C 130 1.40 0.99 18.26
C GLU C 130 1.74 2.38 17.76
N LYS C 131 0.83 2.95 16.98
CA LYS C 131 1.07 4.26 16.38
C LYS C 131 0.84 5.36 17.41
N SER C 132 1.83 6.26 17.53
CA SER C 132 1.73 7.40 18.44
C SER C 132 1.01 8.54 17.73
N SER C 133 -0.32 8.44 17.73
CA SER C 133 -1.16 9.44 17.08
C SER C 133 -1.65 10.46 18.10
N SER C 134 -2.07 11.61 17.58
CA SER C 134 -2.63 12.69 18.39
C SER C 134 -4.16 12.71 18.30
N SER C 135 -4.75 11.54 18.07
CA SER C 135 -6.20 11.40 17.95
C SER C 135 -6.91 11.43 19.30
N PHE C 136 -6.20 11.84 20.36
CA PHE C 136 -6.74 11.85 21.71
C PHE C 136 -8.02 12.68 21.76
N LEU C 137 -9.16 12.02 21.98
CA LEU C 137 -10.46 12.67 21.90
C LEU C 137 -11.05 13.00 23.25
N MET C 138 -11.12 12.04 24.17
CA MET C 138 -11.82 12.30 25.42
C MET C 138 -11.28 11.38 26.51
N VAL C 139 -11.56 11.74 27.75
CA VAL C 139 -11.14 10.96 28.92
C VAL C 139 -12.39 10.73 29.76
N VAL C 140 -13.00 9.55 29.63
CA VAL C 140 -14.12 9.20 30.49
C VAL C 140 -13.60 8.89 31.89
N GLY C 141 -14.39 9.22 32.89
CA GLY C 141 -14.02 8.90 34.26
C GLY C 141 -15.14 8.23 35.02
N VAL C 142 -14.83 7.13 35.71
CA VAL C 142 -15.80 6.40 36.51
C VAL C 142 -15.33 6.50 37.96
N ILE C 143 -16.13 7.15 38.80
CA ILE C 143 -15.76 7.39 40.19
C ILE C 143 -16.67 6.56 41.08
N ASN C 144 -16.40 6.57 42.39
CA ASN C 144 -17.24 5.87 43.36
C ASN C 144 -17.47 6.83 44.53
N THR C 145 -18.55 7.61 44.45
CA THR C 145 -18.93 8.47 45.56
C THR C 145 -19.41 7.65 46.75
N ASP C 146 -19.99 6.48 46.50
CA ASP C 146 -20.52 5.66 47.58
C ASP C 146 -19.43 5.17 48.53
N GLY C 147 -18.18 5.08 48.05
CA GLY C 147 -17.06 4.74 48.90
C GLY C 147 -16.94 3.28 49.27
N THR C 148 -17.63 2.39 48.56
CA THR C 148 -17.56 0.97 48.89
C THR C 148 -16.39 0.28 48.18
N MET C 149 -16.34 0.40 46.86
CA MET C 149 -15.34 -0.31 46.07
C MET C 149 -14.12 0.56 45.83
N THR C 150 -12.96 -0.10 45.76
CA THR C 150 -11.69 0.58 45.59
C THR C 150 -11.44 0.89 44.11
N GLN C 151 -10.25 1.42 43.83
CA GLN C 151 -9.90 1.77 42.46
C GLN C 151 -9.77 0.52 41.59
N GLU C 152 -9.27 -0.57 42.15
CA GLU C 152 -9.13 -1.81 41.40
C GLU C 152 -10.50 -2.35 40.97
N ASP C 153 -11.49 -2.20 41.85
CA ASP C 153 -12.85 -2.72 41.55
C ASP C 153 -13.46 -1.90 40.41
N ILE C 154 -13.23 -0.58 40.41
CA ILE C 154 -13.73 0.28 39.33
C ILE C 154 -13.01 -0.03 38.03
N SER C 155 -11.70 -0.25 38.09
CA SER C 155 -10.94 -0.56 36.89
C SER C 155 -11.41 -1.87 36.27
N ASP C 156 -11.65 -2.89 37.09
CA ASP C 156 -12.13 -4.14 36.54
C ASP C 156 -13.54 -4.00 35.97
N TYR C 157 -14.41 -3.22 36.63
CA TYR C 157 -15.74 -3.01 36.07
C TYR C 157 -15.66 -2.30 34.73
N VAL C 158 -14.77 -1.31 34.61
CA VAL C 158 -14.62 -0.59 33.34
C VAL C 158 -14.10 -1.53 32.26
N ALA C 159 -13.10 -2.36 32.59
CA ALA C 159 -12.51 -3.23 31.59
C ALA C 159 -13.44 -4.35 31.16
N ALA C 160 -14.27 -4.85 32.09
CA ALA C 160 -15.07 -6.03 31.81
C ALA C 160 -16.17 -5.73 30.79
N ASN C 161 -16.91 -4.65 30.99
CA ASN C 161 -18.08 -4.44 30.15
C ASN C 161 -18.10 -3.10 29.45
N MET C 162 -17.69 -2.01 30.13
CA MET C 162 -17.75 -0.69 29.51
C MET C 162 -16.78 -0.57 28.35
N LYS C 163 -15.59 -1.16 28.47
CA LYS C 163 -14.57 -0.99 27.44
C LYS C 163 -15.02 -1.57 26.11
N ASP C 164 -15.61 -2.77 26.12
CA ASP C 164 -16.05 -3.40 24.88
C ASP C 164 -17.17 -2.60 24.22
N ALA C 165 -18.14 -2.13 25.00
CA ALA C 165 -19.24 -1.35 24.43
C ALA C 165 -18.76 -0.02 23.88
N ILE C 166 -17.84 0.64 24.60
CA ILE C 166 -17.31 1.92 24.12
C ILE C 166 -16.52 1.72 22.83
N SER C 167 -15.73 0.65 22.72
CA SER C 167 -14.87 0.40 21.53
C SER C 167 -15.71 0.03 20.30
N ARG C 168 -17.02 -0.12 20.42
CA ARG C 168 -17.93 -0.41 19.27
C ARG C 168 -18.83 0.80 19.03
N THR C 169 -18.42 2.01 19.43
CA THR C 169 -19.17 3.27 19.18
C THR C 169 -18.97 3.66 17.71
N SER C 170 -19.92 4.36 17.10
CA SER C 170 -19.77 4.90 15.72
C SER C 170 -18.63 5.90 15.79
N GLY C 171 -17.43 5.60 15.23
CA GLY C 171 -16.28 6.44 15.41
C GLY C 171 -15.02 5.64 15.68
N VAL C 172 -14.43 5.85 16.84
CA VAL C 172 -13.17 5.19 17.19
C VAL C 172 -13.45 3.79 17.71
N GLY C 173 -12.48 2.91 17.53
CA GLY C 173 -12.52 1.58 18.14
C GLY C 173 -11.33 1.37 19.05
N ASP C 174 -10.46 2.37 19.14
CA ASP C 174 -9.25 2.32 19.95
C ASP C 174 -9.49 3.08 21.25
N VAL C 175 -9.38 2.37 22.38
CA VAL C 175 -9.56 2.96 23.69
C VAL C 175 -8.42 2.50 24.59
N GLN C 176 -8.22 3.25 25.69
CA GLN C 176 -7.19 2.95 26.66
C GLN C 176 -7.80 3.02 28.05
N LEU C 177 -7.22 2.29 28.99
CA LEU C 177 -7.72 2.18 30.35
C LEU C 177 -6.72 2.80 31.32
N PHE C 178 -7.22 3.67 32.21
CA PHE C 178 -6.39 4.25 33.25
C PHE C 178 -6.34 3.33 34.47
N GLY C 179 -5.99 2.07 34.24
CA GLY C 179 -5.96 1.10 35.32
C GLY C 179 -5.79 -0.29 34.77
N SER C 180 -5.98 -1.27 35.64
CA SER C 180 -5.83 -2.67 35.28
C SER C 180 -6.94 -3.49 35.93
N GLN C 181 -7.33 -4.57 35.27
CA GLN C 181 -8.36 -5.46 35.78
C GLN C 181 -7.79 -6.26 36.97
N TYR C 182 -8.61 -7.18 37.47
CA TYR C 182 -8.16 -8.00 38.59
C TYR C 182 -7.02 -8.92 38.18
N ALA C 183 -6.31 -9.38 39.20
CA ALA C 183 -5.28 -10.39 39.06
C ALA C 183 -5.22 -11.14 40.38
N MET C 184 -5.06 -12.45 40.30
CA MET C 184 -5.01 -13.27 41.51
C MET C 184 -3.66 -13.04 42.19
N ARG C 185 -3.68 -12.29 43.28
CA ARG C 185 -2.46 -11.95 44.00
C ARG C 185 -2.23 -12.96 45.12
N ILE C 186 -1.04 -13.56 45.11
CA ILE C 186 -0.59 -14.45 46.18
C ILE C 186 0.52 -13.70 46.92
N TRP C 187 0.18 -13.14 48.08
CA TRP C 187 1.14 -12.46 48.94
C TRP C 187 1.73 -13.49 49.89
N MET C 188 2.98 -13.87 49.65
CA MET C 188 3.65 -14.86 50.47
C MET C 188 3.97 -14.29 51.84
N ASN C 189 4.55 -15.13 52.68
CA ASN C 189 4.98 -14.73 54.02
C ASN C 189 6.26 -15.48 54.34
N PRO C 190 7.39 -14.78 54.51
CA PRO C 190 8.67 -15.49 54.70
C PRO C 190 8.68 -16.40 55.91
N ASN C 191 7.93 -16.06 56.96
CA ASN C 191 7.94 -16.86 58.16
C ASN C 191 7.31 -18.23 57.93
N GLU C 192 6.18 -18.27 57.22
CA GLU C 192 5.56 -19.55 56.90
C GLU C 192 6.42 -20.35 55.91
N LEU C 193 7.08 -19.67 54.99
CA LEU C 193 7.99 -20.37 54.09
C LEU C 193 9.13 -21.02 54.85
N ASN C 194 9.69 -20.31 55.84
CA ASN C 194 10.78 -20.87 56.63
C ASN C 194 10.29 -21.99 57.53
N LYS C 195 9.10 -21.84 58.11
CA LYS C 195 8.57 -22.87 59.00
C LYS C 195 8.35 -24.18 58.26
N PHE C 196 7.78 -24.12 57.06
CA PHE C 196 7.48 -25.30 56.27
C PHE C 196 8.61 -25.70 55.34
N GLN C 197 9.76 -25.04 55.43
CA GLN C 197 10.91 -25.30 54.56
C GLN C 197 10.53 -25.17 53.10
N LEU C 198 9.79 -24.11 52.78
CA LEU C 198 9.35 -23.83 51.43
C LEU C 198 9.99 -22.54 50.92
N THR C 199 9.96 -22.38 49.61
CA THR C 199 10.54 -21.24 48.91
C THR C 199 9.54 -20.73 47.89
N PRO C 200 9.68 -19.49 47.42
CA PRO C 200 8.77 -19.00 46.38
C PRO C 200 8.84 -19.81 45.10
N VAL C 201 9.98 -20.47 44.83
CA VAL C 201 10.07 -21.35 43.68
C VAL C 201 9.08 -22.49 43.79
N ASP C 202 8.94 -23.06 44.98
CA ASP C 202 7.97 -24.13 45.19
C ASP C 202 6.55 -23.63 44.97
N VAL C 203 6.24 -22.43 45.46
CA VAL C 203 4.91 -21.86 45.24
C VAL C 203 4.64 -21.66 43.76
N ILE C 204 5.63 -21.15 43.03
CA ILE C 204 5.46 -20.91 41.60
C ILE C 204 5.23 -22.22 40.87
N THR C 205 6.03 -23.25 41.20
CA THR C 205 5.87 -24.55 40.56
C THR C 205 4.51 -25.16 40.86
N ALA C 206 4.08 -25.08 42.12
CA ALA C 206 2.78 -25.64 42.50
C ALA C 206 1.65 -24.93 41.77
N ILE C 207 1.72 -23.60 41.67
CA ILE C 207 0.67 -22.86 40.97
C ILE C 207 0.67 -23.21 39.49
N LYS C 208 1.84 -23.30 38.88
CA LYS C 208 1.91 -23.65 37.46
C LYS C 208 1.35 -25.03 37.19
N ALA C 209 1.69 -26.00 38.05
CA ALA C 209 1.27 -27.38 37.81
C ALA C 209 -0.22 -27.58 38.02
N GLN C 210 -0.81 -26.92 39.01
CA GLN C 210 -2.19 -27.20 39.41
C GLN C 210 -3.17 -26.14 38.91
N ASN C 211 -2.78 -25.39 37.87
CA ASN C 211 -3.71 -24.48 37.18
C ASN C 211 -3.28 -24.40 35.73
N ALA C 212 -3.85 -25.26 34.89
CA ALA C 212 -3.46 -25.33 33.49
C ALA C 212 -4.49 -26.11 32.71
N GLN C 213 -4.53 -25.87 31.41
CA GLN C 213 -5.39 -26.62 30.49
C GLN C 213 -4.60 -27.72 29.82
N VAL C 214 -5.17 -28.92 29.78
CA VAL C 214 -4.53 -30.09 29.21
C VAL C 214 -5.46 -30.71 28.18
N ALA C 215 -4.90 -31.04 27.01
CA ALA C 215 -5.69 -31.71 25.98
C ALA C 215 -5.94 -33.16 26.36
N ALA C 216 -7.12 -33.66 26.02
CA ALA C 216 -7.49 -35.02 26.36
C ALA C 216 -8.16 -35.79 25.23
N GLY C 217 -8.26 -35.22 24.04
CA GLY C 217 -8.83 -35.94 22.93
C GLY C 217 -10.32 -36.15 23.06
N GLN C 218 -10.79 -37.29 22.55
CA GLN C 218 -12.20 -37.63 22.61
C GLN C 218 -12.34 -39.15 22.51
N LEU C 219 -13.50 -39.64 22.92
CA LEU C 219 -13.83 -41.05 22.85
C LEU C 219 -14.64 -41.32 21.60
N GLY C 220 -14.26 -42.36 20.86
CA GLY C 220 -14.83 -42.60 19.56
C GLY C 220 -14.20 -41.81 18.43
N GLY C 221 -13.08 -41.14 18.70
CA GLY C 221 -12.45 -40.32 17.68
C GLY C 221 -11.82 -41.14 16.58
N THR C 222 -11.65 -40.50 15.44
CA THR C 222 -11.09 -41.18 14.28
C THR C 222 -9.59 -41.43 14.48
N PRO C 223 -9.07 -42.59 14.04
CA PRO C 223 -9.83 -43.66 13.41
C PRO C 223 -10.57 -44.54 14.41
N PRO C 224 -11.85 -44.79 14.17
CA PRO C 224 -12.64 -45.60 15.10
C PRO C 224 -12.65 -47.07 14.72
N VAL C 225 -12.99 -47.90 15.70
CA VAL C 225 -13.20 -49.31 15.43
C VAL C 225 -14.50 -49.49 14.65
N LYS C 226 -14.62 -50.65 14.02
CA LYS C 226 -15.84 -50.96 13.28
C LYS C 226 -17.02 -51.09 14.23
N GLY C 227 -18.15 -50.50 13.84
CA GLY C 227 -19.35 -50.57 14.65
C GLY C 227 -19.46 -49.55 15.75
N GLN C 228 -18.55 -48.58 15.82
CA GLN C 228 -18.63 -47.53 16.82
C GLN C 228 -19.88 -46.68 16.59
N GLN C 229 -20.53 -46.31 17.68
CA GLN C 229 -21.78 -45.54 17.61
C GLN C 229 -21.75 -44.23 18.37
N LEU C 230 -20.84 -44.06 19.34
CA LEU C 230 -20.81 -42.88 20.18
C LEU C 230 -19.56 -42.06 19.91
N ASN C 231 -19.72 -40.73 19.90
CA ASN C 231 -18.61 -39.81 19.71
C ASN C 231 -18.82 -38.62 20.64
N ALA C 232 -17.99 -38.52 21.68
CA ALA C 232 -18.10 -37.45 22.65
C ALA C 232 -16.71 -36.88 22.95
N SER C 233 -16.66 -35.56 23.10
CA SER C 233 -15.42 -34.92 23.49
C SER C 233 -15.09 -35.25 24.95
N ILE C 234 -13.81 -35.14 25.28
CA ILE C 234 -13.33 -35.41 26.63
C ILE C 234 -12.78 -34.11 27.21
N ILE C 235 -13.27 -33.75 28.39
CA ILE C 235 -12.86 -32.52 29.07
C ILE C 235 -12.04 -32.94 30.29
N ALA C 236 -10.77 -32.59 30.29
CA ALA C 236 -9.87 -32.88 31.40
C ALA C 236 -9.86 -31.69 32.36
N GLN C 237 -8.88 -31.63 33.27
CA GLN C 237 -8.80 -30.56 34.24
C GLN C 237 -8.75 -29.20 33.56
N THR C 238 -9.53 -28.25 34.09
CA THR C 238 -9.63 -26.91 33.57
C THR C 238 -8.95 -25.92 34.51
N ARG C 239 -8.96 -24.65 34.12
CA ARG C 239 -8.32 -23.61 34.90
C ARG C 239 -9.15 -23.28 36.13
N LEU C 240 -8.46 -22.82 37.18
CA LEU C 240 -9.14 -22.44 38.41
C LEU C 240 -9.89 -21.12 38.21
N THR C 241 -10.93 -20.93 39.01
CA THR C 241 -11.82 -19.79 38.83
C THR C 241 -11.94 -18.93 40.08
N SER C 242 -12.04 -19.52 41.26
CA SER C 242 -12.32 -18.79 42.48
C SER C 242 -11.08 -18.67 43.35
N THR C 243 -11.13 -17.71 44.27
CA THR C 243 -10.03 -17.51 45.21
C THR C 243 -9.86 -18.71 46.13
N GLU C 244 -10.98 -19.30 46.56
CA GLU C 244 -10.90 -20.48 47.43
C GLU C 244 -10.23 -21.65 46.71
N GLU C 245 -10.46 -21.78 45.41
CA GLU C 245 -9.83 -22.86 44.65
C GLU C 245 -8.32 -22.71 44.64
N PHE C 246 -7.82 -21.48 44.46
CA PHE C 246 -6.39 -21.24 44.64
C PHE C 246 -5.95 -21.49 46.08
N GLY C 247 -6.82 -21.22 47.05
CA GLY C 247 -6.47 -21.48 48.43
C GLY C 247 -6.22 -22.95 48.70
N LYS C 248 -6.97 -23.83 48.05
CA LYS C 248 -6.85 -25.27 48.25
C LYS C 248 -5.61 -25.86 47.58
N ILE C 249 -4.87 -25.07 46.79
CA ILE C 249 -3.69 -25.58 46.12
C ILE C 249 -2.71 -26.13 47.14
N LEU C 250 -2.32 -27.39 46.96
CA LEU C 250 -1.46 -28.08 47.91
C LEU C 250 0.00 -27.84 47.54
N LEU C 251 0.77 -27.33 48.51
CA LEU C 251 2.19 -27.09 48.29
C LEU C 251 3.03 -28.33 48.56
N LYS C 252 2.81 -28.98 49.70
CA LYS C 252 3.50 -30.22 50.02
C LYS C 252 2.74 -30.93 51.13
N VAL C 253 3.06 -32.20 51.31
CA VAL C 253 2.53 -33.01 52.40
C VAL C 253 3.62 -33.20 53.44
N ASN C 254 3.23 -33.14 54.70
CA ASN C 254 4.23 -33.08 55.79
C ASN C 254 4.60 -34.50 56.15
N GLN C 255 5.72 -34.64 56.85
CA GLN C 255 6.21 -35.97 57.20
C GLN C 255 5.16 -36.76 57.96
N ASP C 256 4.50 -36.14 58.93
CA ASP C 256 3.49 -36.83 59.72
C ASP C 256 2.24 -37.13 58.91
N GLY C 257 1.83 -36.21 58.04
CA GLY C 257 0.66 -36.44 57.20
C GLY C 257 -0.22 -35.24 56.98
N SER C 258 0.07 -34.14 57.67
CA SER C 258 -0.76 -32.94 57.54
C SER C 258 -0.58 -32.32 56.16
N ARG C 259 -1.60 -31.59 55.72
CA ARG C 259 -1.64 -30.97 54.41
C ARG C 259 -1.27 -29.49 54.51
N VAL C 260 -0.42 -29.03 53.60
CA VAL C 260 0.00 -27.64 53.54
C VAL C 260 -0.64 -27.03 52.30
N LEU C 261 -1.48 -26.02 52.49
CA LEU C 261 -2.13 -25.32 51.40
C LEU C 261 -1.55 -23.92 51.28
N LEU C 262 -1.97 -23.21 50.23
CA LEU C 262 -1.53 -21.82 50.07
C LEU C 262 -2.05 -20.94 51.20
N ARG C 263 -3.30 -21.15 51.63
CA ARG C 263 -3.86 -20.36 52.71
C ARG C 263 -3.02 -20.41 53.98
N ASP C 264 -2.36 -21.54 54.25
CA ASP C 264 -1.52 -21.64 55.43
C ASP C 264 -0.22 -20.89 55.25
N VAL C 265 0.21 -20.68 54.00
CA VAL C 265 1.53 -20.13 53.71
C VAL C 265 1.46 -18.75 53.08
N ALA C 266 0.33 -18.39 52.47
CA ALA C 266 0.23 -17.11 51.79
C ALA C 266 -1.21 -16.63 51.81
N LYS C 267 -1.39 -15.35 51.50
CA LYS C 267 -2.70 -14.72 51.45
C LYS C 267 -3.10 -14.56 49.99
N ILE C 268 -4.28 -15.06 49.64
CA ILE C 268 -4.75 -15.07 48.26
C ILE C 268 -5.90 -14.09 48.13
N GLU C 269 -5.77 -13.13 47.22
CA GLU C 269 -6.81 -12.13 47.03
C GLU C 269 -6.94 -11.80 45.55
N LEU C 270 -7.93 -10.98 45.22
CA LEU C 270 -8.16 -10.50 43.86
C LEU C 270 -7.72 -9.04 43.81
N GLY C 271 -6.43 -8.83 43.58
CA GLY C 271 -5.86 -7.51 43.57
C GLY C 271 -5.74 -6.93 42.18
N GLY C 272 -4.88 -5.93 42.04
CA GLY C 272 -4.59 -5.34 40.76
C GLY C 272 -3.35 -5.94 40.12
N GLU C 273 -3.26 -5.79 38.80
CA GLU C 273 -2.07 -6.26 38.10
C GLU C 273 -0.84 -5.45 38.49
N ASN C 274 -1.01 -4.15 38.69
CA ASN C 274 0.06 -3.31 39.21
C ASN C 274 -0.54 -2.21 40.07
N TYR C 275 0.27 -1.66 40.96
CA TYR C 275 -0.16 -0.63 41.89
C TYR C 275 0.65 0.65 41.74
N ASP C 276 1.31 0.84 40.60
CA ASP C 276 2.16 2.01 40.41
C ASP C 276 1.34 3.28 40.22
N ILE C 277 0.11 3.16 39.72
CA ILE C 277 -0.73 4.30 39.38
C ILE C 277 -1.97 4.27 40.28
N ILE C 278 -2.19 5.35 41.02
CA ILE C 278 -3.41 5.54 41.79
C ILE C 278 -4.12 6.76 41.23
N ALA C 279 -5.23 6.55 40.55
CA ALA C 279 -6.01 7.63 39.99
C ALA C 279 -7.05 8.12 40.99
N GLU C 280 -7.27 9.43 41.01
CA GLU C 280 -8.21 10.05 41.92
C GLU C 280 -9.10 11.02 41.15
N PHE C 281 -10.18 11.44 41.79
CA PHE C 281 -11.08 12.43 41.20
C PHE C 281 -11.71 13.21 42.34
N ASN C 282 -11.20 14.42 42.59
CA ASN C 282 -11.65 15.26 43.70
C ASN C 282 -11.49 14.53 45.04
N GLY C 283 -10.39 13.80 45.18
CA GLY C 283 -10.06 13.16 46.44
C GLY C 283 -10.59 11.75 46.63
N GLN C 284 -11.38 11.24 45.68
CA GLN C 284 -11.96 9.92 45.82
C GLN C 284 -11.53 9.01 44.67
N PRO C 285 -11.49 7.70 44.89
CA PRO C 285 -10.94 6.79 43.86
C PRO C 285 -11.74 6.83 42.57
N ALA C 286 -11.04 6.63 41.46
CA ALA C 286 -11.66 6.66 40.15
C ALA C 286 -10.82 5.86 39.17
N SER C 287 -11.43 5.53 38.04
CA SER C 287 -10.75 4.85 36.95
C SER C 287 -11.09 5.56 35.65
N GLY C 288 -10.08 5.84 34.84
CA GLY C 288 -10.27 6.57 33.62
C GLY C 288 -10.41 5.68 32.40
N LEU C 289 -10.64 6.32 31.26
CA LEU C 289 -10.75 5.62 29.98
C LEU C 289 -10.39 6.64 28.88
N GLY C 290 -9.19 6.51 28.33
CA GLY C 290 -8.77 7.40 27.25
C GLY C 290 -9.31 6.92 25.92
N ILE C 291 -9.96 7.82 25.19
CA ILE C 291 -10.62 7.51 23.93
C ILE C 291 -9.98 8.36 22.84
N LYS C 292 -9.45 7.69 21.81
CA LYS C 292 -8.87 8.33 20.65
C LYS C 292 -9.98 8.59 19.62
N LEU C 293 -9.60 8.94 18.40
CA LEU C 293 -10.55 9.15 17.31
C LEU C 293 -10.07 8.40 16.08
N ALA C 294 -10.98 7.70 15.42
CA ALA C 294 -10.61 6.96 14.22
C ALA C 294 -10.32 7.92 13.07
N THR C 295 -9.59 7.41 12.09
CA THR C 295 -9.25 8.21 10.91
C THR C 295 -10.49 8.45 10.06
N GLY C 296 -10.69 9.70 9.66
CA GLY C 296 -11.85 10.04 8.85
C GLY C 296 -13.17 10.02 9.58
N ALA C 297 -13.15 10.20 10.90
CA ALA C 297 -14.36 10.17 11.71
C ALA C 297 -14.72 11.56 12.19
N ASN C 298 -16.01 11.80 12.36
CA ASN C 298 -16.51 13.08 12.88
C ASN C 298 -16.32 13.12 14.39
N ALA C 299 -15.52 14.07 14.87
CA ALA C 299 -15.25 14.17 16.30
C ALA C 299 -16.51 14.47 17.08
N LEU C 300 -17.33 15.40 16.57
CA LEU C 300 -18.57 15.75 17.26
C LEU C 300 -19.52 14.56 17.32
N ASP C 301 -19.71 13.88 16.18
CA ASP C 301 -20.59 12.72 16.14
C ASP C 301 -20.06 11.60 17.03
N THR C 302 -18.75 11.39 17.01
CA THR C 302 -18.16 10.34 17.85
C THR C 302 -18.38 10.64 19.33
N ALA C 303 -18.14 11.88 19.75
CA ALA C 303 -18.34 12.22 21.15
C ALA C 303 -19.80 12.10 21.56
N ALA C 304 -20.71 12.56 20.69
CA ALA C 304 -22.13 12.44 21.00
C ALA C 304 -22.54 10.98 21.12
N ALA C 305 -22.06 10.12 20.21
CA ALA C 305 -22.39 8.71 20.27
C ALA C 305 -21.83 8.05 21.52
N ILE C 306 -20.60 8.42 21.93
CA ILE C 306 -20.03 7.84 23.14
C ILE C 306 -20.82 8.28 24.36
N ARG C 307 -21.21 9.55 24.43
CA ARG C 307 -22.01 10.01 25.55
C ARG C 307 -23.37 9.30 25.59
N ALA C 308 -23.99 9.11 24.43
CA ALA C 308 -25.26 8.40 24.38
C ALA C 308 -25.10 6.95 24.83
N GLU C 309 -24.00 6.30 24.41
CA GLU C 309 -23.76 4.92 24.80
C GLU C 309 -23.53 4.81 26.31
N LEU C 310 -22.79 5.76 26.88
CA LEU C 310 -22.59 5.75 28.33
C LEU C 310 -23.91 5.96 29.06
N ALA C 311 -24.75 6.86 28.57
CA ALA C 311 -26.06 7.06 29.18
C ALA C 311 -26.91 5.80 29.08
N LYS C 312 -26.84 5.11 27.94
CA LYS C 312 -27.59 3.86 27.78
C LYS C 312 -27.09 2.79 28.74
N MET C 313 -25.77 2.73 28.96
CA MET C 313 -25.22 1.76 29.90
C MET C 313 -25.47 2.15 31.35
N GLU C 314 -25.79 3.41 31.62
CA GLU C 314 -25.92 3.87 32.99
C GLU C 314 -26.93 3.11 33.85
N PRO C 315 -28.13 2.77 33.37
CA PRO C 315 -29.11 2.16 34.29
C PRO C 315 -28.63 0.90 34.99
N PHE C 316 -27.90 0.03 34.30
CA PHE C 316 -27.43 -1.22 34.90
C PHE C 316 -26.05 -1.06 35.51
N PHE C 317 -25.90 0.00 36.31
CA PHE C 317 -24.67 0.25 37.05
C PHE C 317 -24.86 -0.12 38.51
N PRO C 318 -23.79 -0.57 39.18
CA PRO C 318 -23.89 -0.81 40.63
C PRO C 318 -24.00 0.49 41.42
N SER C 319 -24.03 0.38 42.75
CA SER C 319 -24.15 1.57 43.59
C SER C 319 -23.01 2.54 43.34
N GLY C 320 -23.34 3.81 43.20
CA GLY C 320 -22.37 4.82 42.83
C GLY C 320 -22.06 4.79 41.35
N LEU C 321 -20.78 4.90 41.02
CA LEU C 321 -20.31 4.83 39.63
C LEU C 321 -20.97 5.91 38.76
N LYS C 322 -20.68 7.16 39.10
CA LYS C 322 -21.07 8.27 38.26
C LYS C 322 -20.04 8.48 37.17
N ILE C 323 -20.51 8.72 35.95
CA ILE C 323 -19.64 8.92 34.80
C ILE C 323 -19.25 10.39 34.76
N VAL C 324 -17.96 10.66 34.88
CA VAL C 324 -17.44 12.02 34.84
C VAL C 324 -16.52 12.16 33.63
N TYR C 325 -16.26 13.41 33.25
CA TYR C 325 -15.47 13.73 32.06
C TYR C 325 -14.37 14.71 32.45
N PRO C 326 -13.31 14.23 33.11
CA PRO C 326 -12.24 15.15 33.53
C PRO C 326 -11.56 15.87 32.40
N TYR C 327 -11.40 15.24 31.24
CA TYR C 327 -10.78 15.88 30.09
C TYR C 327 -11.62 15.57 28.86
N ASP C 328 -12.22 16.60 28.28
CA ASP C 328 -12.95 16.46 27.03
C ASP C 328 -13.10 17.84 26.42
N THR C 329 -12.48 18.07 25.27
CA THR C 329 -12.77 19.28 24.49
C THR C 329 -13.36 18.82 23.17
N THR C 330 -14.62 18.40 23.22
CA THR C 330 -15.55 18.42 22.10
C THR C 330 -16.23 19.78 22.01
N PRO C 331 -16.76 20.33 23.13
CA PRO C 331 -17.44 21.63 23.03
C PRO C 331 -16.55 22.74 22.53
N PHE C 332 -15.23 22.64 22.74
CA PHE C 332 -14.33 23.65 22.19
C PHE C 332 -14.37 23.66 20.67
N VAL C 333 -14.32 22.47 20.06
CA VAL C 333 -14.37 22.38 18.60
C VAL C 333 -15.71 22.91 18.09
N LYS C 334 -16.80 22.52 18.73
CA LYS C 334 -18.12 22.97 18.31
C LYS C 334 -18.26 24.48 18.43
N ILE C 335 -17.76 25.05 19.52
CA ILE C 335 -17.82 26.50 19.71
C ILE C 335 -17.00 27.21 18.65
N SER C 336 -15.80 26.71 18.36
CA SER C 336 -14.98 27.34 17.32
C SER C 336 -15.66 27.28 15.95
N ILE C 337 -16.24 26.13 15.61
CA ILE C 337 -16.92 26.00 14.33
C ILE C 337 -18.12 26.94 14.26
N HIS C 338 -18.87 27.04 15.35
CA HIS C 338 -20.01 27.95 15.37
C HIS C 338 -19.56 29.39 15.21
N GLU C 339 -18.46 29.77 15.86
CA GLU C 339 -17.95 31.13 15.72
C GLU C 339 -17.53 31.40 14.28
N VAL C 340 -16.90 30.44 13.62
CA VAL C 340 -16.48 30.62 12.24
C VAL C 340 -17.70 30.78 11.32
N VAL C 341 -18.70 29.93 11.49
CA VAL C 341 -19.90 30.03 10.65
C VAL C 341 -20.62 31.36 10.90
N LYS C 342 -20.66 31.79 12.16
CA LYS C 342 -21.25 33.08 12.49
C LYS C 342 -20.48 34.22 11.82
N THR C 343 -19.15 34.12 11.80
CA THR C 343 -18.35 35.13 11.12
C THR C 343 -18.68 35.16 9.63
N LEU C 344 -18.82 34.00 9.00
CA LEU C 344 -19.14 33.96 7.57
C LEU C 344 -20.51 34.58 7.29
N VAL C 345 -21.52 34.22 8.08
CA VAL C 345 -22.87 34.72 7.81
C VAL C 345 -22.94 36.22 8.10
N GLU C 346 -22.25 36.68 9.16
CA GLU C 346 -22.20 38.11 9.43
C GLU C 346 -21.47 38.85 8.32
N ALA C 347 -20.42 38.25 7.75
CA ALA C 347 -19.74 38.88 6.63
C ALA C 347 -20.69 39.03 5.44
N ILE C 348 -21.49 37.99 5.16
CA ILE C 348 -22.45 38.09 4.06
C ILE C 348 -23.47 39.21 4.33
N ILE C 349 -23.96 39.28 5.57
CA ILE C 349 -24.94 40.32 5.91
C ILE C 349 -24.33 41.71 5.76
N LEU C 350 -23.09 41.88 6.21
CA LEU C 350 -22.43 43.17 6.08
C LEU C 350 -22.17 43.52 4.62
N VAL C 351 -21.91 42.51 3.77
CA VAL C 351 -21.79 42.78 2.35
C VAL C 351 -23.10 43.31 1.80
N PHE C 352 -24.21 42.68 2.18
CA PHE C 352 -25.53 43.17 1.79
C PHE C 352 -25.71 44.62 2.21
N LEU C 353 -25.41 44.92 3.47
CA LEU C 353 -25.63 46.26 4.00
C LEU C 353 -24.77 47.29 3.28
N VAL C 354 -23.48 46.98 3.06
CA VAL C 354 -22.58 47.91 2.40
C VAL C 354 -23.01 48.15 0.96
N MET C 355 -23.38 47.07 0.25
CA MET C 355 -23.79 47.22 -1.14
C MET C 355 -25.06 48.06 -1.26
N TYR C 356 -26.00 47.89 -0.34
CA TYR C 356 -27.19 48.74 -0.39
C TYR C 356 -26.87 50.15 0.03
N LEU C 357 -25.89 50.35 0.92
CA LEU C 357 -25.53 51.69 1.36
C LEU C 357 -24.91 52.49 0.22
N PHE C 358 -23.95 51.89 -0.50
CA PHE C 358 -23.31 52.60 -1.60
C PHE C 358 -24.20 52.62 -2.84
N LEU C 359 -24.77 51.47 -3.19
CA LEU C 359 -25.63 51.33 -4.36
C LEU C 359 -27.07 51.23 -3.88
N GLN C 360 -27.87 52.26 -4.15
CA GLN C 360 -29.28 52.25 -3.79
C GLN C 360 -30.09 51.43 -4.79
N ASN C 361 -29.71 50.17 -4.91
CA ASN C 361 -30.35 49.23 -5.83
C ASN C 361 -30.48 47.89 -5.11
N PHE C 362 -31.71 47.55 -4.72
CA PHE C 362 -31.94 46.33 -3.96
C PHE C 362 -31.60 45.09 -4.78
N ARG C 363 -31.92 45.10 -6.08
CA ARG C 363 -31.65 43.94 -6.92
C ARG C 363 -30.15 43.67 -7.04
N ALA C 364 -29.33 44.73 -7.18
CA ALA C 364 -27.86 44.63 -7.36
C ALA C 364 -27.18 44.24 -6.05
N THR C 365 -27.60 44.81 -4.91
CA THR C 365 -27.05 44.50 -3.57
C THR C 365 -27.02 43.02 -3.31
N LEU C 366 -27.97 42.27 -3.90
CA LEU C 366 -28.19 40.80 -3.67
C LEU C 366 -27.41 39.89 -4.62
N ILE C 367 -26.90 40.37 -5.77
CA ILE C 367 -26.08 39.52 -6.67
C ILE C 367 -24.93 38.90 -5.86
N PRO C 368 -24.16 39.61 -4.98
CA PRO C 368 -23.12 38.96 -4.14
C PRO C 368 -23.58 38.10 -2.96
N THR C 369 -24.81 38.19 -2.49
CA THR C 369 -25.32 37.40 -1.34
C THR C 369 -25.72 36.00 -1.81
N ILE C 370 -25.92 35.78 -3.11
CA ILE C 370 -26.22 34.47 -3.67
C ILE C 370 -25.07 33.96 -4.52
N ALA C 371 -23.92 34.63 -4.48
CA ALA C 371 -22.72 34.18 -5.17
C ALA C 371 -21.60 33.76 -4.24
N VAL C 372 -21.42 34.48 -3.13
CA VAL C 372 -20.41 34.09 -2.14
C VAL C 372 -20.70 32.72 -1.53
N PRO C 373 -21.93 32.41 -1.10
CA PRO C 373 -22.19 31.05 -0.61
C PRO C 373 -21.90 29.96 -1.62
N VAL C 374 -22.09 30.24 -2.91
CA VAL C 374 -21.76 29.27 -3.95
C VAL C 374 -20.26 28.97 -3.92
N VAL C 375 -19.44 30.02 -3.79
CA VAL C 375 -18.00 29.83 -3.71
C VAL C 375 -17.63 29.06 -2.45
N LEU C 376 -18.29 29.36 -1.34
CA LEU C 376 -18.00 28.66 -0.09
C LEU C 376 -18.32 27.17 -0.20
N LEU C 377 -19.47 26.83 -0.77
CA LEU C 377 -19.83 25.44 -0.94
C LEU C 377 -18.90 24.74 -1.93
N GLY C 378 -18.49 25.44 -2.99
CA GLY C 378 -17.48 24.88 -3.88
C GLY C 378 -16.18 24.60 -3.15
N THR C 379 -15.79 25.51 -2.25
CA THR C 379 -14.57 25.29 -1.47
C THR C 379 -14.71 24.05 -0.59
N PHE C 380 -15.88 23.85 0.01
CA PHE C 380 -16.11 22.63 0.77
C PHE C 380 -15.99 21.40 -0.11
N ALA C 381 -16.54 21.47 -1.33
CA ALA C 381 -16.45 20.34 -2.25
C ALA C 381 -15.01 20.04 -2.63
N VAL C 382 -14.22 21.09 -2.87
CA VAL C 382 -12.81 20.89 -3.23
C VAL C 382 -12.04 20.31 -2.06
N LEU C 383 -12.32 20.78 -0.83
CA LEU C 383 -11.69 20.21 0.35
C LEU C 383 -12.02 18.73 0.50
N ALA C 384 -13.27 18.37 0.22
CA ALA C 384 -13.63 16.95 0.23
C ALA C 384 -12.87 16.18 -0.84
N ALA C 385 -12.74 16.75 -2.03
CA ALA C 385 -12.04 16.07 -3.11
C ALA C 385 -10.56 15.88 -2.79
N PHE C 386 -9.92 16.89 -2.20
CA PHE C 386 -8.51 16.81 -1.85
C PHE C 386 -8.24 15.96 -0.61
N GLY C 387 -9.29 15.41 0.01
CA GLY C 387 -9.09 14.57 1.17
C GLY C 387 -8.82 15.30 2.46
N PHE C 388 -9.19 16.58 2.55
CA PHE C 388 -9.00 17.34 3.77
C PHE C 388 -10.22 17.16 4.67
N SER C 389 -10.19 17.85 5.82
CA SER C 389 -11.26 17.74 6.81
C SER C 389 -11.60 19.12 7.33
N ILE C 390 -12.68 19.18 8.10
CA ILE C 390 -13.13 20.42 8.71
C ILE C 390 -12.41 20.57 10.05
N ASN C 391 -11.41 21.44 10.09
CA ASN C 391 -10.65 21.70 11.30
C ASN C 391 -10.45 23.21 11.44
N THR C 392 -9.82 23.62 12.54
CA THR C 392 -9.66 25.04 12.82
C THR C 392 -8.91 25.76 11.71
N LEU C 393 -7.83 25.15 11.21
CA LEU C 393 -7.00 25.79 10.19
C LEU C 393 -7.79 26.02 8.90
N THR C 394 -8.55 25.03 8.46
CA THR C 394 -9.29 25.17 7.20
C THR C 394 -10.35 26.25 7.32
N MET C 395 -11.09 26.28 8.42
CA MET C 395 -12.14 27.29 8.58
C MET C 395 -11.55 28.69 8.72
N PHE C 396 -10.39 28.81 9.38
CA PHE C 396 -9.77 30.13 9.43
C PHE C 396 -9.23 30.56 8.07
N GLY C 397 -8.73 29.62 7.28
CA GLY C 397 -8.39 29.94 5.91
C GLY C 397 -9.60 30.41 5.12
N MET C 398 -10.76 29.78 5.36
CA MET C 398 -11.99 30.20 4.70
C MET C 398 -12.41 31.60 5.11
N VAL C 399 -12.34 31.92 6.41
CA VAL C 399 -12.71 33.25 6.84
C VAL C 399 -11.70 34.29 6.37
N LEU C 400 -10.46 33.87 6.08
CA LEU C 400 -9.52 34.78 5.45
C LEU C 400 -9.82 35.01 3.98
N ALA C 401 -10.22 33.94 3.27
CA ALA C 401 -10.55 34.07 1.85
C ALA C 401 -11.90 34.74 1.62
N ILE C 402 -12.73 34.84 2.67
CA ILE C 402 -14.03 35.47 2.51
C ILE C 402 -13.88 36.93 2.08
N GLY C 403 -12.84 37.61 2.54
CA GLY C 403 -12.64 38.99 2.14
C GLY C 403 -12.40 39.13 0.65
N LEU C 404 -11.59 38.24 0.09
CA LEU C 404 -11.30 38.28 -1.34
C LEU C 404 -12.51 37.85 -2.16
N LEU C 405 -13.27 36.87 -1.67
CA LEU C 405 -14.52 36.52 -2.33
C LEU C 405 -15.46 37.73 -2.40
N VAL C 406 -15.60 38.42 -1.27
CA VAL C 406 -16.38 39.66 -1.23
C VAL C 406 -15.84 40.69 -2.21
N ASP C 407 -14.50 40.79 -2.26
CA ASP C 407 -13.80 41.75 -3.14
C ASP C 407 -14.24 41.49 -4.56
N ASP C 408 -14.21 40.26 -5.06
CA ASP C 408 -14.58 39.93 -6.43
C ASP C 408 -16.06 40.19 -6.69
N ALA C 409 -16.92 39.70 -5.78
CA ALA C 409 -18.36 39.83 -5.97
C ALA C 409 -18.82 41.27 -5.92
N ILE C 410 -18.10 42.15 -5.23
CA ILE C 410 -18.40 43.56 -5.18
C ILE C 410 -17.86 44.29 -6.40
N VAL C 411 -16.64 43.96 -6.84
CA VAL C 411 -16.03 44.64 -7.98
C VAL C 411 -16.89 44.45 -9.23
N VAL C 412 -17.32 43.20 -9.48
CA VAL C 412 -18.07 42.94 -10.71
C VAL C 412 -19.36 43.76 -10.74
N VAL C 413 -20.15 43.67 -9.65
CA VAL C 413 -21.44 44.35 -9.62
C VAL C 413 -21.26 45.86 -9.61
N GLU C 414 -20.25 46.35 -8.90
CA GLU C 414 -20.03 47.79 -8.82
C GLU C 414 -19.70 48.36 -10.19
N ASN C 415 -18.82 47.70 -10.94
CA ASN C 415 -18.49 48.23 -12.26
C ASN C 415 -19.66 48.10 -13.22
N VAL C 416 -20.45 47.03 -13.08
CA VAL C 416 -21.65 46.91 -13.93
C VAL C 416 -22.60 48.07 -13.65
N GLU C 417 -22.81 48.40 -12.38
CA GLU C 417 -23.71 49.49 -12.02
C GLU C 417 -23.15 50.84 -12.46
N ARG C 418 -21.83 51.03 -12.34
CA ARG C 418 -21.23 52.27 -12.81
C ARG C 418 -21.41 52.43 -14.32
N VAL C 419 -21.26 51.33 -15.06
CA VAL C 419 -21.48 51.39 -16.51
C VAL C 419 -22.94 51.73 -16.80
N MET C 420 -23.87 51.09 -16.09
CA MET C 420 -25.28 51.39 -16.29
C MET C 420 -25.58 52.86 -16.02
N ALA C 421 -24.96 53.43 -15.00
CA ALA C 421 -25.21 54.83 -14.65
C ALA C 421 -24.60 55.77 -15.68
N GLU C 422 -23.29 55.67 -15.89
CA GLU C 422 -22.60 56.63 -16.75
C GLU C 422 -22.99 56.46 -18.21
N GLU C 423 -22.93 55.23 -18.71
CA GLU C 423 -23.20 55.00 -20.14
C GLU C 423 -24.69 55.10 -20.46
N GLY C 424 -25.56 54.74 -19.51
CA GLY C 424 -26.97 54.70 -19.78
C GLY C 424 -27.33 53.62 -20.77
N LEU C 425 -27.12 52.37 -20.39
CA LEU C 425 -27.32 51.21 -21.25
C LEU C 425 -28.23 50.21 -20.57
N PRO C 426 -28.89 49.35 -21.34
CA PRO C 426 -29.66 48.26 -20.74
C PRO C 426 -28.75 47.30 -20.00
N PRO C 427 -29.27 46.55 -19.03
CA PRO C 427 -28.39 45.72 -18.19
C PRO C 427 -27.53 44.74 -18.97
N LYS C 428 -28.06 44.16 -20.06
CA LYS C 428 -27.30 43.15 -20.79
C LYS C 428 -26.07 43.74 -21.46
N GLU C 429 -26.24 44.83 -22.21
CA GLU C 429 -25.10 45.44 -22.89
C GLU C 429 -24.12 46.03 -21.88
N ALA C 430 -24.65 46.62 -20.81
CA ALA C 430 -23.79 47.22 -19.78
C ALA C 430 -22.92 46.15 -19.13
N THR C 431 -23.52 45.02 -18.74
CA THR C 431 -22.72 43.97 -18.12
C THR C 431 -21.80 43.30 -19.13
N ARG C 432 -22.19 43.27 -20.41
CA ARG C 432 -21.30 42.74 -21.44
C ARG C 432 -20.02 43.57 -21.52
N LYS C 433 -20.16 44.89 -21.62
CA LYS C 433 -18.97 45.73 -21.74
C LYS C 433 -18.19 45.78 -20.43
N SER C 434 -18.91 45.83 -19.30
CA SER C 434 -18.30 45.92 -17.96
C SER C 434 -17.37 44.73 -17.79
N MET C 435 -17.85 43.52 -18.07
CA MET C 435 -17.02 42.30 -17.94
C MET C 435 -15.82 42.48 -18.87
N GLY C 436 -16.00 42.99 -20.08
CA GLY C 436 -14.89 43.24 -21.01
C GLY C 436 -13.77 44.04 -20.36
N GLN C 437 -14.10 45.05 -19.55
CA GLN C 437 -13.10 45.95 -18.89
C GLN C 437 -12.37 45.22 -17.77
N ILE C 438 -13.04 44.31 -17.03
CA ILE C 438 -12.47 43.62 -15.84
C ILE C 438 -12.28 42.12 -16.06
N GLN C 439 -12.45 41.56 -17.26
CA GLN C 439 -12.39 40.08 -17.46
C GLN C 439 -10.93 39.65 -17.54
N GLY C 440 -10.04 40.43 -18.17
CA GLY C 440 -8.60 40.09 -18.25
C GLY C 440 -7.95 40.37 -16.91
N ALA C 441 -8.40 41.40 -16.20
CA ALA C 441 -7.85 41.77 -14.88
C ALA C 441 -8.20 40.66 -13.91
N LEU C 442 -9.37 40.03 -14.01
CA LEU C 442 -9.83 38.96 -13.09
C LEU C 442 -9.02 37.67 -13.33
N VAL C 443 -8.55 37.43 -14.55
CA VAL C 443 -7.74 36.22 -14.91
C VAL C 443 -6.30 36.45 -14.44
N GLY C 444 -5.71 37.64 -14.60
CA GLY C 444 -4.39 37.98 -14.08
C GLY C 444 -4.34 37.95 -12.56
N ILE C 445 -5.41 38.41 -11.91
CA ILE C 445 -5.48 38.38 -10.46
C ILE C 445 -5.46 36.94 -9.96
N ALA C 446 -6.23 36.06 -10.62
CA ALA C 446 -6.23 34.66 -10.24
C ALA C 446 -4.84 34.06 -10.35
N MET C 447 -4.14 34.35 -11.44
CA MET C 447 -2.79 33.82 -11.60
C MET C 447 -1.83 34.37 -10.55
N VAL C 448 -1.90 35.68 -10.28
CA VAL C 448 -1.00 36.28 -9.30
C VAL C 448 -1.26 35.72 -7.90
N LEU C 449 -2.53 35.59 -7.53
CA LEU C 449 -2.86 35.10 -6.20
C LEU C 449 -2.54 33.62 -6.06
N SER C 450 -2.71 32.84 -7.13
CA SER C 450 -2.22 31.47 -7.11
C SER C 450 -0.70 31.44 -6.90
N ALA C 451 0.01 32.31 -7.60
CA ALA C 451 1.46 32.37 -7.45
C ALA C 451 1.90 32.80 -6.06
N VAL C 452 1.08 33.58 -5.35
CA VAL C 452 1.48 34.02 -4.02
C VAL C 452 1.01 33.07 -2.92
N PHE C 453 -0.03 32.25 -3.17
CA PHE C 453 -0.52 31.34 -2.15
C PHE C 453 -0.05 29.90 -2.29
N VAL C 454 0.12 29.39 -3.52
CA VAL C 454 0.53 28.00 -3.69
C VAL C 454 1.89 27.70 -3.07
N PRO C 455 2.94 28.53 -3.26
CA PRO C 455 4.25 28.16 -2.71
C PRO C 455 4.37 28.37 -1.22
N MET C 456 3.36 27.94 -0.47
CA MET C 456 3.48 27.79 0.97
C MET C 456 2.89 26.47 1.44
N ALA C 457 2.25 25.72 0.56
CA ALA C 457 1.87 24.34 0.84
C ALA C 457 3.04 23.38 0.68
N PHE C 458 4.15 23.84 0.13
CA PHE C 458 5.32 23.01 -0.11
C PHE C 458 6.40 23.17 0.94
N PHE C 459 6.10 23.89 2.03
CA PHE C 459 7.01 23.93 3.16
C PHE C 459 7.19 22.53 3.73
N GLY C 460 8.43 22.16 4.03
CA GLY C 460 8.70 20.87 4.60
C GLY C 460 8.46 20.83 6.09
N GLY C 461 8.54 19.63 6.65
CA GLY C 461 8.45 19.46 8.08
C GLY C 461 7.02 19.47 8.61
N SER C 462 6.93 19.52 9.93
CA SER C 462 5.64 19.48 10.60
C SER C 462 4.81 20.72 10.30
N THR C 463 5.44 21.90 10.31
CA THR C 463 4.70 23.13 10.08
C THR C 463 4.21 23.26 8.63
N GLY C 464 4.83 22.53 7.70
CA GLY C 464 4.33 22.52 6.33
C GLY C 464 2.93 21.96 6.22
N ALA C 465 2.61 20.95 7.05
CA ALA C 465 1.24 20.44 7.08
C ALA C 465 0.27 21.49 7.60
N ILE C 466 0.70 22.34 8.52
CA ILE C 466 -0.14 23.44 8.99
C ILE C 466 -0.38 24.43 7.87
N TYR C 467 0.69 24.84 7.18
CA TYR C 467 0.56 25.84 6.13
C TYR C 467 -0.24 25.32 4.94
N ARG C 468 -0.18 24.01 4.69
CA ARG C 468 -0.86 23.45 3.52
C ARG C 468 -2.37 23.61 3.62
N GLN C 469 -2.92 23.50 4.83
CA GLN C 469 -4.36 23.67 5.00
C GLN C 469 -4.79 25.05 4.52
N PHE C 470 -4.14 26.09 5.03
CA PHE C 470 -4.47 27.45 4.61
C PHE C 470 -4.22 27.64 3.12
N SER C 471 -3.10 27.12 2.62
CA SER C 471 -2.75 27.31 1.22
C SER C 471 -3.83 26.73 0.31
N ILE C 472 -4.18 25.47 0.51
CA ILE C 472 -5.14 24.82 -0.36
C ILE C 472 -6.52 25.43 -0.19
N THR C 473 -6.92 25.73 1.04
CA THR C 473 -8.23 26.35 1.25
C THR C 473 -8.35 27.68 0.51
N ILE C 474 -7.36 28.56 0.69
CA ILE C 474 -7.44 29.89 0.09
C ILE C 474 -7.30 29.81 -1.43
N VAL C 475 -6.44 28.93 -1.93
CA VAL C 475 -6.25 28.86 -3.39
C VAL C 475 -7.49 28.28 -4.06
N SER C 476 -8.12 27.28 -3.44
CA SER C 476 -9.37 26.75 -3.99
C SER C 476 -10.47 27.80 -3.93
N ALA C 477 -10.54 28.55 -2.82
CA ALA C 477 -11.54 29.59 -2.71
C ALA C 477 -11.34 30.66 -3.78
N MET C 478 -10.09 31.03 -4.06
CA MET C 478 -9.85 32.07 -5.06
C MET C 478 -10.13 31.57 -6.47
N ALA C 479 -9.71 30.34 -6.79
CA ALA C 479 -10.02 29.80 -8.11
C ALA C 479 -11.53 29.73 -8.33
N LEU C 480 -12.25 29.26 -7.31
CA LEU C 480 -13.71 29.17 -7.43
C LEU C 480 -14.35 30.55 -7.47
N SER C 481 -13.80 31.53 -6.76
CA SER C 481 -14.34 32.88 -6.81
C SER C 481 -14.17 33.49 -8.19
N VAL C 482 -13.01 33.29 -8.81
CA VAL C 482 -12.80 33.80 -10.16
C VAL C 482 -13.73 33.10 -11.15
N LEU C 483 -13.87 31.78 -11.02
CA LEU C 483 -14.78 31.06 -11.90
C LEU C 483 -16.22 31.54 -11.73
N VAL C 484 -16.64 31.77 -10.49
CA VAL C 484 -18.00 32.24 -10.24
C VAL C 484 -18.19 33.64 -10.81
N ALA C 485 -17.23 34.54 -10.57
CA ALA C 485 -17.34 35.89 -11.08
C ALA C 485 -17.27 35.95 -12.60
N LEU C 486 -16.72 34.92 -13.24
CA LEU C 486 -16.76 34.85 -14.71
C LEU C 486 -18.02 34.17 -15.23
N ILE C 487 -18.65 33.29 -14.45
CA ILE C 487 -19.75 32.49 -14.94
C ILE C 487 -21.10 33.03 -14.46
N LEU C 488 -21.31 33.02 -13.15
CA LEU C 488 -22.63 33.24 -12.58
C LEU C 488 -22.95 34.72 -12.36
N THR C 489 -22.01 35.47 -11.81
CA THR C 489 -22.25 36.89 -11.55
C THR C 489 -22.60 37.68 -12.80
N PRO C 490 -21.94 37.51 -13.96
CA PRO C 490 -22.40 38.21 -15.16
C PRO C 490 -23.82 37.87 -15.56
N ALA C 491 -24.23 36.60 -15.42
CA ALA C 491 -25.60 36.23 -15.76
C ALA C 491 -26.59 36.88 -14.82
N LEU C 492 -26.29 36.90 -13.52
CA LEU C 492 -27.15 37.57 -12.56
C LEU C 492 -27.26 39.06 -12.85
N CYS C 493 -26.14 39.70 -13.18
CA CYS C 493 -26.17 41.11 -13.53
C CYS C 493 -27.02 41.35 -14.77
N ALA C 494 -26.89 40.48 -15.77
CA ALA C 494 -27.65 40.65 -17.01
C ALA C 494 -29.14 40.48 -16.78
N THR C 495 -29.54 39.49 -15.98
CA THR C 495 -30.97 39.19 -15.83
C THR C 495 -31.63 40.05 -14.76
N MET C 496 -31.11 39.99 -13.53
CA MET C 496 -31.82 40.59 -12.40
C MET C 496 -31.88 42.11 -12.48
N LEU C 497 -30.80 42.74 -12.92
CA LEU C 497 -30.71 44.21 -12.82
C LEU C 497 -31.78 44.88 -13.68
N LYS C 498 -32.31 45.99 -13.15
CA LYS C 498 -33.34 46.80 -13.80
C LYS C 498 -32.71 48.04 -14.40
N PRO C 499 -32.99 48.38 -15.66
CA PRO C 499 -32.40 49.57 -16.26
C PRO C 499 -32.81 50.83 -15.52
N ILE C 500 -31.88 51.77 -15.45
CA ILE C 500 -32.13 53.05 -14.79
C ILE C 500 -31.98 54.20 -15.78
N GLY C 511 -34.28 60.20 3.55
CA GLY C 511 -33.46 61.03 2.69
C GLY C 511 -31.99 61.00 3.07
N PHE C 512 -31.62 60.06 3.95
CA PHE C 512 -30.23 59.92 4.35
C PHE C 512 -29.34 59.51 3.19
N PHE C 513 -29.86 58.69 2.28
CA PHE C 513 -29.05 58.22 1.15
C PHE C 513 -28.67 59.36 0.21
N GLY C 514 -29.52 60.37 0.07
CA GLY C 514 -29.15 61.52 -0.73
C GLY C 514 -27.95 62.26 -0.16
N TRP C 515 -27.97 62.49 1.16
CA TRP C 515 -26.83 63.13 1.81
C TRP C 515 -25.60 62.24 1.72
N PHE C 516 -25.76 60.92 1.84
CA PHE C 516 -24.63 60.02 1.72
C PHE C 516 -24.01 60.10 0.33
N ASN C 517 -24.86 60.13 -0.71
CA ASN C 517 -24.35 60.29 -2.07
C ASN C 517 -23.63 61.62 -2.23
N ARG C 518 -24.19 62.69 -1.68
CA ARG C 518 -23.56 64.01 -1.80
C ARG C 518 -22.20 64.04 -1.13
N MET C 519 -22.12 63.50 0.10
CA MET C 519 -20.84 63.52 0.81
C MET C 519 -19.82 62.59 0.15
N PHE C 520 -20.27 61.46 -0.40
CA PHE C 520 -19.35 60.59 -1.10
C PHE C 520 -18.83 61.24 -2.37
N GLU C 521 -19.69 61.97 -3.08
CA GLU C 521 -19.22 62.68 -4.27
C GLU C 521 -18.23 63.77 -3.91
N LYS C 522 -18.49 64.51 -2.82
CA LYS C 522 -17.54 65.53 -2.38
C LYS C 522 -16.21 64.90 -2.00
N SER C 523 -16.26 63.77 -1.29
CA SER C 523 -15.03 63.07 -0.92
C SER C 523 -14.28 62.57 -2.14
N THR C 524 -15.01 62.07 -3.14
CA THR C 524 -14.36 61.62 -4.36
C THR C 524 -13.69 62.78 -5.10
N HIS C 525 -14.36 63.94 -5.14
CA HIS C 525 -13.75 65.11 -5.76
C HIS C 525 -12.49 65.53 -5.02
N HIS C 526 -12.55 65.56 -3.68
CA HIS C 526 -11.38 65.93 -2.89
C HIS C 526 -10.24 64.94 -3.10
N TYR C 527 -10.56 63.65 -3.17
CA TYR C 527 -9.55 62.62 -3.39
C TYR C 527 -8.91 62.77 -4.77
N THR C 528 -9.72 63.06 -5.80
CA THR C 528 -9.18 63.26 -7.13
C THR C 528 -8.27 64.47 -7.17
N ASP C 529 -8.67 65.56 -6.49
CA ASP C 529 -7.81 66.74 -6.43
C ASP C 529 -6.51 66.43 -5.71
N SER C 530 -6.57 65.66 -4.62
CA SER C 530 -5.36 65.29 -3.90
C SER C 530 -4.44 64.44 -4.76
N VAL C 531 -4.99 63.47 -5.49
CA VAL C 531 -4.17 62.61 -6.34
C VAL C 531 -3.55 63.42 -7.48
N GLY C 532 -4.31 64.36 -8.04
CA GLY C 532 -3.73 65.24 -9.04
C GLY C 532 -2.62 66.10 -8.48
N GLY C 533 -2.78 66.57 -7.24
CA GLY C 533 -1.74 67.37 -6.62
C GLY C 533 -0.46 66.58 -6.35
N ILE C 534 -0.60 65.35 -5.84
CA ILE C 534 0.57 64.56 -5.49
C ILE C 534 1.32 64.04 -6.72
N LEU C 535 0.71 64.10 -7.90
CA LEU C 535 1.42 63.75 -9.12
C LEU C 535 2.32 64.88 -9.62
N ARG C 536 2.16 66.09 -9.09
CA ARG C 536 3.05 67.20 -9.43
C ARG C 536 4.20 67.31 -8.45
N SER C 537 3.95 67.01 -7.17
CA SER C 537 4.97 67.00 -6.14
C SER C 537 5.62 65.64 -5.95
N THR C 538 5.64 64.82 -7.00
CA THR C 538 6.22 63.49 -6.89
C THR C 538 7.72 63.57 -6.58
N GLY C 539 8.18 62.66 -5.73
CA GLY C 539 9.56 62.65 -5.30
C GLY C 539 9.66 62.68 -3.78
N ARG C 540 8.81 63.47 -3.14
CA ARG C 540 8.69 63.39 -1.68
C ARG C 540 8.01 62.10 -1.27
N TYR C 541 7.01 61.67 -2.03
CA TYR C 541 6.26 60.47 -1.67
C TYR C 541 7.09 59.21 -1.91
N LEU C 542 8.04 59.25 -2.83
CA LEU C 542 8.98 58.13 -2.97
C LEU C 542 9.83 58.00 -1.71
N VAL C 543 10.30 59.12 -1.16
CA VAL C 543 11.07 59.09 0.08
C VAL C 543 10.19 58.61 1.23
N LEU C 544 8.92 59.03 1.26
CA LEU C 544 8.02 58.56 2.29
C LEU C 544 7.79 57.06 2.18
N TYR C 545 7.68 56.56 0.94
CA TYR C 545 7.54 55.12 0.73
C TYR C 545 8.78 54.37 1.19
N LEU C 546 9.97 54.94 0.95
CA LEU C 546 11.20 54.32 1.44
C LEU C 546 11.22 54.28 2.96
N ILE C 547 10.76 55.36 3.60
CA ILE C 547 10.64 55.37 5.07
C ILE C 547 9.68 54.29 5.53
N ILE C 548 8.57 54.12 4.81
CA ILE C 548 7.60 53.08 5.16
C ILE C 548 8.25 51.69 5.05
N VAL C 549 9.03 51.47 3.99
CA VAL C 549 9.70 50.18 3.80
C VAL C 549 10.69 49.92 4.94
N VAL C 550 11.46 50.95 5.31
CA VAL C 550 12.42 50.79 6.40
C VAL C 550 11.71 50.48 7.71
N GLY C 551 10.61 51.19 7.98
CA GLY C 551 9.83 50.90 9.18
C GLY C 551 9.25 49.50 9.18
N MET C 552 8.79 49.04 8.02
CA MET C 552 8.29 47.68 7.90
C MET C 552 9.38 46.67 8.20
N ALA C 553 10.59 46.89 7.67
CA ALA C 553 11.69 45.98 7.97
C ALA C 553 12.02 45.99 9.45
N TYR C 554 12.04 47.16 10.07
CA TYR C 554 12.34 47.26 11.49
C TYR C 554 11.30 46.53 12.32
N LEU C 555 10.02 46.70 11.99
CA LEU C 555 8.97 46.02 12.74
C LEU C 555 9.03 44.51 12.54
N PHE C 556 9.33 44.06 11.32
CA PHE C 556 9.41 42.63 11.06
C PHE C 556 10.58 42.00 11.81
N VAL C 557 11.74 42.68 11.85
CA VAL C 557 12.87 42.14 12.61
C VAL C 557 12.73 42.36 14.10
N ARG C 558 11.78 43.18 14.54
CA ARG C 558 11.54 43.39 15.96
C ARG C 558 10.47 42.46 16.52
N LEU C 559 9.49 42.08 15.72
CA LEU C 559 8.36 41.31 16.22
C LEU C 559 8.80 39.92 16.66
N PRO C 560 8.40 39.46 17.84
CA PRO C 560 8.74 38.10 18.26
C PRO C 560 7.96 37.06 17.47
N SER C 561 8.54 35.86 17.39
CA SER C 561 7.94 34.76 16.65
C SER C 561 7.34 33.73 17.59
N SER C 562 6.44 32.91 17.05
CA SER C 562 5.82 31.83 17.80
C SER C 562 5.34 30.79 16.80
N PHE C 563 4.53 29.84 17.28
CA PHE C 563 3.97 28.79 16.43
C PHE C 563 2.46 28.89 16.33
N LEU C 564 1.74 28.88 17.46
CA LEU C 564 0.30 28.97 17.48
C LEU C 564 -0.11 29.53 18.83
N PRO C 565 -1.17 30.34 18.88
CA PRO C 565 -1.59 30.92 20.16
C PRO C 565 -2.19 29.89 21.10
N ASP C 566 -1.56 29.66 22.24
CA ASP C 566 -2.21 28.85 23.27
C ASP C 566 -3.45 29.56 23.78
N GLU C 567 -4.54 28.83 23.89
CA GLU C 567 -5.84 29.41 24.18
C GLU C 567 -6.55 28.63 25.26
N ASP C 568 -7.48 29.29 25.92
CA ASP C 568 -8.25 28.70 27.02
C ASP C 568 -9.13 27.59 26.47
N GLN C 569 -8.72 26.35 26.70
CA GLN C 569 -9.51 25.19 26.33
C GLN C 569 -10.42 24.73 27.47
N GLY C 570 -10.38 25.40 28.61
CA GLY C 570 -11.16 25.01 29.76
C GLY C 570 -10.49 24.04 30.69
N VAL C 571 -9.32 23.51 30.32
CA VAL C 571 -8.59 22.56 31.15
C VAL C 571 -7.11 22.92 31.13
N PHE C 572 -6.41 22.51 32.19
CA PHE C 572 -4.97 22.70 32.29
C PHE C 572 -4.40 21.65 33.22
N MET C 573 -3.08 21.52 33.21
CA MET C 573 -2.38 20.48 33.95
C MET C 573 -1.58 21.07 35.11
N THR C 574 -1.26 20.22 36.07
CA THR C 574 -0.36 20.54 37.17
C THR C 574 0.56 19.36 37.39
N MET C 575 1.86 19.61 37.39
CA MET C 575 2.87 18.57 37.53
C MET C 575 3.52 18.67 38.89
N VAL C 576 3.59 17.54 39.60
CA VAL C 576 4.20 17.44 40.92
C VAL C 576 5.39 16.49 40.80
N GLN C 577 6.55 16.95 41.27
CA GLN C 577 7.81 16.20 41.14
C GLN C 577 8.52 16.24 42.49
N LEU C 578 8.32 15.20 43.29
CA LEU C 578 9.04 15.07 44.55
C LEU C 578 10.49 14.65 44.29
N PRO C 579 11.37 14.86 45.26
CA PRO C 579 12.78 14.48 45.07
C PRO C 579 12.93 12.98 44.85
N ALA C 580 14.15 12.60 44.49
CA ALA C 580 14.45 11.20 44.22
C ALA C 580 14.28 10.37 45.48
N GLY C 581 13.81 9.13 45.30
CA GLY C 581 13.63 8.23 46.41
C GLY C 581 12.35 8.43 47.21
N ALA C 582 11.47 9.34 46.78
CA ALA C 582 10.22 9.54 47.47
C ALA C 582 9.26 8.40 47.15
N THR C 583 8.36 8.13 48.09
CA THR C 583 7.40 7.04 47.96
C THR C 583 6.09 7.56 47.40
N GLN C 584 5.11 6.64 47.31
CA GLN C 584 3.82 6.97 46.73
C GLN C 584 2.94 7.79 47.67
N GLU C 585 2.98 7.45 48.96
CA GLU C 585 2.14 8.12 49.98
C GLU C 585 2.66 9.53 50.16
N ARG C 586 3.97 9.76 49.99
CA ARG C 586 4.58 11.11 50.12
C ARG C 586 4.09 11.97 48.97
N THR C 587 3.96 11.43 47.76
CA THR C 587 3.48 12.16 46.55
C THR C 587 1.96 12.28 46.61
N GLN C 588 1.26 11.39 47.30
CA GLN C 588 -0.17 11.48 47.48
C GLN C 588 -0.55 12.64 48.40
N LYS C 589 0.28 12.90 49.41
CA LYS C 589 0.02 14.04 50.29
C LYS C 589 0.06 15.36 49.51
N VAL C 590 1.07 15.52 48.66
CA VAL C 590 1.18 16.75 47.87
C VAL C 590 0.03 16.86 46.88
N LEU C 591 -0.34 15.75 46.25
CA LEU C 591 -1.48 15.72 45.29
C LEU C 591 -2.77 15.98 46.06
N ASN C 592 -2.79 15.87 47.40
CA ASN C 592 -3.96 16.25 48.24
C ASN C 592 -3.88 17.73 48.58
N GLU C 593 -2.68 18.27 48.76
CA GLU C 593 -2.50 19.70 49.02
C GLU C 593 -2.89 20.44 47.75
N VAL C 594 -2.74 19.80 46.58
CA VAL C 594 -3.02 20.49 45.32
C VAL C 594 -4.51 20.49 45.02
N THR C 595 -5.14 19.32 45.15
CA THR C 595 -6.58 19.26 44.84
C THR C 595 -7.40 19.99 45.88
N HIS C 596 -6.95 20.01 47.14
CA HIS C 596 -7.64 20.80 48.16
C HIS C 596 -7.56 22.29 47.82
N TYR C 597 -6.40 22.76 47.40
CA TYR C 597 -6.27 24.15 46.98
C TYR C 597 -7.17 24.45 45.79
N TYR C 598 -7.22 23.56 44.81
CA TYR C 598 -8.01 23.81 43.62
C TYR C 598 -9.50 23.82 43.94
N LEU C 599 -9.96 22.93 44.82
CA LEU C 599 -11.36 22.86 45.19
C LEU C 599 -11.72 23.81 46.33
N THR C 600 -10.76 24.56 46.86
CA THR C 600 -11.02 25.52 47.92
C THR C 600 -10.74 26.95 47.50
N LYS C 601 -9.55 27.24 47.00
CA LYS C 601 -9.19 28.59 46.60
C LYS C 601 -9.65 28.94 45.20
N GLU C 602 -10.22 28.00 44.45
CA GLU C 602 -10.71 28.24 43.10
C GLU C 602 -12.07 27.60 42.91
N LYS C 603 -12.96 27.77 43.89
CA LYS C 603 -14.26 27.10 43.84
C LYS C 603 -15.08 27.55 42.64
N ASN C 604 -15.09 28.85 42.36
CA ASN C 604 -15.94 29.40 41.31
C ASN C 604 -15.42 29.12 39.90
N ASN C 605 -14.18 28.67 39.76
CA ASN C 605 -13.60 28.40 38.45
C ASN C 605 -13.32 26.93 38.18
N VAL C 606 -13.01 26.16 39.22
CA VAL C 606 -12.68 24.74 39.08
C VAL C 606 -13.94 23.90 39.23
N GLU C 607 -14.19 23.04 38.25
CA GLU C 607 -15.28 22.09 38.31
C GLU C 607 -14.83 20.71 38.78
N SER C 608 -13.68 20.23 38.33
CA SER C 608 -13.19 18.92 38.76
C SER C 608 -11.68 18.87 38.65
N VAL C 609 -11.08 17.99 39.45
CA VAL C 609 -9.64 17.74 39.42
C VAL C 609 -9.42 16.24 39.34
N PHE C 610 -8.64 15.79 38.37
CA PHE C 610 -8.29 14.39 38.22
C PHE C 610 -6.80 14.26 38.53
N ALA C 611 -6.48 13.60 39.64
CA ALA C 611 -5.12 13.53 40.16
C ALA C 611 -4.58 12.11 39.98
N VAL C 612 -3.75 11.92 38.96
CA VAL C 612 -3.09 10.64 38.71
C VAL C 612 -1.76 10.65 39.47
N ASN C 613 -1.58 9.66 40.33
CA ASN C 613 -0.39 9.52 41.16
C ASN C 613 0.55 8.51 40.52
N GLY C 614 1.82 8.87 40.45
CA GLY C 614 2.83 7.99 39.89
C GLY C 614 3.09 8.18 38.41
N PHE C 615 2.18 8.82 37.69
CA PHE C 615 2.32 9.06 36.25
C PHE C 615 2.75 10.51 36.08
N GLY C 616 4.07 10.73 36.09
CA GLY C 616 4.62 12.07 35.96
C GLY C 616 4.70 12.53 34.52
N PHE C 617 5.35 13.66 34.33
CA PHE C 617 5.51 14.27 33.02
C PHE C 617 6.85 13.94 32.37
N ALA C 618 7.92 13.84 33.18
CA ALA C 618 9.25 13.51 32.67
C ALA C 618 9.62 12.06 32.93
N GLY C 619 8.64 11.19 33.18
CA GLY C 619 8.91 9.79 33.42
C GLY C 619 8.12 9.25 34.60
N ARG C 620 7.39 8.15 34.37
CA ARG C 620 6.57 7.49 35.40
C ARG C 620 7.46 7.04 36.56
N GLY C 621 6.91 6.98 37.76
CA GLY C 621 7.62 6.50 38.94
C GLY C 621 6.72 6.54 40.16
N GLN C 622 7.29 6.90 41.32
CA GLN C 622 6.52 7.07 42.54
C GLN C 622 6.62 8.46 43.14
N ASN C 623 7.63 9.24 42.77
CA ASN C 623 7.80 10.60 43.26
C ASN C 623 7.20 11.64 42.33
N THR C 624 6.37 11.21 41.38
CA THR C 624 5.82 12.10 40.36
C THR C 624 4.30 11.94 40.33
N GLY C 625 3.64 12.97 39.82
CA GLY C 625 2.20 12.92 39.63
C GLY C 625 1.72 14.07 38.79
N ILE C 626 0.53 13.91 38.22
CA ILE C 626 -0.08 14.97 37.44
C ILE C 626 -1.55 15.08 37.81
N ALA C 627 -2.00 16.30 38.08
CA ALA C 627 -3.41 16.57 38.33
C ALA C 627 -3.89 17.52 37.25
N PHE C 628 -4.80 17.04 36.40
CA PHE C 628 -5.37 17.91 35.38
C PHE C 628 -6.77 18.35 35.80
N VAL C 629 -7.04 19.64 35.58
CA VAL C 629 -8.18 20.33 36.17
C VAL C 629 -9.12 20.72 35.05
N SER C 630 -10.39 20.34 35.17
CA SER C 630 -11.44 20.76 34.25
C SER C 630 -12.20 21.91 34.88
N LEU C 631 -12.20 23.05 34.21
CA LEU C 631 -12.89 24.24 34.68
C LEU C 631 -14.34 24.24 34.22
N LYS C 632 -15.12 25.17 34.78
CA LYS C 632 -16.50 25.32 34.38
C LYS C 632 -16.58 25.88 32.96
N ASP C 633 -17.81 25.97 32.46
CA ASP C 633 -18.02 26.49 31.12
C ASP C 633 -17.59 27.95 31.04
N TRP C 634 -17.21 28.39 29.84
CA TRP C 634 -16.75 29.76 29.65
C TRP C 634 -17.82 30.78 30.02
N ALA C 635 -19.10 30.38 30.02
CA ALA C 635 -20.14 31.28 30.47
C ALA C 635 -20.01 31.56 31.97
N ASP C 636 -19.53 30.59 32.73
CA ASP C 636 -19.42 30.71 34.18
C ASP C 636 -18.13 31.37 34.63
N ARG C 637 -17.25 31.75 33.70
CA ARG C 637 -15.95 32.33 34.03
C ARG C 637 -15.81 33.66 33.29
N PRO C 638 -16.44 34.71 33.79
CA PRO C 638 -16.29 36.03 33.16
C PRO C 638 -15.03 36.73 33.64
N GLY C 639 -14.51 37.61 32.79
CA GLY C 639 -13.35 38.40 33.12
C GLY C 639 -12.05 37.73 32.72
N GLU C 640 -11.01 38.56 32.59
CA GLU C 640 -9.69 38.06 32.21
C GLU C 640 -9.01 37.31 33.34
N GLU C 641 -9.43 37.54 34.58
CA GLU C 641 -8.85 36.86 35.73
C GLU C 641 -9.40 35.46 35.94
N ASN C 642 -10.43 35.07 35.20
CA ASN C 642 -11.00 33.72 35.30
C ASN C 642 -10.60 32.83 34.13
N LYS C 643 -9.61 33.24 33.34
CA LYS C 643 -9.11 32.44 32.24
C LYS C 643 -7.96 31.56 32.71
N VAL C 644 -7.61 30.58 31.87
CA VAL C 644 -6.56 29.63 32.25
C VAL C 644 -5.24 30.34 32.45
N GLU C 645 -4.94 31.35 31.65
CA GLU C 645 -3.68 32.06 31.79
C GLU C 645 -3.58 32.74 33.15
N ALA C 646 -4.66 33.37 33.60
CA ALA C 646 -4.66 34.06 34.88
C ALA C 646 -4.88 33.11 36.06
N ILE C 647 -5.23 31.86 35.81
CA ILE C 647 -5.40 30.89 36.88
C ILE C 647 -4.12 30.10 37.12
N THR C 648 -3.41 29.75 36.05
CA THR C 648 -2.18 28.97 36.19
C THR C 648 -1.09 29.77 36.91
N MET C 649 -0.98 31.07 36.62
CA MET C 649 0.02 31.88 37.31
C MET C 649 -0.29 32.00 38.79
N ARG C 650 -1.57 32.18 39.15
CA ARG C 650 -1.95 32.21 40.56
C ARG C 650 -1.66 30.87 41.23
N ALA C 651 -1.96 29.77 40.54
CA ALA C 651 -1.71 28.45 41.11
C ALA C 651 -0.23 28.22 41.35
N THR C 652 0.61 28.61 40.38
CA THR C 652 2.06 28.45 40.54
C THR C 652 2.57 29.33 41.68
N ARG C 653 2.07 30.56 41.79
CA ARG C 653 2.48 31.42 42.88
C ARG C 653 2.09 30.83 44.23
N ALA C 654 0.91 30.21 44.30
CA ALA C 654 0.46 29.62 45.55
C ALA C 654 1.18 28.31 45.86
N PHE C 655 1.66 27.62 44.83
CA PHE C 655 2.40 26.38 45.02
C PHE C 655 3.89 26.60 45.21
N SER C 656 4.37 27.83 45.02
CA SER C 656 5.77 28.12 45.33
C SER C 656 6.06 27.92 46.82
N GLN C 657 5.05 28.08 47.68
CA GLN C 657 5.26 27.92 49.11
C GLN C 657 5.64 26.50 49.50
N ILE C 658 4.97 25.49 48.94
CA ILE C 658 5.31 24.12 49.29
C ILE C 658 6.68 23.78 48.71
N LYS C 659 7.59 23.39 49.58
CA LYS C 659 9.00 23.23 49.21
C LYS C 659 9.48 21.79 49.19
N ASP C 660 8.74 20.85 49.77
CA ASP C 660 9.16 19.46 49.76
C ASP C 660 9.02 18.86 48.37
N ALA C 661 8.30 19.54 47.49
CA ALA C 661 8.09 19.07 46.12
C ALA C 661 8.20 20.27 45.19
N MET C 662 8.11 19.99 43.88
CA MET C 662 8.19 21.02 42.84
C MET C 662 6.90 20.95 42.02
N VAL C 663 5.93 21.78 42.39
CA VAL C 663 4.61 21.75 41.77
C VAL C 663 4.52 22.93 40.80
N PHE C 664 4.06 22.64 39.58
CA PHE C 664 4.03 23.64 38.51
C PHE C 664 2.77 23.45 37.69
N ALA C 665 1.94 24.48 37.63
CA ALA C 665 0.70 24.45 36.86
C ALA C 665 0.90 25.15 35.53
N PHE C 666 0.37 24.55 34.46
CA PHE C 666 0.57 25.09 33.12
C PHE C 666 -0.62 24.73 32.24
N ASN C 667 -0.71 25.41 31.09
CA ASN C 667 -1.78 25.23 30.15
C ASN C 667 -1.31 24.36 28.98
N LEU C 668 -2.23 23.57 28.43
CA LEU C 668 -1.89 22.71 27.30
C LEU C 668 -1.56 23.55 26.07
N PRO C 669 -0.67 23.06 25.21
CA PRO C 669 -0.38 23.76 23.96
C PRO C 669 -1.51 23.61 22.96
N ALA C 670 -1.43 24.42 21.89
CA ALA C 670 -2.43 24.32 20.83
C ALA C 670 -2.41 22.94 20.19
N ILE C 671 -1.22 22.40 19.93
CA ILE C 671 -1.03 21.04 19.47
C ILE C 671 -0.14 20.33 20.48
N VAL C 672 -0.62 19.19 20.99
CA VAL C 672 0.13 18.47 22.02
C VAL C 672 1.45 17.96 21.48
N GLU C 673 1.54 17.77 20.15
CA GLU C 673 2.73 17.24 19.52
C GLU C 673 3.77 18.32 19.19
N LEU C 674 3.41 19.59 19.36
CA LEU C 674 4.30 20.69 19.00
C LEU C 674 4.36 21.65 20.20
N GLY C 675 4.96 22.81 19.98
CA GLY C 675 5.10 23.83 21.00
C GLY C 675 6.53 24.33 21.12
N THR C 676 6.66 25.45 21.82
CA THR C 676 7.94 26.10 22.08
C THR C 676 8.70 26.36 20.77
N ALA C 677 8.11 27.22 19.93
CA ALA C 677 8.69 27.50 18.63
C ALA C 677 10.10 28.06 18.74
N THR C 678 10.39 28.83 19.80
CA THR C 678 11.73 29.33 20.04
C THR C 678 12.62 28.30 20.72
N GLY C 679 12.04 27.22 21.26
CA GLY C 679 12.84 26.23 21.95
C GLY C 679 13.54 25.27 21.01
N PHE C 680 14.53 24.56 21.56
CA PHE C 680 15.27 23.57 20.80
C PHE C 680 15.50 22.33 21.65
N ASP C 681 15.61 21.20 20.96
CA ASP C 681 15.88 19.91 21.57
C ASP C 681 17.24 19.43 21.10
N PHE C 682 18.07 18.99 22.03
CA PHE C 682 19.48 18.69 21.77
C PHE C 682 19.80 17.31 22.34
N GLU C 683 20.57 16.53 21.61
CA GLU C 683 20.97 15.20 22.06
C GLU C 683 22.48 15.14 22.15
N LEU C 684 22.98 14.74 23.31
CA LEU C 684 24.40 14.60 23.57
C LEU C 684 24.71 13.11 23.60
N ILE C 685 25.36 12.61 22.55
CA ILE C 685 25.57 11.18 22.36
C ILE C 685 27.03 10.87 22.63
N ASP C 686 27.29 9.69 23.18
CA ASP C 686 28.65 9.15 23.27
C ASP C 686 28.84 8.10 22.18
N GLN C 687 29.97 8.19 21.48
CA GLN C 687 30.22 7.35 20.32
C GLN C 687 31.60 6.68 20.40
N ALA C 688 32.05 6.43 21.63
CA ALA C 688 33.29 5.69 21.85
C ALA C 688 33.17 4.71 23.01
N GLY C 689 31.95 4.41 23.45
CA GLY C 689 31.76 3.54 24.60
C GLY C 689 32.33 4.09 25.89
N LEU C 690 32.16 5.39 26.12
CA LEU C 690 32.75 6.03 27.29
C LEU C 690 32.11 5.55 28.57
N GLY C 691 30.79 5.44 28.59
CA GLY C 691 30.05 5.09 29.79
C GLY C 691 29.00 6.14 30.14
N HIS C 692 28.20 5.79 31.14
CA HIS C 692 27.14 6.70 31.57
C HIS C 692 27.68 7.89 32.34
N GLU C 693 28.66 7.67 33.21
CA GLU C 693 29.18 8.75 34.05
C GLU C 693 30.04 9.74 33.28
N LYS C 694 30.83 9.29 32.30
CA LYS C 694 31.57 10.23 31.47
C LYS C 694 30.63 11.08 30.63
N LEU C 695 29.56 10.47 30.11
CA LEU C 695 28.56 11.25 29.40
C LEU C 695 27.85 12.24 30.32
N THR C 696 27.61 11.84 31.57
CA THR C 696 27.02 12.75 32.54
C THR C 696 27.95 13.94 32.81
N GLN C 697 29.25 13.67 32.94
CA GLN C 697 30.21 14.75 33.13
C GLN C 697 30.24 15.68 31.93
N ALA C 698 30.19 15.11 30.72
CA ALA C 698 30.13 15.94 29.51
C ALA C 698 28.88 16.81 29.50
N ARG C 699 27.74 16.23 29.90
CA ARG C 699 26.50 17.00 29.96
C ARG C 699 26.60 18.12 30.99
N ASN C 700 27.20 17.84 32.15
CA ASN C 700 27.37 18.88 33.16
C ASN C 700 28.25 20.01 32.65
N GLN C 701 29.34 19.67 31.96
CA GLN C 701 30.22 20.69 31.39
C GLN C 701 29.49 21.53 30.35
N LEU C 702 28.71 20.88 29.48
CA LEU C 702 27.96 21.62 28.47
C LEU C 702 26.91 22.51 29.10
N LEU C 703 26.26 22.03 30.17
CA LEU C 703 25.28 22.85 30.88
C LEU C 703 25.93 24.07 31.52
N ALA C 704 27.12 23.89 32.10
CA ALA C 704 27.84 25.04 32.65
C ALA C 704 28.20 26.04 31.57
N GLU C 705 28.68 25.54 30.42
CA GLU C 705 29.02 26.45 29.33
C GLU C 705 27.79 27.20 28.82
N ALA C 706 26.65 26.52 28.74
CA ALA C 706 25.42 27.19 28.31
C ALA C 706 24.97 28.21 29.35
N ALA C 707 25.12 27.89 30.63
CA ALA C 707 24.81 28.85 31.69
C ALA C 707 25.74 30.07 31.65
N LYS C 708 26.93 29.91 31.11
CA LYS C 708 27.84 31.04 30.92
C LYS C 708 27.50 31.91 29.72
N HIS C 709 26.35 31.66 29.08
CA HIS C 709 25.89 32.47 27.95
C HIS C 709 24.44 32.87 28.19
N PRO C 710 24.18 33.75 29.16
CA PRO C 710 22.79 34.14 29.44
C PRO C 710 22.17 35.02 28.37
N ASP C 711 22.98 35.61 27.48
CA ASP C 711 22.46 36.49 26.45
C ASP C 711 21.77 35.75 25.32
N MET C 712 22.10 34.48 25.11
CA MET C 712 21.58 33.71 23.99
C MET C 712 20.67 32.57 24.42
N LEU C 713 21.14 31.72 25.33
CA LEU C 713 20.42 30.52 25.72
C LEU C 713 19.79 30.75 27.09
N THR C 714 18.47 30.58 27.16
CA THR C 714 17.72 30.78 28.39
C THR C 714 17.06 29.48 28.80
N SER C 715 17.22 29.11 30.07
CA SER C 715 16.59 27.93 30.66
C SER C 715 16.97 26.66 29.89
N VAL C 716 18.27 26.36 29.90
CA VAL C 716 18.77 25.09 29.38
C VAL C 716 18.82 24.10 30.52
N ARG C 717 18.13 22.97 30.35
CA ARG C 717 17.99 21.98 31.39
C ARG C 717 18.09 20.58 30.78
N PRO C 718 18.61 19.61 31.54
CA PRO C 718 18.62 18.23 31.04
C PRO C 718 17.24 17.60 31.17
N ASN C 719 16.74 17.05 30.07
CA ASN C 719 15.46 16.35 30.07
C ASN C 719 15.69 14.91 30.49
N GLY C 720 15.91 14.73 31.79
CA GLY C 720 16.18 13.41 32.32
C GLY C 720 16.30 13.45 33.82
N LEU C 721 16.57 12.28 34.40
CA LEU C 721 16.67 12.10 35.83
C LEU C 721 18.12 11.84 36.22
N GLU C 722 18.55 12.46 37.32
CA GLU C 722 19.90 12.26 37.82
C GLU C 722 19.99 10.93 38.56
N ASP C 723 21.24 10.51 38.81
CA ASP C 723 21.47 9.23 39.48
C ASP C 723 20.89 9.25 40.88
N THR C 724 20.36 8.10 41.30
CA THR C 724 19.70 7.92 42.58
C THR C 724 20.33 6.73 43.30
N PRO C 725 20.26 6.70 44.63
CA PRO C 725 20.80 5.56 45.36
C PRO C 725 20.03 4.27 45.05
N GLN C 726 20.75 3.16 45.10
CA GLN C 726 20.21 1.85 44.82
C GLN C 726 20.86 0.84 45.75
N PHE C 727 20.13 -0.22 46.03
CA PHE C 727 20.54 -1.24 47.00
C PHE C 727 21.14 -2.42 46.24
N LYS C 728 22.47 -2.53 46.28
CA LYS C 728 23.18 -3.58 45.57
C LYS C 728 23.36 -4.79 46.49
N ILE C 729 22.92 -5.95 46.02
CA ILE C 729 23.09 -7.21 46.72
C ILE C 729 24.10 -8.03 45.94
N ASP C 730 25.27 -8.26 46.54
CA ASP C 730 26.34 -9.00 45.90
C ASP C 730 26.35 -10.42 46.45
N ILE C 731 26.16 -11.39 45.56
CA ILE C 731 26.12 -12.80 45.95
C ILE C 731 27.50 -13.40 45.76
N ASP C 732 28.04 -13.99 46.81
CA ASP C 732 29.32 -14.68 46.72
C ASP C 732 29.10 -16.05 46.10
N GLN C 733 29.76 -16.31 44.97
CA GLN C 733 29.52 -17.55 44.26
C GLN C 733 30.15 -18.73 45.00
N GLU C 734 31.38 -18.58 45.46
CA GLU C 734 32.03 -19.67 46.19
C GLU C 734 31.31 -19.97 47.50
N LYS C 735 30.88 -18.93 48.21
CA LYS C 735 30.17 -19.14 49.47
C LYS C 735 28.80 -19.76 49.23
N ALA C 736 28.13 -19.41 48.12
CA ALA C 736 26.85 -20.02 47.82
C ALA C 736 27.01 -21.48 47.42
N GLN C 737 28.03 -21.80 46.63
CA GLN C 737 28.25 -23.17 46.23
C GLN C 737 28.74 -24.04 47.39
N ALA C 738 29.49 -23.45 48.33
CA ALA C 738 29.92 -24.19 49.50
C ALA C 738 28.74 -24.65 50.34
N LEU C 739 27.73 -23.79 50.50
CA LEU C 739 26.54 -24.12 51.26
C LEU C 739 25.52 -24.92 50.46
N GLY C 740 25.82 -25.21 49.20
CA GLY C 740 24.94 -26.02 48.37
C GLY C 740 23.61 -25.36 48.03
N VAL C 741 23.63 -24.06 47.71
CA VAL C 741 22.45 -23.34 47.29
C VAL C 741 22.67 -22.86 45.86
N SER C 742 21.69 -23.10 45.00
CA SER C 742 21.86 -22.83 43.57
C SER C 742 21.58 -21.36 43.26
N ILE C 743 22.33 -20.83 42.29
CA ILE C 743 22.21 -19.43 41.90
C ILE C 743 20.82 -19.16 41.34
N ASN C 744 20.31 -20.07 40.51
CA ASN C 744 19.00 -19.91 39.91
C ASN C 744 17.86 -20.03 40.92
N ASP C 745 18.16 -20.48 42.14
CA ASP C 745 17.17 -20.47 43.20
C ASP C 745 17.23 -19.17 44.00
N ILE C 746 18.44 -18.69 44.30
CA ILE C 746 18.60 -17.42 44.97
C ILE C 746 17.98 -16.29 44.16
N ASN C 747 18.33 -16.23 42.87
CA ASN C 747 17.79 -15.18 42.01
C ASN C 747 16.28 -15.29 41.89
N THR C 748 15.78 -16.51 41.75
CA THR C 748 14.34 -16.70 41.59
C THR C 748 13.58 -16.25 42.83
N THR C 749 14.05 -16.65 44.02
CA THR C 749 13.34 -16.24 45.23
C THR C 749 13.44 -14.73 45.45
N LEU C 750 14.61 -14.14 45.16
CA LEU C 750 14.76 -12.70 45.32
C LEU C 750 13.82 -11.95 44.40
N GLY C 751 13.81 -12.31 43.12
CA GLY C 751 12.95 -11.62 42.17
C GLY C 751 11.48 -11.82 42.45
N ALA C 752 11.08 -13.05 42.79
CA ALA C 752 9.67 -13.31 43.06
C ALA C 752 9.21 -12.59 44.32
N ALA C 753 10.05 -12.56 45.36
CA ALA C 753 9.66 -11.92 46.60
C ALA C 753 9.59 -10.40 46.46
N TRP C 754 10.62 -9.80 45.88
CA TRP C 754 10.72 -8.34 45.90
C TRP C 754 10.20 -7.66 44.65
N GLY C 755 10.18 -8.35 43.51
CA GLY C 755 9.74 -7.72 42.29
C GLY C 755 8.43 -8.25 41.76
N GLY C 756 7.99 -9.40 42.28
CA GLY C 756 6.82 -10.07 41.78
C GLY C 756 7.14 -11.03 40.64
N SER C 757 6.17 -11.87 40.33
CA SER C 757 6.36 -12.89 39.30
C SER C 757 5.01 -13.29 38.76
N TYR C 758 4.79 -13.05 37.46
CA TYR C 758 3.55 -13.45 36.80
C TYR C 758 3.71 -14.89 36.34
N VAL C 759 2.95 -15.81 36.94
CA VAL C 759 3.18 -17.23 36.73
C VAL C 759 2.32 -17.78 35.61
N ASN C 760 0.99 -17.60 35.68
CA ASN C 760 0.12 -18.08 34.61
C ASN C 760 -1.19 -17.31 34.68
N ASP C 761 -2.22 -17.81 33.99
CA ASP C 761 -3.50 -17.16 33.91
C ASP C 761 -4.59 -18.06 34.47
N PHE C 762 -5.68 -17.43 34.91
CA PHE C 762 -6.88 -18.12 35.35
C PHE C 762 -8.08 -17.48 34.67
N ILE C 763 -9.26 -18.06 34.88
CA ILE C 763 -10.47 -17.59 34.23
C ILE C 763 -11.53 -17.34 35.30
N ASP C 764 -12.00 -16.10 35.40
CA ASP C 764 -13.09 -15.75 36.29
C ASP C 764 -14.09 -14.88 35.53
N ARG C 765 -15.38 -15.19 35.70
CA ARG C 765 -16.46 -14.47 35.04
C ARG C 765 -16.26 -14.44 33.53
N GLY C 766 -15.77 -15.55 32.98
CA GLY C 766 -15.58 -15.65 31.54
C GLY C 766 -14.58 -14.67 30.97
N ARG C 767 -13.45 -14.48 31.65
CA ARG C 767 -12.44 -13.54 31.18
C ARG C 767 -11.10 -13.98 31.74
N VAL C 768 -10.11 -14.16 30.86
CA VAL C 768 -8.79 -14.59 31.28
C VAL C 768 -8.10 -13.45 32.01
N LYS C 769 -7.52 -13.74 33.17
CA LYS C 769 -6.81 -12.77 33.97
C LYS C 769 -5.50 -13.38 34.46
N LYS C 770 -4.58 -12.51 34.89
CA LYS C 770 -3.25 -12.94 35.27
C LYS C 770 -3.22 -13.40 36.73
N VAL C 771 -2.16 -14.13 37.06
CA VAL C 771 -1.91 -14.62 38.41
C VAL C 771 -0.51 -14.19 38.81
N TYR C 772 -0.42 -13.37 39.86
CA TYR C 772 0.85 -12.82 40.31
C TYR C 772 1.18 -13.35 41.70
N VAL C 773 2.47 -13.62 41.92
CA VAL C 773 2.97 -14.01 43.23
C VAL C 773 4.00 -12.98 43.67
N MET C 774 3.90 -12.53 44.91
CA MET C 774 4.79 -11.50 45.42
C MET C 774 4.78 -11.58 46.94
N SER C 775 5.79 -11.01 47.55
CA SER C 775 5.82 -10.96 49.01
C SER C 775 4.78 -9.97 49.53
N GLU C 776 4.31 -10.21 50.74
CA GLU C 776 3.44 -9.25 51.39
C GLU C 776 4.21 -7.95 51.63
N ALA C 777 3.49 -6.83 51.58
CA ALA C 777 4.14 -5.52 51.57
C ALA C 777 5.08 -5.35 52.74
N LYS C 778 4.67 -5.78 53.93
CA LYS C 778 5.44 -5.52 55.13
C LYS C 778 6.78 -6.26 55.18
N TYR C 779 7.00 -7.24 54.31
CA TYR C 779 8.23 -8.03 54.35
C TYR C 779 9.21 -7.66 53.25
N ARG C 780 8.97 -6.58 52.52
CA ARG C 780 9.84 -6.19 51.41
C ARG C 780 10.04 -4.68 51.38
N MET C 781 10.02 -4.04 52.55
CA MET C 781 10.05 -2.58 52.60
C MET C 781 11.41 -2.00 52.95
N LEU C 782 12.25 -2.72 53.69
CA LEU C 782 13.52 -2.22 54.18
C LEU C 782 14.62 -3.20 53.82
N PRO C 783 15.87 -2.73 53.75
CA PRO C 783 16.97 -3.67 53.52
C PRO C 783 17.06 -4.77 54.55
N ASP C 784 16.77 -4.45 55.82
CA ASP C 784 16.81 -5.47 56.86
C ASP C 784 15.77 -6.56 56.65
N ASP C 785 14.72 -6.28 55.89
CA ASP C 785 13.74 -7.32 55.56
C ASP C 785 14.37 -8.44 54.76
N ILE C 786 15.53 -8.21 54.15
CA ILE C 786 16.27 -9.28 53.49
C ILE C 786 16.56 -10.41 54.46
N GLY C 787 16.78 -10.09 55.74
CA GLY C 787 17.02 -11.11 56.73
C GLY C 787 15.84 -12.03 56.98
N ASP C 788 14.65 -11.64 56.53
CA ASP C 788 13.47 -12.49 56.72
C ASP C 788 13.41 -13.65 55.74
N TRP C 789 14.18 -13.61 54.67
CA TRP C 789 14.03 -14.56 53.56
C TRP C 789 15.12 -15.63 53.61
N TYR C 790 14.69 -16.88 53.58
CA TYR C 790 15.59 -18.03 53.55
C TYR C 790 15.41 -18.79 52.25
N VAL C 791 16.49 -19.34 51.73
CA VAL C 791 16.48 -20.13 50.51
C VAL C 791 16.96 -21.53 50.84
N ARG C 792 16.24 -22.54 50.35
CA ARG C 792 16.58 -23.92 50.66
C ARG C 792 17.84 -24.34 49.92
N ALA C 793 18.74 -25.01 50.63
CA ALA C 793 19.97 -25.50 50.04
C ALA C 793 19.69 -26.80 49.30
N ALA C 794 20.76 -27.51 48.92
CA ALA C 794 20.58 -28.81 48.24
C ALA C 794 19.83 -29.78 49.12
N ASP C 795 20.17 -29.84 50.41
CA ASP C 795 19.43 -30.63 51.38
C ASP C 795 18.22 -29.85 51.87
N GLY C 796 17.51 -30.29 52.93
CA GLY C 796 16.34 -29.59 53.50
C GLY C 796 16.68 -28.39 54.37
N GLN C 797 17.92 -27.89 54.34
CA GLN C 797 18.35 -26.67 55.11
C GLN C 797 17.60 -25.44 54.64
N MET C 798 17.67 -24.32 55.37
CA MET C 798 17.09 -23.02 54.95
C MET C 798 18.17 -21.98 55.21
N VAL C 799 19.15 -21.88 54.31
CA VAL C 799 20.34 -20.99 54.47
C VAL C 799 19.85 -19.53 54.48
N PRO C 800 20.21 -18.63 55.44
CA PRO C 800 19.75 -17.24 55.36
C PRO C 800 20.33 -16.52 54.16
N PHE C 801 19.65 -15.50 53.64
CA PHE C 801 20.21 -14.69 52.54
C PHE C 801 21.54 -14.19 53.07
N SER C 802 21.57 -13.61 54.28
CA SER C 802 22.78 -13.02 54.92
C SER C 802 24.04 -13.87 54.83
N ALA C 803 23.94 -15.21 54.84
CA ALA C 803 25.10 -16.10 54.84
C ALA C 803 25.98 -15.88 53.63
N PHE C 804 25.38 -15.84 52.43
CA PHE C 804 26.13 -15.87 51.18
C PHE C 804 26.10 -14.55 50.42
N SER C 805 25.54 -13.49 50.99
CA SER C 805 25.37 -12.25 50.26
C SER C 805 25.80 -11.07 51.13
N SER C 806 26.13 -9.98 50.46
CA SER C 806 26.46 -8.71 51.10
C SER C 806 25.61 -7.61 50.50
N SER C 807 25.45 -6.53 51.27
CA SER C 807 24.60 -5.42 50.87
C SER C 807 25.42 -4.15 50.77
N ARG C 808 24.98 -3.25 49.89
CA ARG C 808 25.70 -2.00 49.66
C ARG C 808 24.73 -0.98 49.09
N TRP C 809 25.10 0.30 49.19
CA TRP C 809 24.35 1.38 48.59
C TRP C 809 25.22 2.06 47.55
N GLU C 810 24.72 2.19 46.33
CA GLU C 810 25.49 2.79 45.25
C GLU C 810 24.57 3.52 44.29
N TYR C 811 25.12 4.52 43.61
CA TYR C 811 24.31 5.36 42.74
C TYR C 811 24.14 4.74 41.36
N GLY C 812 22.92 4.84 40.83
CA GLY C 812 22.63 4.33 39.50
C GLY C 812 21.57 5.18 38.84
N SER C 813 21.51 5.08 37.52
CA SER C 813 20.58 5.91 36.76
C SER C 813 19.19 5.31 36.79
N PRO C 814 18.16 6.07 37.19
CA PRO C 814 16.79 5.55 37.16
C PRO C 814 16.14 5.60 35.80
N ARG C 815 16.77 6.25 34.82
CA ARG C 815 16.18 6.36 33.48
C ARG C 815 17.32 6.55 32.49
N LEU C 816 17.55 5.55 31.65
CA LEU C 816 18.64 5.55 30.69
C LEU C 816 18.06 5.70 29.29
N GLU C 817 18.49 6.73 28.57
CA GLU C 817 17.94 7.03 27.26
C GLU C 817 19.02 6.89 26.19
N ARG C 818 18.62 6.39 25.03
CA ARG C 818 19.49 6.21 23.89
C ARG C 818 18.89 6.90 22.68
N TYR C 819 19.76 7.42 21.82
CA TYR C 819 19.33 8.08 20.58
C TYR C 819 20.03 7.41 19.41
N ASN C 820 19.24 6.85 18.50
CA ASN C 820 19.74 6.17 17.31
C ASN C 820 20.69 5.02 17.68
N GLY C 821 20.36 4.32 18.78
CA GLY C 821 21.11 3.15 19.18
C GLY C 821 22.32 3.41 20.04
N LEU C 822 22.59 4.64 20.42
CA LEU C 822 23.74 4.96 21.25
C LEU C 822 23.30 5.71 22.49
N PRO C 823 24.00 5.55 23.61
CA PRO C 823 23.62 6.26 24.83
C PRO C 823 23.66 7.76 24.62
N SER C 824 22.70 8.46 25.22
CA SER C 824 22.54 9.88 24.97
C SER C 824 21.93 10.55 26.20
N MET C 825 22.07 11.87 26.24
CA MET C 825 21.42 12.73 27.22
C MET C 825 20.65 13.81 26.48
N GLU C 826 19.49 14.19 27.00
CA GLU C 826 18.62 15.13 26.32
C GLU C 826 18.73 16.50 26.99
N ILE C 827 18.82 17.54 26.18
CA ILE C 827 18.91 18.92 26.64
C ILE C 827 17.77 19.70 26.01
N LEU C 828 16.97 20.37 26.84
CA LEU C 828 15.93 21.26 26.36
C LEU C 828 16.38 22.69 26.59
N GLY C 829 16.34 23.51 25.54
CA GLY C 829 16.79 24.88 25.65
C GLY C 829 15.81 25.83 24.99
N GLN C 830 16.00 27.12 25.27
CA GLN C 830 15.18 28.16 24.69
C GLN C 830 16.05 29.33 24.28
N ALA C 831 15.78 29.88 23.11
CA ALA C 831 16.52 31.04 22.64
C ALA C 831 16.14 32.27 23.45
N ALA C 832 17.03 33.26 23.44
CA ALA C 832 16.76 34.51 24.14
C ALA C 832 15.56 35.22 23.50
N PRO C 833 14.81 36.00 24.28
CA PRO C 833 13.61 36.65 23.73
C PRO C 833 13.90 37.53 22.52
N GLY C 834 15.02 38.24 22.52
CA GLY C 834 15.32 39.15 21.43
C GLY C 834 15.96 38.53 20.21
N LYS C 835 16.28 37.25 20.25
CA LYS C 835 17.01 36.59 19.17
C LYS C 835 16.31 35.29 18.78
N SER C 836 16.42 34.94 17.51
CA SER C 836 15.70 33.80 16.96
C SER C 836 16.32 32.50 17.46
N THR C 837 15.75 31.38 17.00
CA THR C 837 16.18 30.06 17.41
C THR C 837 17.13 29.42 16.40
N GLY C 838 17.58 30.16 15.39
CA GLY C 838 18.52 29.64 14.43
C GLY C 838 19.96 29.81 14.87
N GLU C 839 20.27 30.98 15.44
CA GLU C 839 21.60 31.21 15.96
C GLU C 839 21.81 30.57 17.33
N ALA C 840 20.73 30.29 18.05
CA ALA C 840 20.87 29.52 19.29
C ALA C 840 21.36 28.11 19.00
N MET C 841 20.85 27.49 17.93
CA MET C 841 21.34 26.18 17.52
C MET C 841 22.80 26.26 17.12
N GLU C 842 23.20 27.32 16.43
CA GLU C 842 24.61 27.50 16.08
C GLU C 842 25.48 27.62 17.31
N LEU C 843 25.01 28.37 18.31
CA LEU C 843 25.77 28.50 19.55
C LEU C 843 25.87 27.16 20.28
N MET C 844 24.79 26.39 20.28
CA MET C 844 24.83 25.08 20.92
C MET C 844 25.81 24.15 20.21
N GLU C 845 25.84 24.20 18.88
CA GLU C 845 26.83 23.41 18.14
C GLU C 845 28.24 23.85 18.48
N GLN C 846 28.48 25.16 18.57
CA GLN C 846 29.81 25.66 18.89
C GLN C 846 30.23 25.23 20.30
N LEU C 847 29.30 25.27 21.25
CA LEU C 847 29.61 24.82 22.61
C LEU C 847 29.87 23.32 22.65
N ALA C 848 29.07 22.53 21.93
CA ALA C 848 29.27 21.08 21.91
C ALA C 848 30.55 20.69 21.20
N SER C 849 31.08 21.54 20.33
CA SER C 849 32.32 21.23 19.64
C SER C 849 33.53 21.22 20.57
N LYS C 850 33.39 21.70 21.81
CA LYS C 850 34.49 21.77 22.76
C LYS C 850 34.30 20.77 23.90
N LEU C 851 33.83 19.59 23.56
CA LEU C 851 33.53 18.54 24.52
C LEU C 851 34.62 17.47 24.52
N PRO C 852 34.64 16.58 25.51
CA PRO C 852 35.64 15.50 25.51
C PRO C 852 35.51 14.63 24.27
N THR C 853 36.65 14.09 23.84
CA THR C 853 36.69 13.27 22.65
C THR C 853 35.78 12.06 22.80
N GLY C 854 35.01 11.76 21.75
CA GLY C 854 34.05 10.68 21.77
C GLY C 854 32.63 11.09 22.04
N VAL C 855 32.38 12.37 22.31
CA VAL C 855 31.04 12.87 22.59
C VAL C 855 30.61 13.72 21.40
N GLY C 856 29.63 13.21 20.65
CA GLY C 856 29.01 13.98 19.58
C GLY C 856 27.65 14.49 19.99
N TYR C 857 26.98 15.11 19.03
CA TYR C 857 25.69 15.74 19.29
C TYR C 857 24.76 15.54 18.11
N ASP C 858 23.49 15.85 18.34
CA ASP C 858 22.47 15.74 17.31
C ASP C 858 21.29 16.62 17.68
N TRP C 859 20.47 16.97 16.69
CA TRP C 859 19.24 17.78 16.88
C TRP C 859 18.11 16.80 16.68
N THR C 860 17.06 16.85 17.49
CA THR C 860 15.95 15.86 17.43
C THR C 860 14.62 16.59 17.50
N GLY C 861 13.54 15.86 17.28
CA GLY C 861 12.20 16.43 17.40
C GLY C 861 11.99 17.51 16.37
N MET C 862 11.67 18.71 16.81
CA MET C 862 11.36 19.85 15.92
C MET C 862 12.63 20.60 15.51
N SER C 863 13.76 20.43 16.21
CA SER C 863 15.05 21.07 15.83
C SER C 863 15.63 20.26 14.69
N TYR C 864 15.30 18.98 14.58
CA TYR C 864 15.66 18.16 13.43
C TYR C 864 15.00 18.68 12.16
N GLN C 865 13.72 19.03 12.25
CA GLN C 865 13.01 19.57 11.08
C GLN C 865 13.53 20.94 10.70
N GLU C 866 13.72 21.82 11.69
CA GLU C 866 14.30 23.18 11.46
C GLU C 866 15.63 23.07 10.74
N ARG C 867 16.53 22.22 11.21
CA ARG C 867 17.92 22.11 10.67
C ARG C 867 17.88 21.85 9.17
N LEU C 868 17.08 20.90 8.69
CA LEU C 868 17.06 20.49 7.26
C LEU C 868 16.01 21.24 6.44
N SER C 869 14.89 21.70 7.03
CA SER C 869 13.75 22.26 6.30
C SER C 869 13.42 23.66 6.82
N GLY C 870 14.45 24.46 7.08
CA GLY C 870 14.25 25.80 7.57
C GLY C 870 14.60 26.88 6.57
N ASN C 871 14.95 26.47 5.35
CA ASN C 871 15.32 27.41 4.30
C ASN C 871 14.40 27.34 3.08
N GLN C 872 13.26 26.66 3.20
CA GLN C 872 12.34 26.57 2.08
C GLN C 872 11.64 27.90 1.81
N ALA C 873 11.38 28.68 2.85
CA ALA C 873 10.58 29.88 2.71
C ALA C 873 11.20 30.93 1.78
N PRO C 874 12.47 31.31 1.91
CA PRO C 874 13.00 32.34 0.99
C PRO C 874 13.01 31.90 -0.47
N SER C 875 13.40 30.64 -0.73
CA SER C 875 13.40 30.15 -2.11
C SER C 875 11.98 30.11 -2.68
N LEU C 876 11.02 29.61 -1.89
CA LEU C 876 9.65 29.55 -2.38
C LEU C 876 9.08 30.93 -2.62
N TYR C 877 9.39 31.90 -1.75
CA TYR C 877 8.89 33.25 -1.95
C TYR C 877 9.56 33.92 -3.14
N ALA C 878 10.83 33.62 -3.40
CA ALA C 878 11.49 34.14 -4.60
C ALA C 878 10.84 33.58 -5.85
N ILE C 879 10.54 32.28 -5.86
CA ILE C 879 9.83 31.68 -6.99
C ILE C 879 8.47 32.33 -7.15
N SER C 880 7.78 32.57 -6.04
CA SER C 880 6.47 33.21 -6.09
C SER C 880 6.56 34.61 -6.70
N LEU C 881 7.57 35.38 -6.29
CA LEU C 881 7.73 36.73 -6.83
C LEU C 881 8.04 36.70 -8.32
N ILE C 882 8.87 35.74 -8.76
CA ILE C 882 9.18 35.62 -10.19
C ILE C 882 7.93 35.29 -10.98
N VAL C 883 7.13 34.33 -10.48
CA VAL C 883 5.91 33.95 -11.20
C VAL C 883 4.90 35.09 -11.20
N VAL C 884 4.84 35.86 -10.11
CA VAL C 884 3.96 37.03 -10.06
C VAL C 884 4.39 38.06 -11.10
N PHE C 885 5.70 38.28 -11.22
CA PHE C 885 6.20 39.17 -12.27
C PHE C 885 5.80 38.68 -13.64
N LEU C 886 5.95 37.38 -13.90
CA LEU C 886 5.60 36.85 -15.21
C LEU C 886 4.12 37.04 -15.50
N CYS C 887 3.27 36.73 -14.53
CA CYS C 887 1.83 36.87 -14.73
C CYS C 887 1.44 38.32 -14.96
N LEU C 888 2.00 39.24 -14.17
CA LEU C 888 1.65 40.64 -14.32
C LEU C 888 2.15 41.21 -15.65
N ALA C 889 3.37 40.84 -16.05
CA ALA C 889 3.89 41.31 -17.33
C ALA C 889 3.07 40.75 -18.49
N ALA C 890 2.63 39.49 -18.37
CA ALA C 890 1.75 38.93 -19.39
C ALA C 890 0.42 39.67 -19.44
N LEU C 891 -0.12 40.03 -18.29
CA LEU C 891 -1.38 40.78 -18.25
C LEU C 891 -1.23 42.15 -18.88
N TYR C 892 -0.15 42.86 -18.57
CA TYR C 892 0.03 44.25 -18.98
C TYR C 892 0.80 44.40 -20.28
N GLU C 893 1.36 43.32 -20.81
CA GLU C 893 2.17 43.37 -22.04
C GLU C 893 3.32 44.36 -21.92
N SER C 894 3.95 44.39 -20.74
CA SER C 894 5.08 45.27 -20.50
C SER C 894 5.91 44.69 -19.37
N TRP C 895 7.21 44.99 -19.40
CA TRP C 895 8.12 44.50 -18.36
C TRP C 895 8.26 45.46 -17.19
N SER C 896 7.82 46.71 -17.33
CA SER C 896 8.00 47.72 -16.30
C SER C 896 6.74 47.96 -15.47
N ILE C 897 5.57 47.84 -16.07
CA ILE C 897 4.28 48.09 -15.41
C ILE C 897 4.11 47.22 -14.16
N PRO C 898 4.46 45.92 -14.18
CA PRO C 898 4.28 45.11 -12.96
C PRO C 898 4.99 45.65 -11.73
N PHE C 899 6.03 46.47 -11.88
CA PHE C 899 6.69 47.05 -10.71
C PHE C 899 5.73 47.96 -9.94
N SER C 900 4.91 48.73 -10.67
CA SER C 900 3.93 49.59 -10.01
C SER C 900 2.94 48.77 -9.20
N VAL C 901 2.55 47.59 -9.70
CA VAL C 901 1.65 46.73 -8.95
C VAL C 901 2.36 46.14 -7.73
N MET C 902 3.60 45.71 -7.92
CA MET C 902 4.38 45.04 -6.85
C MET C 902 4.73 46.01 -5.72
N LEU C 903 4.73 47.33 -5.94
CA LEU C 903 5.14 48.27 -4.87
C LEU C 903 3.97 48.50 -3.90
N VAL C 904 2.87 47.74 -3.91
CA VAL C 904 1.79 47.85 -2.88
C VAL C 904 2.01 46.85 -1.75
N VAL C 905 3.08 46.06 -1.80
CA VAL C 905 3.32 44.99 -0.78
C VAL C 905 3.67 45.66 0.56
N PRO C 906 4.69 46.54 0.76
CA PRO C 906 4.99 47.12 2.08
C PRO C 906 3.82 47.89 2.66
N LEU C 907 2.97 48.50 1.82
CA LEU C 907 1.83 49.25 2.32
C LEU C 907 0.89 48.35 3.10
N GLY C 908 0.66 47.13 2.62
CA GLY C 908 -0.17 46.20 3.36
C GLY C 908 0.55 45.52 4.51
N VAL C 909 1.87 45.32 4.38
CA VAL C 909 2.61 44.65 5.44
C VAL C 909 2.73 45.53 6.67
N ILE C 910 2.95 46.83 6.48
CA ILE C 910 3.25 47.72 7.60
C ILE C 910 2.05 47.82 8.54
N GLY C 911 0.83 47.83 7.99
CA GLY C 911 -0.35 47.91 8.83
C GLY C 911 -0.53 46.69 9.69
N ALA C 912 -0.34 45.49 9.11
CA ALA C 912 -0.43 44.27 9.91
C ALA C 912 0.66 44.25 10.98
N LEU C 913 1.87 44.69 10.65
CA LEU C 913 2.93 44.74 11.65
C LEU C 913 2.59 45.70 12.79
N LEU C 914 2.06 46.88 12.45
CA LEU C 914 1.68 47.83 13.48
C LEU C 914 0.56 47.28 14.36
N ALA C 915 -0.42 46.62 13.76
CA ALA C 915 -1.51 46.06 14.54
C ALA C 915 -1.01 44.95 15.46
N ALA C 916 -0.08 44.12 14.97
CA ALA C 916 0.49 43.07 15.80
C ALA C 916 1.28 43.65 16.96
N THR C 917 2.06 44.71 16.71
CA THR C 917 2.85 45.30 17.79
C THR C 917 1.97 45.99 18.81
N PHE C 918 0.93 46.70 18.36
CA PHE C 918 0.11 47.47 19.30
C PHE C 918 -0.64 46.57 20.27
N ARG C 919 -1.19 45.46 19.79
CA ARG C 919 -1.98 44.56 20.62
C ARG C 919 -1.12 43.51 21.33
N GLY C 920 0.20 43.56 21.17
CA GLY C 920 1.07 42.61 21.81
C GLY C 920 1.09 41.23 21.20
N LEU C 921 0.52 41.07 20.01
CA LEU C 921 0.51 39.76 19.36
C LEU C 921 1.90 39.45 18.81
N THR C 922 2.09 38.19 18.44
CA THR C 922 3.36 37.67 17.94
C THR C 922 3.22 37.25 16.49
N ASN C 923 4.31 36.73 15.94
CA ASN C 923 4.37 36.33 14.53
C ASN C 923 4.16 34.82 14.45
N ASP C 924 2.88 34.45 14.47
CA ASP C 924 2.47 33.06 14.36
C ASP C 924 2.00 32.74 12.94
N VAL C 925 1.50 31.52 12.75
CA VAL C 925 1.03 31.12 11.43
C VAL C 925 -0.20 31.94 11.02
N TYR C 926 -1.09 32.21 11.97
CA TYR C 926 -2.27 33.01 11.67
C TYR C 926 -1.89 34.40 11.18
N PHE C 927 -0.94 35.04 11.85
CA PHE C 927 -0.50 36.36 11.43
C PHE C 927 0.12 36.32 10.03
N GLN C 928 0.92 35.30 9.75
CA GLN C 928 1.55 35.21 8.43
C GLN C 928 0.51 35.00 7.33
N VAL C 929 -0.47 34.15 7.57
CA VAL C 929 -1.49 33.91 6.54
C VAL C 929 -2.36 35.14 6.36
N GLY C 930 -2.67 35.84 7.46
CA GLY C 930 -3.40 37.10 7.32
C GLY C 930 -2.61 38.16 6.59
N LEU C 931 -1.30 38.20 6.81
CA LEU C 931 -0.44 39.12 6.07
C LEU C 931 -0.45 38.81 4.58
N LEU C 932 -0.38 37.52 4.23
CA LEU C 932 -0.45 37.13 2.83
C LEU C 932 -1.80 37.50 2.23
N THR C 933 -2.88 37.30 2.99
CA THR C 933 -4.20 37.69 2.52
C THR C 933 -4.28 39.19 2.25
N THR C 934 -3.75 39.99 3.18
CA THR C 934 -3.80 41.45 3.03
C THR C 934 -3.00 41.89 1.81
N ILE C 935 -1.79 41.36 1.64
CA ILE C 935 -0.98 41.78 0.50
C ILE C 935 -1.60 41.29 -0.80
N GLY C 936 -2.24 40.12 -0.79
CA GLY C 936 -2.93 39.66 -1.99
C GLY C 936 -4.08 40.57 -2.37
N LEU C 937 -4.88 40.99 -1.39
CA LEU C 937 -6.01 41.87 -1.70
C LEU C 937 -5.53 43.24 -2.18
N SER C 938 -4.49 43.78 -1.54
CA SER C 938 -3.94 45.06 -1.97
C SER C 938 -3.37 44.97 -3.37
N ALA C 939 -2.66 43.88 -3.68
CA ALA C 939 -2.15 43.68 -5.02
C ALA C 939 -3.29 43.56 -6.03
N LYS C 940 -4.39 42.92 -5.64
CA LYS C 940 -5.54 42.81 -6.53
C LYS C 940 -6.14 44.19 -6.84
N ASN C 941 -6.27 45.03 -5.81
CA ASN C 941 -6.74 46.40 -6.04
C ASN C 941 -5.79 47.17 -6.95
N ALA C 942 -4.48 47.03 -6.73
CA ALA C 942 -3.51 47.70 -7.59
C ALA C 942 -3.61 47.20 -9.02
N ILE C 943 -3.83 45.89 -9.19
CA ILE C 943 -3.97 45.33 -10.53
C ILE C 943 -5.17 45.96 -11.23
N LEU C 944 -6.30 46.06 -10.54
CA LEU C 944 -7.48 46.65 -11.15
C LEU C 944 -7.24 48.10 -11.54
N ILE C 945 -6.63 48.87 -10.64
CA ILE C 945 -6.40 50.29 -10.91
C ILE C 945 -5.47 50.46 -12.12
N VAL C 946 -4.36 49.72 -12.13
CA VAL C 946 -3.39 49.87 -13.22
C VAL C 946 -3.98 49.39 -14.53
N GLU C 947 -4.76 48.31 -14.51
CA GLU C 947 -5.40 47.82 -15.72
C GLU C 947 -6.35 48.87 -16.30
N PHE C 948 -7.17 49.49 -15.43
CA PHE C 948 -8.06 50.54 -15.91
C PHE C 948 -7.28 51.72 -16.47
N ALA C 949 -6.20 52.12 -15.79
CA ALA C 949 -5.42 53.27 -16.25
C ALA C 949 -4.79 53.00 -17.61
N LYS C 950 -4.19 51.82 -17.78
CA LYS C 950 -3.54 51.53 -19.05
C LYS C 950 -4.55 51.28 -20.16
N ASP C 951 -5.75 50.79 -19.82
CA ASP C 951 -6.80 50.67 -20.82
C ASP C 951 -7.26 52.05 -21.29
N LEU C 952 -7.36 53.01 -20.37
CA LEU C 952 -7.69 54.37 -20.78
C LEU C 952 -6.59 54.96 -21.63
N MET C 953 -5.33 54.66 -21.30
CA MET C 953 -4.22 55.10 -22.15
C MET C 953 -4.31 54.52 -23.55
N ASP C 954 -4.59 53.22 -23.67
CA ASP C 954 -4.50 52.55 -24.96
C ASP C 954 -5.75 52.78 -25.81
N LYS C 955 -6.91 52.38 -25.30
CA LYS C 955 -8.13 52.44 -26.11
C LYS C 955 -8.54 53.88 -26.40
N GLU C 956 -8.58 54.73 -25.38
CA GLU C 956 -9.09 56.07 -25.52
C GLU C 956 -8.01 57.11 -25.83
N GLY C 957 -6.74 56.71 -25.82
CA GLY C 957 -5.67 57.65 -26.15
C GLY C 957 -5.53 58.80 -25.19
N LYS C 958 -5.99 58.65 -23.96
CA LYS C 958 -5.89 59.73 -22.98
C LYS C 958 -4.44 59.94 -22.54
N GLY C 959 -4.19 61.11 -21.98
CA GLY C 959 -2.88 61.40 -21.42
C GLY C 959 -2.63 60.60 -20.15
N LEU C 960 -1.36 60.58 -19.73
CA LEU C 960 -0.98 59.77 -18.57
C LEU C 960 -1.70 60.24 -17.32
N ILE C 961 -1.62 61.53 -17.01
CA ILE C 961 -2.24 62.04 -15.79
C ILE C 961 -3.76 61.90 -15.87
N GLU C 962 -4.35 62.23 -17.02
CA GLU C 962 -5.79 62.12 -17.17
C GLU C 962 -6.26 60.68 -17.01
N ALA C 963 -5.54 59.73 -17.62
CA ALA C 963 -5.93 58.33 -17.53
C ALA C 963 -5.80 57.82 -16.10
N THR C 964 -4.66 58.08 -15.46
CA THR C 964 -4.46 57.60 -14.10
C THR C 964 -5.33 58.34 -13.08
N LEU C 965 -5.90 59.49 -13.44
CA LEU C 965 -6.86 60.16 -12.58
C LEU C 965 -8.26 59.61 -12.75
N ASP C 966 -8.70 59.38 -13.99
CA ASP C 966 -10.00 58.78 -14.22
C ASP C 966 -10.05 57.36 -13.69
N ALA C 967 -8.94 56.63 -13.79
CA ALA C 967 -8.92 55.25 -13.28
C ALA C 967 -9.20 55.21 -11.80
N VAL C 968 -8.50 56.04 -11.01
CA VAL C 968 -8.76 56.05 -9.58
C VAL C 968 -10.13 56.65 -9.27
N ARG C 969 -10.59 57.59 -10.09
CA ARG C 969 -11.93 58.15 -9.88
C ARG C 969 -12.99 57.07 -9.98
N MET C 970 -12.88 56.18 -10.96
CA MET C 970 -13.87 55.12 -11.13
C MET C 970 -13.54 53.85 -10.37
N ARG C 971 -12.37 53.76 -9.74
CA ARG C 971 -12.05 52.62 -8.88
C ARG C 971 -12.16 52.95 -7.39
N LEU C 972 -12.39 54.20 -7.02
CA LEU C 972 -12.42 54.57 -5.62
C LEU C 972 -13.56 53.85 -4.89
N ARG C 973 -14.76 53.85 -5.47
CA ARG C 973 -15.91 53.28 -4.78
C ARG C 973 -15.75 51.79 -4.48
N PRO C 974 -15.39 50.92 -5.43
CA PRO C 974 -15.26 49.49 -5.08
C PRO C 974 -14.24 49.23 -3.99
N ILE C 975 -13.13 49.98 -3.97
CA ILE C 975 -12.10 49.76 -2.97
C ILE C 975 -12.64 50.07 -1.58
N LEU C 976 -13.31 51.21 -1.43
CA LEU C 976 -13.89 51.56 -0.14
C LEU C 976 -14.98 50.58 0.26
N MET C 977 -15.81 50.15 -0.69
CA MET C 977 -16.86 49.19 -0.38
C MET C 977 -16.27 47.89 0.17
N THR C 978 -15.30 47.31 -0.55
CA THR C 978 -14.73 46.04 -0.12
C THR C 978 -13.97 46.20 1.19
N SER C 979 -13.24 47.31 1.36
CA SER C 979 -12.49 47.51 2.59
C SER C 979 -13.42 47.66 3.78
N LEU C 980 -14.48 48.45 3.65
CA LEU C 980 -15.42 48.60 4.74
C LEU C 980 -16.11 47.28 5.06
N ALA C 981 -16.51 46.54 4.04
CA ALA C 981 -17.17 45.25 4.28
C ALA C 981 -16.24 44.29 5.00
N PHE C 982 -14.96 44.25 4.59
CA PHE C 982 -14.04 43.30 5.19
C PHE C 982 -13.67 43.71 6.62
N ILE C 983 -13.51 45.01 6.87
CA ILE C 983 -13.20 45.47 8.22
C ILE C 983 -14.37 45.19 9.16
N LEU C 984 -15.59 45.49 8.73
CA LEU C 984 -16.74 45.19 9.58
C LEU C 984 -16.93 43.69 9.76
N GLY C 985 -16.53 42.90 8.75
CA GLY C 985 -16.66 41.45 8.88
C GLY C 985 -15.74 40.86 9.94
N VAL C 986 -14.49 41.31 9.99
CA VAL C 986 -13.51 40.74 10.91
C VAL C 986 -13.33 41.59 12.15
N MET C 987 -14.13 42.64 12.32
CA MET C 987 -14.06 43.42 13.56
C MET C 987 -14.38 42.59 14.80
N PRO C 988 -15.40 41.74 14.84
CA PRO C 988 -15.61 40.92 16.04
C PRO C 988 -14.45 40.00 16.37
N LEU C 989 -13.67 39.58 15.38
CA LEU C 989 -12.51 38.74 15.67
C LEU C 989 -11.49 39.49 16.50
N VAL C 990 -11.29 40.78 16.23
CA VAL C 990 -10.34 41.56 17.00
C VAL C 990 -10.83 41.70 18.45
N ILE C 991 -12.08 42.09 18.63
CA ILE C 991 -12.66 42.28 19.96
C ILE C 991 -13.42 41.00 20.32
N SER C 992 -12.69 40.04 20.89
CA SER C 992 -13.28 38.78 21.30
C SER C 992 -12.43 38.20 22.43
N THR C 993 -13.08 37.83 23.54
CA THR C 993 -12.39 37.29 24.69
C THR C 993 -13.03 35.97 25.09
N GLY C 994 -12.21 34.95 25.28
CA GLY C 994 -12.68 33.65 25.71
C GLY C 994 -13.23 32.82 24.57
N ALA C 995 -13.40 31.53 24.86
CA ALA C 995 -13.95 30.56 23.91
C ALA C 995 -13.14 30.53 22.62
N GLY C 996 -11.86 30.18 22.77
CA GLY C 996 -10.96 30.10 21.63
C GLY C 996 -10.73 31.43 20.94
N SER C 997 -10.49 32.47 21.73
CA SER C 997 -10.29 33.81 21.20
C SER C 997 -8.85 34.09 20.80
N GLY C 998 -7.90 33.24 21.16
CA GLY C 998 -6.51 33.48 20.76
C GLY C 998 -6.33 33.43 19.26
N ALA C 999 -6.88 32.40 18.62
CA ALA C 999 -6.82 32.32 17.17
C ALA C 999 -7.61 33.46 16.52
N GLN C 1000 -8.79 33.76 17.06
CA GLN C 1000 -9.62 34.81 16.50
C GLN C 1000 -8.91 36.16 16.56
N ASN C 1001 -8.33 36.49 17.71
CA ASN C 1001 -7.59 37.74 17.82
C ASN C 1001 -6.37 37.76 16.92
N ALA C 1002 -5.60 36.66 16.91
CA ALA C 1002 -4.38 36.60 16.12
C ALA C 1002 -4.67 36.80 14.64
N VAL C 1003 -5.82 36.30 14.17
CA VAL C 1003 -6.20 36.52 12.78
C VAL C 1003 -6.73 37.93 12.58
N GLY C 1004 -7.72 38.33 13.38
CA GLY C 1004 -8.46 39.54 13.10
C GLY C 1004 -7.63 40.80 13.26
N THR C 1005 -6.80 40.87 14.30
CA THR C 1005 -6.01 42.08 14.52
C THR C 1005 -5.09 42.35 13.35
N GLY C 1006 -4.33 41.35 12.94
CA GLY C 1006 -3.42 41.52 11.82
C GLY C 1006 -4.15 41.84 10.53
N VAL C 1007 -5.22 41.10 10.24
CA VAL C 1007 -5.94 41.32 8.99
C VAL C 1007 -6.53 42.72 8.96
N MET C 1008 -7.16 43.14 10.06
CA MET C 1008 -7.80 44.45 10.09
C MET C 1008 -6.77 45.58 9.96
N GLY C 1009 -5.66 45.48 10.68
CA GLY C 1009 -4.65 46.51 10.57
C GLY C 1009 -4.06 46.60 9.18
N GLY C 1010 -3.71 45.45 8.60
CA GLY C 1010 -3.16 45.46 7.26
C GLY C 1010 -4.15 45.99 6.23
N MET C 1011 -5.41 45.59 6.34
CA MET C 1011 -6.41 46.05 5.38
C MET C 1011 -6.64 47.55 5.50
N VAL C 1012 -6.73 48.07 6.72
CA VAL C 1012 -6.93 49.50 6.90
C VAL C 1012 -5.78 50.28 6.31
N THR C 1013 -4.55 49.89 6.65
CA THR C 1013 -3.39 50.63 6.15
C THR C 1013 -3.27 50.52 4.63
N ALA C 1014 -3.51 49.33 4.07
CA ALA C 1014 -3.43 49.17 2.62
C ALA C 1014 -4.47 50.00 1.91
N THR C 1015 -5.70 50.02 2.42
CA THR C 1015 -6.75 50.83 1.80
C THR C 1015 -6.41 52.31 1.87
N VAL C 1016 -5.86 52.77 3.00
CA VAL C 1016 -5.53 54.18 3.13
C VAL C 1016 -4.37 54.57 2.21
N LEU C 1017 -3.38 53.69 2.07
CA LEU C 1017 -2.15 54.06 1.37
C LEU C 1017 -2.20 53.80 -0.13
N ALA C 1018 -2.84 52.71 -0.57
CA ALA C 1018 -2.80 52.33 -1.98
C ALA C 1018 -3.48 53.38 -2.85
N ILE C 1019 -4.61 53.93 -2.41
CA ILE C 1019 -5.36 54.87 -3.22
C ILE C 1019 -4.54 56.10 -3.55
N PHE C 1020 -3.46 56.36 -2.82
CA PHE C 1020 -2.55 57.45 -3.12
C PHE C 1020 -1.23 57.00 -3.71
N PHE C 1021 -0.80 55.77 -3.45
CA PHE C 1021 0.51 55.33 -3.92
C PHE C 1021 0.47 54.62 -5.27
N VAL C 1022 -0.60 53.88 -5.58
CA VAL C 1022 -0.70 53.25 -6.89
C VAL C 1022 -0.67 54.27 -8.02
N PRO C 1023 -1.40 55.40 -7.96
CA PRO C 1023 -1.27 56.38 -9.06
C PRO C 1023 0.14 56.90 -9.24
N VAL C 1024 0.81 57.29 -8.16
CA VAL C 1024 2.17 57.82 -8.30
C VAL C 1024 3.14 56.72 -8.74
N PHE C 1025 2.92 55.48 -8.28
CA PHE C 1025 3.76 54.38 -8.73
C PHE C 1025 3.62 54.17 -10.23
N PHE C 1026 2.38 54.15 -10.72
CA PHE C 1026 2.13 53.96 -12.15
C PHE C 1026 2.74 55.10 -12.96
N VAL C 1027 2.56 56.34 -12.48
CA VAL C 1027 3.09 57.49 -13.22
C VAL C 1027 4.61 57.44 -13.25
N VAL C 1028 5.25 57.13 -12.12
CA VAL C 1028 6.71 57.06 -12.07
C VAL C 1028 7.22 55.95 -12.99
N VAL C 1029 6.56 54.80 -12.99
CA VAL C 1029 6.97 53.71 -13.86
C VAL C 1029 6.84 54.10 -15.32
N ARG C 1030 5.73 54.75 -15.68
CA ARG C 1030 5.50 55.12 -17.07
C ARG C 1030 6.46 56.21 -17.54
N ARG C 1031 6.83 57.14 -16.66
CA ARG C 1031 7.68 58.26 -17.07
C ARG C 1031 9.16 57.91 -17.02
N ARG C 1032 9.61 57.22 -15.97
CA ARG C 1032 11.02 56.86 -15.86
C ARG C 1032 11.45 55.93 -16.99
N PHE C 1033 10.61 54.96 -17.32
CA PHE C 1033 10.85 54.07 -18.45
C PHE C 1033 10.23 54.67 -19.71
N SER C 1034 10.17 53.88 -20.77
CA SER C 1034 9.61 54.32 -22.05
C SER C 1034 10.32 55.56 -22.59
C1 PTY D . -4.60 19.76 -38.46
C2 PTY D . -7.90 23.37 -42.64
C3 PTY D . -7.37 22.16 -41.92
O4 PTY D . -5.72 20.66 -38.52
C5 PTY D . -5.94 18.49 -40.25
C6 PTY D . -4.58 18.82 -39.65
O7 PTY D . -3.93 17.65 -39.06
C8 PTY D . -3.77 16.55 -39.80
O10 PTY D . -3.58 16.58 -40.98
C11 PTY D . -3.83 15.33 -38.95
C12 PTY D . -3.41 14.09 -39.67
C13 PTY D . -3.08 12.91 -38.76
C14 PTY D . -3.99 12.64 -37.57
C15 PTY D . -5.39 12.18 -37.94
C16 PTY D . -5.85 10.89 -37.28
C17 PTY D . -6.31 11.09 -35.87
C18 PTY D . -6.42 9.84 -35.05
C19 PTY D . -6.72 10.05 -33.58
C20 PTY D . -8.15 9.75 -33.18
C21 PTY D . -8.46 8.29 -32.91
C22 PTY D . -7.65 7.67 -31.78
C23 PTY D . -8.24 6.41 -31.20
C24 PTY D . -7.24 5.48 -30.55
C25 PTY D . -6.33 6.12 -29.52
C30 PTY D . -6.35 20.87 -37.38
C31 PTY D . -7.61 20.07 -37.28
O30 PTY D . -5.94 21.63 -36.54
C32 PTY D . -7.66 19.14 -36.09
C33 PTY D . -7.15 17.73 -36.38
C34 PTY D . -6.31 17.12 -35.28
C35 PTY D . -7.08 16.79 -34.01
C36 PTY D . -7.03 15.34 -33.57
C37 PTY D . -7.56 14.33 -34.55
C38 PTY D . -8.42 13.27 -33.90
P1 PTY D . -6.37 19.80 -42.52
O11 PTY D . -7.36 21.03 -42.82
O12 PTY D . -6.91 18.57 -43.22
O13 PTY D . -4.97 20.24 -42.79
O14 PTY D . -6.54 19.62 -40.92
N1 PTY D . -9.26 23.73 -42.24
C1 PTY E . -9.02 25.36 -37.22
C2 PTY E . -6.42 26.79 -39.27
C3 PTY E . -6.79 27.94 -38.37
O4 PTY E . -9.43 24.01 -37.50
C5 PTY E . -9.59 27.39 -35.83
C6 PTY E . -10.05 26.05 -36.35
O7 PTY E . -10.50 25.28 -35.19
C8 PTY E . -9.63 24.51 -34.51
O10 PTY E . -8.69 24.97 -33.91
C11 PTY E . -9.99 23.05 -34.62
C12 PTY E . -9.90 22.28 -33.35
C13 PTY E . -9.26 20.91 -33.57
C14 PTY E . -9.17 20.01 -32.38
C15 PTY E . -10.48 19.76 -31.69
C16 PTY E . -10.62 18.44 -30.99
C17 PTY E . -9.54 18.08 -30.00
C18 PTY E . -8.69 16.92 -30.42
C19 PTY E . -9.31 15.57 -30.18
C20 PTY E . -8.87 14.90 -28.89
C21 PTY E . -9.80 13.81 -28.42
C30 PTY E . -9.11 23.51 -38.69
O30 PTY E . -9.54 22.47 -39.08
P1 PTY E . -8.89 29.33 -37.52
O11 PTY E . -8.20 28.29 -38.53
O12 PTY E . -7.91 29.85 -36.51
O13 PTY E . -9.65 30.29 -38.38
O14 PTY E . -10.00 28.44 -36.76
N1 PTY E . -5.19 27.03 -40.02
C1 PTY F . -4.04 0.96 -21.51
C2 PTY F . -0.23 1.96 -17.97
C3 PTY F . 0.46 0.67 -18.38
O4 PTY F . -3.07 1.47 -20.57
C5 PTY F . -2.01 0.00 -22.70
C6 PTY F . -3.46 -0.20 -22.28
O7 PTY F . -4.37 -0.35 -23.41
C8 PTY F . -4.27 -1.43 -24.19
O10 PTY F . -4.46 -2.56 -23.82
C11 PTY F . -3.91 -1.00 -25.58
C12 PTY F . -5.05 -1.04 -26.55
C13 PTY F . -5.88 0.23 -26.56
C14 PTY F . -5.25 1.42 -27.25
C15 PTY F . -6.04 2.69 -27.12
C16 PTY F . -6.04 3.31 -25.74
C17 PTY F . -6.63 4.70 -25.69
C18 PTY F . -8.01 4.82 -26.31
C19 PTY F . -8.82 5.96 -25.77
C20 PTY F . -9.64 5.59 -24.57
C21 PTY F . -10.16 6.76 -23.77
C22 PTY F . -10.35 6.46 -22.30
C30 PTY F . -3.31 2.66 -20.06
C31 PTY F . -2.78 3.77 -20.92
O30 PTY F . -3.87 2.80 -19.00
C32 PTY F . -3.86 4.67 -21.44
C33 PTY F . -3.34 5.71 -22.42
C34 PTY F . -4.36 6.74 -22.86
C35 PTY F . -4.26 8.08 -22.16
C36 PTY F . -4.67 8.06 -20.71
P1 PTY F . 0.02 0.22 -20.95
O11 PTY F . -0.31 -0.03 -19.39
O12 PTY F . -0.08 1.71 -21.14
O13 PTY F . 1.30 -0.49 -21.28
O14 PTY F . -1.16 -0.61 -21.67
N1 PTY F . 0.15 2.38 -16.62
C1 D12 G . -3.20 10.98 -33.49
C2 D12 G . -2.70 9.89 -34.41
C3 D12 G . -2.35 8.55 -33.81
C4 D12 G . -3.39 7.71 -33.11
C5 D12 G . -2.78 6.56 -32.33
C6 D12 G . -3.69 5.36 -32.13
C7 D12 G . -3.38 4.18 -33.02
C8 D12 G . -4.18 2.92 -32.69
C9 D12 G . -3.37 1.77 -32.14
C10 D12 G . -2.80 2.00 -30.74
C11 D12 G . -1.92 0.90 -30.20
C12 D12 G . -2.60 -0.02 -29.20
C3 D12 H . -0.08 6.48 -18.70
C4 D12 H . 0.70 6.31 -17.43
C5 D12 H . 0.44 7.41 -16.45
C6 D12 H . 1.23 7.33 -15.16
C7 D12 H . 1.72 8.66 -14.62
C8 D12 H . 0.63 9.67 -14.31
C9 D12 H . 0.46 10.77 -15.35
C10 D12 H . -0.54 11.82 -14.98
C11 D12 H . 0.07 13.19 -14.81
C12 D12 H . -0.52 14.00 -13.69
C3 D12 I . -0.05 14.91 -17.64
C4 D12 I . 0.95 16.02 -17.46
C5 D12 I . 0.87 17.10 -18.52
C6 D12 I . 1.37 18.45 -18.08
C7 D12 I . 2.87 18.54 -17.95
C8 D12 I . 3.36 19.69 -17.10
C9 D12 I . 4.63 20.31 -17.59
C10 D12 I . 4.46 21.31 -18.72
C11 D12 I . 5.74 21.80 -19.32
C12 D12 I . 6.45 22.76 -18.41
C1 D12 J . 0.33 6.43 -22.73
C2 D12 J . 0.12 6.92 -24.15
C3 D12 J . 0.37 8.41 -24.37
C4 D12 J . 1.75 8.93 -23.99
C5 D12 J . 2.14 10.27 -24.60
C6 D12 J . 1.83 11.49 -23.72
C7 D12 J . 2.54 12.75 -24.17
C8 D12 J . 2.33 13.97 -23.27
C9 D12 J . 2.77 15.28 -23.90
C10 D12 J . 1.76 16.42 -23.89
C11 D12 J . 1.82 17.39 -22.73
C12 D12 J . 1.90 18.92 -23.11
C1 PTY K . -7.01 37.50 -20.61
C2 PTY K . -3.12 38.51 -22.24
C3 PTY K . -3.82 39.81 -22.55
O4 PTY K . -5.61 37.19 -20.41
C5 PTY K . -8.24 38.15 -22.75
C6 PTY K . -7.33 37.16 -22.05
O7 PTY K . -7.99 35.85 -22.11
C8 PTY K . -7.34 34.78 -21.67
O10 PTY K . -7.63 34.25 -20.62
C11 PTY K . -6.25 34.27 -22.59
C12 PTY K . -4.91 34.14 -21.92
C13 PTY K . -4.78 32.90 -21.06
C14 PTY K . -4.47 33.18 -19.59
C15 PTY K . -4.52 32.01 -18.61
C16 PTY K . -5.20 30.73 -19.10
C17 PTY K . -5.16 29.59 -18.12
C18 PTY K . -3.87 28.80 -18.15
C19 PTY K . -3.67 27.88 -16.98
C30 PTY K . -5.13 37.36 -19.18
C31 PTY K . -3.78 36.74 -19.02
O30 PTY K . -5.72 37.93 -18.32
C32 PTY K . -2.86 37.53 -18.13
C33 PTY K . -2.31 36.75 -16.94
C34 PTY K . -1.03 36.04 -17.25
C35 PTY K . -0.84 34.69 -16.63
C36 PTY K . 0.42 34.00 -17.08
C37 PTY K . 0.25 33.14 -18.31
C38 PTY K . -0.24 31.73 -18.05
C39 PTY K . 0.40 30.68 -18.93
C40 PTY K . 1.82 30.32 -18.57
C41 PTY K . 2.35 29.10 -19.27
C42 PTY K . 1.95 27.79 -18.63
C43 PTY K . 1.18 26.88 -19.53
C44 PTY K . -0.33 26.93 -19.33
P1 PTY K . -6.30 39.84 -23.49
O11 PTY K . -5.24 39.69 -22.29
O12 PTY K . -6.34 41.29 -23.86
O13 PTY K . -6.02 38.81 -24.55
O14 PTY K . -7.71 39.51 -22.76
N1 PTY K . -2.05 38.23 -23.20
C1 PTY L . 7.78 21.39 -5.67
C2 PTY L . 13.20 15.88 -4.89
C3 PTY L . 11.80 15.82 -4.32
O4 PTY L . 7.46 22.38 -6.67
C5 PTY L . 8.28 19.00 -6.35
C6 PTY L . 7.21 20.07 -6.10
O7 PTY L . 6.50 20.26 -7.35
C8 PTY L . 5.30 19.69 -7.49
O10 PTY L . 5.14 18.51 -7.69
C11 PTY L . 4.19 20.68 -7.32
C12 PTY L . 3.64 21.19 -8.62
C13 PTY L . 3.70 22.71 -8.79
C14 PTY L . 2.43 23.48 -8.42
C15 PTY L . 2.28 24.82 -9.13
C16 PTY L . 1.38 24.82 -10.36
C18 PTY L . -4.25 26.15 -7.95
C30 PTY L . 7.70 23.64 -6.32
C31 PTY L . 6.43 24.34 -5.93
O30 PTY L . 8.80 24.13 -6.33
C32 PTY L . 6.14 25.55 -6.77
C33 PTY L . 4.78 26.16 -6.47
C34 PTY L . 4.42 27.33 -7.33
C35 PTY L . 5.25 28.58 -7.09
C36 PTY L . 4.63 29.83 -7.63
C37 PTY L . 3.61 29.58 -8.71
P1 PTY L . 9.56 17.04 -5.02
O11 PTY L . 11.11 17.07 -4.59
O12 PTY L . 9.53 16.35 -6.36
O13 PTY L . 8.88 16.40 -3.84
O14 PTY L . 9.02 18.56 -5.14
N1 PTY L . 14.15 15.11 -4.09
C1 PTY M . -13.64 21.91 -36.31
C2 PTY M . -14.32 27.45 -37.94
C3 PTY M . -14.52 26.93 -39.34
O4 PTY M . -12.74 21.16 -37.15
C5 PTY M . -12.70 23.92 -37.47
C6 PTY M . -13.95 23.22 -37.00
O7 PTY M . -14.75 24.16 -36.21
C8 PTY M . -14.44 24.46 -34.93
O10 PTY M . -13.31 24.43 -34.53
C11 PTY M . -15.56 24.95 -34.03
C12 PTY M . -16.86 24.14 -33.97
C13 PTY M . -16.77 22.64 -34.24
C14 PTY M . -16.47 21.73 -33.08
C15 PTY M . -15.07 21.81 -32.49
C16 PTY M . -14.15 20.66 -32.84
C17 PTY M . -14.00 19.63 -31.74
C18 PTY M . -15.28 19.03 -31.21
C19 PTY M . -15.16 17.63 -30.68
C20 PTY M . -14.34 17.53 -29.41
C21 PTY M . -14.33 16.15 -28.79
C22 PTY M . -13.54 15.13 -29.56
C23 PTY M . -13.28 13.85 -28.82
C30 PTY M . -12.79 19.84 -37.04
C31 PTY M . -11.84 19.34 -35.99
O30 PTY M . -13.52 19.16 -37.69
C32 PTY M . -11.91 17.87 -35.80
C33 PTY M . -11.19 17.40 -34.55
C34 PTY M . -10.90 15.93 -34.51
C35 PTY M . -12.10 15.04 -34.29
C36 PTY M . -12.41 14.75 -32.84
C37 PTY M . -11.68 13.55 -32.28
C38 PTY M . -12.30 12.21 -32.62
C39 PTY M . -11.52 11.02 -32.11
C40 PTY M . -12.17 10.29 -30.96
C41 PTY M . -11.31 9.23 -30.33
C42 PTY M . -12.01 8.37 -29.31
P1 PTY M . -12.83 24.96 -39.90
O11 PTY M . -14.25 25.49 -39.40
O12 PTY M . -13.02 24.37 -41.28
O13 PTY M . -11.73 25.95 -39.66
O14 PTY M . -12.55 23.72 -38.91
N1 PTY M . -13.07 28.20 -37.81
C1 PTY N . -23.88 22.13 -31.48
C2 PTY N . -18.50 26.34 -36.50
C3 PTY N . -19.51 25.22 -36.46
O4 PTY N . -24.75 22.14 -30.32
C5 PTY N . -23.36 23.97 -33.17
C6 PTY N . -23.20 23.45 -31.75
O7 PTY N . -21.77 23.26 -31.50
C8 PTY N . -21.12 24.11 -30.69
O10 PTY N . -21.42 24.28 -29.54
C11 PTY N . -19.95 24.78 -31.36
C12 PTY N . -18.72 24.86 -30.51
C13 PTY N . -18.16 23.49 -30.13
C14 PTY N . -18.38 23.05 -28.69
C15 PTY N . -17.11 22.70 -27.92
C16 PTY N . -16.46 21.39 -28.31
C17 PTY N . -17.22 20.12 -27.94
C18 PTY N . -17.26 19.81 -26.46
C19 PTY N . -18.42 20.41 -25.69
C20 PTY N . -19.17 19.41 -24.84
C30 PTY N . -24.24 22.49 -29.15
C31 PTY N . -23.70 21.34 -28.34
O30 PTY N . -24.29 23.60 -28.75
C32 PTY N . -22.51 21.69 -27.49
C33 PTY N . -21.93 20.50 -26.77
C34 PTY N . -22.54 20.19 -25.44
C35 PTY N . -23.64 19.16 -25.47
P1 PTY N . -21.40 24.15 -34.94
O11 PTY N . -20.30 25.29 -35.23
O12 PTY N . -22.37 24.17 -36.09
O13 PTY N . -20.65 22.89 -34.61
O14 PTY N . -22.16 24.67 -33.63
N1 PTY N . -17.23 25.90 -37.10
C1 PTY O . -14.54 5.02 -13.31
C2 PTY O . -11.56 4.83 -6.29
C3 PTY O . -12.86 5.49 -6.68
O4 PTY O . -15.99 5.09 -13.38
C5 PTY O . -14.64 4.61 -10.83
C6 PTY O . -14.17 4.11 -12.16
O7 PTY O . -12.72 3.98 -12.13
C8 PTY O . -12.16 2.95 -12.79
O10 PTY O . -11.89 3.00 -13.96
C30 PTY O . -16.54 4.39 -14.36
C31 PTY O . -16.86 5.27 -15.52
O30 PTY O . -16.74 3.21 -14.29
C32 PTY O . -18.34 5.36 -15.78
C33 PTY O . -18.68 6.49 -16.73
C34 PTY O . -19.44 7.61 -16.07
C35 PTY O . -18.91 8.00 -14.73
C36 PTY O . -17.82 9.05 -14.80
C37 PTY O . -18.25 10.33 -15.45
C38 PTY O . -17.17 11.00 -16.27
C39 PTY O . -17.66 11.66 -17.53
C40 PTY O . -19.02 11.16 -17.99
C41 PTY O . -19.94 12.25 -18.46
C42 PTY O . -20.63 11.93 -19.77
C43 PTY O . -19.68 11.64 -20.90
C44 PTY O . -20.39 11.35 -22.21
P1 PTY O . -14.44 4.08 -8.25
O11 PTY O . -13.22 5.09 -8.03
O12 PTY O . -15.73 4.84 -8.11
O13 PTY O . -14.22 2.84 -7.42
O14 PTY O . -14.26 3.67 -9.79
N1 PTY O . -10.86 5.55 -5.23
C1 PTY P . -25.87 11.11 -2.84
C2 PTY P . -20.34 6.40 -2.44
C3 PTY P . -21.45 6.85 -1.54
O4 PTY P . -27.31 11.06 -2.88
C5 PTY P . -25.26 8.86 -1.83
C6 PTY P . -25.34 9.72 -3.07
O7 PTY P . -23.99 9.84 -3.59
C8 PTY P . -23.73 9.29 -4.79
O10 PTY P . -23.95 8.15 -5.02
C11 PTY P . -23.20 10.28 -5.78
C12 PTY P . -24.28 10.92 -6.59
C13 PTY P . -23.90 12.28 -7.15
C14 PTY P . -22.91 12.23 -8.31
C15 PTY P . -23.55 12.51 -9.63
C16 PTY P . -22.62 12.36 -10.82
C17 PTY P . -21.83 13.60 -11.17
C18 PTY P . -22.06 14.15 -12.56
C19 PTY P . -23.41 14.77 -12.79
C20 PTY P . -23.51 16.25 -12.48
C21 PTY P . -24.74 16.63 -11.70
C22 PTY P . -24.73 16.17 -10.25
C23 PTY P . -25.14 17.21 -9.22
C24 PTY P . -24.70 16.88 -7.82
C25 PTY P . -23.43 17.57 -7.35
C26 PTY P . -22.18 17.33 -8.19
C27 PTY P . -21.60 15.95 -8.08
C28 PTY P . -20.80 15.66 -6.83
C29 PTY P . -21.50 14.86 -5.75
C30 PTY P . -27.95 11.87 -2.05
C31 PTY P . -28.65 11.10 -0.96
O30 PTY P . -27.96 13.06 -2.17
P1 PTY P . -24.07 6.52 -1.52
O11 PTY P . -22.71 6.91 -2.26
O12 PTY P . -24.40 5.10 -1.90
O13 PTY P . -23.99 6.87 -0.06
O14 PTY P . -25.16 7.47 -2.22
N1 PTY P . -19.50 5.38 -1.83
C4 D12 Q . -18.02 8.51 -0.53
C5 D12 Q . -18.26 10.00 -0.64
C6 D12 Q . -19.46 10.38 -1.47
C7 D12 Q . -19.21 10.50 -2.97
C8 D12 Q . -19.49 11.88 -3.55
C9 D12 Q . -18.87 12.14 -4.90
C10 D12 Q . -19.63 11.51 -6.05
C11 D12 Q . -19.05 11.73 -7.43
C12 D12 Q . -18.33 13.05 -7.63
C1 D12 R . -18.71 13.48 -14.10
C2 D12 R . -17.63 14.29 -13.43
C3 D12 R . -16.55 13.49 -12.73
C4 D12 R . -16.93 12.98 -11.35
C5 D12 R . -16.83 14.02 -10.24
C6 D12 R . -15.61 14.11 -9.40
C7 D12 R . -14.85 12.86 -9.13
C1 D12 S . -15.72 11.85 -25.98
C2 D12 S . -16.74 12.96 -25.80
C3 D12 S . -17.45 13.31 -27.07
C4 D12 S . -18.36 14.50 -27.02
C5 D12 S . -18.68 15.09 -28.37
C6 D12 S . -19.76 16.14 -28.35
C7 D12 S . -19.56 17.26 -29.33
C8 D12 S . -20.52 18.41 -29.14
C9 D12 S . -20.83 19.22 -30.39
C10 D12 S . -19.64 19.85 -31.07
C11 D12 S . -20.00 20.56 -32.35
C12 D12 S . -19.94 19.70 -33.59
C1 D12 T . -13.17 21.05 -26.11
C2 D12 T . -12.84 20.67 -27.54
C3 D12 T . -12.81 21.76 -28.58
C4 D12 T . -12.87 23.20 -28.12
C5 D12 T . -12.69 24.20 -29.22
C6 D12 T . -13.97 24.65 -29.92
C7 D12 T . -13.91 26.06 -30.45
C8 D12 T . -12.83 26.30 -31.50
C9 D12 T . -12.54 27.75 -31.81
C10 D12 T . -13.61 28.47 -32.59
C11 D12 T . -13.56 28.26 -34.09
C12 D12 T . -14.78 28.81 -34.80
C1 PTY U . -22.41 28.87 -29.59
C2 PTY U . -27.54 27.85 -33.66
C3 PTY U . -26.29 27.59 -32.86
O4 PTY U . -21.22 28.67 -30.37
C5 PTY U . -24.20 27.21 -30.14
C6 PTY U . -22.99 27.50 -29.31
O7 PTY U . -23.22 27.38 -27.87
C8 PTY U . -23.55 26.19 -27.33
O10 PTY U . -22.75 25.30 -27.20
C11 PTY U . -24.99 26.09 -26.91
C12 PTY U . -25.16 25.88 -25.44
C13 PTY U . -25.03 24.43 -25.00
C14 PTY U . -23.95 24.19 -23.99
C15 PTY U . -23.75 22.73 -23.64
C16 PTY U . -24.44 22.26 -22.38
C17 PTY U . -23.63 21.25 -21.61
C18 PTY U . -24.40 20.56 -20.51
C19 PTY U . -23.50 19.85 -19.52
C20 PTY U . -24.24 19.16 -18.39
C21 PTY U . -24.02 19.77 -17.03
C22 PTY U . -24.62 21.13 -16.85
C30 PTY U . -20.14 29.35 -29.98
C31 PTY U . -19.19 28.46 -29.20
O30 PTY U . -19.96 30.50 -30.28
C32 PTY U . -19.61 28.19 -27.77
C33 PTY U . -18.85 27.08 -27.07
C34 PTY U . -19.76 26.01 -26.51
C35 PTY U . -19.15 25.06 -25.54
C36 PTY U . -20.06 23.92 -25.15
C37 PTY U . -19.85 23.36 -23.78
C38 PTY U . -20.37 24.20 -22.63
C39 PTY U . -19.43 24.25 -21.46
P1 PTY U . -26.81 27.56 -30.26
O11 PTY U . -26.60 26.81 -31.68
O12 PTY U . -27.65 28.79 -30.47
O13 PTY U . -27.26 26.50 -29.30
O14 PTY U . -25.34 28.05 -29.84
N1 PTY U . -27.78 29.29 -33.85
C1 PTY V . -11.18 34.54 -24.95
C2 PTY V . -10.53 39.96 -25.44
C3 PTY V . -11.29 38.76 -25.93
O4 PTY V . -11.54 33.53 -25.92
C5 PTY V . -12.38 36.23 -23.47
C6 PTY V . -12.33 34.81 -24.00
O7 PTY V . -12.41 33.83 -22.91
C8 PTY V . -11.50 33.73 -21.93
O10 PTY V . -10.37 33.41 -22.13
C11 PTY V . -12.10 33.94 -20.57
C12 PTY V . -11.12 34.05 -19.46
C13 PTY V . -10.54 32.71 -19.02
C14 PTY V . -11.36 31.97 -18.00
C15 PTY V . -11.17 30.47 -18.00
C16 PTY V . -9.75 30.01 -17.75
C30 PTY V . -12.08 32.40 -25.49
C31 PTY V . -11.07 31.51 -24.82
O30 PTY V . -13.23 32.12 -25.65
C32 PTY V . -11.66 30.27 -24.22
C33 PTY V . -12.48 30.54 -22.97
C34 PTY V . -13.31 29.37 -22.52
C35 PTY V . -12.55 28.37 -21.68
C36 PTY V . -13.39 27.21 -21.19
P1 PTY V . -13.61 37.53 -25.46
O11 PTY V . -12.62 38.79 -25.34
O12 PTY V . -13.12 36.59 -26.53
O13 PTY V . -14.99 38.12 -25.60
O14 PTY V . -13.58 36.86 -24.00
N1 PTY V . -9.33 40.20 -26.22
C1 PTY W . -16.44 29.84 -26.08
C2 PTY W . -18.41 36.14 -27.48
C3 PTY W . -18.38 35.57 -28.87
O4 PTY W . -17.29 29.86 -24.91
C5 PTY W . -17.78 31.59 -27.32
C6 PTY W . -16.45 31.21 -26.72
C30 PTY W . -16.72 30.14 -23.74
C31 PTY W . -17.43 29.47 -22.60
O30 PTY W . -15.77 30.86 -23.61
C32 PTY W . -17.98 28.13 -22.97
C33 PTY W . -18.33 27.31 -21.75
C34 PTY W . -17.13 26.89 -20.94
C35 PTY W . -17.30 27.09 -19.45
C36 PTY W . -18.01 25.96 -18.75
C37 PTY W . -17.76 25.90 -17.26
C38 PTY W . -17.79 24.51 -16.70
C39 PTY W . -17.15 24.38 -15.33
C40 PTY W . -17.67 25.37 -14.32
C41 PTY W . -17.62 24.88 -12.89
P1 PTY W . -16.90 33.38 -29.06
O11 PTY W . -17.09 34.98 -29.15
O12 PTY W . -17.59 32.77 -30.25
O13 PTY W . -15.43 33.15 -28.86
O14 PTY W . -17.71 32.98 -27.73
N1 PTY W . -18.69 37.57 -27.46
C1 PTY X . -1.75 18.77 -2.17
C2 PTY X . 5.41 16.53 -4.05
C3 PTY X . 4.74 17.83 -3.73
O4 PTY X . -1.63 17.34 -2.33
C5 PTY X . 0.62 19.15 -2.99
C6 PTY X . -0.86 19.46 -3.17
O7 PTY X . -1.01 20.91 -3.08
C8 PTY X . -1.08 21.62 -4.22
O10 PTY X . -0.31 21.48 -5.14
C11 PTY X . -2.21 22.62 -4.23
C12 PTY X . -3.54 21.99 -4.47
C13 PTY X . -4.73 22.95 -4.32
C14 PTY X . -5.41 23.38 -5.60
C15 PTY X . -6.87 23.75 -5.41
C16 PTY X . -7.51 24.42 -6.61
C17 PTY X . -8.95 24.04 -6.83
C18 PTY X . -9.55 24.64 -8.08
C19 PTY X . -10.98 25.11 -7.90
C20 PTY X . -11.61 25.69 -9.16
C30 PTY X . -2.75 16.69 -2.63
O30 PTY X . -3.13 16.51 -3.76
P1 PTY X . 2.27 17.05 -3.10
O11 PTY X . 3.32 17.79 -4.07
O12 PTY X . 2.10 15.64 -3.58
O13 PTY X . 2.60 17.29 -1.66
O14 PTY X . 0.89 17.80 -3.47
N1 PTY X . 6.33 16.62 -5.17
C1 D12 Y . -2.23 18.07 -6.55
C2 D12 Y . -2.02 19.21 -7.49
C3 D12 Y . -3.35 19.82 -7.84
C4 D12 Y . -3.30 21.08 -8.63
C5 D12 Y . -4.30 21.11 -9.74
C6 D12 Y . -4.22 22.33 -10.61
C7 D12 Y . -5.41 22.49 -11.50
C8 D12 Y . -6.38 23.56 -11.06
C9 D12 Y . -7.40 23.89 -12.10
C10 D12 Y . -8.42 24.90 -11.69
C11 D12 Y . -8.98 25.65 -12.87
C12 D12 Y . -10.36 26.20 -12.62
C1 D12 Z . -17.65 13.76 -0.18
C2 D12 Z . -16.35 13.08 -0.52
C3 D12 Z . -16.09 12.90 -1.99
C4 D12 Z . -14.68 13.25 -2.43
C5 D12 Z . -14.28 12.72 -3.79
C6 D12 Z . -14.88 13.46 -4.96
C7 D12 Z . -14.55 12.88 -6.31
C1 D12 AA . -18.62 15.94 -2.93
C2 D12 AA . -17.24 16.47 -3.18
C3 D12 AA . -17.09 17.17 -4.49
C4 D12 AA . -17.28 16.31 -5.71
C5 D12 AA . -16.86 16.98 -7.00
C6 D12 AA . -15.37 16.99 -7.28
C7 D12 AA . -14.65 18.29 -7.01
C8 D12 AA . -13.26 18.31 -7.55
C9 D12 AA . -12.42 19.46 -7.09
C10 D12 AA . -11.04 19.48 -7.69
C1 D12 BA . -19.57 20.56 -19.93
C2 D12 BA . -20.12 21.63 -19.02
C3 D12 BA . -20.25 21.21 -17.57
C4 D12 BA . -20.98 22.21 -16.70
C5 D12 BA . -21.31 21.71 -15.30
C6 D12 BA . -20.26 22.04 -14.27
C1 D12 CA . -14.86 26.66 -26.71
C2 D12 CA . -15.62 25.80 -25.72
C3 D12 CA . -14.90 25.50 -24.43
C4 D12 CA . -13.54 24.85 -24.55
C5 D12 CA . -12.37 25.78 -24.32
C6 D12 CA . -11.08 25.40 -25.02
C7 D12 CA . -10.87 26.07 -26.35
C8 D12 CA . -10.33 27.48 -26.28
C9 D12 CA . -10.68 28.34 -27.47
C10 D12 CA . -12.13 28.77 -27.55
C11 D12 CA . -12.40 29.97 -28.41
C12 D12 CA . -13.84 30.02 -28.88
#